data_6VLS
#
_entry.id   6VLS
#
_cell.length_a   136.088
_cell.length_b   127.884
_cell.length_c   149.178
_cell.angle_alpha   90.000
_cell.angle_beta   91.380
_cell.angle_gamma   90.000
#
_symmetry.space_group_name_H-M   'P 1 21 1'
#
loop_
_entity.id
_entity.type
_entity.pdbx_description
1 polymer 'Maltose/maltodextrin-binding periplasmic protein,Vip3Aa'
2 non-polymer DI(HYDROXYETHYL)ETHER
3 water water
#
_entity_poly.entity_id   1
_entity_poly.type   'polypeptide(L)'
_entity_poly.pdbx_seq_one_letter_code
;MKIEEGKLVIWINGDKGYNGLAEVGKKFEKDTGIKVTVEHPDKLEEKFPQVAATGDGPDIIFWAHDRFGGYAQSGLLAEI
TPDKAFQDKLYPFTWDAVRYNGKLIAYPIAVEALSLIYNKDLLPNPPKTWEEIPALDKELKAKGKSALMFNLQEPYFTWP
LIAADGGYAFKYENGKYDIKDVGVDNAGAKAGLTFLVDLIKNKHMNADTDYSIAEAAFNKGETAMTINGPWAWSNIDTSK
VNYGVTVLPTFKGQPSKPFVGVLSAGINAASPNKELAKEFLENYLLTDEGLEAVNKDKPLGAVALKSYEEELAKDPRIAA
TMENAQKGEIMPNIPQMSAFWYAVRTAVINAASGRQTVDEALKDAQTAARAFAAASGSPADILDELTELTELAKSVTKND
VDGFEFYLNTFHDVMVGNNLFGRSALKTASELITKENVKTSGSEVGNVYNFLIVLTALQAKAFLTLTTCRKLLGLADIDY
TSIMNEHLNKEKEEFRVNILPTLSNTFSNPNYAKVKGSDEDAKMIVEAKPGHALIGFEISNDSITVLKVYEAKLKQNYQV
DKDSLSEVIYGDMDKLLCPDQSEQIYYTNNIVFPNEYVITKIDFTKKMKTLRYEVTANFYDSSTGEIDLNKKKVESSEAE
YRTLSANDDGVYMPLGVISETFLTPINGFGLQADENSRLITLTCKSYLRELLLATDLSNKETKLIVPPSGFISNIVENGS
IEEDNLEPWKANNKNAYVDHTGGVNGTKALYVHKDGGISQFIGDKLKPKTEYVIQYTVKGKPSIHLKDENTGYIHYEDTN
NNLEDYQTINKRFTTGTDLKGVYLILKSQNGDEAWGDNFIILEISPSEKLLSPELINTNNWTSTGSTNISGNTLTLYQGG
RGILKQNLQLDSFSTYRVYFSVSGDANVRIRNSREVLFEKRYMSGAKDVSEMFTTKFEKDNFYIELSQGNNLYGGPIVHF
YDVSIK
;
_entity_poly.pdbx_strand_id   A,B,C,D
#
loop_
_chem_comp.id
_chem_comp.type
_chem_comp.name
_chem_comp.formula
PEG non-polymer DI(HYDROXYETHYL)ETHER 'C4 H10 O3'
#
# COMPACT_ATOMS: atom_id res chain seq x y z
N LYS A 2 -42.02 -8.12 -11.74
CA LYS A 2 -42.21 -9.38 -11.03
C LYS A 2 -43.10 -9.18 -9.82
N ILE A 3 -44.38 -8.93 -10.06
CA ILE A 3 -45.36 -8.78 -8.99
C ILE A 3 -45.99 -10.14 -8.73
N GLU A 4 -46.43 -10.36 -7.49
CA GLU A 4 -47.06 -11.60 -7.09
C GLU A 4 -48.58 -11.50 -7.19
N GLU A 5 -49.22 -12.66 -7.28
CA GLU A 5 -50.66 -12.75 -7.43
C GLU A 5 -51.28 -13.31 -6.16
N GLY A 6 -52.53 -12.90 -5.90
CA GLY A 6 -53.23 -13.23 -4.69
C GLY A 6 -53.01 -12.29 -3.53
N LYS A 7 -52.10 -11.33 -3.68
CA LYS A 7 -51.77 -10.38 -2.63
C LYS A 7 -52.01 -8.97 -3.14
N LEU A 8 -52.34 -8.06 -2.22
CA LEU A 8 -52.48 -6.65 -2.52
C LEU A 8 -51.41 -5.87 -1.76
N VAL A 9 -50.70 -5.00 -2.49
CA VAL A 9 -49.69 -4.13 -1.91
C VAL A 9 -50.12 -2.69 -2.18
N ILE A 10 -50.22 -1.89 -1.13
CA ILE A 10 -50.71 -0.52 -1.22
C ILE A 10 -49.63 0.43 -0.76
N TRP A 11 -49.43 1.50 -1.52
CA TRP A 11 -48.50 2.57 -1.18
C TRP A 11 -49.32 3.82 -0.90
N ILE A 12 -49.17 4.36 0.31
CA ILE A 12 -49.86 5.58 0.73
C ILE A 12 -48.87 6.44 1.49
N ASN A 13 -49.02 7.76 1.36
CA ASN A 13 -48.05 8.67 1.96
C ASN A 13 -48.07 8.57 3.48
N GLY A 14 -46.94 8.94 4.09
CA GLY A 14 -46.79 8.85 5.53
C GLY A 14 -47.62 9.85 6.30
N ASP A 15 -47.98 10.97 5.67
CA ASP A 15 -48.86 11.94 6.33
C ASP A 15 -50.29 11.44 6.42
N LYS A 16 -50.64 10.42 5.64
CA LYS A 16 -51.98 9.85 5.65
C LYS A 16 -52.15 8.93 6.85
N GLY A 17 -53.37 8.40 7.01
CA GLY A 17 -53.64 7.44 8.05
C GLY A 17 -53.37 6.02 7.59
N TYR A 18 -52.09 5.67 7.45
CA TYR A 18 -51.74 4.35 6.91
C TYR A 18 -52.13 3.22 7.86
N ASN A 19 -52.13 3.46 9.17
CA ASN A 19 -52.57 2.43 10.10
C ASN A 19 -54.06 2.16 9.97
N GLY A 20 -54.85 3.18 9.65
CA GLY A 20 -56.27 2.95 9.44
C GLY A 20 -56.55 2.14 8.19
N LEU A 21 -55.86 2.46 7.09
CA LEU A 21 -56.02 1.69 5.86
C LEU A 21 -55.56 0.26 6.05
N ALA A 22 -54.53 0.04 6.86
CA ALA A 22 -54.10 -1.33 7.15
C ALA A 22 -55.18 -2.11 7.90
N GLU A 23 -55.94 -1.43 8.76
CA GLU A 23 -57.02 -2.09 9.48
C GLU A 23 -58.13 -2.51 8.52
N VAL A 24 -58.40 -1.70 7.49
CA VAL A 24 -59.34 -2.12 6.46
C VAL A 24 -58.78 -3.30 5.68
N GLY A 25 -57.46 -3.34 5.49
CA GLY A 25 -56.84 -4.47 4.83
C GLY A 25 -56.98 -5.75 5.64
N LYS A 26 -56.81 -5.66 6.96
CA LYS A 26 -57.00 -6.83 7.81
C LYS A 26 -58.43 -7.33 7.76
N LYS A 27 -59.39 -6.42 7.63
CA LYS A 27 -60.78 -6.83 7.43
C LYS A 27 -60.95 -7.49 6.06
N PHE A 28 -60.23 -7.01 5.05
CA PHE A 28 -60.31 -7.60 3.72
C PHE A 28 -59.74 -9.02 3.71
N GLU A 29 -58.61 -9.23 4.40
CA GLU A 29 -58.02 -10.56 4.42
C GLU A 29 -58.89 -11.54 5.19
N LYS A 30 -59.52 -11.09 6.27
CA LYS A 30 -60.34 -11.97 7.09
C LYS A 30 -61.67 -12.31 6.44
N ASP A 31 -62.03 -11.63 5.34
CA ASP A 31 -63.27 -11.91 4.62
C ASP A 31 -63.05 -12.55 3.26
N THR A 32 -61.88 -12.38 2.66
CA THR A 32 -61.60 -12.95 1.35
C THR A 32 -60.34 -13.79 1.30
N GLY A 33 -59.43 -13.67 2.26
CA GLY A 33 -58.15 -14.36 2.20
C GLY A 33 -57.09 -13.60 1.45
N ILE A 34 -57.37 -12.39 1.00
CA ILE A 34 -56.42 -11.59 0.22
C ILE A 34 -55.60 -10.74 1.18
N LYS A 35 -54.28 -10.95 1.18
CA LYS A 35 -53.41 -10.18 2.04
C LYS A 35 -53.25 -8.75 1.52
N VAL A 36 -53.40 -7.78 2.41
CA VAL A 36 -53.26 -6.37 2.06
C VAL A 36 -52.12 -5.81 2.90
N THR A 37 -51.09 -5.31 2.24
CA THR A 37 -49.93 -4.71 2.89
C THR A 37 -49.90 -3.22 2.58
N VAL A 38 -50.00 -2.40 3.63
CA VAL A 38 -49.98 -0.95 3.48
C VAL A 38 -48.60 -0.45 3.86
N GLU A 39 -47.92 0.17 2.90
CA GLU A 39 -46.59 0.72 3.10
C GLU A 39 -46.62 2.22 2.87
N HIS A 40 -45.79 2.95 3.62
CA HIS A 40 -45.71 4.41 3.57
C HIS A 40 -44.28 4.80 3.24
N PRO A 41 -43.86 4.65 1.99
CA PRO A 41 -42.48 4.98 1.61
C PRO A 41 -42.22 6.46 1.49
N ASP A 42 -40.99 6.85 1.80
CA ASP A 42 -40.53 8.22 1.60
C ASP A 42 -40.37 8.49 0.10
N LYS A 43 -40.64 9.73 -0.30
CA LYS A 43 -40.61 10.12 -1.71
C LYS A 43 -41.55 9.25 -2.54
N LEU A 44 -42.74 8.99 -2.00
CA LEU A 44 -43.69 8.11 -2.67
C LEU A 44 -44.10 8.65 -4.04
N GLU A 45 -44.15 9.98 -4.20
CA GLU A 45 -44.55 10.53 -5.49
C GLU A 45 -43.48 10.32 -6.55
N GLU A 46 -42.21 10.26 -6.15
CA GLU A 46 -41.12 10.05 -7.09
C GLU A 46 -40.77 8.58 -7.29
N LYS A 47 -40.98 7.74 -6.28
CA LYS A 47 -40.59 6.34 -6.39
C LYS A 47 -41.55 5.52 -7.25
N PHE A 48 -42.85 5.84 -7.23
CA PHE A 48 -43.81 5.05 -8.00
C PHE A 48 -43.50 5.01 -9.49
N PRO A 49 -43.27 6.13 -10.18
CA PRO A 49 -42.95 6.03 -11.62
C PRO A 49 -41.63 5.32 -11.90
N GLN A 50 -40.70 5.32 -10.95
CA GLN A 50 -39.44 4.61 -11.15
C GLN A 50 -39.64 3.10 -11.16
N VAL A 51 -40.49 2.60 -10.26
CA VAL A 51 -40.72 1.16 -10.18
C VAL A 51 -41.82 0.69 -11.13
N ALA A 52 -42.81 1.54 -11.40
CA ALA A 52 -43.91 1.14 -12.27
C ALA A 52 -43.50 1.11 -13.73
N ALA A 53 -42.49 1.88 -14.12
CA ALA A 53 -42.05 1.89 -15.52
C ALA A 53 -41.49 0.55 -15.94
N THR A 54 -40.85 -0.17 -15.03
CA THR A 54 -40.26 -1.47 -15.34
C THR A 54 -41.23 -2.63 -15.13
N GLY A 55 -42.47 -2.35 -14.71
CA GLY A 55 -43.48 -3.37 -14.54
C GLY A 55 -43.70 -3.82 -13.11
N ASP A 56 -42.90 -3.34 -12.17
CA ASP A 56 -43.04 -3.70 -10.77
C ASP A 56 -43.75 -2.58 -10.02
N GLY A 57 -43.81 -2.69 -8.69
CA GLY A 57 -44.41 -1.67 -7.88
C GLY A 57 -45.63 -2.16 -7.11
N PRO A 58 -46.29 -1.26 -6.40
CA PRO A 58 -47.48 -1.65 -5.64
C PRO A 58 -48.68 -1.87 -6.54
N ASP A 59 -49.69 -2.54 -5.99
CA ASP A 59 -50.93 -2.77 -6.72
C ASP A 59 -51.80 -1.51 -6.73
N ILE A 60 -51.87 -0.80 -5.61
CA ILE A 60 -52.66 0.41 -5.48
C ILE A 60 -51.75 1.54 -5.04
N ILE A 61 -51.94 2.71 -5.63
CA ILE A 61 -51.14 3.90 -5.35
C ILE A 61 -52.07 5.00 -4.86
N PHE A 62 -51.75 5.55 -3.68
CA PHE A 62 -52.54 6.59 -3.05
C PHE A 62 -51.79 7.91 -3.14
N TRP A 63 -52.29 8.82 -3.98
CA TRP A 63 -51.70 10.15 -4.08
C TRP A 63 -52.76 11.11 -4.60
N ALA A 64 -52.43 12.39 -4.55
CA ALA A 64 -53.30 13.41 -5.12
C ALA A 64 -53.45 13.19 -6.62
N HIS A 65 -54.62 13.56 -7.14
CA HIS A 65 -54.93 13.31 -8.55
C HIS A 65 -54.07 14.12 -9.51
N ASP A 66 -53.46 15.21 -9.04
CA ASP A 66 -52.71 16.09 -9.94
C ASP A 66 -51.50 15.39 -10.55
N ARG A 67 -50.95 14.39 -9.87
CA ARG A 67 -49.82 13.64 -10.40
C ARG A 67 -50.24 12.39 -11.16
N PHE A 68 -51.53 12.03 -11.12
CA PHE A 68 -51.99 10.83 -11.80
C PHE A 68 -52.14 11.03 -13.30
N GLY A 69 -52.29 12.26 -13.76
CA GLY A 69 -52.30 12.51 -15.20
C GLY A 69 -50.97 12.16 -15.83
N GLY A 70 -49.87 12.59 -15.21
CA GLY A 70 -48.56 12.20 -15.68
C GLY A 70 -48.32 10.71 -15.62
N TYR A 71 -48.94 10.02 -14.65
CA TYR A 71 -48.88 8.57 -14.61
C TYR A 71 -49.67 7.96 -15.75
N ALA A 72 -50.88 8.47 -16.00
CA ALA A 72 -51.68 7.99 -17.12
C ALA A 72 -51.05 8.36 -18.46
N GLN A 73 -50.27 9.43 -18.50
CA GLN A 73 -49.53 9.79 -19.71
C GLN A 73 -48.63 8.64 -20.15
N SER A 74 -47.89 8.06 -19.21
CA SER A 74 -46.98 6.95 -19.48
C SER A 74 -47.65 5.59 -19.35
N GLY A 75 -48.98 5.55 -19.33
CA GLY A 75 -49.70 4.30 -19.21
C GLY A 75 -49.34 3.48 -17.99
N LEU A 76 -49.21 4.12 -16.84
CA LEU A 76 -48.88 3.42 -15.61
C LEU A 76 -50.12 3.05 -14.81
N LEU A 77 -51.22 3.79 -14.99
CA LEU A 77 -52.46 3.52 -14.29
C LEU A 77 -53.40 2.73 -15.19
N ALA A 78 -54.10 1.76 -14.60
CA ALA A 78 -55.08 0.97 -15.34
C ALA A 78 -56.43 1.67 -15.33
N GLU A 79 -57.17 1.48 -16.42
CA GLU A 79 -58.51 2.05 -16.52
C GLU A 79 -59.46 1.30 -15.60
N ILE A 80 -60.00 1.99 -14.59
CA ILE A 80 -60.98 1.39 -13.71
C ILE A 80 -62.33 1.39 -14.41
N THR A 81 -63.18 0.44 -14.05
CA THR A 81 -64.49 0.27 -14.66
C THR A 81 -65.57 0.14 -13.59
N PRO A 82 -65.87 1.23 -12.87
CA PRO A 82 -66.99 1.20 -11.93
C PRO A 82 -68.31 1.36 -12.66
N ASP A 83 -69.30 0.56 -12.24
CA ASP A 83 -70.60 0.62 -12.86
C ASP A 83 -71.29 1.95 -12.52
N LYS A 84 -72.36 2.24 -13.26
CA LYS A 84 -73.07 3.50 -13.06
C LYS A 84 -73.69 3.58 -11.67
N ALA A 85 -74.04 2.43 -11.07
CA ALA A 85 -74.58 2.42 -9.72
C ALA A 85 -73.56 2.91 -8.70
N PHE A 86 -72.31 2.46 -8.82
CA PHE A 86 -71.28 2.89 -7.88
C PHE A 86 -70.87 4.33 -8.10
N GLN A 87 -70.88 4.81 -9.35
CA GLN A 87 -70.45 6.16 -9.64
C GLN A 87 -71.32 7.20 -8.94
N ASP A 88 -72.61 6.91 -8.77
CA ASP A 88 -73.50 7.84 -8.09
C ASP A 88 -73.27 7.88 -6.58
N LYS A 89 -72.55 6.92 -6.02
CA LYS A 89 -72.24 6.96 -4.59
C LYS A 89 -71.22 8.02 -4.25
N LEU A 90 -70.49 8.53 -5.23
CA LEU A 90 -69.47 9.55 -5.03
C LEU A 90 -69.88 10.84 -5.73
N TYR A 91 -69.35 11.94 -5.24
CA TYR A 91 -69.68 13.24 -5.80
C TYR A 91 -69.22 13.32 -7.26
N PRO A 92 -69.99 13.98 -8.13
CA PRO A 92 -69.63 13.96 -9.56
C PRO A 92 -68.40 14.77 -9.90
N PHE A 93 -68.07 15.80 -9.11
CA PHE A 93 -66.89 16.59 -9.40
C PHE A 93 -65.60 15.87 -9.02
N THR A 94 -65.67 14.91 -8.10
CA THR A 94 -64.49 14.12 -7.77
C THR A 94 -64.17 13.12 -8.88
N TRP A 95 -65.18 12.69 -9.63
CA TRP A 95 -64.91 11.78 -10.75
C TRP A 95 -64.23 12.50 -11.91
N ASP A 96 -64.45 13.82 -12.04
CA ASP A 96 -63.82 14.58 -13.10
C ASP A 96 -62.34 14.82 -12.82
N ALA A 97 -61.94 14.86 -11.55
CA ALA A 97 -60.54 15.01 -11.21
C ALA A 97 -59.73 13.78 -11.58
N VAL A 98 -60.34 12.61 -11.53
CA VAL A 98 -59.67 11.35 -11.83
C VAL A 98 -59.93 10.90 -13.27
N ARG A 99 -60.37 11.80 -14.14
CA ARG A 99 -60.65 11.49 -15.53
C ARG A 99 -59.57 12.11 -16.41
N TYR A 100 -58.92 11.28 -17.24
CA TYR A 100 -57.87 11.71 -18.14
C TYR A 100 -58.18 11.20 -19.53
N ASN A 101 -58.34 12.11 -20.49
CA ASN A 101 -58.74 11.78 -21.86
C ASN A 101 -59.98 10.90 -21.86
N GLY A 102 -60.98 11.31 -21.10
CA GLY A 102 -62.23 10.58 -21.03
C GLY A 102 -62.11 9.19 -20.43
N LYS A 103 -61.03 8.92 -19.71
CA LYS A 103 -60.79 7.63 -19.09
C LYS A 103 -60.67 7.81 -17.58
N LEU A 104 -61.38 6.98 -16.82
CA LEU A 104 -61.24 6.97 -15.38
C LEU A 104 -59.98 6.20 -14.99
N ILE A 105 -59.10 6.84 -14.22
CA ILE A 105 -57.80 6.27 -13.91
C ILE A 105 -57.61 5.98 -12.43
N ALA A 106 -58.50 6.46 -11.56
CA ALA A 106 -58.35 6.23 -10.13
C ALA A 106 -59.69 6.44 -9.45
N TYR A 107 -59.79 5.86 -8.25
CA TYR A 107 -60.98 6.11 -7.42
C TYR A 107 -60.72 7.31 -6.52
N PRO A 108 -61.63 8.28 -6.47
CA PRO A 108 -61.43 9.41 -5.55
C PRO A 108 -61.76 8.99 -4.13
N ILE A 109 -60.88 9.36 -3.19
CA ILE A 109 -61.02 8.98 -1.79
C ILE A 109 -61.41 10.19 -0.93
N ALA A 110 -60.57 11.21 -0.90
CA ALA A 110 -60.77 12.38 -0.05
C ALA A 110 -60.66 13.65 -0.87
N VAL A 111 -61.14 14.75 -0.29
CA VAL A 111 -61.10 16.06 -0.91
C VAL A 111 -60.50 17.02 0.09
N GLU A 112 -59.47 17.75 -0.32
CA GLU A 112 -58.78 18.69 0.54
C GLU A 112 -58.59 20.03 -0.18
N ALA A 113 -58.59 21.10 0.62
CA ALA A 113 -58.42 22.45 0.09
C ALA A 113 -58.07 23.38 1.25
N LEU A 114 -57.34 24.44 0.94
CA LEU A 114 -56.95 25.41 1.95
C LEU A 114 -58.18 26.13 2.50
N SER A 115 -58.12 26.44 3.79
CA SER A 115 -59.20 27.15 4.47
C SER A 115 -58.61 28.19 5.40
N LEU A 116 -59.44 29.15 5.79
CA LEU A 116 -59.01 30.19 6.70
C LEU A 116 -59.14 29.70 8.14
N ILE A 117 -58.02 29.68 8.86
CA ILE A 117 -57.98 29.26 10.25
C ILE A 117 -57.73 30.49 11.10
N TYR A 118 -58.55 30.69 12.13
CA TYR A 118 -58.47 31.85 13.00
C TYR A 118 -58.50 31.42 14.46
N ASN A 119 -58.06 32.33 15.33
CA ASN A 119 -58.01 32.09 16.77
C ASN A 119 -59.25 32.71 17.40
N LYS A 120 -60.16 31.85 17.88
CA LYS A 120 -61.42 32.33 18.44
C LYS A 120 -61.22 33.21 19.65
N ASP A 121 -60.15 32.99 20.42
CA ASP A 121 -59.93 33.76 21.64
C ASP A 121 -59.72 35.24 21.35
N LEU A 122 -59.13 35.57 20.20
CA LEU A 122 -58.86 36.95 19.82
C LEU A 122 -59.70 37.43 18.65
N LEU A 123 -60.53 36.58 18.07
CA LEU A 123 -61.33 36.94 16.90
C LEU A 123 -62.56 36.06 16.86
N PRO A 124 -63.65 36.47 17.53
CA PRO A 124 -64.86 35.65 17.53
C PRO A 124 -65.47 35.46 16.14
N ASN A 125 -65.54 36.52 15.34
CA ASN A 125 -66.07 36.43 13.97
C ASN A 125 -64.94 36.72 12.98
N PRO A 126 -64.59 35.78 12.10
CA PRO A 126 -63.48 36.04 11.19
C PRO A 126 -63.89 37.00 10.09
N PRO A 127 -62.93 37.71 9.50
CA PRO A 127 -63.27 38.65 8.42
C PRO A 127 -63.76 37.93 7.19
N LYS A 128 -64.84 38.46 6.60
CA LYS A 128 -65.44 37.84 5.43
C LYS A 128 -64.69 38.15 4.15
N THR A 129 -64.11 39.35 4.02
CA THR A 129 -63.46 39.76 2.79
C THR A 129 -61.97 40.01 3.03
N TRP A 130 -61.22 39.96 1.93
CA TRP A 130 -59.77 40.17 2.00
C TRP A 130 -59.42 41.61 2.32
N GLU A 131 -60.22 42.57 1.84
CA GLU A 131 -59.90 43.98 1.99
C GLU A 131 -60.00 44.46 3.44
N GLU A 132 -60.67 43.70 4.31
CA GLU A 132 -60.74 44.09 5.71
C GLU A 132 -59.42 43.87 6.44
N ILE A 133 -58.55 43.00 5.92
CA ILE A 133 -57.35 42.61 6.66
C ILE A 133 -56.40 43.79 6.91
N PRO A 134 -56.08 44.64 5.92
CA PRO A 134 -55.19 45.77 6.22
C PRO A 134 -55.72 46.71 7.29
N ALA A 135 -57.01 47.04 7.25
CA ALA A 135 -57.58 47.92 8.25
C ALA A 135 -57.54 47.29 9.64
N LEU A 136 -58.04 46.05 9.76
CA LEU A 136 -58.06 45.38 11.05
C LEU A 136 -56.66 45.06 11.57
N ASP A 137 -55.66 45.00 10.69
CA ASP A 137 -54.30 44.71 11.13
C ASP A 137 -53.76 45.82 12.03
N LYS A 138 -54.04 47.08 11.69
CA LYS A 138 -53.57 48.19 12.52
C LYS A 138 -54.14 48.11 13.92
N GLU A 139 -55.44 47.80 14.05
CA GLU A 139 -56.07 47.78 15.37
C GLU A 139 -55.53 46.67 16.26
N LEU A 140 -55.01 45.58 15.68
CA LEU A 140 -54.41 44.53 16.49
C LEU A 140 -52.91 44.67 16.63
N LYS A 141 -52.24 45.40 15.73
CA LYS A 141 -50.81 45.65 15.89
C LYS A 141 -50.54 46.51 17.12
N ALA A 142 -51.44 47.43 17.45
CA ALA A 142 -51.30 48.20 18.68
C ALA A 142 -51.33 47.29 19.89
N LYS A 143 -52.08 46.20 19.83
CA LYS A 143 -52.11 45.19 20.88
C LYS A 143 -50.98 44.18 20.77
N GLY A 144 -50.00 44.43 19.91
CA GLY A 144 -48.85 43.55 19.79
C GLY A 144 -49.08 42.24 19.08
N LYS A 145 -49.94 42.21 18.06
CA LYS A 145 -50.23 40.99 17.33
C LYS A 145 -50.36 41.30 15.85
N SER A 146 -50.23 40.27 15.03
CA SER A 146 -50.42 40.36 13.59
C SER A 146 -51.73 39.69 13.19
N ALA A 147 -52.25 40.09 12.03
CA ALA A 147 -53.55 39.61 11.57
C ALA A 147 -53.46 38.28 10.82
N LEU A 148 -52.66 38.24 9.76
CA LEU A 148 -52.60 37.08 8.89
C LEU A 148 -51.14 36.70 8.64
N MET A 149 -50.84 35.41 8.79
CA MET A 149 -49.51 34.88 8.50
C MET A 149 -49.68 33.48 7.93
N PHE A 150 -49.39 33.31 6.64
CA PHE A 150 -49.42 32.00 6.00
C PHE A 150 -48.19 31.85 5.12
N ASN A 151 -48.05 30.67 4.52
CA ASN A 151 -46.85 30.36 3.73
C ASN A 151 -46.88 31.16 2.44
N LEU A 152 -45.89 32.06 2.28
CA LEU A 152 -45.79 32.88 1.09
C LEU A 152 -44.84 32.32 0.04
N GLN A 153 -43.94 31.40 0.41
CA GLN A 153 -42.97 30.89 -0.55
C GLN A 153 -43.62 30.00 -1.60
N GLU A 154 -44.55 29.15 -1.20
CA GLU A 154 -45.16 28.28 -2.20
C GLU A 154 -46.33 28.99 -2.87
N PRO A 155 -46.47 28.83 -4.19
CA PRO A 155 -47.61 29.47 -4.88
C PRO A 155 -48.94 28.80 -4.59
N TYR A 156 -48.94 27.55 -4.13
CA TYR A 156 -50.19 26.87 -3.81
C TYR A 156 -50.97 27.60 -2.73
N PHE A 157 -50.28 28.33 -1.85
CA PHE A 157 -50.95 29.05 -0.77
C PHE A 157 -51.38 30.45 -1.20
N THR A 158 -50.60 31.13 -2.03
CA THR A 158 -50.90 32.47 -2.46
C THR A 158 -51.81 32.52 -3.68
N TRP A 159 -52.14 31.37 -4.27
CA TRP A 159 -52.94 31.32 -5.49
C TRP A 159 -54.41 31.67 -5.27
N PRO A 160 -55.07 31.20 -4.20
CA PRO A 160 -56.49 31.57 -4.00
C PRO A 160 -56.73 33.07 -4.01
N LEU A 161 -55.81 33.86 -3.47
CA LEU A 161 -55.95 35.31 -3.54
C LEU A 161 -55.75 35.82 -4.96
N ILE A 162 -54.77 35.28 -5.67
CA ILE A 162 -54.46 35.75 -7.03
C ILE A 162 -55.59 35.37 -7.98
N ALA A 163 -56.07 34.13 -7.90
CA ALA A 163 -57.09 33.63 -8.82
C ALA A 163 -58.49 34.10 -8.48
N ALA A 164 -58.65 34.94 -7.45
CA ALA A 164 -59.99 35.37 -7.03
C ALA A 164 -60.70 36.13 -8.14
N ASP A 165 -60.03 37.13 -8.72
CA ASP A 165 -60.65 38.00 -9.72
C ASP A 165 -60.58 37.43 -11.13
N GLY A 166 -60.27 36.15 -11.30
CA GLY A 166 -60.32 35.55 -12.62
C GLY A 166 -59.03 34.89 -13.09
N GLY A 167 -58.10 34.65 -12.17
CA GLY A 167 -56.89 33.95 -12.53
C GLY A 167 -57.14 32.46 -12.72
N TYR A 168 -56.32 31.85 -13.58
CA TYR A 168 -56.44 30.43 -13.85
C TYR A 168 -55.15 29.91 -14.46
N ALA A 169 -54.90 28.62 -14.28
CA ALA A 169 -53.69 28.01 -14.81
C ALA A 169 -53.85 27.66 -16.29
N PHE A 170 -54.80 26.78 -16.61
CA PHE A 170 -55.06 26.38 -17.98
C PHE A 170 -56.57 26.35 -18.21
N LYS A 171 -57.01 26.93 -19.31
CA LYS A 171 -58.44 27.03 -19.61
C LYS A 171 -59.03 25.64 -19.75
N TYR A 172 -60.04 25.35 -18.93
CA TYR A 172 -60.73 24.07 -18.94
C TYR A 172 -61.99 24.17 -19.79
N GLU A 173 -62.01 23.43 -20.90
CA GLU A 173 -63.14 23.44 -21.82
C GLU A 173 -63.32 22.05 -22.40
N ASN A 174 -64.53 21.52 -22.31
CA ASN A 174 -64.88 20.21 -22.87
C ASN A 174 -63.99 19.10 -22.29
N GLY A 175 -63.67 19.20 -21.00
CA GLY A 175 -62.89 18.18 -20.33
C GLY A 175 -61.45 18.07 -20.78
N LYS A 176 -60.91 19.12 -21.40
CA LYS A 176 -59.53 19.12 -21.87
C LYS A 176 -58.86 20.43 -21.50
N TYR A 177 -57.62 20.35 -21.03
CA TYR A 177 -56.84 21.52 -20.66
C TYR A 177 -56.09 22.04 -21.88
N ASP A 178 -56.42 23.26 -22.30
CA ASP A 178 -55.75 23.90 -23.43
C ASP A 178 -54.42 24.49 -22.95
N ILE A 179 -53.31 23.89 -23.37
CA ILE A 179 -52.00 24.33 -22.90
C ILE A 179 -51.63 25.70 -23.47
N LYS A 180 -52.30 26.14 -24.52
CA LYS A 180 -51.98 27.42 -25.16
C LYS A 180 -52.69 28.60 -24.52
N ASP A 181 -53.60 28.36 -23.58
CA ASP A 181 -54.35 29.42 -22.91
C ASP A 181 -53.96 29.41 -21.43
N VAL A 182 -53.14 30.40 -21.03
CA VAL A 182 -52.72 30.56 -19.65
C VAL A 182 -53.32 31.86 -19.12
N GLY A 183 -53.78 31.83 -17.87
CA GLY A 183 -54.44 32.99 -17.30
C GLY A 183 -53.77 33.60 -16.09
N VAL A 184 -52.44 33.70 -16.13
CA VAL A 184 -51.70 34.29 -15.02
C VAL A 184 -51.44 35.78 -15.23
N ASP A 185 -51.51 36.26 -16.47
CA ASP A 185 -51.24 37.67 -16.77
C ASP A 185 -52.50 38.43 -17.13
N ASN A 186 -53.67 37.89 -16.79
CA ASN A 186 -54.92 38.62 -17.01
C ASN A 186 -55.12 39.65 -15.91
N ALA A 187 -56.15 40.50 -16.10
CA ALA A 187 -56.40 41.57 -15.15
C ALA A 187 -56.74 41.03 -13.76
N GLY A 188 -57.42 39.88 -13.70
CA GLY A 188 -57.78 39.32 -12.41
C GLY A 188 -56.57 38.91 -11.58
N ALA A 189 -55.64 38.17 -12.20
CA ALA A 189 -54.44 37.74 -11.50
C ALA A 189 -53.58 38.93 -11.10
N LYS A 190 -53.55 39.99 -11.91
CA LYS A 190 -52.79 41.18 -11.56
C LYS A 190 -53.34 41.82 -10.29
N ALA A 191 -54.67 42.00 -10.23
CA ALA A 191 -55.27 42.60 -9.04
C ALA A 191 -55.05 41.74 -7.81
N GLY A 192 -55.07 40.42 -7.96
CA GLY A 192 -54.84 39.52 -6.85
C GLY A 192 -53.46 39.65 -6.24
N LEU A 193 -52.42 39.52 -7.07
CA LEU A 193 -51.06 39.62 -6.55
C LEU A 193 -50.72 41.03 -6.09
N THR A 194 -51.29 42.04 -6.75
CA THR A 194 -51.03 43.43 -6.33
C THR A 194 -51.48 43.66 -4.90
N PHE A 195 -52.64 43.08 -4.52
CA PHE A 195 -53.10 43.20 -3.14
C PHE A 195 -52.17 42.47 -2.18
N LEU A 196 -51.66 41.30 -2.59
CA LEU A 196 -50.72 40.57 -1.75
C LEU A 196 -49.43 41.36 -1.54
N VAL A 197 -48.91 41.97 -2.60
CA VAL A 197 -47.70 42.77 -2.47
C VAL A 197 -47.96 44.01 -1.61
N ASP A 198 -49.13 44.61 -1.76
CA ASP A 198 -49.47 45.79 -0.95
C ASP A 198 -49.60 45.43 0.53
N LEU A 199 -50.03 44.20 0.84
CA LEU A 199 -50.03 43.75 2.22
C LEU A 199 -48.61 43.63 2.77
N ILE A 200 -47.64 43.33 1.91
CA ILE A 200 -46.25 43.20 2.34
C ILE A 200 -45.60 44.58 2.45
N LYS A 201 -45.89 45.47 1.51
CA LYS A 201 -45.31 46.81 1.54
C LYS A 201 -45.80 47.60 2.75
N ASN A 202 -47.06 47.39 3.16
CA ASN A 202 -47.62 48.06 4.33
C ASN A 202 -47.25 47.36 5.63
N LYS A 203 -46.31 46.40 5.59
CA LYS A 203 -45.84 45.68 6.77
C LYS A 203 -46.97 44.91 7.46
N HIS A 204 -48.00 44.52 6.70
CA HIS A 204 -49.02 43.64 7.23
C HIS A 204 -48.64 42.17 7.13
N MET A 205 -47.77 41.84 6.18
CA MET A 205 -47.22 40.49 6.04
C MET A 205 -45.74 40.59 5.75
N ASN A 206 -45.01 39.51 6.05
CA ASN A 206 -43.59 39.41 5.79
C ASN A 206 -43.36 38.50 4.59
N ALA A 207 -42.60 39.01 3.60
CA ALA A 207 -42.34 38.27 2.38
C ALA A 207 -41.47 37.04 2.60
N ASP A 208 -40.87 36.88 3.77
CA ASP A 208 -39.98 35.76 4.07
C ASP A 208 -40.67 34.66 4.87
N THR A 209 -41.94 34.84 5.23
CA THR A 209 -42.64 33.85 6.03
C THR A 209 -42.70 32.50 5.32
N ASP A 210 -42.10 31.49 5.94
CA ASP A 210 -42.11 30.13 5.42
C ASP A 210 -43.27 29.36 6.04
N TYR A 211 -43.36 28.06 5.77
CA TYR A 211 -44.40 27.23 6.37
C TYR A 211 -44.19 27.11 7.88
N SER A 212 -42.94 26.95 8.31
CA SER A 212 -42.64 26.83 9.73
C SER A 212 -42.98 28.11 10.48
N ILE A 213 -42.59 29.25 9.91
CA ILE A 213 -42.82 30.54 10.58
C ILE A 213 -44.31 30.81 10.73
N ALA A 214 -45.09 30.48 9.69
CA ALA A 214 -46.53 30.75 9.74
C ALA A 214 -47.24 29.86 10.75
N GLU A 215 -46.90 28.56 10.76
CA GLU A 215 -47.56 27.64 11.69
C GLU A 215 -47.23 27.97 13.14
N ALA A 216 -45.96 28.28 13.43
CA ALA A 216 -45.56 28.62 14.80
C ALA A 216 -46.27 29.87 15.30
N ALA A 217 -46.35 30.90 14.46
CA ALA A 217 -47.00 32.15 14.87
C ALA A 217 -48.45 31.92 15.29
N PHE A 218 -49.19 31.09 14.55
CA PHE A 218 -50.60 30.91 14.86
C PHE A 218 -50.82 29.99 16.05
N ASN A 219 -50.10 28.87 16.13
CA ASN A 219 -50.30 27.95 17.24
C ASN A 219 -49.80 28.49 18.57
N LYS A 220 -49.11 29.64 18.57
CA LYS A 220 -48.68 30.29 19.81
C LYS A 220 -49.35 31.65 19.99
N GLY A 221 -50.45 31.90 19.27
CA GLY A 221 -51.22 33.12 19.43
C GLY A 221 -50.46 34.40 19.15
N GLU A 222 -49.48 34.36 18.26
CA GLU A 222 -48.81 35.59 17.85
C GLU A 222 -49.47 36.24 16.63
N THR A 223 -50.24 35.48 15.86
CA THR A 223 -50.99 36.00 14.73
C THR A 223 -52.44 35.56 14.83
N ALA A 224 -53.32 36.30 14.16
CA ALA A 224 -54.74 36.04 14.29
C ALA A 224 -55.22 34.97 13.33
N MET A 225 -54.72 34.98 12.10
CA MET A 225 -55.22 34.08 11.06
C MET A 225 -54.06 33.39 10.34
N THR A 226 -54.36 32.23 9.78
CA THR A 226 -53.43 31.50 8.92
C THR A 226 -54.23 30.74 7.88
N ILE A 227 -53.55 30.34 6.80
CA ILE A 227 -54.16 29.56 5.73
C ILE A 227 -53.44 28.22 5.67
N ASN A 228 -54.19 27.14 5.83
CA ASN A 228 -53.61 25.80 5.85
C ASN A 228 -54.71 24.79 5.55
N GLY A 229 -54.31 23.52 5.44
CA GLY A 229 -55.22 22.46 5.10
C GLY A 229 -55.54 21.55 6.28
N PRO A 230 -56.31 20.50 6.02
CA PRO A 230 -56.66 19.57 7.12
C PRO A 230 -55.46 18.93 7.79
N TRP A 231 -54.34 18.79 7.07
CA TRP A 231 -53.15 18.18 7.66
C TRP A 231 -52.64 18.95 8.86
N ALA A 232 -52.82 20.28 8.87
CA ALA A 232 -52.32 21.11 9.96
C ALA A 232 -53.18 21.06 11.20
N TRP A 233 -54.38 20.47 11.12
CA TRP A 233 -55.26 20.43 12.29
C TRP A 233 -54.65 19.64 13.44
N SER A 234 -53.97 18.53 13.13
CA SER A 234 -53.45 17.65 14.16
C SER A 234 -52.45 18.36 15.08
N ASN A 235 -51.69 19.32 14.55
CA ASN A 235 -50.68 19.98 15.36
C ASN A 235 -51.26 21.10 16.22
N ILE A 236 -52.31 21.76 15.76
CA ILE A 236 -52.97 22.77 16.59
C ILE A 236 -53.89 22.13 17.62
N ASP A 237 -54.34 20.90 17.40
CA ASP A 237 -55.13 20.20 18.41
C ASP A 237 -54.30 19.99 19.68
N THR A 238 -53.04 19.58 19.53
CA THR A 238 -52.18 19.35 20.68
C THR A 238 -51.90 20.65 21.43
N SER A 239 -51.66 21.74 20.70
CA SER A 239 -51.43 23.03 21.35
C SER A 239 -52.66 23.55 22.08
N LYS A 240 -53.84 22.99 21.79
CA LYS A 240 -55.11 23.31 22.44
C LYS A 240 -55.51 24.78 22.29
N VAL A 241 -54.79 25.55 21.46
CA VAL A 241 -55.23 26.90 21.14
C VAL A 241 -56.53 26.80 20.35
N ASN A 242 -57.64 27.21 20.95
CA ASN A 242 -58.95 26.98 20.37
C ASN A 242 -59.06 27.65 19.01
N TYR A 243 -59.13 26.84 17.96
CA TYR A 243 -59.12 27.31 16.59
C TYR A 243 -60.40 26.93 15.88
N GLY A 244 -60.80 27.76 14.93
CA GLY A 244 -61.93 27.47 14.06
C GLY A 244 -61.50 27.50 12.61
N VAL A 245 -62.13 26.65 11.80
CA VAL A 245 -61.85 26.54 10.37
C VAL A 245 -63.07 27.06 9.63
N THR A 246 -62.89 28.15 8.88
CA THR A 246 -63.98 28.83 8.21
C THR A 246 -63.62 29.04 6.73
N VAL A 247 -64.55 29.68 6.01
CA VAL A 247 -64.36 29.94 4.59
C VAL A 247 -63.24 30.95 4.40
N LEU A 248 -62.58 30.88 3.25
CA LEU A 248 -61.52 31.83 2.93
C LEU A 248 -62.11 33.20 2.64
N PRO A 249 -61.36 34.27 2.90
CA PRO A 249 -61.86 35.62 2.60
C PRO A 249 -62.09 35.82 1.11
N THR A 250 -63.09 36.62 0.78
CA THR A 250 -63.37 36.98 -0.60
C THR A 250 -62.56 38.21 -1.00
N PHE A 251 -62.20 38.27 -2.28
CA PHE A 251 -61.40 39.36 -2.82
C PHE A 251 -62.12 39.97 -4.01
N LYS A 252 -62.33 41.29 -3.95
CA LYS A 252 -63.03 42.04 -4.99
C LYS A 252 -64.42 41.46 -5.26
N GLY A 253 -65.12 41.09 -4.20
CA GLY A 253 -66.46 40.55 -4.29
C GLY A 253 -66.52 39.10 -4.70
N GLN A 254 -65.51 38.64 -5.40
CA GLN A 254 -65.45 37.24 -5.82
C GLN A 254 -64.74 36.40 -4.76
N PRO A 255 -65.12 35.14 -4.60
CA PRO A 255 -64.49 34.31 -3.58
C PRO A 255 -63.12 33.84 -4.01
N SER A 256 -62.27 33.59 -3.01
CA SER A 256 -60.96 33.02 -3.27
C SER A 256 -61.11 31.64 -3.91
N LYS A 257 -60.21 31.33 -4.83
CA LYS A 257 -60.25 30.09 -5.60
C LYS A 257 -59.01 29.27 -5.29
N PRO A 258 -59.00 28.52 -4.18
CA PRO A 258 -57.86 27.66 -3.88
C PRO A 258 -57.88 26.41 -4.74
N PHE A 259 -56.69 25.88 -5.00
CA PHE A 259 -56.59 24.63 -5.73
C PHE A 259 -57.12 23.48 -4.89
N VAL A 260 -57.88 22.60 -5.52
CA VAL A 260 -58.54 21.50 -4.83
C VAL A 260 -57.79 20.22 -5.15
N GLY A 261 -57.33 19.54 -4.11
CA GLY A 261 -56.65 18.26 -4.26
C GLY A 261 -57.59 17.13 -3.86
N VAL A 262 -57.61 16.09 -4.69
CA VAL A 262 -58.48 14.94 -4.50
C VAL A 262 -57.58 13.74 -4.29
N LEU A 263 -57.51 13.24 -3.05
CA LEU A 263 -56.78 12.03 -2.75
C LEU A 263 -57.38 10.87 -3.53
N SER A 264 -56.61 10.31 -4.46
CA SER A 264 -57.07 9.28 -5.35
C SER A 264 -56.28 8.00 -5.15
N ALA A 265 -56.92 6.88 -5.44
CA ALA A 265 -56.29 5.56 -5.34
C ALA A 265 -56.30 4.95 -6.74
N GLY A 266 -55.13 4.89 -7.36
CA GLY A 266 -55.00 4.32 -8.67
C GLY A 266 -54.56 2.86 -8.62
N ILE A 267 -54.88 2.14 -9.69
CA ILE A 267 -54.51 0.74 -9.83
C ILE A 267 -53.37 0.65 -10.84
N ASN A 268 -52.31 -0.06 -10.46
CA ASN A 268 -51.17 -0.21 -11.35
C ASN A 268 -51.58 -0.96 -12.60
N ALA A 269 -51.22 -0.41 -13.77
CA ALA A 269 -51.55 -1.07 -15.03
C ALA A 269 -50.77 -2.36 -15.23
N ALA A 270 -49.71 -2.57 -14.46
CA ALA A 270 -48.92 -3.79 -14.51
C ALA A 270 -49.30 -4.78 -13.41
N SER A 271 -50.27 -4.44 -12.58
CA SER A 271 -50.64 -5.31 -11.47
C SER A 271 -51.49 -6.46 -11.98
N PRO A 272 -51.15 -7.71 -11.63
CA PRO A 272 -51.99 -8.86 -12.00
C PRO A 272 -53.20 -9.04 -11.11
N ASN A 273 -53.41 -8.15 -10.13
CA ASN A 273 -54.50 -8.26 -9.17
C ASN A 273 -55.47 -7.09 -9.32
N LYS A 274 -55.78 -6.74 -10.57
CA LYS A 274 -56.67 -5.61 -10.82
C LYS A 274 -58.09 -5.90 -10.34
N GLU A 275 -58.51 -7.16 -10.38
CA GLU A 275 -59.82 -7.52 -9.85
C GLU A 275 -59.81 -7.53 -8.33
N LEU A 276 -58.70 -7.94 -7.72
CA LEU A 276 -58.59 -7.90 -6.27
C LEU A 276 -58.56 -6.46 -5.76
N ALA A 277 -57.85 -5.58 -6.49
CA ALA A 277 -57.79 -4.17 -6.09
C ALA A 277 -59.16 -3.51 -6.23
N LYS A 278 -59.91 -3.87 -7.28
CA LYS A 278 -61.24 -3.30 -7.48
C LYS A 278 -62.17 -3.68 -6.33
N GLU A 279 -62.11 -4.94 -5.89
CA GLU A 279 -62.97 -5.37 -4.79
C GLU A 279 -62.65 -4.66 -3.49
N PHE A 280 -61.35 -4.48 -3.20
CA PHE A 280 -60.95 -3.83 -1.96
C PHE A 280 -61.41 -2.38 -1.93
N LEU A 281 -61.28 -1.67 -3.05
CA LEU A 281 -61.59 -0.24 -3.07
C LEU A 281 -63.10 0.01 -3.10
N GLU A 282 -63.82 -0.71 -3.97
CA GLU A 282 -65.24 -0.44 -4.15
C GLU A 282 -66.08 -0.98 -3.00
N ASN A 283 -65.72 -2.14 -2.45
CA ASN A 283 -66.58 -2.81 -1.48
C ASN A 283 -66.13 -2.68 -0.04
N TYR A 284 -64.87 -2.30 0.21
CA TYR A 284 -64.37 -2.24 1.58
C TYR A 284 -63.86 -0.87 1.99
N LEU A 285 -63.11 -0.18 1.13
CA LEU A 285 -62.56 1.12 1.52
C LEU A 285 -63.57 2.24 1.30
N LEU A 286 -64.16 2.32 0.11
CA LEU A 286 -65.14 3.36 -0.20
C LEU A 286 -66.50 3.00 0.40
N THR A 287 -66.52 2.86 1.72
CA THR A 287 -67.72 2.59 2.48
C THR A 287 -67.68 3.45 3.74
N ASP A 288 -68.83 3.56 4.41
CA ASP A 288 -68.88 4.33 5.65
C ASP A 288 -67.96 3.73 6.71
N GLU A 289 -67.83 2.40 6.73
CA GLU A 289 -66.95 1.76 7.69
C GLU A 289 -65.49 1.88 7.28
N GLY A 290 -65.20 1.81 5.98
CA GLY A 290 -63.83 1.87 5.53
C GLY A 290 -63.22 3.25 5.69
N LEU A 291 -63.95 4.28 5.25
CA LEU A 291 -63.45 5.64 5.38
C LEU A 291 -63.30 6.06 6.84
N GLU A 292 -64.24 5.63 7.69
CA GLU A 292 -64.15 5.95 9.10
C GLU A 292 -62.89 5.36 9.73
N ALA A 293 -62.54 4.12 9.36
CA ALA A 293 -61.33 3.50 9.90
C ALA A 293 -60.08 4.32 9.55
N VAL A 294 -60.00 4.79 8.31
CA VAL A 294 -58.90 5.67 7.92
C VAL A 294 -59.02 7.02 8.64
N ASN A 295 -60.25 7.52 8.76
CA ASN A 295 -60.47 8.83 9.38
C ASN A 295 -60.06 8.84 10.84
N LYS A 296 -60.29 7.74 11.55
CA LYS A 296 -59.95 7.68 12.97
C LYS A 296 -58.46 7.81 13.21
N ASP A 297 -57.64 7.27 12.30
CA ASP A 297 -56.19 7.36 12.45
C ASP A 297 -55.71 8.79 12.21
N LYS A 298 -55.93 9.30 10.99
CA LYS A 298 -55.57 10.66 10.63
C LYS A 298 -56.73 11.22 9.83
N PRO A 299 -57.18 12.44 10.15
CA PRO A 299 -58.38 12.98 9.47
C PRO A 299 -58.17 13.10 7.97
N LEU A 300 -59.19 12.70 7.22
CA LEU A 300 -59.20 12.80 5.76
C LEU A 300 -59.72 14.13 5.25
N GLY A 301 -60.34 14.94 6.11
CA GLY A 301 -61.00 16.14 5.64
C GLY A 301 -62.31 15.78 4.97
N ALA A 302 -62.63 16.42 3.86
CA ALA A 302 -63.78 16.00 3.07
C ALA A 302 -63.47 14.70 2.35
N VAL A 303 -64.53 13.98 2.00
CA VAL A 303 -64.39 12.68 1.34
C VAL A 303 -65.29 12.65 0.11
N ALA A 304 -64.87 11.86 -0.88
CA ALA A 304 -65.64 11.76 -2.12
C ALA A 304 -66.90 10.93 -1.95
N LEU A 305 -66.97 10.07 -0.94
CA LEU A 305 -68.16 9.25 -0.73
C LEU A 305 -69.28 10.10 -0.17
N LYS A 306 -70.41 10.15 -0.90
CA LYS A 306 -71.53 10.97 -0.48
C LYS A 306 -72.05 10.55 0.90
N SER A 307 -72.11 9.24 1.15
CA SER A 307 -72.67 8.74 2.40
C SER A 307 -71.89 9.26 3.60
N TYR A 308 -70.57 9.06 3.61
CA TYR A 308 -69.77 9.44 4.76
C TYR A 308 -69.51 10.93 4.85
N GLU A 309 -69.60 11.66 3.73
CA GLU A 309 -69.41 13.11 3.77
C GLU A 309 -70.50 13.78 4.58
N GLU A 310 -71.74 13.27 4.47
CA GLU A 310 -72.85 13.84 5.25
C GLU A 310 -72.59 13.69 6.74
N GLU A 311 -71.97 12.58 7.16
CA GLU A 311 -71.59 12.41 8.56
C GLU A 311 -70.46 13.34 8.94
N LEU A 312 -69.51 13.56 8.03
CA LEU A 312 -68.37 14.42 8.33
C LEU A 312 -68.75 15.90 8.32
N ALA A 313 -69.77 16.27 7.54
CA ALA A 313 -70.14 17.68 7.44
C ALA A 313 -70.65 18.25 8.74
N LYS A 314 -71.00 17.42 9.72
CA LYS A 314 -71.38 17.92 11.03
C LYS A 314 -70.24 18.69 11.69
N ASP A 315 -69.00 18.33 11.36
CA ASP A 315 -67.84 19.10 11.81
C ASP A 315 -67.74 20.38 10.99
N PRO A 316 -67.76 21.56 11.61
CA PRO A 316 -67.62 22.80 10.83
C PRO A 316 -66.31 22.89 10.07
N ARG A 317 -65.25 22.25 10.57
CA ARG A 317 -63.97 22.27 9.87
C ARG A 317 -64.05 21.53 8.54
N ILE A 318 -64.66 20.34 8.54
CA ILE A 318 -64.81 19.58 7.30
C ILE A 318 -65.77 20.28 6.35
N ALA A 319 -66.85 20.85 6.89
CA ALA A 319 -67.79 21.60 6.05
C ALA A 319 -67.13 22.82 5.42
N ALA A 320 -66.17 23.42 6.13
CA ALA A 320 -65.47 24.58 5.57
C ALA A 320 -64.53 24.17 4.44
N THR A 321 -63.77 23.09 4.64
CA THR A 321 -62.90 22.58 3.57
C THR A 321 -63.71 22.23 2.33
N MET A 322 -64.87 21.60 2.51
CA MET A 322 -65.72 21.29 1.37
C MET A 322 -66.28 22.56 0.74
N GLU A 323 -66.63 23.55 1.56
CA GLU A 323 -67.14 24.82 1.03
C GLU A 323 -66.07 25.52 0.20
N ASN A 324 -64.84 25.61 0.75
CA ASN A 324 -63.75 26.23 0.00
C ASN A 324 -63.41 25.44 -1.25
N ALA A 325 -63.53 24.11 -1.20
CA ALA A 325 -63.21 23.29 -2.35
C ALA A 325 -64.17 23.55 -3.51
N GLN A 326 -65.46 23.72 -3.20
CA GLN A 326 -66.42 24.00 -4.26
C GLN A 326 -66.24 25.39 -4.85
N LYS A 327 -65.79 26.35 -4.05
CA LYS A 327 -65.53 27.68 -4.57
C LYS A 327 -64.25 27.73 -5.41
N GLY A 328 -63.26 26.92 -5.05
CA GLY A 328 -62.00 26.89 -5.77
C GLY A 328 -62.10 26.12 -7.07
N GLU A 329 -60.94 25.94 -7.70
CA GLU A 329 -60.85 25.25 -8.97
C GLU A 329 -60.07 23.95 -8.80
N ILE A 330 -60.51 22.91 -9.50
CA ILE A 330 -59.83 21.62 -9.43
C ILE A 330 -58.42 21.75 -10.01
N MET A 331 -57.46 21.17 -9.32
CA MET A 331 -56.06 21.25 -9.75
C MET A 331 -55.89 20.53 -11.08
N PRO A 332 -55.26 21.15 -12.07
CA PRO A 332 -55.04 20.47 -13.36
C PRO A 332 -54.08 19.31 -13.18
N ASN A 333 -54.43 18.17 -13.79
CA ASN A 333 -53.63 16.95 -13.68
C ASN A 333 -52.70 16.76 -14.87
N ILE A 334 -52.53 17.76 -15.72
CA ILE A 334 -51.64 17.65 -16.87
C ILE A 334 -50.20 17.87 -16.39
N PRO A 335 -49.20 17.33 -17.07
CA PRO A 335 -47.81 17.53 -16.62
C PRO A 335 -47.27 18.92 -16.90
N GLN A 336 -47.98 19.75 -17.67
CA GLN A 336 -47.52 21.11 -17.93
C GLN A 336 -47.63 22.00 -16.70
N MET A 337 -48.25 21.53 -15.62
CA MET A 337 -48.32 22.31 -14.39
C MET A 337 -46.94 22.59 -13.83
N SER A 338 -45.97 21.73 -14.14
CA SER A 338 -44.60 21.94 -13.65
C SER A 338 -44.07 23.31 -14.07
N ALA A 339 -44.36 23.73 -15.31
CA ALA A 339 -43.97 25.05 -15.74
C ALA A 339 -44.83 26.13 -15.08
N PHE A 340 -46.11 25.83 -14.85
CA PHE A 340 -46.99 26.79 -14.20
C PHE A 340 -46.52 27.09 -12.79
N TRP A 341 -46.18 26.04 -12.02
CA TRP A 341 -45.76 26.24 -10.65
C TRP A 341 -44.50 27.10 -10.57
N TYR A 342 -43.48 26.74 -11.35
CA TYR A 342 -42.26 27.53 -11.37
C TYR A 342 -42.54 28.98 -11.76
N ALA A 343 -43.46 29.19 -12.70
CA ALA A 343 -43.76 30.54 -13.15
C ALA A 343 -44.40 31.37 -12.03
N VAL A 344 -45.41 30.84 -11.37
CA VAL A 344 -46.10 31.59 -10.33
C VAL A 344 -45.22 31.70 -9.09
N ARG A 345 -44.52 30.61 -8.74
CA ARG A 345 -43.60 30.64 -7.61
C ARG A 345 -42.57 31.76 -7.75
N THR A 346 -41.96 31.87 -8.93
CA THR A 346 -40.96 32.90 -9.15
C THR A 346 -41.60 34.28 -9.26
N ALA A 347 -42.82 34.36 -9.79
CA ALA A 347 -43.48 35.64 -9.94
C ALA A 347 -43.85 36.27 -8.60
N VAL A 348 -44.44 35.48 -7.70
CA VAL A 348 -44.83 36.01 -6.40
C VAL A 348 -43.59 36.36 -5.58
N ILE A 349 -42.52 35.58 -5.71
CA ILE A 349 -41.29 35.87 -4.99
C ILE A 349 -40.66 37.17 -5.50
N ASN A 350 -40.59 37.32 -6.82
CA ASN A 350 -39.99 38.53 -7.40
C ASN A 350 -40.84 39.76 -7.10
N ALA A 351 -42.17 39.61 -7.15
CA ALA A 351 -43.05 40.75 -6.88
C ALA A 351 -42.99 41.18 -5.42
N ALA A 352 -42.91 40.21 -4.51
CA ALA A 352 -42.86 40.54 -3.08
C ALA A 352 -41.53 41.19 -2.72
N SER A 353 -40.42 40.63 -3.21
CA SER A 353 -39.10 41.15 -2.87
C SER A 353 -38.77 42.46 -3.56
N GLY A 354 -39.62 42.93 -4.47
CA GLY A 354 -39.35 44.16 -5.18
C GLY A 354 -38.47 44.02 -6.39
N ARG A 355 -37.96 42.82 -6.67
CA ARG A 355 -37.10 42.61 -7.83
C ARG A 355 -37.82 42.94 -9.13
N GLN A 356 -39.13 42.66 -9.20
CA GLN A 356 -39.94 42.98 -10.36
C GLN A 356 -41.27 43.59 -9.91
N THR A 357 -41.90 44.33 -10.81
CA THR A 357 -43.25 44.79 -10.56
C THR A 357 -44.25 43.68 -10.91
N VAL A 358 -45.49 43.85 -10.44
CA VAL A 358 -46.52 42.85 -10.69
C VAL A 358 -46.74 42.68 -12.18
N ASP A 359 -46.67 43.77 -12.95
CA ASP A 359 -46.81 43.66 -14.40
C ASP A 359 -45.66 42.89 -15.02
N GLU A 360 -44.44 43.10 -14.52
CA GLU A 360 -43.28 42.39 -15.06
C GLU A 360 -43.23 40.94 -14.61
N ALA A 361 -43.58 40.67 -13.36
CA ALA A 361 -43.51 39.31 -12.85
C ALA A 361 -44.49 38.40 -13.58
N LEU A 362 -45.71 38.88 -13.85
CA LEU A 362 -46.72 38.05 -14.50
C LEU A 362 -46.53 37.93 -16.00
N LYS A 363 -45.93 38.93 -16.66
CA LYS A 363 -45.73 38.82 -18.10
C LYS A 363 -44.75 37.70 -18.44
N ASP A 364 -43.61 37.63 -17.74
CA ASP A 364 -42.69 36.52 -17.96
C ASP A 364 -43.19 35.23 -17.33
N ALA A 365 -44.09 35.32 -16.35
CA ALA A 365 -44.68 34.10 -15.78
C ALA A 365 -45.58 33.42 -16.80
N GLN A 366 -46.30 34.20 -17.59
CA GLN A 366 -47.15 33.61 -18.63
C GLN A 366 -46.30 33.07 -19.77
N THR A 367 -45.14 33.68 -20.03
CA THR A 367 -44.20 33.12 -20.99
C THR A 367 -43.64 31.79 -20.48
N ALA A 368 -43.33 31.72 -19.18
CA ALA A 368 -42.76 30.51 -18.62
C ALA A 368 -43.80 29.40 -18.46
N ALA A 369 -45.04 29.76 -18.15
CA ALA A 369 -46.08 28.75 -17.99
C ALA A 369 -46.42 28.11 -19.34
N ARG A 370 -46.47 28.91 -20.39
CA ARG A 370 -46.75 28.42 -21.74
C ARG A 370 -45.52 27.80 -22.39
N ALA A 371 -44.34 27.91 -21.76
CA ALA A 371 -43.07 27.54 -22.39
C ALA A 371 -43.06 26.14 -22.98
N PHE A 372 -43.94 25.24 -22.51
CA PHE A 372 -44.02 23.91 -23.09
C PHE A 372 -44.73 23.88 -24.43
N ALA A 373 -45.22 25.01 -24.90
CA ALA A 373 -45.82 25.13 -26.23
C ALA A 373 -45.13 26.26 -26.97
N ALA A 374 -45.02 26.10 -28.29
CA ALA A 374 -44.31 27.08 -29.11
C ALA A 374 -44.91 28.47 -28.94
N ALA A 375 -44.09 29.41 -28.48
CA ALA A 375 -44.54 30.77 -28.23
C ALA A 375 -44.92 31.45 -29.54
N SER A 376 -45.90 32.35 -29.47
CA SER A 376 -46.44 32.98 -30.67
C SER A 376 -45.40 33.93 -31.26
N GLY A 377 -45.00 33.66 -32.50
CA GLY A 377 -44.01 34.48 -33.17
C GLY A 377 -43.11 33.64 -34.04
N SER A 378 -41.80 33.87 -33.95
CA SER A 378 -40.85 33.04 -34.69
C SER A 378 -40.97 31.55 -34.35
N PRO A 379 -41.01 31.12 -33.08
CA PRO A 379 -41.07 29.67 -32.82
C PRO A 379 -42.35 29.01 -33.31
N ALA A 380 -43.50 29.65 -33.12
CA ALA A 380 -44.75 29.04 -33.56
C ALA A 380 -44.87 29.01 -35.08
N ASP A 381 -44.41 30.07 -35.74
CA ASP A 381 -44.59 30.16 -37.19
C ASP A 381 -43.68 29.19 -37.93
N ILE A 382 -42.43 29.02 -37.46
CA ILE A 382 -41.50 28.13 -38.15
C ILE A 382 -42.01 26.70 -38.13
N LEU A 383 -42.73 26.32 -37.07
CA LEU A 383 -43.31 24.98 -37.02
C LEU A 383 -44.52 24.85 -37.93
N ASP A 384 -45.35 25.90 -37.99
CA ASP A 384 -46.49 25.88 -38.90
C ASP A 384 -46.05 25.91 -40.36
N GLU A 385 -44.93 26.59 -40.64
CA GLU A 385 -44.46 26.68 -42.02
C GLU A 385 -43.85 25.37 -42.49
N LEU A 386 -43.13 24.67 -41.61
CA LEU A 386 -42.59 23.36 -41.96
C LEU A 386 -43.70 22.33 -42.14
N THR A 387 -44.80 22.44 -41.39
CA THR A 387 -45.91 21.52 -41.56
C THR A 387 -46.68 21.81 -42.84
N GLU A 388 -46.91 23.09 -43.14
CA GLU A 388 -47.60 23.45 -44.37
C GLU A 388 -46.76 23.10 -45.59
N LEU A 389 -45.43 23.10 -45.45
CA LEU A 389 -44.56 22.70 -46.55
C LEU A 389 -44.56 21.19 -46.75
N THR A 390 -44.68 20.40 -45.68
CA THR A 390 -44.77 18.96 -45.83
C THR A 390 -46.11 18.53 -46.43
N GLU A 391 -47.16 19.32 -46.21
CA GLU A 391 -48.42 19.04 -46.88
C GLU A 391 -48.31 19.31 -48.38
N LEU A 392 -47.67 20.41 -48.75
CA LEU A 392 -47.42 20.68 -50.17
C LEU A 392 -46.57 19.59 -50.78
N ALA A 393 -45.70 18.97 -49.99
CA ALA A 393 -44.91 17.85 -50.49
C ALA A 393 -45.79 16.65 -50.80
N LYS A 394 -46.71 16.31 -49.89
CA LYS A 394 -47.62 15.21 -50.13
C LYS A 394 -48.63 15.51 -51.24
N SER A 395 -48.86 16.80 -51.53
CA SER A 395 -49.80 17.16 -52.57
C SER A 395 -49.32 16.71 -53.95
N VAL A 396 -48.01 16.72 -54.18
CA VAL A 396 -47.47 16.38 -55.50
C VAL A 396 -46.60 15.13 -55.45
N THR A 397 -46.93 14.18 -54.58
CA THR A 397 -46.28 12.88 -54.55
C THR A 397 -47.27 11.74 -54.75
N LYS A 398 -48.52 12.05 -55.09
CA LYS A 398 -49.52 11.04 -55.40
C LYS A 398 -49.36 10.65 -56.87
N ASN A 399 -48.64 9.56 -57.12
CA ASN A 399 -48.39 9.10 -58.48
C ASN A 399 -49.66 8.60 -59.15
N ASP A 402 -45.26 13.10 -61.65
CA ASP A 402 -43.87 13.48 -61.49
C ASP A 402 -43.38 13.23 -60.06
N GLY A 403 -43.26 14.30 -59.27
CA GLY A 403 -42.81 14.20 -57.91
C GLY A 403 -42.58 15.56 -57.28
N PHE A 404 -42.47 15.61 -55.95
CA PHE A 404 -42.24 16.89 -55.28
C PHE A 404 -40.84 17.42 -55.58
N GLU A 405 -39.85 16.53 -55.63
CA GLU A 405 -38.49 16.95 -55.92
C GLU A 405 -38.35 17.54 -57.31
N PHE A 406 -39.24 17.18 -58.23
CA PHE A 406 -39.26 17.82 -59.54
C PHE A 406 -39.60 19.30 -59.42
N TYR A 407 -40.61 19.62 -58.59
CA TYR A 407 -40.93 21.02 -58.34
C TYR A 407 -39.77 21.74 -57.67
N LEU A 408 -39.10 21.08 -56.72
CA LEU A 408 -37.99 21.70 -56.02
C LEU A 408 -36.83 21.97 -56.97
N ASN A 409 -36.53 21.02 -57.86
CA ASN A 409 -35.48 21.24 -58.85
C ASN A 409 -35.87 22.36 -59.81
N THR A 410 -37.11 22.32 -60.33
CA THR A 410 -37.57 23.36 -61.22
C THR A 410 -37.57 24.72 -60.54
N PHE A 411 -38.05 24.78 -59.29
CA PHE A 411 -38.04 26.03 -58.54
C PHE A 411 -36.64 26.58 -58.38
N HIS A 412 -35.68 25.71 -58.06
CA HIS A 412 -34.29 26.16 -57.92
C HIS A 412 -33.74 26.69 -59.23
N ASP A 413 -34.04 26.00 -60.34
CA ASP A 413 -33.50 26.41 -61.64
C ASP A 413 -34.01 27.80 -62.04
N VAL A 414 -35.20 28.18 -61.59
CA VAL A 414 -35.72 29.51 -61.89
C VAL A 414 -35.01 30.57 -61.05
N MET A 415 -34.65 30.22 -59.81
CA MET A 415 -34.02 31.20 -58.92
C MET A 415 -32.61 31.55 -59.38
N VAL A 416 -31.81 30.55 -59.77
CA VAL A 416 -30.44 30.80 -60.22
C VAL A 416 -30.35 31.16 -61.69
N GLY A 417 -31.48 31.28 -62.38
CA GLY A 417 -31.46 31.66 -63.78
C GLY A 417 -30.83 30.62 -64.69
N ASN A 418 -30.94 29.34 -64.31
CA ASN A 418 -30.39 28.24 -65.09
C ASN A 418 -31.34 27.92 -66.23
N ASN A 419 -31.03 28.42 -67.42
CA ASN A 419 -31.79 28.06 -68.62
C ASN A 419 -31.39 26.67 -69.08
N LEU A 420 -32.32 25.99 -69.75
CA LEU A 420 -32.10 24.61 -70.18
C LEU A 420 -32.63 24.44 -71.59
N PHE A 421 -31.83 23.80 -72.45
CA PHE A 421 -32.19 23.55 -73.84
C PHE A 421 -32.47 24.84 -74.61
N GLY A 422 -31.85 25.94 -74.19
CA GLY A 422 -32.02 27.24 -74.80
C GLY A 422 -33.22 28.01 -74.28
N ARG A 423 -34.31 27.31 -73.97
CA ARG A 423 -35.49 27.93 -73.39
C ARG A 423 -35.36 27.99 -71.87
N SER A 424 -36.31 28.68 -71.24
CA SER A 424 -36.29 28.81 -69.79
C SER A 424 -36.53 27.46 -69.12
N ALA A 425 -36.25 27.42 -67.81
CA ALA A 425 -36.54 26.22 -67.04
C ALA A 425 -38.03 26.00 -66.89
N LEU A 426 -38.81 27.08 -66.84
CA LEU A 426 -40.27 26.94 -66.81
C LEU A 426 -40.80 26.30 -68.09
N LYS A 427 -40.13 26.56 -69.22
CA LYS A 427 -40.57 25.98 -70.48
C LYS A 427 -40.29 24.48 -70.52
N THR A 428 -39.09 24.07 -70.09
CA THR A 428 -38.75 22.65 -70.10
C THR A 428 -39.60 21.88 -69.10
N ALA A 429 -39.89 22.50 -67.95
CA ALA A 429 -40.80 21.86 -67.00
C ALA A 429 -42.21 21.76 -67.57
N SER A 430 -42.64 22.80 -68.31
CA SER A 430 -43.97 22.76 -68.92
C SER A 430 -44.04 21.67 -69.99
N GLU A 431 -42.98 21.52 -70.79
CA GLU A 431 -42.97 20.47 -71.81
C GLU A 431 -43.04 19.08 -71.18
N LEU A 432 -42.48 18.92 -69.97
CA LEU A 432 -42.62 17.65 -69.27
C LEU A 432 -44.04 17.45 -68.76
N ILE A 433 -44.74 18.54 -68.41
CA ILE A 433 -46.13 18.42 -67.96
C ILE A 433 -47.00 17.92 -69.11
N THR A 434 -46.80 18.45 -70.31
CA THR A 434 -47.57 18.04 -71.48
C THR A 434 -47.09 16.73 -72.07
N LYS A 435 -46.13 16.06 -71.43
CA LYS A 435 -45.64 14.76 -71.87
C LYS A 435 -45.95 13.66 -70.86
N GLU A 436 -46.62 14.00 -69.75
CA GLU A 436 -47.01 13.01 -68.75
C GLU A 436 -48.46 13.12 -68.35
N ASN A 437 -49.10 14.28 -68.56
CA ASN A 437 -50.49 14.52 -68.23
C ASN A 437 -51.42 14.34 -69.43
N VAL A 438 -51.09 13.41 -70.33
CA VAL A 438 -51.88 13.24 -71.54
C VAL A 438 -53.15 12.43 -71.29
N LYS A 439 -53.21 11.61 -70.24
CA LYS A 439 -54.46 10.94 -69.89
C LYS A 439 -54.99 11.45 -68.56
N THR A 440 -55.07 12.77 -68.41
CA THR A 440 -55.50 13.39 -67.16
C THR A 440 -56.63 14.36 -67.43
N SER A 441 -57.46 14.57 -66.40
CA SER A 441 -58.50 15.59 -66.48
C SER A 441 -57.88 16.97 -66.69
N GLY A 442 -58.49 17.73 -67.58
CA GLY A 442 -58.03 19.08 -67.87
C GLY A 442 -57.21 19.15 -69.15
N SER A 443 -57.05 20.38 -69.65
CA SER A 443 -56.31 20.64 -70.87
C SER A 443 -54.86 21.00 -70.55
N GLU A 444 -54.07 21.20 -71.60
CA GLU A 444 -52.68 21.62 -71.41
C GLU A 444 -52.61 22.98 -70.71
N VAL A 445 -53.49 23.90 -71.08
CA VAL A 445 -53.53 25.20 -70.42
C VAL A 445 -53.81 25.03 -68.94
N GLY A 446 -54.76 24.16 -68.59
CA GLY A 446 -55.06 23.94 -67.19
C GLY A 446 -53.95 23.23 -66.44
N ASN A 447 -53.44 22.13 -67.01
CA ASN A 447 -52.42 21.34 -66.32
C ASN A 447 -51.15 22.13 -66.12
N VAL A 448 -50.71 22.90 -67.12
CA VAL A 448 -49.49 23.67 -67.00
C VAL A 448 -49.68 24.84 -66.03
N TYR A 449 -50.82 25.52 -66.11
CA TYR A 449 -51.08 26.62 -65.17
C TYR A 449 -51.20 26.12 -63.74
N ASN A 450 -51.74 24.91 -63.54
CA ASN A 450 -51.73 24.33 -62.21
C ASN A 450 -50.32 24.07 -61.73
N PHE A 451 -49.44 23.64 -62.63
CA PHE A 451 -48.03 23.49 -62.28
C PHE A 451 -47.43 24.82 -61.83
N LEU A 452 -47.76 25.91 -62.51
CA LEU A 452 -47.23 27.21 -62.12
C LEU A 452 -47.76 27.66 -60.76
N ILE A 453 -49.00 27.28 -60.43
CA ILE A 453 -49.56 27.65 -59.13
C ILE A 453 -48.78 26.99 -57.99
N VAL A 454 -48.51 25.69 -58.13
CA VAL A 454 -47.76 24.98 -57.10
C VAL A 454 -46.32 25.50 -57.02
N LEU A 455 -45.72 25.81 -58.18
CA LEU A 455 -44.35 26.31 -58.18
C LEU A 455 -44.24 27.64 -57.45
N THR A 456 -45.20 28.54 -57.65
CA THR A 456 -45.18 29.83 -56.97
C THR A 456 -45.59 29.70 -55.51
N ALA A 457 -46.47 28.74 -55.20
CA ALA A 457 -46.81 28.51 -53.80
C ALA A 457 -45.61 27.99 -53.01
N LEU A 458 -44.84 27.09 -53.60
CA LEU A 458 -43.58 26.68 -52.98
C LEU A 458 -42.61 27.85 -52.90
N GLN A 459 -42.61 28.70 -53.92
CA GLN A 459 -41.74 29.88 -53.91
C GLN A 459 -42.13 30.82 -52.78
N ALA A 460 -43.42 30.99 -52.53
CA ALA A 460 -43.87 31.89 -51.47
C ALA A 460 -43.50 31.34 -50.09
N LYS A 461 -43.63 30.02 -49.91
CA LYS A 461 -43.30 29.43 -48.61
C LYS A 461 -41.79 29.43 -48.37
N ALA A 462 -41.00 29.20 -49.43
CA ALA A 462 -39.55 29.21 -49.28
C ALA A 462 -39.06 30.56 -48.80
N PHE A 463 -39.58 31.64 -49.37
CA PHE A 463 -39.20 32.97 -48.92
C PHE A 463 -39.78 33.29 -47.55
N LEU A 464 -40.98 32.78 -47.26
CA LEU A 464 -41.57 32.99 -45.94
C LEU A 464 -40.81 32.21 -44.87
N THR A 465 -40.41 30.97 -45.17
CA THR A 465 -39.61 30.21 -44.23
C THR A 465 -38.28 30.90 -43.96
N LEU A 466 -37.64 31.43 -45.00
CA LEU A 466 -36.38 32.14 -44.83
C LEU A 466 -36.53 33.33 -43.88
N THR A 467 -37.61 34.10 -44.03
CA THR A 467 -37.81 35.28 -43.19
C THR A 467 -38.00 34.87 -41.73
N THR A 468 -38.81 33.84 -41.48
CA THR A 468 -39.05 33.40 -40.11
C THR A 468 -37.81 32.75 -39.51
N CYS A 469 -37.06 32.01 -40.34
CA CYS A 469 -35.83 31.40 -39.85
C CYS A 469 -34.82 32.44 -39.40
N ARG A 470 -34.75 33.58 -40.11
CA ARG A 470 -33.85 34.65 -39.69
C ARG A 470 -34.35 35.34 -38.43
N LYS A 471 -35.67 35.45 -38.24
CA LYS A 471 -36.19 36.01 -37.00
C LYS A 471 -35.92 35.07 -35.83
N LEU A 472 -36.04 33.76 -36.06
CA LEU A 472 -35.74 32.79 -35.01
C LEU A 472 -34.28 32.88 -34.57
N LEU A 473 -33.37 33.11 -35.52
CA LEU A 473 -31.94 33.19 -35.25
C LEU A 473 -31.50 34.57 -34.77
N GLY A 474 -32.43 35.50 -34.53
CA GLY A 474 -32.03 36.82 -34.09
C GLY A 474 -31.31 37.64 -35.12
N LEU A 475 -31.36 37.24 -36.38
CA LEU A 475 -30.64 37.93 -37.46
C LEU A 475 -31.38 39.20 -37.87
N ALA A 476 -30.69 40.05 -38.62
CA ALA A 476 -31.26 41.32 -39.03
C ALA A 476 -32.39 41.10 -40.02
N ASP A 477 -33.43 41.92 -39.91
CA ASP A 477 -34.59 41.81 -40.78
C ASP A 477 -34.24 42.16 -42.22
N ILE A 478 -34.67 41.30 -43.15
CA ILE A 478 -34.51 41.52 -44.59
C ILE A 478 -35.87 41.36 -45.25
N ASP A 479 -36.26 42.33 -46.07
CA ASP A 479 -37.55 42.29 -46.76
C ASP A 479 -37.34 41.63 -48.12
N TYR A 480 -37.75 40.36 -48.23
CA TYR A 480 -37.64 39.62 -49.47
C TYR A 480 -38.86 39.77 -50.37
N THR A 481 -39.65 40.84 -50.18
CA THR A 481 -40.89 40.97 -50.93
C THR A 481 -40.63 41.36 -52.38
N SER A 482 -39.74 42.33 -52.62
CA SER A 482 -39.52 42.81 -53.98
C SER A 482 -38.73 41.80 -54.79
N ILE A 483 -37.77 41.11 -54.17
CA ILE A 483 -37.02 40.10 -54.90
C ILE A 483 -37.90 38.90 -55.21
N MET A 484 -38.92 38.66 -54.39
CA MET A 484 -39.89 37.61 -54.70
C MET A 484 -40.84 38.06 -55.80
N ASN A 485 -41.31 39.32 -55.72
CA ASN A 485 -42.18 39.86 -56.75
C ASN A 485 -41.44 39.95 -58.09
N GLU A 486 -40.16 40.29 -58.04
CA GLU A 486 -39.35 40.33 -59.27
C GLU A 486 -39.31 38.96 -59.93
N HIS A 487 -39.03 37.91 -59.14
CA HIS A 487 -39.07 36.56 -59.67
C HIS A 487 -40.48 36.19 -60.15
N LEU A 488 -41.50 36.64 -59.43
CA LEU A 488 -42.88 36.29 -59.78
C LEU A 488 -43.27 36.88 -61.13
N ASN A 489 -42.97 38.16 -61.35
CA ASN A 489 -43.35 38.79 -62.61
C ASN A 489 -42.58 38.17 -63.78
N LYS A 490 -41.32 37.79 -63.55
CA LYS A 490 -40.57 37.11 -64.60
C LYS A 490 -41.20 35.78 -64.97
N GLU A 491 -41.69 35.05 -63.96
CA GLU A 491 -42.37 33.78 -64.21
C GLU A 491 -43.67 33.99 -64.98
N LYS A 492 -44.45 35.01 -64.59
CA LYS A 492 -45.70 35.30 -65.28
C LYS A 492 -45.44 35.69 -66.73
N GLU A 493 -44.43 36.53 -66.96
CA GLU A 493 -44.10 36.95 -68.32
C GLU A 493 -43.69 35.76 -69.18
N GLU A 494 -42.91 34.84 -68.62
CA GLU A 494 -42.48 33.67 -69.38
C GLU A 494 -43.66 32.79 -69.76
N PHE A 495 -44.55 32.51 -68.81
CA PHE A 495 -45.72 31.68 -69.12
C PHE A 495 -46.65 32.37 -70.10
N ARG A 496 -46.83 33.68 -69.98
CA ARG A 496 -47.80 34.37 -70.82
C ARG A 496 -47.34 34.49 -72.26
N VAL A 497 -46.05 34.75 -72.48
CA VAL A 497 -45.59 35.08 -73.83
C VAL A 497 -44.98 33.86 -74.50
N ASN A 498 -44.43 32.93 -73.72
CA ASN A 498 -43.67 31.81 -74.28
C ASN A 498 -44.32 30.45 -74.09
N ILE A 499 -45.15 30.28 -73.07
CA ILE A 499 -45.71 28.97 -72.73
C ILE A 499 -47.20 28.89 -73.08
N LEU A 500 -47.98 29.89 -72.65
CA LEU A 500 -49.43 29.82 -72.82
C LEU A 500 -49.89 29.69 -74.27
N PRO A 501 -49.36 30.44 -75.25
CA PRO A 501 -49.92 30.35 -76.60
C PRO A 501 -49.80 28.99 -77.24
N THR A 502 -48.71 28.26 -77.01
CA THR A 502 -48.50 26.97 -77.65
C THR A 502 -49.28 25.84 -76.97
N LEU A 503 -50.07 26.13 -75.95
CA LEU A 503 -50.81 25.10 -75.22
C LEU A 503 -52.21 24.91 -75.80
N SER A 504 -52.66 23.67 -75.82
CA SER A 504 -54.02 23.36 -76.24
C SER A 504 -55.00 23.59 -75.11
N ASN A 505 -56.23 23.93 -75.48
CA ASN A 505 -57.30 24.18 -74.51
C ASN A 505 -58.40 23.13 -74.58
N THR A 506 -58.13 21.98 -75.18
CA THR A 506 -59.11 20.91 -75.26
C THR A 506 -58.90 19.92 -74.13
N PHE A 507 -60.01 19.52 -73.50
CA PHE A 507 -59.98 18.51 -72.45
C PHE A 507 -61.01 17.43 -72.75
N SER A 508 -60.70 16.21 -72.35
CA SER A 508 -61.54 15.05 -72.61
C SER A 508 -61.68 14.22 -71.33
N ASN A 509 -62.45 13.14 -71.43
CA ASN A 509 -62.59 12.24 -70.30
C ASN A 509 -61.28 11.46 -70.09
N PRO A 510 -60.83 11.30 -68.85
CA PRO A 510 -59.54 10.64 -68.63
C PRO A 510 -59.60 9.13 -68.61
N ASN A 511 -60.78 8.52 -68.42
CA ASN A 511 -60.89 7.08 -68.27
C ASN A 511 -62.07 6.56 -69.08
N TYR A 512 -62.18 5.23 -69.12
CA TYR A 512 -63.29 4.56 -69.78
C TYR A 512 -63.77 3.43 -68.88
N ALA A 513 -64.97 2.93 -69.18
CA ALA A 513 -65.55 1.85 -68.39
C ALA A 513 -66.39 0.97 -69.29
N LYS A 514 -66.10 -0.32 -69.32
CA LYS A 514 -66.87 -1.26 -70.11
C LYS A 514 -68.27 -1.37 -69.51
N VAL A 515 -69.28 -0.95 -70.27
CA VAL A 515 -70.63 -0.77 -69.75
C VAL A 515 -71.62 -1.18 -70.83
N LYS A 516 -72.72 -1.81 -70.42
CA LYS A 516 -73.81 -2.18 -71.32
C LYS A 516 -75.00 -1.29 -71.05
N GLY A 517 -75.53 -0.66 -72.09
CA GLY A 517 -76.67 0.23 -71.98
C GLY A 517 -77.96 -0.42 -72.43
N SER A 518 -78.82 0.39 -73.03
CA SER A 518 -80.09 -0.06 -73.58
C SER A 518 -80.13 0.17 -75.08
N ASP A 519 -81.08 -0.50 -75.73
CA ASP A 519 -81.33 -0.31 -77.16
C ASP A 519 -82.57 0.54 -77.44
N GLU A 520 -83.33 0.88 -76.40
CA GLU A 520 -84.52 1.69 -76.59
C GLU A 520 -84.14 3.14 -76.86
N ASP A 521 -85.05 3.85 -77.53
CA ASP A 521 -84.84 5.26 -77.80
C ASP A 521 -84.74 6.04 -76.49
N ALA A 522 -84.03 7.16 -76.54
CA ALA A 522 -83.79 7.93 -75.32
C ALA A 522 -83.44 9.36 -75.68
N LYS A 523 -83.80 10.26 -74.77
CA LYS A 523 -83.50 11.68 -74.88
C LYS A 523 -82.87 12.16 -73.58
N MET A 524 -81.84 12.98 -73.69
CA MET A 524 -81.21 13.61 -72.52
C MET A 524 -80.77 15.00 -72.93
N ILE A 525 -81.31 16.01 -72.25
CA ILE A 525 -81.04 17.41 -72.54
C ILE A 525 -80.31 18.00 -71.34
N VAL A 526 -79.04 18.35 -71.51
CA VAL A 526 -78.27 19.03 -70.48
C VAL A 526 -78.35 20.52 -70.78
N GLU A 527 -79.14 21.23 -69.97
CA GLU A 527 -79.41 22.65 -70.19
C GLU A 527 -79.13 23.43 -68.91
N ALA A 528 -78.51 24.59 -69.04
CA ALA A 528 -78.28 25.48 -67.93
C ALA A 528 -79.47 26.41 -67.74
N LYS A 529 -79.64 26.87 -66.50
CA LYS A 529 -80.70 27.82 -66.19
C LYS A 529 -80.49 29.10 -66.98
N PRO A 530 -81.55 29.86 -67.24
CA PRO A 530 -81.40 31.10 -68.01
C PRO A 530 -80.39 32.04 -67.36
N GLY A 531 -79.43 32.51 -68.16
CA GLY A 531 -78.34 33.32 -67.67
C GLY A 531 -77.12 32.55 -67.24
N HIS A 532 -77.22 31.24 -67.07
CA HIS A 532 -76.11 30.39 -66.67
C HIS A 532 -75.47 29.74 -67.89
N ALA A 533 -74.36 29.03 -67.64
CA ALA A 533 -73.60 28.38 -68.68
C ALA A 533 -73.05 27.06 -68.15
N LEU A 534 -72.94 26.08 -69.03
CA LEU A 534 -72.35 24.80 -68.65
C LEU A 534 -70.85 24.97 -68.44
N ILE A 535 -70.36 24.56 -67.27
CA ILE A 535 -69.01 24.85 -66.85
C ILE A 535 -68.20 23.59 -66.49
N GLY A 536 -68.84 22.44 -66.29
CA GLY A 536 -68.10 21.24 -65.96
C GLY A 536 -68.94 19.99 -66.00
N PHE A 537 -68.29 18.84 -66.21
CA PHE A 537 -68.97 17.56 -66.25
C PHE A 537 -68.11 16.53 -65.53
N GLU A 538 -68.77 15.53 -64.94
CA GLU A 538 -68.09 14.37 -64.38
C GLU A 538 -68.99 13.15 -64.51
N ILE A 539 -68.52 12.13 -65.23
CA ILE A 539 -69.22 10.86 -65.33
C ILE A 539 -68.53 9.87 -64.40
N SER A 540 -69.33 9.18 -63.58
CA SER A 540 -68.82 8.15 -62.68
C SER A 540 -69.81 7.00 -62.68
N ASN A 541 -69.30 5.76 -62.68
CA ASN A 541 -70.14 4.58 -62.81
C ASN A 541 -69.72 3.54 -61.78
N ASP A 542 -70.34 3.61 -60.60
CA ASP A 542 -70.25 2.57 -59.58
C ASP A 542 -71.65 1.96 -59.47
N SER A 543 -71.93 1.01 -60.35
CA SER A 543 -73.16 0.21 -60.40
C SER A 543 -74.33 1.05 -60.90
N ILE A 544 -74.23 2.38 -60.79
CA ILE A 544 -75.16 3.31 -61.41
C ILE A 544 -74.33 4.36 -62.13
N THR A 545 -74.78 4.76 -63.32
CA THR A 545 -74.08 5.78 -64.09
C THR A 545 -74.68 7.15 -63.78
N VAL A 546 -73.93 7.98 -63.07
CA VAL A 546 -74.38 9.31 -62.65
C VAL A 546 -73.54 10.35 -63.38
N LEU A 547 -74.21 11.36 -63.94
CA LEU A 547 -73.57 12.45 -64.64
C LEU A 547 -73.77 13.74 -63.86
N LYS A 548 -72.68 14.35 -63.41
CA LYS A 548 -72.71 15.64 -62.75
C LYS A 548 -72.42 16.74 -63.75
N VAL A 549 -73.28 17.76 -63.78
CA VAL A 549 -73.10 18.91 -64.66
C VAL A 549 -73.09 20.17 -63.79
N TYR A 550 -72.08 21.02 -64.02
CA TYR A 550 -71.91 22.25 -63.25
C TYR A 550 -72.28 23.44 -64.12
N GLU A 551 -73.16 24.29 -63.59
CA GLU A 551 -73.51 25.55 -64.22
C GLU A 551 -73.36 26.67 -63.21
N ALA A 552 -73.20 27.89 -63.70
CA ALA A 552 -73.03 29.05 -62.84
C ALA A 552 -73.14 30.32 -63.67
N LYS A 553 -73.43 31.42 -62.98
CA LYS A 553 -73.37 32.74 -63.59
C LYS A 553 -71.92 33.08 -63.91
N LEU A 554 -71.72 33.89 -64.93
CA LEU A 554 -70.38 34.32 -65.26
C LEU A 554 -70.13 35.76 -64.86
N LYS A 555 -68.90 36.02 -64.43
CA LYS A 555 -68.42 37.36 -64.10
C LYS A 555 -67.62 37.89 -65.29
N GLN A 556 -66.88 38.97 -65.08
CA GLN A 556 -65.98 39.49 -66.11
C GLN A 556 -64.86 38.51 -66.47
N ASN A 557 -64.64 38.35 -67.78
CA ASN A 557 -63.54 37.56 -68.35
C ASN A 557 -63.64 36.09 -67.95
N TYR A 558 -64.80 35.50 -68.19
CA TYR A 558 -65.02 34.06 -68.07
C TYR A 558 -64.80 33.55 -66.66
N GLN A 559 -64.82 34.45 -65.68
CA GLN A 559 -64.76 34.03 -64.30
C GLN A 559 -66.13 33.50 -63.88
N VAL A 560 -66.12 32.45 -63.09
CA VAL A 560 -67.34 31.80 -62.64
C VAL A 560 -67.81 32.47 -61.36
N ASP A 561 -69.13 32.61 -61.23
CA ASP A 561 -69.73 33.24 -60.05
C ASP A 561 -69.89 32.15 -59.00
N LYS A 562 -69.01 32.19 -57.99
CA LYS A 562 -69.04 31.19 -56.93
C LYS A 562 -70.38 31.19 -56.21
N ASP A 563 -71.02 32.35 -56.09
CA ASP A 563 -72.29 32.44 -55.37
C ASP A 563 -73.41 31.71 -56.08
N SER A 564 -73.33 31.57 -57.40
CA SER A 564 -74.41 30.98 -58.19
C SER A 564 -74.09 29.57 -58.68
N LEU A 565 -72.98 28.98 -58.24
CA LEU A 565 -72.61 27.65 -58.71
C LEU A 565 -73.64 26.62 -58.29
N SER A 566 -74.18 25.89 -59.26
CA SER A 566 -75.17 24.85 -59.04
C SER A 566 -74.68 23.53 -59.62
N GLU A 567 -75.19 22.44 -59.07
CA GLU A 567 -74.85 21.09 -59.53
C GLU A 567 -76.13 20.34 -59.78
N VAL A 568 -76.33 19.92 -61.03
CA VAL A 568 -77.52 19.18 -61.44
C VAL A 568 -77.09 17.76 -61.81
N ILE A 569 -77.88 16.77 -61.37
CA ILE A 569 -77.56 15.36 -61.58
C ILE A 569 -78.46 14.81 -62.68
N TYR A 570 -77.85 14.11 -63.64
CA TYR A 570 -78.56 13.46 -64.72
C TYR A 570 -78.35 11.96 -64.61
N GLY A 571 -79.43 11.19 -64.74
CA GLY A 571 -79.35 9.75 -64.72
C GLY A 571 -79.42 9.14 -66.11
N ASP A 572 -79.27 7.82 -66.14
CA ASP A 572 -79.38 7.03 -67.37
C ASP A 572 -78.36 7.45 -68.42
N MET A 573 -77.19 7.90 -67.98
CA MET A 573 -76.12 8.22 -68.92
C MET A 573 -75.64 6.98 -69.66
N ASP A 574 -75.66 5.83 -68.99
CA ASP A 574 -75.28 4.57 -69.64
C ASP A 574 -76.36 4.10 -70.61
N LYS A 575 -77.63 4.44 -70.36
CA LYS A 575 -78.68 4.00 -71.26
C LYS A 575 -78.49 4.57 -72.65
N LEU A 576 -77.89 5.76 -72.78
CA LEU A 576 -77.43 6.26 -74.06
C LEU A 576 -75.91 6.04 -74.13
N LEU A 577 -75.34 6.34 -75.30
CA LEU A 577 -73.93 6.08 -75.60
C LEU A 577 -73.61 4.59 -75.66
N CYS A 578 -74.58 3.72 -75.33
CA CYS A 578 -74.26 2.31 -75.22
C CYS A 578 -75.44 1.46 -75.68
N PRO A 579 -75.24 0.52 -76.60
CA PRO A 579 -76.29 -0.43 -76.95
C PRO A 579 -76.15 -1.71 -76.14
N ASP A 580 -77.18 -2.55 -76.26
CA ASP A 580 -77.19 -3.89 -75.64
C ASP A 580 -77.61 -4.90 -76.70
N GLN A 581 -76.71 -5.81 -77.06
CA GLN A 581 -76.92 -6.89 -78.02
C GLN A 581 -77.05 -6.40 -79.45
N SER A 582 -77.04 -5.09 -79.70
CA SER A 582 -77.23 -4.55 -81.04
C SER A 582 -76.19 -3.47 -81.30
N GLU A 583 -76.20 -2.95 -82.53
CA GLU A 583 -75.30 -1.89 -82.95
C GLU A 583 -75.78 -0.53 -82.43
N GLN A 584 -74.89 0.45 -82.52
CA GLN A 584 -75.25 1.84 -82.26
C GLN A 584 -74.42 2.74 -83.17
N ILE A 585 -75.11 3.60 -83.92
CA ILE A 585 -74.44 4.54 -84.82
C ILE A 585 -74.22 5.86 -84.09
N TYR A 586 -72.97 6.30 -84.03
CA TYR A 586 -72.60 7.54 -83.36
C TYR A 586 -72.24 8.58 -84.41
N TYR A 587 -73.01 9.66 -84.46
CA TYR A 587 -72.69 10.78 -85.33
C TYR A 587 -71.68 11.70 -84.63
N THR A 588 -70.56 11.95 -85.29
CA THR A 588 -69.40 12.60 -84.67
C THR A 588 -69.04 13.85 -85.44
N ASN A 589 -69.18 15.01 -84.80
CA ASN A 589 -68.73 16.28 -85.38
C ASN A 589 -68.26 17.19 -84.27
N ASN A 590 -66.99 17.57 -84.30
CA ASN A 590 -66.45 18.49 -83.31
C ASN A 590 -67.04 19.88 -83.53
N ILE A 591 -67.87 20.33 -82.60
CA ILE A 591 -68.52 21.62 -82.69
C ILE A 591 -67.64 22.66 -82.02
N VAL A 592 -67.43 23.79 -82.69
CA VAL A 592 -66.63 24.89 -82.17
C VAL A 592 -67.34 26.20 -82.51
N PHE A 593 -67.64 26.99 -81.48
CA PHE A 593 -68.30 28.27 -81.61
C PHE A 593 -67.27 29.40 -81.60
N PRO A 594 -67.64 30.58 -82.11
CA PRO A 594 -66.71 31.72 -82.07
C PRO A 594 -66.33 32.09 -80.63
N ASN A 595 -65.39 33.02 -80.54
CA ASN A 595 -64.68 33.31 -79.29
C ASN A 595 -65.49 34.16 -78.31
N GLU A 596 -66.80 34.33 -78.50
CA GLU A 596 -67.60 35.03 -77.51
C GLU A 596 -68.92 34.33 -77.23
N TYR A 597 -69.01 33.03 -77.50
CA TYR A 597 -70.21 32.25 -77.23
C TYR A 597 -69.90 31.13 -76.26
N VAL A 598 -70.82 30.86 -75.35
CA VAL A 598 -70.64 29.88 -74.30
C VAL A 598 -71.75 28.83 -74.40
N ILE A 599 -71.36 27.56 -74.26
CA ILE A 599 -72.31 26.47 -74.35
C ILE A 599 -73.28 26.53 -73.17
N THR A 600 -74.57 26.46 -73.47
CA THR A 600 -75.61 26.47 -72.45
C THR A 600 -76.55 25.27 -72.54
N LYS A 601 -76.52 24.51 -73.63
CA LYS A 601 -77.47 23.43 -73.85
C LYS A 601 -76.84 22.37 -74.73
N ILE A 602 -76.86 21.12 -74.26
CA ILE A 602 -76.42 19.96 -75.03
C ILE A 602 -77.58 19.00 -75.11
N ASP A 603 -78.06 18.76 -76.33
CA ASP A 603 -79.30 18.00 -76.57
C ASP A 603 -78.94 16.68 -77.25
N PHE A 604 -78.93 15.60 -76.48
CA PHE A 604 -78.65 14.28 -77.01
C PHE A 604 -79.94 13.61 -77.47
N THR A 605 -79.89 12.95 -78.62
CA THR A 605 -81.05 12.28 -79.20
C THR A 605 -80.64 10.89 -79.65
N LYS A 606 -81.15 9.87 -78.97
CA LYS A 606 -80.93 8.48 -79.33
C LYS A 606 -82.21 7.94 -79.94
N LYS A 607 -82.19 7.69 -81.25
CA LYS A 607 -83.37 7.23 -81.98
C LYS A 607 -82.96 6.18 -82.98
N MET A 608 -83.58 4.99 -82.87
CA MET A 608 -83.37 3.90 -83.81
C MET A 608 -81.89 3.54 -83.91
N LYS A 609 -81.27 3.30 -82.75
CA LYS A 609 -79.87 2.88 -82.63
C LYS A 609 -78.89 3.93 -83.17
N THR A 610 -79.31 5.18 -83.31
CA THR A 610 -78.43 6.27 -83.73
C THR A 610 -78.38 7.32 -82.63
N LEU A 611 -77.19 7.91 -82.45
CA LEU A 611 -76.97 8.92 -81.41
C LEU A 611 -76.46 10.21 -82.04
N ARG A 612 -77.28 11.24 -82.00
CA ARG A 612 -76.90 12.59 -82.41
C ARG A 612 -76.90 13.51 -81.20
N TYR A 613 -76.30 14.69 -81.37
CA TYR A 613 -76.34 15.73 -80.35
C TYR A 613 -76.41 17.09 -81.02
N GLU A 614 -77.14 18.00 -80.39
CA GLU A 614 -77.34 19.36 -80.89
C GLU A 614 -77.03 20.33 -79.78
N VAL A 615 -75.99 21.15 -79.97
CA VAL A 615 -75.44 22.01 -78.93
C VAL A 615 -75.87 23.45 -79.20
N THR A 616 -76.38 24.11 -78.16
CA THR A 616 -76.77 25.52 -78.22
C THR A 616 -75.78 26.35 -77.41
N ALA A 617 -75.37 27.47 -77.99
CA ALA A 617 -74.42 28.37 -77.34
C ALA A 617 -74.94 29.79 -77.45
N ASN A 618 -75.12 30.46 -76.32
CA ASN A 618 -75.61 31.82 -76.30
C ASN A 618 -74.44 32.80 -76.29
N PHE A 619 -74.74 34.05 -76.62
CA PHE A 619 -73.72 35.09 -76.69
C PHE A 619 -73.38 35.60 -75.30
N TYR A 620 -72.09 35.79 -75.05
CA TYR A 620 -71.60 36.23 -73.76
C TYR A 620 -70.80 37.51 -73.91
N ASP A 621 -71.04 38.46 -73.01
CA ASP A 621 -70.40 39.77 -73.05
C ASP A 621 -69.25 39.81 -72.06
N SER A 622 -68.10 40.31 -72.51
CA SER A 622 -66.92 40.40 -71.64
C SER A 622 -66.92 41.61 -70.73
N SER A 623 -67.91 42.50 -70.86
CA SER A 623 -68.00 43.68 -70.01
C SER A 623 -69.12 43.61 -68.98
N THR A 624 -70.21 42.92 -69.28
CA THR A 624 -71.27 42.67 -68.32
C THR A 624 -71.44 41.17 -68.15
N GLY A 625 -71.84 40.77 -66.94
CA GLY A 625 -72.01 39.36 -66.63
C GLY A 625 -73.22 38.73 -67.27
N GLU A 626 -73.83 39.41 -68.24
CA GLU A 626 -75.05 38.95 -68.88
C GLU A 626 -74.74 37.98 -70.01
N ILE A 627 -75.43 36.84 -70.00
CA ILE A 627 -75.43 35.90 -71.12
C ILE A 627 -76.77 36.07 -71.82
N ASP A 628 -76.74 36.54 -73.07
CA ASP A 628 -77.97 36.88 -73.75
C ASP A 628 -78.83 35.64 -73.98
N LEU A 629 -80.11 35.74 -73.64
CA LEU A 629 -81.04 34.64 -73.80
C LEU A 629 -81.55 34.48 -75.23
N ASN A 630 -81.26 35.43 -76.11
CA ASN A 630 -81.81 35.40 -77.47
C ASN A 630 -80.76 35.41 -78.56
N LYS A 631 -79.49 35.68 -78.25
CA LYS A 631 -78.41 35.64 -79.24
C LYS A 631 -77.76 34.27 -79.11
N LYS A 632 -78.30 33.31 -79.85
CA LYS A 632 -77.91 31.90 -79.73
C LYS A 632 -77.21 31.43 -81.00
N LYS A 633 -76.48 30.33 -80.86
CA LYS A 633 -75.90 29.62 -81.99
C LYS A 633 -76.10 28.13 -81.76
N VAL A 634 -76.55 27.43 -82.79
CA VAL A 634 -76.91 26.02 -82.68
C VAL A 634 -76.15 25.24 -83.75
N GLU A 635 -75.34 24.28 -83.30
CA GLU A 635 -74.67 23.34 -84.18
C GLU A 635 -74.97 21.93 -83.70
N SER A 636 -74.65 20.93 -84.53
CA SER A 636 -75.00 19.56 -84.22
C SER A 636 -73.99 18.60 -84.82
N SER A 637 -74.05 17.35 -84.39
CA SER A 637 -73.33 16.26 -85.04
C SER A 637 -74.01 15.97 -86.36
N GLU A 638 -73.48 16.53 -87.44
CA GLU A 638 -74.27 16.67 -88.67
C GLU A 638 -74.46 15.36 -89.41
N ALA A 639 -73.41 14.88 -90.10
CA ALA A 639 -73.56 13.71 -90.96
C ALA A 639 -72.50 12.62 -90.76
N GLU A 640 -71.30 12.93 -90.30
CA GLU A 640 -70.24 11.92 -90.21
C GLU A 640 -70.57 10.95 -89.07
N TYR A 641 -70.63 9.67 -89.39
CA TYR A 641 -71.05 8.66 -88.43
C TYR A 641 -70.05 7.52 -88.35
N ARG A 642 -69.91 6.97 -87.15
CA ARG A 642 -69.17 5.73 -86.91
C ARG A 642 -70.15 4.67 -86.43
N THR A 643 -69.90 3.43 -86.84
CA THR A 643 -70.80 2.32 -86.55
C THR A 643 -70.07 1.34 -85.63
N LEU A 644 -70.70 1.02 -84.51
CA LEU A 644 -70.16 0.10 -83.52
C LEU A 644 -70.98 -1.19 -83.51
N SER A 645 -70.33 -2.30 -83.81
CA SER A 645 -70.99 -3.59 -83.93
C SER A 645 -71.61 -4.01 -82.60
N ALA A 646 -72.35 -5.12 -82.63
CA ALA A 646 -73.04 -5.60 -81.44
C ALA A 646 -72.06 -5.85 -80.30
N ASN A 647 -71.16 -6.83 -80.45
CA ASN A 647 -70.16 -7.11 -79.43
C ASN A 647 -70.77 -7.26 -78.05
N ASP A 648 -71.36 -8.43 -77.77
CA ASP A 648 -72.09 -8.70 -76.54
C ASP A 648 -71.38 -8.27 -75.25
N ASP A 649 -70.06 -8.03 -75.28
CA ASP A 649 -69.31 -7.73 -74.07
C ASP A 649 -69.18 -6.24 -73.75
N GLY A 650 -69.96 -5.37 -74.39
CA GLY A 650 -70.07 -3.98 -73.99
C GLY A 650 -69.38 -3.04 -74.97
N VAL A 651 -69.30 -1.77 -74.56
CA VAL A 651 -68.91 -0.70 -75.47
C VAL A 651 -67.92 0.29 -74.86
N TYR A 652 -67.53 0.13 -73.59
CA TYR A 652 -66.56 1.02 -72.95
C TYR A 652 -67.03 2.49 -72.95
N MET A 653 -68.00 2.76 -72.06
CA MET A 653 -68.50 4.11 -71.88
C MET A 653 -67.41 5.03 -71.33
N PRO A 654 -67.41 6.31 -71.71
CA PRO A 654 -66.44 7.25 -71.14
C PRO A 654 -66.71 7.53 -69.67
N LEU A 655 -65.63 7.57 -68.89
CA LEU A 655 -65.70 7.80 -67.45
C LEU A 655 -64.70 8.88 -67.06
N GLY A 656 -64.94 9.51 -65.92
CA GLY A 656 -64.02 10.46 -65.33
C GLY A 656 -64.56 11.87 -65.34
N VAL A 657 -63.66 12.81 -65.06
CA VAL A 657 -64.00 14.22 -64.94
C VAL A 657 -63.78 14.88 -66.30
N ILE A 658 -64.87 15.22 -66.97
CA ILE A 658 -64.79 15.96 -68.24
C ILE A 658 -64.93 17.43 -67.87
N SER A 659 -63.80 18.04 -67.51
CA SER A 659 -63.79 19.44 -67.10
C SER A 659 -62.36 19.95 -67.13
N GLU A 660 -62.22 21.26 -67.34
CA GLU A 660 -60.94 21.91 -67.15
C GLU A 660 -60.50 21.79 -65.70
N THR A 661 -59.18 21.84 -65.47
CA THR A 661 -58.66 21.74 -64.11
C THR A 661 -59.29 22.78 -63.19
N PHE A 662 -59.73 23.90 -63.74
CA PHE A 662 -60.52 24.89 -63.02
C PHE A 662 -61.82 25.12 -63.78
N LEU A 663 -62.92 25.17 -63.04
CA LEU A 663 -64.24 25.33 -63.64
C LEU A 663 -64.30 26.59 -64.49
N THR A 664 -64.47 26.41 -65.80
CA THR A 664 -64.52 27.49 -66.78
C THR A 664 -65.55 27.15 -67.85
N PRO A 665 -66.14 28.16 -68.48
CA PRO A 665 -67.07 27.90 -69.59
C PRO A 665 -66.38 27.23 -70.76
N ILE A 666 -67.20 26.60 -71.60
CA ILE A 666 -66.70 25.88 -72.77
C ILE A 666 -67.33 26.49 -74.02
N ASN A 667 -66.60 26.40 -75.14
CA ASN A 667 -67.09 26.86 -76.43
C ASN A 667 -66.92 25.80 -77.51
N GLY A 668 -66.74 24.54 -77.09
CA GLY A 668 -66.58 23.45 -78.02
C GLY A 668 -67.00 22.14 -77.41
N PHE A 669 -67.59 21.26 -78.20
CA PHE A 669 -68.04 19.96 -77.72
C PHE A 669 -68.05 18.98 -78.87
N GLY A 670 -67.73 17.72 -78.57
CA GLY A 670 -67.73 16.69 -79.59
C GLY A 670 -67.61 15.29 -79.01
N LEU A 671 -68.24 14.33 -79.67
CA LEU A 671 -68.19 12.93 -79.28
C LEU A 671 -67.46 12.14 -80.37
N GLN A 672 -66.53 11.28 -79.98
CA GLN A 672 -65.80 10.44 -80.91
C GLN A 672 -65.95 8.99 -80.50
N ALA A 673 -66.18 8.12 -81.50
CA ALA A 673 -66.35 6.69 -81.27
C ALA A 673 -65.45 5.93 -82.22
N ASP A 674 -64.55 5.11 -81.67
CA ASP A 674 -63.65 4.30 -82.47
C ASP A 674 -64.33 2.98 -82.83
N GLU A 675 -64.42 2.69 -84.13
CA GLU A 675 -65.08 1.46 -84.56
C GLU A 675 -64.31 0.21 -84.17
N ASN A 676 -63.01 0.32 -83.89
CA ASN A 676 -62.19 -0.83 -83.55
C ASN A 676 -62.12 -1.05 -82.04
N SER A 677 -61.68 -0.03 -81.30
CA SER A 677 -61.50 -0.17 -79.86
C SER A 677 -62.78 0.07 -79.08
N ARG A 678 -63.83 0.56 -79.74
CA ARG A 678 -65.10 0.88 -79.09
C ARG A 678 -64.93 1.95 -78.00
N LEU A 679 -63.96 2.83 -78.15
CA LEU A 679 -63.76 3.90 -77.18
C LEU A 679 -64.62 5.08 -77.57
N ILE A 680 -65.46 5.53 -76.64
CA ILE A 680 -66.29 6.71 -76.81
C ILE A 680 -65.66 7.84 -76.01
N THR A 681 -65.35 8.94 -76.69
CA THR A 681 -64.57 10.03 -76.11
C THR A 681 -65.35 11.32 -76.20
N LEU A 682 -65.59 11.95 -75.06
CA LEU A 682 -66.19 13.29 -75.00
C LEU A 682 -65.05 14.29 -74.89
N THR A 683 -65.11 15.34 -75.70
CA THR A 683 -64.05 16.34 -75.74
C THR A 683 -64.65 17.73 -75.82
N CYS A 684 -64.08 18.66 -75.06
CA CYS A 684 -64.55 20.03 -75.01
C CYS A 684 -63.37 20.98 -75.09
N LYS A 685 -63.65 22.22 -75.49
CA LYS A 685 -62.67 23.30 -75.52
C LYS A 685 -62.98 24.29 -74.42
N SER A 686 -61.94 24.75 -73.73
CA SER A 686 -62.10 25.56 -72.52
C SER A 686 -61.73 27.01 -72.80
N TYR A 687 -62.18 27.89 -71.91
CA TYR A 687 -61.94 29.32 -72.00
C TYR A 687 -60.86 29.80 -71.04
N LEU A 688 -60.01 28.89 -70.54
CA LEU A 688 -59.10 29.25 -69.46
C LEU A 688 -58.01 30.21 -69.91
N ARG A 689 -57.42 29.98 -71.09
CA ARG A 689 -56.36 30.87 -71.57
C ARG A 689 -56.90 32.28 -71.77
N GLU A 690 -58.10 32.42 -72.32
CA GLU A 690 -58.70 33.75 -72.43
C GLU A 690 -58.89 34.37 -71.06
N LEU A 691 -59.26 33.56 -70.06
CA LEU A 691 -59.37 34.05 -68.69
C LEU A 691 -58.00 34.46 -68.16
N LEU A 692 -57.00 33.58 -68.31
CA LEU A 692 -55.67 33.85 -67.77
C LEU A 692 -55.03 35.07 -68.42
N LEU A 693 -55.17 35.20 -69.74
CA LEU A 693 -54.57 36.32 -70.46
C LEU A 693 -55.16 37.66 -70.00
N ALA A 694 -56.42 37.66 -69.60
CA ALA A 694 -57.10 38.89 -69.22
C ALA A 694 -56.91 39.28 -67.76
N THR A 695 -56.68 38.32 -66.87
CA THR A 695 -56.57 38.61 -65.45
C THR A 695 -55.39 37.85 -64.86
N ASP A 696 -54.45 38.58 -64.26
CA ASP A 696 -53.39 38.02 -63.42
C ASP A 696 -53.39 38.82 -62.13
N LEU A 697 -54.24 38.41 -61.19
CA LEU A 697 -54.43 39.15 -59.95
C LEU A 697 -54.26 38.25 -58.73
N THR A 702 -56.00 33.01 -56.43
CA THR A 702 -56.70 31.82 -56.89
C THR A 702 -58.21 32.00 -56.75
N LYS A 703 -58.77 32.86 -57.61
CA LYS A 703 -60.23 33.01 -57.69
C LYS A 703 -60.88 31.93 -58.54
N LEU A 704 -60.07 31.08 -59.17
CA LEU A 704 -60.60 29.96 -59.95
C LEU A 704 -61.25 28.93 -59.05
N ILE A 705 -62.26 28.25 -59.58
CA ILE A 705 -62.99 27.23 -58.84
C ILE A 705 -62.56 25.86 -59.37
N VAL A 706 -62.30 24.93 -58.45
CA VAL A 706 -61.89 23.58 -58.79
C VAL A 706 -63.13 22.70 -58.81
N PRO A 707 -63.30 21.82 -59.80
CA PRO A 707 -64.46 20.92 -59.83
C PRO A 707 -64.53 20.09 -58.56
N PRO A 708 -65.62 20.19 -57.81
CA PRO A 708 -65.70 19.50 -56.51
C PRO A 708 -65.63 17.99 -56.66
N SER A 709 -64.98 17.36 -55.68
CA SER A 709 -64.84 15.91 -55.69
C SER A 709 -66.16 15.22 -55.34
N GLY A 710 -66.86 15.71 -54.31
CA GLY A 710 -68.11 15.13 -53.89
C GLY A 710 -69.30 15.75 -54.59
N PHE A 711 -70.49 15.34 -54.15
CA PHE A 711 -71.74 15.83 -54.71
C PHE A 711 -72.25 17.01 -53.92
N ILE A 712 -72.24 18.20 -54.53
CA ILE A 712 -72.92 19.36 -53.95
C ILE A 712 -74.41 19.07 -54.13
N SER A 713 -75.26 19.89 -53.50
CA SER A 713 -76.71 19.74 -53.56
C SER A 713 -77.18 18.44 -52.92
N ASN A 714 -76.31 17.77 -52.16
CA ASN A 714 -76.70 16.56 -51.46
C ASN A 714 -77.91 16.84 -50.58
N ILE A 715 -78.98 16.09 -50.80
CA ILE A 715 -80.21 16.34 -50.05
C ILE A 715 -79.99 16.11 -48.57
N VAL A 716 -79.27 15.04 -48.21
CA VAL A 716 -78.97 14.80 -46.81
C VAL A 716 -77.98 15.86 -46.34
N GLU A 717 -78.39 16.65 -45.36
CA GLU A 717 -77.49 17.62 -44.74
C GLU A 717 -76.59 16.89 -43.75
N ASN A 718 -75.35 17.34 -43.64
CA ASN A 718 -74.38 16.74 -42.75
C ASN A 718 -74.06 15.29 -43.14
N GLY A 719 -74.50 14.86 -44.32
CA GLY A 719 -74.23 13.54 -44.87
C GLY A 719 -72.93 12.92 -44.42
N SER A 720 -71.81 13.60 -44.66
CA SER A 720 -70.57 13.24 -43.98
C SER A 720 -70.57 13.85 -42.58
N ILE A 721 -70.27 13.02 -41.58
CA ILE A 721 -70.45 13.38 -40.18
C ILE A 721 -69.13 13.90 -39.58
N GLU A 722 -68.25 14.45 -40.43
CA GLU A 722 -66.93 14.90 -40.01
C GLU A 722 -66.86 16.41 -39.80
N GLU A 723 -67.98 17.03 -39.43
CA GLU A 723 -68.05 18.44 -39.12
C GLU A 723 -68.35 18.60 -37.63
N ASP A 724 -68.53 19.86 -37.21
CA ASP A 724 -68.87 20.14 -35.82
C ASP A 724 -70.18 19.46 -35.45
N ASN A 725 -70.52 19.51 -34.15
CA ASN A 725 -71.73 18.86 -33.67
C ASN A 725 -73.00 19.39 -34.34
N LEU A 726 -72.89 20.43 -35.17
CA LEU A 726 -74.02 20.91 -35.96
C LEU A 726 -74.49 19.81 -36.89
N GLU A 727 -75.68 19.28 -36.64
CA GLU A 727 -76.19 18.19 -37.47
C GLU A 727 -77.70 18.14 -37.39
N PRO A 728 -78.39 17.81 -38.49
CA PRO A 728 -79.85 17.65 -38.42
C PRO A 728 -80.23 16.26 -37.95
N TRP A 729 -79.27 15.35 -37.93
CA TRP A 729 -79.44 14.02 -37.36
C TRP A 729 -79.93 14.09 -35.92
N LYS A 730 -80.98 13.34 -35.63
CA LYS A 730 -81.56 13.23 -34.30
C LYS A 730 -81.36 11.83 -33.75
N ALA A 731 -80.77 11.75 -32.56
CA ALA A 731 -80.69 10.46 -31.88
C ALA A 731 -82.01 10.24 -31.14
N ASN A 732 -82.38 8.96 -30.98
CA ASN A 732 -83.72 8.60 -30.53
C ASN A 732 -83.84 8.39 -29.04
N ASN A 733 -82.90 8.93 -28.24
CA ASN A 733 -82.90 8.81 -26.79
C ASN A 733 -82.52 7.41 -26.34
N LYS A 734 -81.77 6.69 -27.17
CA LYS A 734 -81.29 5.36 -26.81
C LYS A 734 -79.79 5.29 -26.95
N ASN A 735 -79.21 4.09 -26.91
CA ASN A 735 -77.78 3.98 -27.11
C ASN A 735 -77.48 4.25 -28.58
N ALA A 736 -77.53 5.52 -28.98
CA ALA A 736 -77.34 5.95 -30.36
C ALA A 736 -75.98 6.61 -30.60
N TYR A 737 -75.24 6.94 -29.55
CA TYR A 737 -73.81 7.25 -29.65
C TYR A 737 -73.56 8.41 -30.61
N VAL A 738 -73.92 9.61 -30.15
CA VAL A 738 -73.59 10.81 -30.89
C VAL A 738 -72.09 10.77 -31.21
N ASP A 739 -71.75 10.64 -32.49
CA ASP A 739 -70.40 10.84 -33.03
C ASP A 739 -69.29 9.92 -32.52
N HIS A 740 -69.24 8.68 -33.02
CA HIS A 740 -68.13 7.77 -32.69
C HIS A 740 -66.90 8.21 -33.46
N THR A 741 -65.95 8.85 -32.78
CA THR A 741 -64.73 9.33 -33.40
C THR A 741 -63.70 8.20 -33.39
N GLY A 742 -63.34 7.72 -34.58
CA GLY A 742 -62.56 6.52 -34.70
C GLY A 742 -63.32 5.51 -35.54
N GLY A 743 -64.16 6.03 -36.43
CA GLY A 743 -65.00 5.25 -37.30
C GLY A 743 -64.32 4.86 -38.61
N VAL A 744 -64.80 5.43 -39.71
CA VAL A 744 -64.30 5.08 -41.04
C VAL A 744 -63.07 5.92 -41.35
N ASN A 745 -61.99 5.26 -41.77
CA ASN A 745 -60.78 5.92 -42.25
C ASN A 745 -60.06 6.64 -41.12
N GLY A 746 -60.70 6.70 -39.96
CA GLY A 746 -60.21 7.41 -38.80
C GLY A 746 -61.18 8.47 -38.31
N THR A 747 -62.16 8.81 -39.14
CA THR A 747 -63.08 9.92 -38.93
C THR A 747 -64.30 9.45 -38.15
N LYS A 748 -65.32 10.30 -38.06
CA LYS A 748 -66.52 9.95 -37.32
C LYS A 748 -67.46 9.09 -38.17
N ALA A 749 -68.32 8.34 -37.48
CA ALA A 749 -69.32 7.52 -38.12
C ALA A 749 -70.48 7.32 -37.15
N LEU A 750 -71.67 7.08 -37.71
CA LEU A 750 -72.86 6.86 -36.90
C LEU A 750 -72.82 5.45 -36.32
N TYR A 751 -72.88 5.35 -34.99
CA TYR A 751 -72.93 4.08 -34.29
C TYR A 751 -74.34 3.84 -33.75
N VAL A 752 -74.75 2.57 -33.76
CA VAL A 752 -76.11 2.21 -33.33
C VAL A 752 -76.07 1.02 -32.39
N GLY A 757 -81.99 4.30 -33.27
CA GLY A 757 -80.83 4.86 -33.95
C GLY A 757 -80.99 6.30 -34.36
N ILE A 758 -80.27 6.70 -35.40
CA ILE A 758 -80.18 8.08 -35.83
C ILE A 758 -81.19 8.32 -36.95
N SER A 759 -81.81 9.49 -36.96
CA SER A 759 -82.74 9.87 -38.01
C SER A 759 -82.56 11.33 -38.37
N GLN A 760 -82.82 11.66 -39.63
CA GLN A 760 -82.77 13.05 -40.10
C GLN A 760 -84.00 13.34 -40.96
N PHE A 761 -84.61 14.49 -40.72
CA PHE A 761 -85.75 14.92 -41.53
C PHE A 761 -85.24 15.56 -42.82
N ILE A 762 -85.62 14.97 -43.96
CA ILE A 762 -85.34 15.61 -45.23
C ILE A 762 -86.64 16.23 -45.73
N GLY A 763 -87.65 15.40 -45.99
CA GLY A 763 -89.00 15.89 -46.04
C GLY A 763 -89.36 16.79 -47.21
N ASP A 764 -89.37 18.09 -46.93
CA ASP A 764 -89.72 19.09 -47.94
C ASP A 764 -88.67 19.24 -49.03
N LYS A 765 -87.45 18.76 -48.81
CA LYS A 765 -86.43 18.82 -49.84
C LYS A 765 -86.63 17.78 -50.93
N LEU A 766 -87.57 16.85 -50.74
CA LEU A 766 -87.87 15.83 -51.72
C LEU A 766 -89.02 16.29 -52.62
N LYS A 767 -89.10 15.69 -53.80
CA LYS A 767 -90.14 16.02 -54.76
C LYS A 767 -90.98 14.78 -55.08
N PRO A 768 -92.29 14.96 -55.31
CA PRO A 768 -93.16 13.80 -55.52
C PRO A 768 -92.97 13.17 -56.89
N LYS A 769 -92.95 11.82 -56.88
CA LYS A 769 -92.85 11.02 -58.10
C LYS A 769 -91.64 11.43 -58.94
N THR A 770 -90.54 11.70 -58.26
CA THR A 770 -89.26 12.03 -58.91
C THR A 770 -88.23 10.99 -58.50
N GLU A 771 -87.31 10.70 -59.41
CA GLU A 771 -86.30 9.67 -59.21
C GLU A 771 -85.10 10.24 -58.45
N TYR A 772 -84.56 9.43 -57.52
CA TYR A 772 -83.45 9.84 -56.68
C TYR A 772 -82.40 8.74 -56.66
N VAL A 773 -81.21 9.10 -56.16
CA VAL A 773 -80.11 8.15 -55.98
C VAL A 773 -79.64 8.25 -54.53
N ILE A 774 -79.69 7.14 -53.81
CA ILE A 774 -79.20 7.04 -52.43
C ILE A 774 -77.86 6.33 -52.43
N GLN A 775 -76.93 6.81 -51.59
CA GLN A 775 -75.62 6.20 -51.48
C GLN A 775 -75.11 6.37 -50.05
N TYR A 776 -74.56 5.30 -49.49
CA TYR A 776 -74.05 5.32 -48.13
C TYR A 776 -72.99 4.25 -47.95
N THR A 777 -71.98 4.56 -47.14
CA THR A 777 -70.92 3.62 -46.78
C THR A 777 -71.19 3.12 -45.37
N VAL A 778 -71.63 1.86 -45.23
CA VAL A 778 -72.07 1.31 -43.97
C VAL A 778 -71.37 -0.03 -43.73
N LYS A 779 -71.47 -0.50 -42.48
CA LYS A 779 -70.95 -1.81 -42.09
C LYS A 779 -71.75 -2.32 -40.91
N GLY A 780 -71.81 -3.65 -40.80
CA GLY A 780 -72.58 -4.29 -39.75
C GLY A 780 -73.86 -4.89 -40.28
N LYS A 781 -74.96 -4.71 -39.54
CA LYS A 781 -76.29 -5.15 -39.96
C LYS A 781 -77.24 -3.98 -39.91
N PRO A 782 -77.14 -3.06 -40.86
CA PRO A 782 -77.94 -1.84 -40.82
C PRO A 782 -79.34 -2.01 -41.41
N SER A 783 -80.27 -1.24 -40.85
CA SER A 783 -81.64 -1.18 -41.34
C SER A 783 -81.93 0.27 -41.70
N ILE A 784 -81.62 0.63 -42.96
CA ILE A 784 -81.77 1.99 -43.44
C ILE A 784 -83.14 2.11 -44.11
N HIS A 785 -83.97 3.03 -43.63
CA HIS A 785 -85.31 3.24 -44.16
C HIS A 785 -85.50 4.71 -44.50
N LEU A 786 -86.15 4.97 -45.63
CA LEU A 786 -86.62 6.31 -45.98
C LEU A 786 -88.14 6.25 -46.02
N LYS A 787 -88.77 6.41 -44.86
CA LYS A 787 -90.19 6.17 -44.73
C LYS A 787 -90.90 7.41 -44.20
N ASP A 788 -92.16 7.57 -44.62
CA ASP A 788 -93.01 8.67 -44.17
C ASP A 788 -93.51 8.32 -42.77
N GLU A 789 -92.99 9.00 -41.75
CA GLU A 789 -93.39 8.78 -40.36
C GLU A 789 -94.84 9.16 -40.08
N ASN A 790 -95.61 9.57 -41.09
CA ASN A 790 -97.02 9.89 -40.92
C ASN A 790 -97.95 8.90 -41.58
N THR A 791 -97.73 8.55 -42.85
CA THR A 791 -98.51 7.52 -43.50
C THR A 791 -97.84 6.15 -43.52
N GLY A 792 -96.56 6.07 -43.20
CA GLY A 792 -95.84 4.82 -43.21
C GLY A 792 -95.28 4.40 -44.55
N TYR A 793 -95.41 5.24 -45.58
CA TYR A 793 -94.92 4.88 -46.91
C TYR A 793 -93.39 4.83 -46.91
N ILE A 794 -92.84 3.70 -47.31
CA ILE A 794 -91.40 3.53 -47.45
C ILE A 794 -91.01 3.85 -48.89
N HIS A 795 -90.19 4.89 -49.07
CA HIS A 795 -89.70 5.22 -50.40
C HIS A 795 -88.48 4.40 -50.77
N TYR A 796 -87.63 4.07 -49.79
CA TYR A 796 -86.46 3.24 -50.01
C TYR A 796 -86.20 2.46 -48.73
N GLU A 797 -85.78 1.21 -48.87
CA GLU A 797 -85.51 0.37 -47.72
C GLU A 797 -84.27 -0.47 -47.98
N ASP A 798 -83.44 -0.59 -46.94
CA ASP A 798 -82.25 -1.45 -46.93
C ASP A 798 -82.34 -2.30 -45.67
N THR A 799 -82.98 -3.45 -45.78
CA THR A 799 -83.24 -4.29 -44.62
C THR A 799 -81.97 -5.06 -44.27
N ASN A 800 -82.11 -6.08 -43.42
CA ASN A 800 -80.99 -6.89 -42.96
C ASN A 800 -80.08 -7.30 -44.10
N ASN A 801 -78.84 -6.82 -44.06
CA ASN A 801 -77.82 -7.16 -45.05
C ASN A 801 -76.48 -7.30 -44.33
N ASN A 802 -75.61 -8.13 -44.91
CA ASN A 802 -74.40 -8.57 -44.23
C ASN A 802 -73.40 -7.44 -44.09
N LEU A 803 -72.23 -7.77 -43.54
CA LEU A 803 -71.15 -6.82 -43.30
C LEU A 803 -70.73 -6.12 -44.59
N TYR A 806 -66.67 -1.86 -44.11
CA TYR A 806 -67.37 -0.76 -44.77
C TYR A 806 -67.53 -1.02 -46.26
N GLN A 807 -68.77 -0.92 -46.74
CA GLN A 807 -69.07 -1.05 -48.16
C GLN A 807 -69.99 0.08 -48.57
N THR A 808 -69.79 0.60 -49.78
CA THR A 808 -70.57 1.72 -50.30
C THR A 808 -71.69 1.16 -51.17
N ILE A 809 -72.86 0.98 -50.58
CA ILE A 809 -74.04 0.54 -51.32
C ILE A 809 -74.63 1.71 -52.09
N ASN A 810 -75.05 1.44 -53.33
CA ASN A 810 -75.54 2.50 -54.23
C ASN A 810 -76.74 1.96 -54.96
N LYS A 811 -77.92 2.52 -54.68
CA LYS A 811 -79.17 2.13 -55.32
C LYS A 811 -79.91 3.37 -55.79
N ARG A 812 -80.93 3.15 -56.62
CA ARG A 812 -81.69 4.22 -57.24
C ARG A 812 -83.18 3.91 -57.10
N PHE A 813 -83.96 4.92 -56.69
CA PHE A 813 -85.36 4.71 -56.33
C PHE A 813 -86.20 5.90 -56.75
N THR A 814 -87.52 5.75 -56.58
CA THR A 814 -88.49 6.81 -56.84
C THR A 814 -89.44 6.94 -55.66
N THR A 815 -89.88 8.17 -55.40
CA THR A 815 -90.82 8.43 -54.32
C THR A 815 -92.25 8.57 -54.86
N GLY A 816 -93.23 8.53 -53.95
CA GLY A 816 -94.58 8.85 -54.38
C GLY A 816 -95.49 9.56 -53.39
N THR A 817 -95.86 10.80 -53.73
CA THR A 817 -96.92 11.59 -53.09
C THR A 817 -96.87 11.74 -51.58
N ASP A 818 -95.93 11.10 -50.90
CA ASP A 818 -95.87 11.11 -49.43
C ASP A 818 -94.53 11.68 -48.99
N LEU A 819 -94.50 12.97 -48.64
CA LEU A 819 -93.25 13.64 -48.33
C LEU A 819 -93.26 14.49 -47.07
N LYS A 820 -94.43 14.89 -46.55
CA LYS A 820 -94.46 15.85 -45.46
C LYS A 820 -94.04 15.24 -44.11
N GLY A 821 -93.44 14.06 -44.14
CA GLY A 821 -92.97 13.44 -42.92
C GLY A 821 -91.82 12.49 -43.15
N VAL A 822 -91.18 12.57 -44.32
CA VAL A 822 -90.16 11.59 -44.70
C VAL A 822 -88.89 11.80 -43.88
N TYR A 823 -88.40 10.74 -43.25
CA TYR A 823 -87.14 10.74 -42.53
C TYR A 823 -86.18 9.73 -43.14
N LEU A 824 -84.89 9.99 -42.97
CA LEU A 824 -83.85 9.00 -43.24
C LEU A 824 -83.44 8.41 -41.91
N ILE A 825 -83.77 7.14 -41.70
CA ILE A 825 -83.64 6.48 -40.40
C ILE A 825 -82.59 5.40 -40.50
N LEU A 826 -81.61 5.42 -39.61
CA LEU A 826 -80.61 4.37 -39.51
C LEU A 826 -80.76 3.68 -38.16
N LYS A 827 -81.24 2.43 -38.20
CA LYS A 827 -81.31 1.60 -37.00
C LYS A 827 -80.78 0.22 -37.31
N SER A 828 -80.89 -0.72 -36.38
CA SER A 828 -80.35 -2.05 -36.57
C SER A 828 -81.47 -3.08 -36.66
N GLN A 829 -81.10 -4.27 -37.15
CA GLN A 829 -82.02 -5.39 -37.29
C GLN A 829 -81.81 -6.39 -36.15
N ASN A 830 -82.92 -6.84 -35.56
CA ASN A 830 -82.97 -7.85 -34.51
C ASN A 830 -81.91 -7.68 -33.44
N GLY A 831 -81.68 -6.44 -33.02
CA GLY A 831 -80.77 -6.12 -31.93
C GLY A 831 -79.29 -6.40 -32.13
N ASP A 832 -78.66 -5.68 -33.05
CA ASP A 832 -77.22 -5.79 -33.31
C ASP A 832 -76.67 -4.37 -33.43
N GLU A 833 -75.44 -4.26 -33.90
CA GLU A 833 -74.78 -2.98 -34.09
C GLU A 833 -74.60 -2.70 -35.58
N ALA A 834 -74.37 -1.42 -35.89
CA ALA A 834 -74.19 -1.01 -37.28
C ALA A 834 -73.50 0.35 -37.30
N TRP A 835 -72.63 0.55 -38.29
CA TRP A 835 -71.93 1.80 -38.50
C TRP A 835 -72.28 2.33 -39.89
N GLY A 836 -72.65 3.61 -39.98
CA GLY A 836 -72.91 4.21 -41.28
C GLY A 836 -72.30 5.59 -41.46
N ASP A 837 -71.66 5.81 -42.60
CA ASP A 837 -71.00 7.08 -42.88
C ASP A 837 -71.26 7.54 -44.30
N ASN A 838 -71.16 8.85 -44.50
CA ASN A 838 -71.29 9.52 -45.79
C ASN A 838 -72.57 9.10 -46.52
N PHE A 839 -73.70 9.56 -45.96
CA PHE A 839 -74.99 9.35 -46.59
C PHE A 839 -75.22 10.41 -47.66
N ILE A 840 -75.67 9.96 -48.84
CA ILE A 840 -75.87 10.84 -49.99
C ILE A 840 -77.20 10.49 -50.63
N ILE A 841 -78.03 11.51 -50.84
CA ILE A 841 -79.28 11.41 -51.58
C ILE A 841 -79.24 12.50 -52.65
N LEU A 842 -79.53 12.13 -53.89
CA LEU A 842 -79.38 13.05 -55.00
C LEU A 842 -80.64 13.06 -55.85
N GLU A 843 -81.03 14.26 -56.29
CA GLU A 843 -82.14 14.45 -57.20
C GLU A 843 -81.68 14.30 -58.64
N ILE A 844 -82.47 13.59 -59.43
CA ILE A 844 -82.16 13.25 -60.81
C ILE A 844 -83.07 14.11 -61.67
N SER A 845 -82.51 15.20 -62.21
CA SER A 845 -83.25 16.09 -63.08
C SER A 845 -84.04 15.28 -64.12
N PRO A 846 -85.23 15.71 -64.47
CA PRO A 846 -86.08 14.86 -65.32
C PRO A 846 -85.60 14.80 -66.75
N SER A 847 -85.71 13.61 -67.33
CA SER A 847 -85.56 13.34 -68.74
C SER A 847 -86.93 13.12 -69.34
N GLU A 848 -87.00 13.21 -70.66
CA GLU A 848 -88.28 13.26 -71.36
C GLU A 848 -88.30 12.20 -72.44
N LYS A 849 -89.50 11.73 -72.74
CA LYS A 849 -89.68 10.64 -73.68
C LYS A 849 -89.57 11.16 -75.10
N LEU A 850 -88.88 10.39 -75.95
CA LEU A 850 -88.68 10.79 -77.33
C LEU A 850 -90.02 10.73 -78.05
N LEU A 851 -90.47 11.89 -78.54
CA LEU A 851 -91.75 12.00 -79.23
C LEU A 851 -91.51 11.80 -80.72
N SER A 852 -91.73 10.57 -81.19
CA SER A 852 -91.67 10.29 -82.61
C SER A 852 -93.08 10.29 -83.17
N PRO A 853 -93.52 11.36 -83.84
CA PRO A 853 -94.89 11.42 -84.33
C PRO A 853 -95.05 10.68 -85.65
N GLU A 854 -96.31 10.46 -86.02
CA GLU A 854 -96.63 9.84 -87.30
C GLU A 854 -96.56 10.90 -88.40
N LEU A 855 -95.90 10.55 -89.49
CA LEU A 855 -95.69 11.49 -90.59
C LEU A 855 -96.53 11.18 -91.81
N ILE A 856 -97.17 10.01 -91.87
CA ILE A 856 -98.07 9.64 -92.95
C ILE A 856 -99.50 9.89 -92.49
N ASN A 857 -100.23 10.70 -93.24
CA ASN A 857 -101.63 10.95 -92.99
C ASN A 857 -102.46 10.52 -94.20
N THR A 858 -103.70 10.10 -93.93
CA THR A 858 -104.55 9.58 -95.00
C THR A 858 -104.92 10.69 -95.99
N ASN A 859 -105.12 11.91 -95.49
CA ASN A 859 -105.56 13.02 -96.32
C ASN A 859 -104.41 13.73 -97.02
N ASN A 860 -103.19 13.18 -96.97
CA ASN A 860 -102.03 13.82 -97.56
C ASN A 860 -101.47 13.05 -98.75
N TRP A 861 -102.20 12.05 -99.26
CA TRP A 861 -101.74 11.30 -100.41
C TRP A 861 -102.20 11.97 -101.71
N THR A 862 -101.34 11.93 -102.71
CA THR A 862 -101.65 12.41 -104.05
C THR A 862 -101.58 11.23 -105.02
N SER A 863 -102.47 11.21 -106.00
CA SER A 863 -102.64 10.05 -106.87
C SER A 863 -102.22 10.39 -108.30
N THR A 864 -101.64 9.39 -108.97
CA THR A 864 -101.40 9.43 -110.41
C THR A 864 -101.70 8.05 -110.96
N GLY A 865 -102.63 7.97 -111.89
CA GLY A 865 -103.12 6.68 -112.34
C GLY A 865 -104.23 6.17 -111.45
N SER A 866 -104.60 4.90 -111.70
CA SER A 866 -105.70 4.28 -110.97
C SER A 866 -105.18 3.80 -109.61
N THR A 867 -105.66 4.43 -108.54
CA THR A 867 -105.29 4.07 -107.18
C THR A 867 -106.53 4.12 -106.29
N ASN A 868 -106.41 3.56 -105.10
CA ASN A 868 -107.51 3.53 -104.15
C ASN A 868 -106.96 3.55 -102.73
N ILE A 869 -107.62 4.32 -101.87
CA ILE A 869 -107.24 4.45 -100.46
C ILE A 869 -108.45 4.03 -99.62
N SER A 870 -108.36 2.84 -99.02
CA SER A 870 -109.43 2.30 -98.18
C SER A 870 -108.85 1.97 -96.80
N GLY A 871 -108.85 2.95 -95.91
CA GLY A 871 -108.34 2.74 -94.57
C GLY A 871 -106.83 2.62 -94.51
N ASN A 872 -106.33 1.50 -94.00
CA ASN A 872 -104.90 1.24 -93.92
C ASN A 872 -104.35 0.63 -95.21
N THR A 873 -105.21 0.22 -96.13
CA THR A 873 -104.78 -0.43 -97.36
C THR A 873 -104.65 0.60 -98.47
N LEU A 874 -103.46 0.67 -99.07
CA LEU A 874 -103.20 1.53 -100.22
C LEU A 874 -103.05 0.62 -101.44
N THR A 875 -103.88 0.85 -102.45
CA THR A 875 -103.99 -0.06 -103.58
C THR A 875 -103.54 0.64 -104.86
N LEU A 876 -102.61 0.02 -105.56
CA LEU A 876 -102.21 0.43 -106.90
C LEU A 876 -102.80 -0.56 -107.88
N TYR A 877 -103.80 -0.13 -108.64
CA TYR A 877 -104.52 -1.03 -109.52
C TYR A 877 -103.61 -1.53 -110.63
N GLN A 878 -103.98 -2.67 -111.20
CA GLN A 878 -103.13 -3.35 -112.17
C GLN A 878 -102.94 -2.52 -113.44
N GLY A 879 -104.04 -2.25 -114.15
CA GLY A 879 -103.92 -1.57 -115.43
C GLY A 879 -103.60 -0.09 -115.37
N GLY A 880 -103.82 0.56 -114.23
CA GLY A 880 -103.74 2.00 -114.17
C GLY A 880 -102.42 2.68 -113.91
N ARG A 881 -101.32 1.94 -113.76
CA ARG A 881 -100.00 2.53 -113.47
C ARG A 881 -100.08 3.51 -112.30
N GLY A 882 -100.40 2.98 -111.13
CA GLY A 882 -100.67 3.84 -109.98
C GLY A 882 -99.39 4.26 -109.27
N ILE A 883 -99.36 5.54 -108.86
CA ILE A 883 -98.27 6.09 -108.08
C ILE A 883 -98.87 7.00 -107.01
N LEU A 884 -98.65 6.65 -105.74
CA LEU A 884 -99.09 7.46 -104.62
C LEU A 884 -97.90 8.21 -104.03
N LYS A 885 -98.13 9.47 -103.65
CA LYS A 885 -97.06 10.34 -103.16
C LYS A 885 -97.59 11.19 -102.02
N GLN A 886 -96.87 11.19 -100.91
CA GLN A 886 -97.19 12.04 -99.76
C GLN A 886 -95.94 12.77 -99.31
N ASN A 887 -96.07 14.08 -99.08
CA ASN A 887 -94.95 14.89 -98.65
C ASN A 887 -94.69 14.68 -97.17
N LEU A 888 -93.40 14.69 -96.80
CA LEU A 888 -92.98 14.39 -95.44
C LEU A 888 -92.37 15.64 -94.82
N GLN A 889 -92.78 15.93 -93.58
CA GLN A 889 -92.22 17.05 -92.83
C GLN A 889 -91.04 16.51 -92.02
N LEU A 890 -89.83 16.71 -92.54
CA LEU A 890 -88.61 16.21 -91.94
C LEU A 890 -87.75 17.37 -91.44
N ASP A 891 -86.83 17.03 -90.54
CA ASP A 891 -85.86 17.98 -90.02
C ASP A 891 -84.49 17.76 -90.64
N SER A 892 -83.57 18.68 -90.35
CA SER A 892 -82.28 18.71 -91.03
C SER A 892 -81.49 17.42 -90.82
N PHE A 893 -81.10 17.15 -89.58
CA PHE A 893 -80.27 15.99 -89.24
C PHE A 893 -81.05 15.13 -88.26
N SER A 894 -81.80 14.15 -88.77
CA SER A 894 -82.63 13.32 -87.93
C SER A 894 -82.74 11.91 -88.52
N THR A 895 -83.07 10.96 -87.66
CA THR A 895 -83.27 9.57 -88.03
C THR A 895 -84.75 9.24 -88.03
N TYR A 896 -85.19 8.51 -89.08
CA TYR A 896 -86.58 8.11 -89.24
C TYR A 896 -86.64 6.63 -89.61
N ARG A 897 -87.85 6.09 -89.70
CA ARG A 897 -88.07 4.68 -89.99
C ARG A 897 -89.35 4.52 -90.78
N VAL A 898 -89.26 3.94 -91.96
CA VAL A 898 -90.43 3.60 -92.77
C VAL A 898 -90.86 2.19 -92.43
N TYR A 899 -92.17 1.99 -92.29
CA TYR A 899 -92.75 0.70 -91.95
C TYR A 899 -93.96 0.45 -92.84
N PHE A 900 -94.06 -0.76 -93.39
CA PHE A 900 -95.16 -1.13 -94.27
C PHE A 900 -95.11 -2.62 -94.55
N SER A 901 -96.22 -3.14 -95.08
CA SER A 901 -96.29 -4.45 -95.70
C SER A 901 -96.84 -4.29 -97.10
N VAL A 902 -96.29 -5.05 -98.04
CA VAL A 902 -96.63 -4.92 -99.47
C VAL A 902 -96.81 -6.31 -100.05
N SER A 903 -97.75 -6.44 -100.98
CA SER A 903 -98.09 -7.72 -101.58
C SER A 903 -97.63 -7.84 -103.03
N GLY A 904 -97.95 -6.86 -103.88
CA GLY A 904 -97.54 -6.89 -105.27
C GLY A 904 -96.09 -6.49 -105.47
N ASP A 905 -95.67 -6.54 -106.74
CA ASP A 905 -94.34 -6.09 -107.13
C ASP A 905 -94.31 -4.57 -107.11
N ALA A 906 -93.88 -4.00 -105.99
CA ALA A 906 -93.91 -2.57 -105.77
C ALA A 906 -92.50 -2.02 -105.54
N ASN A 907 -92.42 -0.70 -105.56
CA ASN A 907 -91.16 0.01 -105.34
C ASN A 907 -91.44 1.21 -104.46
N VAL A 908 -90.88 1.21 -103.25
CA VAL A 908 -90.98 2.35 -102.34
C VAL A 908 -89.69 3.13 -102.45
N ARG A 909 -89.80 4.46 -102.45
CA ARG A 909 -88.62 5.31 -102.49
C ARG A 909 -88.94 6.65 -101.86
N ILE A 910 -88.05 7.11 -100.99
CA ILE A 910 -88.17 8.40 -100.31
C ILE A 910 -87.10 9.31 -100.88
N ARG A 911 -87.51 10.38 -101.53
CA ARG A 911 -86.60 11.16 -102.37
C ARG A 911 -86.95 12.64 -102.30
N ASN A 912 -85.99 13.46 -102.71
CA ASN A 912 -86.11 14.89 -102.89
C ASN A 912 -85.78 15.20 -104.36
N SER A 913 -85.85 16.47 -104.74
CA SER A 913 -85.53 16.84 -106.12
C SER A 913 -84.14 16.38 -106.53
N ARG A 914 -83.21 16.31 -105.57
CA ARG A 914 -81.82 15.93 -105.84
C ARG A 914 -81.35 14.71 -105.06
N GLU A 915 -81.73 14.58 -103.79
CA GLU A 915 -81.21 13.53 -102.93
C GLU A 915 -82.24 12.43 -102.71
N VAL A 916 -81.74 11.21 -102.47
CA VAL A 916 -82.56 10.04 -102.19
C VAL A 916 -82.17 9.51 -100.82
N LEU A 917 -83.15 9.27 -99.96
CA LEU A 917 -82.90 8.73 -98.63
C LEU A 917 -83.12 7.23 -98.52
N PHE A 918 -84.00 6.67 -99.36
CA PHE A 918 -84.32 5.25 -99.31
C PHE A 918 -85.02 4.87 -100.60
N GLU A 919 -84.65 3.70 -101.14
CA GLU A 919 -85.30 3.19 -102.34
C GLU A 919 -85.09 1.68 -102.38
N LYS A 920 -86.17 0.93 -102.60
CA LYS A 920 -86.10 -0.52 -102.66
C LYS A 920 -87.28 -1.04 -103.47
N ARG A 921 -87.00 -2.03 -104.33
CA ARG A 921 -88.01 -2.69 -105.14
C ARG A 921 -88.29 -4.08 -104.56
N TYR A 922 -89.53 -4.31 -104.17
CA TYR A 922 -89.97 -5.59 -103.62
C TYR A 922 -90.72 -6.34 -104.71
N MET A 923 -90.04 -7.29 -105.36
CA MET A 923 -90.63 -8.10 -106.42
C MET A 923 -91.33 -9.34 -105.88
N SER A 924 -91.97 -9.21 -104.72
CA SER A 924 -92.58 -10.31 -104.00
C SER A 924 -93.23 -9.78 -102.72
N GLY A 925 -93.93 -10.64 -101.99
CA GLY A 925 -94.53 -10.24 -100.74
C GLY A 925 -93.47 -9.88 -99.71
N ALA A 926 -93.58 -8.69 -99.13
CA ALA A 926 -92.67 -8.21 -98.10
C ALA A 926 -93.51 -7.78 -96.91
N LYS A 927 -93.61 -8.65 -95.91
CA LYS A 927 -94.39 -8.38 -94.72
C LYS A 927 -93.54 -7.70 -93.65
N ASP A 928 -94.12 -6.70 -92.99
CA ASP A 928 -93.52 -6.02 -91.85
C ASP A 928 -92.12 -5.50 -92.17
N VAL A 929 -92.04 -4.67 -93.19
CA VAL A 929 -90.78 -4.02 -93.56
C VAL A 929 -90.50 -2.89 -92.59
N SER A 930 -89.27 -2.84 -92.08
CA SER A 930 -88.86 -1.79 -91.13
C SER A 930 -87.46 -1.32 -91.52
N GLU A 931 -87.39 -0.25 -92.31
CA GLU A 931 -86.13 0.30 -92.78
C GLU A 931 -85.96 1.71 -92.22
N MET A 932 -84.77 1.98 -91.69
CA MET A 932 -84.44 3.29 -91.17
C MET A 932 -83.78 4.15 -92.24
N PHE A 933 -84.06 5.45 -92.23
CA PHE A 933 -83.39 6.39 -93.11
C PHE A 933 -83.10 7.68 -92.35
N THR A 934 -82.09 8.40 -92.83
CA THR A 934 -81.57 9.58 -92.16
C THR A 934 -81.49 10.74 -93.15
N THR A 935 -81.57 11.97 -92.62
CA THR A 935 -81.48 13.17 -93.44
C THR A 935 -80.13 13.83 -93.21
N LYS A 936 -79.58 14.44 -94.26
CA LYS A 936 -78.31 15.16 -94.19
C LYS A 936 -78.42 16.60 -94.69
N PHE A 937 -78.78 17.52 -93.78
CA PHE A 937 -78.87 18.96 -94.00
C PHE A 937 -80.04 19.37 -94.89
N GLU A 938 -80.55 18.46 -95.71
CA GLU A 938 -81.69 18.74 -96.56
C GLU A 938 -82.96 18.19 -95.91
N LYS A 939 -83.97 19.05 -95.77
CA LYS A 939 -85.20 18.67 -95.11
C LYS A 939 -86.47 19.03 -95.87
N ASP A 940 -86.39 19.91 -96.87
CA ASP A 940 -87.59 20.38 -97.55
C ASP A 940 -87.88 19.54 -98.79
N ASN A 941 -89.17 19.47 -99.13
CA ASN A 941 -89.64 18.88 -100.38
C ASN A 941 -89.30 17.40 -100.47
N PHE A 942 -89.36 16.70 -99.34
CA PHE A 942 -89.18 15.26 -99.32
C PHE A 942 -90.54 14.57 -99.36
N TYR A 943 -90.60 13.43 -100.04
CA TYR A 943 -91.85 12.70 -100.19
C TYR A 943 -91.57 11.21 -100.29
N ILE A 944 -92.53 10.42 -99.84
CA ILE A 944 -92.52 8.98 -100.08
C ILE A 944 -93.32 8.72 -101.34
N GLU A 945 -92.87 7.75 -102.15
CA GLU A 945 -93.49 7.47 -103.44
C GLU A 945 -93.78 5.98 -103.52
N LEU A 946 -95.06 5.62 -103.49
CA LEU A 946 -95.48 4.24 -103.66
C LEU A 946 -95.80 3.99 -105.13
N SER A 947 -95.12 3.00 -105.73
CA SER A 947 -95.30 2.70 -107.14
C SER A 947 -95.15 1.21 -107.35
N GLN A 948 -95.41 0.78 -108.57
CA GLN A 948 -95.23 -0.62 -108.94
C GLN A 948 -93.79 -0.89 -109.34
N GLY A 949 -93.38 -2.15 -109.20
CA GLY A 949 -92.01 -2.51 -109.57
C GLY A 949 -91.77 -2.40 -111.05
N ASN A 950 -92.74 -2.84 -111.85
CA ASN A 950 -92.70 -2.68 -113.29
C ASN A 950 -94.00 -2.02 -113.73
N ASN A 951 -94.01 -1.50 -114.96
CA ASN A 951 -95.22 -0.93 -115.53
C ASN A 951 -95.58 -1.58 -116.87
N LEU A 952 -95.07 -2.78 -117.11
CA LEU A 952 -95.49 -3.54 -118.29
C LEU A 952 -96.96 -3.94 -118.13
N TYR A 953 -97.75 -3.71 -119.17
CA TYR A 953 -99.20 -3.90 -119.15
C TYR A 953 -99.88 -2.96 -118.16
N GLY A 954 -99.18 -1.89 -117.77
CA GLY A 954 -99.67 -0.99 -116.75
C GLY A 954 -99.21 -1.32 -115.35
N GLY A 955 -98.43 -2.39 -115.17
CA GLY A 955 -97.97 -2.77 -113.86
C GLY A 955 -98.87 -3.82 -113.23
N PRO A 956 -98.38 -4.51 -112.21
CA PRO A 956 -99.22 -5.46 -111.48
C PRO A 956 -99.98 -4.77 -110.36
N ILE A 957 -101.02 -5.46 -109.87
CA ILE A 957 -101.78 -4.94 -108.75
C ILE A 957 -100.93 -5.01 -107.50
N VAL A 958 -101.00 -3.96 -106.67
CA VAL A 958 -100.13 -3.81 -105.52
C VAL A 958 -100.95 -3.29 -104.35
N HIS A 959 -100.79 -3.92 -103.18
CA HIS A 959 -101.47 -3.51 -101.96
C HIS A 959 -100.42 -3.16 -100.91
N PHE A 960 -100.47 -1.93 -100.42
CA PHE A 960 -99.62 -1.50 -99.32
C PHE A 960 -100.42 -1.52 -98.02
N TYR A 961 -99.89 -2.21 -97.02
CA TYR A 961 -100.57 -2.37 -95.74
C TYR A 961 -99.80 -1.65 -94.64
N ASP A 962 -100.51 -0.78 -93.91
CA ASP A 962 -100.01 -0.17 -92.67
C ASP A 962 -98.76 0.67 -92.91
N VAL A 963 -98.80 1.50 -93.96
CA VAL A 963 -97.69 2.39 -94.23
C VAL A 963 -97.56 3.42 -93.11
N SER A 964 -96.34 3.60 -92.60
CA SER A 964 -96.11 4.49 -91.47
C SER A 964 -94.66 4.94 -91.48
N ILE A 965 -94.44 6.22 -91.18
CA ILE A 965 -93.10 6.78 -91.08
C ILE A 965 -93.05 7.64 -89.82
N LYS A 966 -92.20 7.24 -88.87
CA LYS A 966 -92.01 8.05 -87.67
C LYS A 966 -90.52 8.33 -87.47
N LYS B 2 -61.52 -13.33 -58.68
CA LYS B 2 -62.65 -12.46 -58.94
C LYS B 2 -63.26 -12.76 -60.31
N ILE B 3 -62.40 -13.21 -61.22
CA ILE B 3 -62.83 -13.61 -62.56
C ILE B 3 -63.21 -15.08 -62.54
N GLU B 4 -63.98 -15.48 -63.56
CA GLU B 4 -64.50 -16.84 -63.72
C GLU B 4 -63.46 -17.92 -63.43
N GLU B 5 -63.95 -19.10 -63.02
CA GLU B 5 -63.12 -20.23 -62.62
C GLU B 5 -63.19 -21.35 -63.64
N GLY B 6 -62.10 -22.11 -63.73
CA GLY B 6 -61.97 -23.17 -64.71
C GLY B 6 -61.63 -22.73 -66.11
N LYS B 7 -61.60 -21.42 -66.37
CA LYS B 7 -61.35 -20.88 -67.70
C LYS B 7 -60.12 -19.98 -67.67
N LEU B 8 -59.41 -19.94 -68.79
CA LEU B 8 -58.29 -19.02 -68.98
C LEU B 8 -58.65 -18.03 -70.08
N VAL B 9 -58.44 -16.75 -69.81
CA VAL B 9 -58.70 -15.68 -70.78
C VAL B 9 -57.38 -14.97 -71.04
N ILE B 10 -57.01 -14.89 -72.31
CA ILE B 10 -55.72 -14.34 -72.72
C ILE B 10 -55.96 -13.13 -73.61
N TRP B 11 -55.21 -12.06 -73.35
CA TRP B 11 -55.25 -10.85 -74.16
C TRP B 11 -53.93 -10.70 -74.90
N ILE B 12 -54.00 -10.66 -76.23
CA ILE B 12 -52.84 -10.46 -77.08
C ILE B 12 -53.23 -9.48 -78.18
N ASN B 13 -52.27 -8.67 -78.62
CA ASN B 13 -52.56 -7.65 -79.61
C ASN B 13 -52.95 -8.28 -80.94
N GLY B 14 -53.72 -7.52 -81.72
CA GLY B 14 -54.20 -8.03 -83.00
C GLY B 14 -53.14 -8.19 -84.06
N ASP B 15 -52.03 -7.46 -83.96
CA ASP B 15 -50.94 -7.65 -84.91
C ASP B 15 -50.16 -8.94 -84.68
N LYS B 16 -50.29 -9.55 -83.49
CA LYS B 16 -49.64 -10.82 -83.22
C LYS B 16 -50.44 -11.96 -83.84
N GLY B 17 -49.91 -13.18 -83.69
CA GLY B 17 -50.61 -14.36 -84.17
C GLY B 17 -51.60 -14.90 -83.17
N TYR B 18 -52.71 -14.19 -83.00
CA TYR B 18 -53.69 -14.58 -81.98
C TYR B 18 -54.35 -15.91 -82.32
N ASN B 19 -54.51 -16.22 -83.62
CA ASN B 19 -55.04 -17.52 -83.99
C ASN B 19 -54.04 -18.62 -83.68
N GLY B 20 -52.74 -18.34 -83.79
CA GLY B 20 -51.73 -19.31 -83.41
C GLY B 20 -51.72 -19.58 -81.92
N LEU B 21 -51.80 -18.52 -81.12
CA LEU B 21 -51.89 -18.69 -79.67
C LEU B 21 -53.16 -19.44 -79.29
N ALA B 22 -54.25 -19.23 -80.02
CA ALA B 22 -55.47 -19.99 -79.79
C ALA B 22 -55.26 -21.47 -80.10
N GLU B 23 -54.41 -21.78 -81.08
CA GLU B 23 -54.13 -23.18 -81.41
C GLU B 23 -53.42 -23.89 -80.26
N VAL B 24 -52.53 -23.17 -79.56
CA VAL B 24 -51.93 -23.72 -78.35
C VAL B 24 -52.98 -23.90 -77.27
N GLY B 25 -53.96 -23.01 -77.20
CA GLY B 25 -55.04 -23.16 -76.25
C GLY B 25 -55.88 -24.39 -76.50
N LYS B 26 -56.17 -24.69 -77.77
CA LYS B 26 -56.91 -25.90 -78.09
C LYS B 26 -56.14 -27.15 -77.70
N LYS B 27 -54.81 -27.12 -77.85
CA LYS B 27 -54.00 -28.22 -77.35
C LYS B 27 -54.02 -28.28 -75.84
N PHE B 28 -54.09 -27.12 -75.18
CA PHE B 28 -54.16 -27.09 -73.72
C PHE B 28 -55.47 -27.68 -73.23
N GLU B 29 -56.58 -27.38 -73.91
CA GLU B 29 -57.87 -27.91 -73.52
C GLU B 29 -57.94 -29.42 -73.72
N LYS B 30 -57.28 -29.93 -74.76
CA LYS B 30 -57.32 -31.36 -75.07
C LYS B 30 -56.50 -32.18 -74.09
N ASP B 31 -55.68 -31.55 -73.25
CA ASP B 31 -54.87 -32.27 -72.28
C ASP B 31 -55.29 -32.03 -70.84
N THR B 32 -56.01 -30.95 -70.55
CA THR B 32 -56.44 -30.65 -69.19
C THR B 32 -57.95 -30.43 -69.06
N GLY B 33 -58.67 -30.15 -70.14
CA GLY B 33 -60.08 -29.84 -70.06
C GLY B 33 -60.38 -28.40 -69.77
N ILE B 34 -59.36 -27.54 -69.67
CA ILE B 34 -59.54 -26.14 -69.33
C ILE B 34 -59.69 -25.36 -70.64
N LYS B 35 -60.82 -24.67 -70.78
CA LYS B 35 -61.06 -23.88 -71.99
C LYS B 35 -60.20 -22.62 -71.97
N VAL B 36 -59.53 -22.35 -73.09
CA VAL B 36 -58.69 -21.17 -73.23
C VAL B 36 -59.27 -20.32 -74.35
N THR B 37 -59.64 -19.08 -74.03
CA THR B 37 -60.20 -18.15 -75.00
C THR B 37 -59.21 -17.01 -75.20
N VAL B 38 -58.75 -16.85 -76.44
CA VAL B 38 -57.80 -15.80 -76.80
C VAL B 38 -58.55 -14.68 -77.48
N GLU B 39 -58.51 -13.49 -76.89
CA GLU B 39 -59.16 -12.31 -77.43
C GLU B 39 -58.13 -11.26 -77.77
N HIS B 40 -58.38 -10.52 -78.86
CA HIS B 40 -57.47 -9.48 -79.34
C HIS B 40 -58.21 -8.15 -79.43
N PRO B 41 -58.48 -7.51 -78.29
CA PRO B 41 -59.16 -6.22 -78.33
C PRO B 41 -58.22 -5.12 -78.77
N ASP B 42 -58.77 -4.14 -79.48
CA ASP B 42 -57.98 -2.98 -79.86
C ASP B 42 -57.71 -2.11 -78.65
N LYS B 43 -56.52 -1.54 -78.60
CA LYS B 43 -56.06 -0.73 -77.46
C LYS B 43 -56.19 -1.51 -76.15
N LEU B 44 -55.86 -2.80 -76.21
CA LEU B 44 -55.91 -3.64 -75.01
C LEU B 44 -54.94 -3.15 -73.94
N GLU B 45 -53.87 -2.46 -74.35
CA GLU B 45 -52.89 -1.97 -73.39
C GLU B 45 -53.48 -0.89 -72.50
N GLU B 46 -54.49 -0.17 -72.98
CA GLU B 46 -55.16 0.85 -72.19
C GLU B 46 -56.33 0.28 -71.41
N LYS B 47 -56.96 -0.77 -71.93
CA LYS B 47 -58.11 -1.37 -71.26
C LYS B 47 -57.70 -2.20 -70.06
N PHE B 48 -56.54 -2.85 -70.14
CA PHE B 48 -56.10 -3.74 -69.05
C PHE B 48 -55.97 -3.04 -67.70
N PRO B 49 -55.28 -1.90 -67.57
CA PRO B 49 -55.18 -1.28 -66.24
C PRO B 49 -56.52 -0.77 -65.73
N GLN B 50 -57.45 -0.42 -66.61
CA GLN B 50 -58.77 0.02 -66.18
C GLN B 50 -59.59 -1.15 -65.63
N VAL B 51 -59.50 -2.31 -66.27
CA VAL B 51 -60.29 -3.46 -65.84
C VAL B 51 -59.59 -4.27 -64.76
N ALA B 52 -58.25 -4.32 -64.76
CA ALA B 52 -57.54 -5.11 -63.77
C ALA B 52 -57.53 -4.44 -62.40
N ALA B 53 -57.67 -3.12 -62.36
CA ALA B 53 -57.69 -2.41 -61.09
C ALA B 53 -58.88 -2.80 -60.24
N THR B 54 -60.02 -3.11 -60.87
CA THR B 54 -61.23 -3.48 -60.15
C THR B 54 -61.31 -4.97 -59.84
N GLY B 55 -60.30 -5.75 -60.24
CA GLY B 55 -60.25 -7.16 -59.95
C GLY B 55 -60.66 -8.07 -61.09
N ASP B 56 -61.15 -7.52 -62.20
CA ASP B 56 -61.54 -8.30 -63.34
C ASP B 56 -60.46 -8.24 -64.42
N GLY B 57 -60.75 -8.78 -65.60
CA GLY B 57 -59.81 -8.74 -66.69
C GLY B 57 -59.36 -10.11 -67.15
N PRO B 58 -58.42 -10.13 -68.09
CA PRO B 58 -57.91 -11.42 -68.57
C PRO B 58 -56.99 -12.07 -67.57
N ASP B 59 -56.75 -13.37 -67.79
CA ASP B 59 -55.82 -14.10 -66.94
C ASP B 59 -54.37 -13.84 -67.35
N ILE B 60 -54.11 -13.77 -68.66
CA ILE B 60 -52.77 -13.53 -69.19
C ILE B 60 -52.85 -12.32 -70.12
N ILE B 61 -51.84 -11.45 -70.03
CA ILE B 61 -51.77 -10.23 -70.82
C ILE B 61 -50.48 -10.25 -71.63
N PHE B 62 -50.59 -10.07 -72.94
CA PHE B 62 -49.46 -10.08 -73.86
C PHE B 62 -49.20 -8.65 -74.33
N TRP B 63 -48.09 -8.08 -73.87
CA TRP B 63 -47.70 -6.75 -74.32
C TRP B 63 -46.19 -6.60 -74.13
N ALA B 64 -45.66 -5.52 -74.72
CA ALA B 64 -44.25 -5.18 -74.54
C ALA B 64 -43.95 -4.89 -73.07
N HIS B 65 -42.71 -5.20 -72.67
CA HIS B 65 -42.31 -5.06 -71.28
C HIS B 65 -42.29 -3.60 -70.82
N ASP B 66 -42.19 -2.64 -71.75
CA ASP B 66 -42.07 -1.24 -71.35
C ASP B 66 -43.33 -0.74 -70.65
N ARG B 67 -44.48 -1.33 -70.94
CA ARG B 67 -45.72 -0.96 -70.27
C ARG B 67 -46.01 -1.82 -69.05
N PHE B 68 -45.23 -2.89 -68.82
CA PHE B 68 -45.46 -3.74 -67.66
C PHE B 68 -44.94 -3.13 -66.37
N GLY B 69 -43.99 -2.19 -66.47
CA GLY B 69 -43.55 -1.48 -65.27
C GLY B 69 -44.68 -0.66 -64.66
N GLY B 70 -45.39 0.10 -65.49
CA GLY B 70 -46.55 0.83 -65.01
C GLY B 70 -47.64 -0.08 -64.46
N TYR B 71 -47.75 -1.29 -65.02
CA TYR B 71 -48.68 -2.27 -64.47
C TYR B 71 -48.20 -2.78 -63.13
N ALA B 72 -46.90 -3.09 -63.03
CA ALA B 72 -46.33 -3.53 -61.76
C ALA B 72 -46.33 -2.40 -60.73
N GLN B 73 -46.27 -1.15 -61.19
CA GLN B 73 -46.40 -0.02 -60.28
C GLN B 73 -47.72 -0.07 -59.53
N SER B 74 -48.81 -0.37 -60.23
CA SER B 74 -50.14 -0.45 -59.62
C SER B 74 -50.47 -1.84 -59.10
N GLY B 75 -49.47 -2.71 -58.97
CA GLY B 75 -49.68 -4.06 -58.46
C GLY B 75 -50.70 -4.88 -59.23
N LEU B 76 -50.65 -4.83 -60.56
CA LEU B 76 -51.58 -5.57 -61.39
C LEU B 76 -51.05 -6.92 -61.83
N LEU B 77 -49.73 -7.10 -61.87
CA LEU B 77 -49.12 -8.35 -62.30
C LEU B 77 -48.74 -9.21 -61.11
N ALA B 78 -48.95 -10.51 -61.23
CA ALA B 78 -48.63 -11.47 -60.19
C ALA B 78 -47.17 -11.92 -60.29
N GLU B 79 -46.59 -12.22 -59.13
CA GLU B 79 -45.21 -12.71 -59.06
C GLU B 79 -45.14 -14.13 -59.59
N ILE B 80 -44.45 -14.31 -60.72
CA ILE B 80 -44.21 -15.65 -61.24
C ILE B 80 -43.03 -16.27 -60.50
N THR B 81 -43.02 -17.60 -60.42
CA THR B 81 -41.96 -18.33 -59.73
C THR B 81 -41.44 -19.46 -60.62
N PRO B 82 -40.74 -19.12 -61.72
CA PRO B 82 -40.10 -20.17 -62.52
C PRO B 82 -38.78 -20.60 -61.90
N ASP B 83 -38.56 -21.91 -61.89
CA ASP B 83 -37.33 -22.45 -61.32
C ASP B 83 -36.13 -22.11 -62.21
N LYS B 84 -34.94 -22.27 -61.65
CA LYS B 84 -33.73 -21.97 -62.42
C LYS B 84 -33.57 -22.89 -63.61
N ALA B 85 -34.13 -24.10 -63.55
CA ALA B 85 -34.08 -25.01 -64.69
C ALA B 85 -34.82 -24.42 -65.89
N PHE B 86 -36.00 -23.85 -65.65
CA PHE B 86 -36.75 -23.24 -66.74
C PHE B 86 -36.11 -21.93 -67.19
N GLN B 87 -35.50 -21.18 -66.27
CA GLN B 87 -34.88 -19.90 -66.63
C GLN B 87 -33.73 -20.10 -67.61
N ASP B 88 -33.02 -21.22 -67.52
CA ASP B 88 -31.92 -21.49 -68.43
C ASP B 88 -32.38 -21.86 -69.83
N LYS B 89 -33.67 -22.19 -70.01
CA LYS B 89 -34.18 -22.47 -71.34
C LYS B 89 -34.31 -21.20 -72.18
N LEU B 90 -34.30 -20.04 -71.53
CA LEU B 90 -34.41 -18.74 -72.19
C LEU B 90 -33.12 -17.96 -72.00
N TYR B 91 -32.88 -17.02 -72.92
CA TYR B 91 -31.67 -16.21 -72.84
C TYR B 91 -31.69 -15.39 -71.54
N PRO B 92 -30.53 -15.20 -70.90
CA PRO B 92 -30.52 -14.56 -69.58
C PRO B 92 -30.84 -13.08 -69.60
N PHE B 93 -30.56 -12.37 -70.70
CA PHE B 93 -30.81 -10.94 -70.75
C PHE B 93 -32.30 -10.61 -70.89
N THR B 94 -33.11 -11.55 -71.37
CA THR B 94 -34.55 -11.33 -71.46
C THR B 94 -35.23 -11.36 -70.10
N TRP B 95 -34.64 -12.04 -69.12
CA TRP B 95 -35.23 -12.08 -67.78
C TRP B 95 -35.11 -10.75 -67.05
N ASP B 96 -34.12 -9.92 -67.40
CA ASP B 96 -33.99 -8.62 -66.76
C ASP B 96 -35.05 -7.64 -67.24
N ALA B 97 -35.58 -7.84 -68.45
CA ALA B 97 -36.65 -6.98 -68.96
C ALA B 97 -37.94 -7.17 -68.19
N VAL B 98 -38.19 -8.37 -67.68
CA VAL B 98 -39.41 -8.68 -66.95
C VAL B 98 -39.19 -8.59 -65.44
N ARG B 99 -38.14 -7.89 -65.02
CA ARG B 99 -37.82 -7.73 -63.61
C ARG B 99 -38.14 -6.29 -63.19
N TYR B 100 -38.97 -6.15 -62.16
CA TYR B 100 -39.34 -4.85 -61.63
C TYR B 100 -39.15 -4.90 -60.12
N ASN B 101 -38.26 -4.04 -59.62
CA ASN B 101 -37.85 -3.99 -58.20
C ASN B 101 -37.50 -5.39 -57.69
N GLY B 102 -36.68 -6.10 -58.47
CA GLY B 102 -36.23 -7.43 -58.10
C GLY B 102 -37.30 -8.48 -58.06
N LYS B 103 -38.44 -8.25 -58.71
CA LYS B 103 -39.54 -9.21 -58.75
C LYS B 103 -39.82 -9.59 -60.20
N LEU B 104 -39.93 -10.90 -60.46
CA LEU B 104 -40.28 -11.37 -61.79
C LEU B 104 -41.78 -11.25 -62.00
N ILE B 105 -42.17 -10.56 -63.07
CA ILE B 105 -43.58 -10.24 -63.30
C ILE B 105 -44.13 -10.84 -64.59
N ALA B 106 -43.30 -11.37 -65.48
CA ALA B 106 -43.79 -11.91 -66.74
C ALA B 106 -42.75 -12.85 -67.33
N TYR B 107 -43.24 -13.71 -68.24
CA TYR B 107 -42.38 -14.59 -69.04
C TYR B 107 -42.03 -13.90 -70.34
N PRO B 108 -40.75 -13.87 -70.73
CA PRO B 108 -40.38 -13.28 -72.03
C PRO B 108 -40.69 -14.23 -73.18
N ILE B 109 -41.30 -13.69 -74.23
CA ILE B 109 -41.67 -14.46 -75.43
C ILE B 109 -40.79 -14.10 -76.62
N ALA B 110 -40.80 -12.85 -77.04
CA ALA B 110 -40.10 -12.42 -78.25
C ALA B 110 -39.17 -11.26 -77.93
N VAL B 111 -38.21 -11.05 -78.83
CA VAL B 111 -37.19 -10.02 -78.69
C VAL B 111 -37.09 -9.25 -80.00
N GLU B 112 -37.13 -7.91 -79.91
CA GLU B 112 -37.00 -7.06 -81.08
C GLU B 112 -35.96 -5.98 -80.81
N ALA B 113 -35.28 -5.56 -81.87
CA ALA B 113 -34.24 -4.55 -81.78
C ALA B 113 -33.93 -4.02 -83.17
N LEU B 114 -33.46 -2.77 -83.22
CA LEU B 114 -33.11 -2.15 -84.49
C LEU B 114 -31.93 -2.86 -85.15
N SER B 115 -31.96 -2.93 -86.47
CA SER B 115 -30.89 -3.57 -87.24
C SER B 115 -30.57 -2.72 -88.46
N LEU B 116 -29.40 -2.96 -89.03
CA LEU B 116 -28.97 -2.25 -90.23
C LEU B 116 -29.54 -2.94 -91.47
N ILE B 117 -30.31 -2.21 -92.25
CA ILE B 117 -30.90 -2.72 -93.49
C ILE B 117 -30.17 -2.05 -94.66
N TYR B 118 -29.72 -2.87 -95.61
CA TYR B 118 -28.95 -2.37 -96.74
C TYR B 118 -29.53 -2.89 -98.05
N ASN B 119 -29.14 -2.22 -99.14
CA ASN B 119 -29.58 -2.56 -100.49
C ASN B 119 -28.49 -3.40 -101.15
N LYS B 120 -28.76 -4.69 -101.34
CA LYS B 120 -27.75 -5.58 -101.92
C LYS B 120 -27.40 -5.17 -103.34
N ASP B 121 -28.37 -4.62 -104.08
CA ASP B 121 -28.10 -4.18 -105.44
C ASP B 121 -27.14 -3.01 -105.48
N LEU B 122 -27.14 -2.18 -104.43
CA LEU B 122 -26.29 -1.00 -104.36
C LEU B 122 -25.17 -1.13 -103.34
N LEU B 123 -25.15 -2.23 -102.59
CA LEU B 123 -24.14 -2.43 -101.55
C LEU B 123 -24.01 -3.92 -101.27
N PRO B 124 -23.17 -4.64 -102.01
CA PRO B 124 -23.07 -6.10 -101.77
C PRO B 124 -22.61 -6.45 -100.36
N ASN B 125 -21.61 -5.74 -99.85
CA ASN B 125 -21.15 -5.95 -98.48
C ASN B 125 -21.37 -4.67 -97.69
N PRO B 126 -22.17 -4.68 -96.63
CA PRO B 126 -22.44 -3.46 -95.87
C PRO B 126 -21.24 -3.06 -95.04
N PRO B 127 -21.10 -1.78 -94.72
CA PRO B 127 -19.96 -1.34 -93.91
C PRO B 127 -20.02 -1.88 -92.49
N LYS B 128 -18.88 -2.35 -92.00
CA LYS B 128 -18.82 -2.94 -90.67
C LYS B 128 -18.77 -1.89 -89.56
N THR B 129 -18.13 -0.74 -89.82
CA THR B 129 -17.95 0.28 -88.81
C THR B 129 -18.67 1.56 -89.20
N TRP B 130 -18.93 2.40 -88.18
CA TRP B 130 -19.62 3.67 -88.40
C TRP B 130 -18.75 4.66 -89.17
N GLU B 131 -17.44 4.64 -88.93
CA GLU B 131 -16.54 5.63 -89.53
C GLU B 131 -16.41 5.47 -91.04
N GLU B 132 -16.82 4.32 -91.60
CA GLU B 132 -16.79 4.13 -93.04
C GLU B 132 -17.89 4.91 -93.75
N ILE B 133 -18.94 5.31 -93.03
CA ILE B 133 -20.11 5.91 -93.70
C ILE B 133 -19.78 7.22 -94.40
N PRO B 134 -19.04 8.17 -93.79
CA PRO B 134 -18.75 9.41 -94.52
C PRO B 134 -18.03 9.19 -95.84
N ALA B 135 -17.05 8.28 -95.88
CA ALA B 135 -16.36 7.98 -97.12
C ALA B 135 -17.32 7.37 -98.15
N LEU B 136 -18.12 6.39 -97.73
CA LEU B 136 -19.03 5.74 -98.66
C LEU B 136 -20.14 6.66 -99.15
N ASP B 137 -20.46 7.72 -98.39
CA ASP B 137 -21.48 8.66 -98.84
C ASP B 137 -21.00 9.47 -100.04
N LYS B 138 -19.75 9.92 -100.01
CA LYS B 138 -19.21 10.69 -101.12
C LYS B 138 -19.18 9.85 -102.40
N GLU B 139 -18.75 8.59 -102.31
CA GLU B 139 -18.69 7.73 -103.46
C GLU B 139 -20.07 7.42 -104.03
N LEU B 140 -21.11 7.53 -103.20
CA LEU B 140 -22.48 7.31 -103.66
C LEU B 140 -23.17 8.59 -104.11
N LYS B 141 -22.72 9.75 -103.63
CA LYS B 141 -23.28 11.02 -104.08
C LYS B 141 -22.95 11.31 -105.53
N ALA B 142 -21.77 10.86 -106.00
CA ALA B 142 -21.43 11.04 -107.40
C ALA B 142 -22.40 10.32 -108.33
N LYS B 143 -22.92 9.18 -107.90
CA LYS B 143 -23.94 8.46 -108.65
C LYS B 143 -25.36 8.97 -108.38
N GLY B 144 -25.49 10.10 -107.69
CA GLY B 144 -26.79 10.69 -107.45
C GLY B 144 -27.63 9.98 -106.41
N LYS B 145 -27.01 9.42 -105.38
CA LYS B 145 -27.71 8.70 -104.33
C LYS B 145 -27.06 9.01 -102.99
N SER B 146 -27.79 8.72 -101.92
CA SER B 146 -27.30 8.88 -100.56
C SER B 146 -26.97 7.52 -99.96
N ALA B 147 -26.10 7.55 -98.94
CA ALA B 147 -25.63 6.32 -98.31
C ALA B 147 -26.59 5.83 -97.22
N LEU B 148 -26.87 6.69 -96.24
CA LEU B 148 -27.64 6.30 -95.07
C LEU B 148 -28.74 7.32 -94.82
N MET B 149 -29.96 6.82 -94.59
CA MET B 149 -31.10 7.67 -94.24
C MET B 149 -31.98 6.90 -93.28
N PHE B 150 -32.02 7.35 -92.02
CA PHE B 150 -32.91 6.76 -91.03
C PHE B 150 -33.56 7.88 -90.23
N ASN B 151 -34.46 7.51 -89.32
CA ASN B 151 -35.25 8.49 -88.57
C ASN B 151 -34.34 9.21 -87.57
N LEU B 152 -34.15 10.51 -87.76
CA LEU B 152 -33.34 11.32 -86.86
C LEU B 152 -34.16 12.06 -85.80
N GLN B 153 -35.47 12.19 -85.99
CA GLN B 153 -36.28 12.96 -85.05
C GLN B 153 -36.42 12.25 -83.71
N GLU B 154 -36.65 10.93 -83.73
CA GLU B 154 -36.81 10.21 -82.47
C GLU B 154 -35.45 9.76 -81.93
N PRO B 155 -35.26 9.84 -80.61
CA PRO B 155 -33.98 9.40 -80.03
C PRO B 155 -33.83 7.89 -80.00
N TYR B 156 -34.92 7.14 -80.09
CA TYR B 156 -34.84 5.67 -80.08
C TYR B 156 -33.95 5.16 -81.22
N PHE B 157 -33.89 5.90 -82.34
CA PHE B 157 -33.08 5.48 -83.47
C PHE B 157 -31.64 5.97 -83.36
N THR B 158 -31.43 7.18 -82.82
CA THR B 158 -30.10 7.76 -82.73
C THR B 158 -29.35 7.34 -81.46
N TRP B 159 -30.00 6.61 -80.55
CA TRP B 159 -29.39 6.23 -79.29
C TRP B 159 -28.32 5.15 -79.42
N PRO B 160 -28.51 4.11 -80.25
CA PRO B 160 -27.44 3.10 -80.38
C PRO B 160 -26.08 3.67 -80.73
N LEU B 161 -26.03 4.70 -81.58
CA LEU B 161 -24.76 5.37 -81.85
C LEU B 161 -24.27 6.14 -80.63
N ILE B 162 -25.18 6.81 -79.93
CA ILE B 162 -24.79 7.61 -78.76
C ILE B 162 -24.28 6.69 -77.65
N ALA B 163 -24.99 5.61 -77.37
CA ALA B 163 -24.63 4.70 -76.30
C ALA B 163 -23.51 3.75 -76.68
N ALA B 164 -22.97 3.84 -77.90
CA ALA B 164 -21.96 2.89 -78.36
C ALA B 164 -20.70 2.96 -77.49
N ASP B 165 -20.15 4.16 -77.32
CA ASP B 165 -18.89 4.33 -76.60
C ASP B 165 -19.07 4.45 -75.09
N GLY B 166 -20.25 4.10 -74.56
CA GLY B 166 -20.43 4.08 -73.12
C GLY B 166 -21.58 4.92 -72.61
N GLY B 167 -22.47 5.36 -73.49
CA GLY B 167 -23.66 6.06 -73.06
C GLY B 167 -24.70 5.11 -72.49
N TYR B 168 -25.50 5.63 -71.56
CA TYR B 168 -26.56 4.83 -70.95
C TYR B 168 -27.59 5.74 -70.32
N ALA B 169 -28.81 5.23 -70.19
CA ALA B 169 -29.90 6.00 -69.59
C ALA B 169 -29.82 5.97 -68.07
N PHE B 170 -29.96 4.77 -67.50
CA PHE B 170 -29.87 4.58 -66.06
C PHE B 170 -29.03 3.33 -65.81
N LYS B 171 -28.05 3.43 -64.93
CA LYS B 171 -27.15 2.30 -64.67
C LYS B 171 -27.93 1.13 -64.08
N TYR B 172 -27.87 -0.01 -64.77
CA TYR B 172 -28.52 -1.24 -64.30
C TYR B 172 -27.45 -2.07 -63.60
N GLU B 173 -27.62 -2.25 -62.29
CA GLU B 173 -26.66 -3.00 -61.48
C GLU B 173 -27.42 -3.72 -60.39
N ASN B 174 -27.18 -5.03 -60.25
CA ASN B 174 -27.82 -5.86 -59.23
C ASN B 174 -29.33 -5.85 -59.38
N GLY B 175 -29.80 -5.84 -60.63
CA GLY B 175 -31.23 -5.88 -60.89
C GLY B 175 -31.99 -4.65 -60.47
N LYS B 176 -31.30 -3.51 -60.29
CA LYS B 176 -31.94 -2.28 -59.87
C LYS B 176 -31.45 -1.12 -60.73
N TYR B 177 -32.38 -0.27 -61.13
CA TYR B 177 -32.06 0.93 -61.90
C TYR B 177 -31.78 2.08 -60.94
N ASP B 178 -30.54 2.59 -60.97
CA ASP B 178 -30.16 3.71 -60.11
C ASP B 178 -30.65 5.00 -60.75
N ILE B 179 -31.68 5.61 -60.16
CA ILE B 179 -32.26 6.83 -60.72
C ILE B 179 -31.32 8.02 -60.58
N LYS B 180 -30.35 7.95 -59.67
CA LYS B 180 -29.44 9.07 -59.44
C LYS B 180 -28.22 9.05 -60.34
N ASP B 181 -28.02 7.99 -61.13
CA ASP B 181 -26.86 7.86 -62.01
C ASP B 181 -27.36 7.86 -63.46
N VAL B 182 -27.15 8.97 -64.15
CA VAL B 182 -27.51 9.13 -65.56
C VAL B 182 -26.23 9.25 -66.37
N GLY B 183 -26.21 8.61 -67.53
CA GLY B 183 -25.03 8.58 -68.37
C GLY B 183 -25.20 9.21 -69.74
N VAL B 184 -25.86 10.36 -69.79
CA VAL B 184 -26.10 11.02 -71.07
C VAL B 184 -25.02 12.04 -71.45
N ASP B 185 -24.29 12.57 -70.48
CA ASP B 185 -23.27 13.58 -70.77
C ASP B 185 -21.84 13.06 -70.56
N ASN B 186 -21.66 11.74 -70.49
CA ASN B 186 -20.31 11.22 -70.37
C ASN B 186 -19.59 11.25 -71.71
N ALA B 187 -18.29 10.95 -71.68
CA ALA B 187 -17.47 11.05 -72.87
C ALA B 187 -17.95 10.13 -73.98
N GLY B 188 -18.48 8.95 -73.63
CA GLY B 188 -18.98 8.04 -74.66
C GLY B 188 -20.16 8.61 -75.41
N ALA B 189 -21.16 9.11 -74.67
CA ALA B 189 -22.33 9.70 -75.32
C ALA B 189 -21.97 10.98 -76.07
N LYS B 190 -21.03 11.75 -75.54
CA LYS B 190 -20.59 12.96 -76.22
C LYS B 190 -19.93 12.64 -77.55
N ALA B 191 -19.00 11.68 -77.55
CA ALA B 191 -18.35 11.28 -78.78
C ALA B 191 -19.35 10.67 -79.77
N GLY B 192 -20.33 9.93 -79.25
CA GLY B 192 -21.34 9.34 -80.12
C GLY B 192 -22.17 10.37 -80.85
N LEU B 193 -22.76 11.31 -80.10
CA LEU B 193 -23.61 12.31 -80.72
C LEU B 193 -22.82 13.27 -81.61
N THR B 194 -21.56 13.53 -81.26
CA THR B 194 -20.73 14.40 -82.10
C THR B 194 -20.56 13.82 -83.50
N PHE B 195 -20.39 12.50 -83.60
CA PHE B 195 -20.27 11.87 -84.91
C PHE B 195 -21.55 12.00 -85.72
N LEU B 196 -22.70 11.87 -85.05
CA LEU B 196 -23.98 12.03 -85.74
C LEU B 196 -24.14 13.45 -86.26
N VAL B 197 -23.76 14.44 -85.45
CA VAL B 197 -23.84 15.83 -85.88
C VAL B 197 -22.87 16.10 -87.02
N ASP B 198 -21.68 15.50 -86.95
CA ASP B 198 -20.70 15.68 -88.02
C ASP B 198 -21.18 15.09 -89.33
N LEU B 199 -21.99 14.03 -89.29
CA LEU B 199 -22.61 13.52 -90.51
C LEU B 199 -23.61 14.51 -91.08
N ILE B 200 -24.23 15.32 -90.23
CA ILE B 200 -25.20 16.30 -90.69
C ILE B 200 -24.50 17.54 -91.21
N LYS B 201 -23.44 17.99 -90.53
CA LYS B 201 -22.71 19.16 -90.98
C LYS B 201 -22.02 18.92 -92.31
N ASN B 202 -21.55 17.69 -92.55
CA ASN B 202 -20.90 17.34 -93.81
C ASN B 202 -21.89 17.01 -94.92
N LYS B 203 -23.18 17.28 -94.71
CA LYS B 203 -24.22 17.05 -95.71
C LYS B 203 -24.33 15.59 -96.11
N HIS B 204 -23.96 14.68 -95.20
CA HIS B 204 -24.18 13.25 -95.42
C HIS B 204 -25.56 12.81 -94.95
N MET B 205 -26.17 13.53 -94.00
CA MET B 205 -27.52 13.26 -93.54
C MET B 205 -28.26 14.58 -93.38
N ASN B 206 -29.58 14.49 -93.42
CA ASN B 206 -30.44 15.66 -93.24
C ASN B 206 -31.03 15.63 -91.84
N ALA B 207 -30.89 16.73 -91.11
CA ALA B 207 -31.40 16.80 -89.74
C ALA B 207 -32.91 16.77 -89.67
N ASP B 208 -33.60 16.90 -90.80
CA ASP B 208 -35.06 16.90 -90.85
C ASP B 208 -35.65 15.56 -91.25
N THR B 209 -34.82 14.57 -91.59
CA THR B 209 -35.31 13.27 -92.03
C THR B 209 -36.10 12.60 -90.92
N ASP B 210 -37.40 12.40 -91.18
CA ASP B 210 -38.27 11.66 -90.27
C ASP B 210 -38.38 10.21 -90.72
N TYR B 211 -39.28 9.46 -90.09
CA TYR B 211 -39.48 8.06 -90.47
C TYR B 211 -40.04 7.92 -91.87
N SER B 212 -40.99 8.79 -92.25
CA SER B 212 -41.61 8.70 -93.57
C SER B 212 -40.59 8.94 -94.68
N ILE B 213 -39.80 10.00 -94.56
CA ILE B 213 -38.82 10.31 -95.61
C ILE B 213 -37.79 9.20 -95.73
N ALA B 214 -37.34 8.65 -94.60
CA ALA B 214 -36.31 7.62 -94.63
C ALA B 214 -36.85 6.33 -95.23
N GLU B 215 -38.06 5.93 -94.85
CA GLU B 215 -38.63 4.69 -95.39
C GLU B 215 -38.87 4.80 -96.88
N ALA B 216 -39.42 5.93 -97.34
CA ALA B 216 -39.66 6.12 -98.76
C ALA B 216 -38.36 6.11 -99.55
N ALA B 217 -37.34 6.80 -99.05
CA ALA B 217 -36.05 6.85 -99.74
C ALA B 217 -35.47 5.45 -99.93
N PHE B 218 -35.55 4.61 -98.90
CA PHE B 218 -34.95 3.29 -99.00
C PHE B 218 -35.80 2.33 -99.83
N ASN B 219 -37.12 2.35 -99.62
CA ASN B 219 -37.99 1.44 -100.36
C ASN B 219 -38.10 1.78 -101.83
N LYS B 220 -37.54 2.92 -102.25
CA LYS B 220 -37.50 3.30 -103.67
C LYS B 220 -36.06 3.37 -104.18
N GLY B 221 -35.12 2.75 -103.47
CA GLY B 221 -33.74 2.69 -103.92
C GLY B 221 -33.06 4.02 -104.10
N GLU B 222 -33.45 5.03 -103.33
CA GLU B 222 -32.76 6.32 -103.36
C GLU B 222 -31.61 6.40 -102.37
N THR B 223 -31.61 5.54 -101.34
CA THR B 223 -30.52 5.47 -100.40
C THR B 223 -30.10 4.02 -100.24
N ALA B 224 -28.86 3.81 -99.80
CA ALA B 224 -28.30 2.47 -99.72
C ALA B 224 -28.65 1.76 -98.41
N MET B 225 -28.65 2.48 -97.29
CA MET B 225 -28.84 1.88 -95.99
C MET B 225 -29.89 2.63 -95.19
N THR B 226 -30.51 1.91 -94.25
CA THR B 226 -31.43 2.50 -93.29
C THR B 226 -31.35 1.70 -92.00
N ILE B 227 -31.83 2.31 -90.92
CA ILE B 227 -31.89 1.66 -89.61
C ILE B 227 -33.37 1.56 -89.23
N ASN B 228 -33.84 0.34 -89.01
CA ASN B 228 -35.24 0.11 -88.70
C ASN B 228 -35.37 -1.26 -88.03
N GLY B 229 -36.59 -1.58 -87.61
CA GLY B 229 -36.86 -2.81 -86.91
C GLY B 229 -37.60 -3.82 -87.75
N PRO B 230 -37.95 -4.97 -87.16
CA PRO B 230 -38.67 -6.01 -87.91
C PRO B 230 -39.99 -5.54 -88.50
N TRP B 231 -40.63 -4.55 -87.88
CA TRP B 231 -41.91 -4.06 -88.39
C TRP B 231 -41.79 -3.51 -89.81
N ALA B 232 -40.64 -2.94 -90.15
CA ALA B 232 -40.45 -2.33 -91.47
C ALA B 232 -40.18 -3.35 -92.57
N TRP B 233 -39.93 -4.61 -92.22
CA TRP B 233 -39.61 -5.61 -93.24
C TRP B 233 -40.78 -5.81 -94.20
N SER B 234 -42.02 -5.80 -93.68
CA SER B 234 -43.18 -6.10 -94.51
C SER B 234 -43.33 -5.12 -95.67
N ASN B 235 -42.91 -3.87 -95.48
CA ASN B 235 -43.07 -2.88 -96.54
C ASN B 235 -41.95 -2.97 -97.56
N ILE B 236 -40.74 -3.35 -97.14
CA ILE B 236 -39.66 -3.56 -98.11
C ILE B 236 -39.79 -4.90 -98.82
N ASP B 237 -40.53 -5.85 -98.25
CA ASP B 237 -40.78 -7.11 -98.96
C ASP B 237 -41.55 -6.86 -100.24
N THR B 238 -42.56 -5.99 -100.20
CA THR B 238 -43.35 -5.70 -101.40
C THR B 238 -42.51 -5.02 -102.47
N SER B 239 -41.69 -4.06 -102.07
CA SER B 239 -40.76 -3.43 -103.01
C SER B 239 -39.72 -4.45 -103.47
N LYS B 240 -39.40 -4.42 -104.76
CA LYS B 240 -38.42 -5.36 -105.30
C LYS B 240 -36.97 -4.96 -105.00
N VAL B 241 -36.75 -3.95 -104.17
CA VAL B 241 -35.39 -3.62 -103.74
C VAL B 241 -34.87 -4.75 -102.85
N ASN B 242 -33.92 -5.52 -103.37
CA ASN B 242 -33.38 -6.67 -102.65
C ASN B 242 -32.66 -6.19 -101.39
N TYR B 243 -33.19 -6.50 -100.21
CA TYR B 243 -32.65 -5.97 -98.98
C TYR B 243 -32.10 -7.08 -98.11
N GLY B 244 -31.07 -6.73 -97.33
CA GLY B 244 -30.52 -7.62 -96.33
C GLY B 244 -30.52 -6.94 -94.98
N VAL B 245 -30.70 -7.74 -93.93
CA VAL B 245 -30.71 -7.26 -92.56
C VAL B 245 -29.47 -7.80 -91.86
N THR B 246 -28.58 -6.90 -91.44
CA THR B 246 -27.30 -7.28 -90.88
C THR B 246 -27.09 -6.58 -89.54
N VAL B 247 -25.93 -6.83 -88.93
CA VAL B 247 -25.60 -6.24 -87.65
C VAL B 247 -25.38 -4.74 -87.82
N LEU B 248 -25.62 -4.00 -86.74
CA LEU B 248 -25.41 -2.56 -86.77
C LEU B 248 -23.93 -2.23 -86.84
N PRO B 249 -23.56 -1.10 -87.45
CA PRO B 249 -22.15 -0.73 -87.55
C PRO B 249 -21.55 -0.46 -86.17
N THR B 250 -20.26 -0.76 -86.04
CA THR B 250 -19.54 -0.47 -84.82
C THR B 250 -18.99 0.95 -84.85
N PHE B 251 -18.90 1.57 -83.68
CA PHE B 251 -18.42 2.94 -83.56
C PHE B 251 -17.26 2.95 -82.58
N LYS B 252 -16.11 3.47 -83.02
CA LYS B 252 -14.90 3.51 -82.22
C LYS B 252 -14.53 2.11 -81.72
N GLY B 253 -14.73 1.11 -82.58
CA GLY B 253 -14.46 -0.26 -82.23
C GLY B 253 -15.52 -0.92 -81.39
N GLN B 254 -16.35 -0.13 -80.68
CA GLN B 254 -17.41 -0.59 -79.79
C GLN B 254 -18.70 -0.82 -80.58
N PRO B 255 -19.49 -1.82 -80.18
CA PRO B 255 -20.73 -2.11 -80.90
C PRO B 255 -21.85 -1.16 -80.55
N SER B 256 -22.75 -0.96 -81.53
CA SER B 256 -23.95 -0.18 -81.29
C SER B 256 -24.83 -0.87 -80.25
N LYS B 257 -25.47 -0.06 -79.40
CA LYS B 257 -26.29 -0.55 -78.30
C LYS B 257 -27.73 -0.09 -78.50
N PRO B 258 -28.51 -0.78 -79.34
CA PRO B 258 -29.90 -0.42 -79.52
C PRO B 258 -30.78 -0.89 -78.36
N PHE B 259 -31.87 -0.16 -78.14
CA PHE B 259 -32.84 -0.54 -77.12
C PHE B 259 -33.56 -1.82 -77.53
N VAL B 260 -33.72 -2.73 -76.58
CA VAL B 260 -34.29 -4.04 -76.82
C VAL B 260 -35.70 -4.09 -76.23
N GLY B 261 -36.67 -4.45 -77.05
CA GLY B 261 -38.04 -4.64 -76.61
C GLY B 261 -38.33 -6.13 -76.50
N VAL B 262 -38.94 -6.52 -75.37
CA VAL B 262 -39.21 -7.91 -75.06
C VAL B 262 -40.71 -8.10 -74.91
N LEU B 263 -41.32 -8.79 -75.87
CA LEU B 263 -42.72 -9.20 -75.77
C LEU B 263 -42.89 -10.13 -74.57
N SER B 264 -43.64 -9.70 -73.56
CA SER B 264 -43.78 -10.45 -72.32
C SER B 264 -45.24 -10.83 -72.10
N ALA B 265 -45.45 -11.94 -71.39
CA ALA B 265 -46.78 -12.43 -71.02
C ALA B 265 -46.89 -12.44 -69.51
N GLY B 266 -47.66 -11.51 -68.96
CA GLY B 266 -47.87 -11.43 -67.53
C GLY B 266 -49.17 -12.09 -67.11
N ILE B 267 -49.23 -12.48 -65.84
CA ILE B 267 -50.40 -13.09 -65.23
C ILE B 267 -51.07 -12.06 -64.33
N ASN B 268 -52.38 -11.91 -64.47
CA ASN B 268 -53.13 -10.96 -63.67
C ASN B 268 -53.08 -11.36 -62.20
N ALA B 269 -52.77 -10.38 -61.34
CA ALA B 269 -52.71 -10.61 -59.90
C ALA B 269 -54.08 -10.89 -59.29
N ALA B 270 -55.17 -10.61 -60.00
CA ALA B 270 -56.51 -10.89 -59.52
C ALA B 270 -57.07 -12.19 -60.06
N SER B 271 -56.31 -12.91 -60.87
CA SER B 271 -56.79 -14.16 -61.45
C SER B 271 -56.68 -15.29 -60.43
N PRO B 272 -57.74 -16.07 -60.22
CA PRO B 272 -57.65 -17.22 -59.32
C PRO B 272 -57.02 -18.45 -59.96
N ASN B 273 -56.55 -18.34 -61.21
CA ASN B 273 -55.98 -19.45 -61.95
C ASN B 273 -54.51 -19.17 -62.27
N LYS B 274 -53.78 -18.64 -61.28
CA LYS B 274 -52.37 -18.31 -61.50
C LYS B 274 -51.52 -19.56 -61.74
N GLU B 275 -51.91 -20.69 -61.15
CA GLU B 275 -51.18 -21.94 -61.39
C GLU B 275 -51.51 -22.51 -62.76
N LEU B 276 -52.76 -22.36 -63.21
CA LEU B 276 -53.12 -22.82 -64.55
C LEU B 276 -52.39 -22.02 -65.63
N ALA B 277 -52.27 -20.71 -65.43
CA ALA B 277 -51.57 -19.88 -66.41
C ALA B 277 -50.09 -20.23 -66.47
N LYS B 278 -49.48 -20.54 -65.33
CA LYS B 278 -48.07 -20.92 -65.33
C LYS B 278 -47.84 -22.20 -66.13
N GLU B 279 -48.73 -23.18 -65.98
CA GLU B 279 -48.59 -24.42 -66.73
C GLU B 279 -48.77 -24.19 -68.22
N PHE B 280 -49.72 -23.35 -68.60
CA PHE B 280 -49.94 -23.06 -70.02
C PHE B 280 -48.72 -22.38 -70.64
N LEU B 281 -48.12 -21.44 -69.91
CA LEU B 281 -47.00 -20.66 -70.46
C LEU B 281 -45.71 -21.47 -70.44
N GLU B 282 -45.41 -22.13 -69.32
CA GLU B 282 -44.13 -22.83 -69.18
C GLU B 282 -44.11 -24.13 -69.98
N ASN B 283 -45.23 -24.86 -70.03
CA ASN B 283 -45.22 -26.20 -70.60
C ASN B 283 -45.83 -26.28 -71.98
N TYR B 284 -46.60 -25.28 -72.41
CA TYR B 284 -47.27 -25.34 -73.71
C TYR B 284 -46.87 -24.24 -74.66
N LEU B 285 -46.78 -22.99 -74.19
CA LEU B 285 -46.46 -21.89 -75.09
C LEU B 285 -44.96 -21.71 -75.29
N LEU B 286 -44.20 -21.63 -74.19
CA LEU B 286 -42.75 -21.45 -74.28
C LEU B 286 -42.06 -22.78 -74.57
N THR B 287 -42.45 -23.37 -75.70
CA THR B 287 -41.86 -24.61 -76.19
C THR B 287 -41.71 -24.50 -77.69
N ASP B 288 -40.94 -25.43 -78.28
CA ASP B 288 -40.77 -25.43 -79.72
C ASP B 288 -42.10 -25.60 -80.46
N GLU B 289 -43.02 -26.37 -79.87
CA GLU B 289 -44.32 -26.57 -80.50
C GLU B 289 -45.23 -25.35 -80.32
N GLY B 290 -45.16 -24.71 -79.15
CA GLY B 290 -46.04 -23.57 -78.89
C GLY B 290 -45.67 -22.34 -79.71
N LEU B 291 -44.39 -21.99 -79.72
CA LEU B 291 -43.96 -20.82 -80.49
C LEU B 291 -44.16 -21.03 -81.98
N GLU B 292 -43.93 -22.25 -82.47
CA GLU B 292 -44.14 -22.53 -83.88
C GLU B 292 -45.59 -22.31 -84.29
N ALA B 293 -46.53 -22.75 -83.45
CA ALA B 293 -47.95 -22.56 -83.75
C ALA B 293 -48.28 -21.07 -83.89
N VAL B 294 -47.75 -20.25 -82.98
CA VAL B 294 -47.93 -18.81 -83.10
C VAL B 294 -47.16 -18.27 -84.30
N ASN B 295 -45.98 -18.82 -84.56
CA ASN B 295 -45.14 -18.32 -85.65
C ASN B 295 -45.81 -18.51 -87.00
N LYS B 296 -46.54 -19.62 -87.18
CA LYS B 296 -47.18 -19.87 -88.46
C LYS B 296 -48.25 -18.84 -88.79
N ASP B 297 -48.96 -18.34 -87.76
CA ASP B 297 -49.99 -17.33 -88.01
C ASP B 297 -49.35 -15.98 -88.34
N LYS B 298 -48.58 -15.43 -87.41
CA LYS B 298 -47.87 -14.18 -87.62
C LYS B 298 -46.46 -14.37 -87.07
N PRO B 299 -45.43 -13.99 -87.82
CA PRO B 299 -44.06 -14.21 -87.36
C PRO B 299 -43.77 -13.49 -86.04
N LEU B 300 -43.07 -14.20 -85.15
CA LEU B 300 -42.67 -13.64 -83.87
C LEU B 300 -41.34 -12.91 -83.91
N GLY B 301 -40.58 -13.06 -85.00
CA GLY B 301 -39.24 -12.51 -85.03
C GLY B 301 -38.31 -13.34 -84.19
N ALA B 302 -37.41 -12.67 -83.46
CA ALA B 302 -36.59 -13.38 -82.50
C ALA B 302 -37.42 -13.78 -81.29
N VAL B 303 -36.97 -14.82 -80.60
CA VAL B 303 -37.68 -15.36 -79.44
C VAL B 303 -36.69 -15.55 -78.30
N ALA B 304 -37.21 -15.44 -77.07
CA ALA B 304 -36.36 -15.62 -75.90
C ALA B 304 -36.01 -17.07 -75.65
N LEU B 305 -36.79 -18.01 -76.20
CA LEU B 305 -36.53 -19.43 -76.00
C LEU B 305 -35.31 -19.85 -76.81
N LYS B 306 -34.28 -20.35 -76.12
CA LYS B 306 -33.03 -20.71 -76.80
C LYS B 306 -33.25 -21.80 -77.85
N SER B 307 -34.07 -22.81 -77.53
CA SER B 307 -34.27 -23.93 -78.44
C SER B 307 -34.81 -23.47 -79.78
N TYR B 308 -35.94 -22.75 -79.76
CA TYR B 308 -36.59 -22.34 -81.01
C TYR B 308 -35.85 -21.21 -81.70
N GLU B 309 -35.06 -20.42 -80.97
CA GLU B 309 -34.31 -19.34 -81.60
C GLU B 309 -33.25 -19.89 -82.55
N GLU B 310 -32.63 -21.01 -82.19
CA GLU B 310 -31.63 -21.62 -83.06
C GLU B 310 -32.26 -22.06 -84.39
N GLU B 311 -33.51 -22.54 -84.34
CA GLU B 311 -34.21 -22.88 -85.58
C GLU B 311 -34.58 -21.62 -86.36
N LEU B 312 -34.99 -20.56 -85.66
CA LEU B 312 -35.39 -19.33 -86.33
C LEU B 312 -34.18 -18.54 -86.84
N ALA B 313 -33.02 -18.69 -86.20
CA ALA B 313 -31.83 -17.94 -86.58
C ALA B 313 -31.35 -18.27 -87.99
N LYS B 314 -31.86 -19.34 -88.61
CA LYS B 314 -31.52 -19.63 -89.99
C LYS B 314 -31.91 -18.49 -90.92
N ASP B 315 -32.91 -17.71 -90.56
CA ASP B 315 -33.20 -16.48 -91.27
C ASP B 315 -32.15 -15.44 -90.91
N PRO B 316 -31.39 -14.92 -91.87
CA PRO B 316 -30.37 -13.91 -91.52
C PRO B 316 -30.94 -12.66 -90.90
N ARG B 317 -32.18 -12.30 -91.24
CA ARG B 317 -32.81 -11.12 -90.63
C ARG B 317 -33.09 -11.35 -89.15
N ILE B 318 -33.63 -12.52 -88.81
CA ILE B 318 -33.92 -12.84 -87.42
C ILE B 318 -32.62 -13.01 -86.63
N ALA B 319 -31.62 -13.65 -87.24
CA ALA B 319 -30.33 -13.80 -86.58
C ALA B 319 -29.67 -12.45 -86.32
N ALA B 320 -29.89 -11.48 -87.21
CA ALA B 320 -29.33 -10.15 -87.01
C ALA B 320 -30.05 -9.41 -85.89
N THR B 321 -31.39 -9.49 -85.88
CA THR B 321 -32.16 -8.86 -84.82
C THR B 321 -31.77 -9.41 -83.45
N MET B 322 -31.57 -10.72 -83.35
CA MET B 322 -31.12 -11.32 -82.09
C MET B 322 -29.70 -10.88 -81.75
N GLU B 323 -28.83 -10.80 -82.76
CA GLU B 323 -27.46 -10.37 -82.52
C GLU B 323 -27.40 -8.94 -82.01
N ASN B 324 -28.11 -8.03 -82.66
CA ASN B 324 -28.12 -6.64 -82.22
C ASN B 324 -28.74 -6.50 -80.84
N ALA B 325 -29.75 -7.32 -80.54
CA ALA B 325 -30.42 -7.23 -79.24
C ALA B 325 -29.48 -7.63 -78.10
N GLN B 326 -28.65 -8.64 -78.32
CA GLN B 326 -27.72 -9.06 -77.28
C GLN B 326 -26.63 -8.02 -77.04
N LYS B 327 -26.26 -7.28 -78.08
CA LYS B 327 -25.27 -6.22 -77.92
C LYS B 327 -25.86 -5.01 -77.22
N GLY B 328 -27.15 -4.73 -77.46
CA GLY B 328 -27.80 -3.58 -76.87
C GLY B 328 -28.20 -3.80 -75.43
N GLU B 329 -28.93 -2.81 -74.90
CA GLU B 329 -29.41 -2.81 -73.53
C GLU B 329 -30.93 -2.88 -73.50
N ILE B 330 -31.46 -3.60 -72.51
CA ILE B 330 -32.90 -3.69 -72.36
C ILE B 330 -33.46 -2.32 -72.04
N MET B 331 -34.55 -1.96 -72.73
CA MET B 331 -35.16 -0.65 -72.50
C MET B 331 -35.73 -0.59 -71.09
N PRO B 332 -35.39 0.44 -70.31
CA PRO B 332 -35.93 0.53 -68.94
C PRO B 332 -37.43 0.77 -68.95
N ASN B 333 -38.12 0.02 -68.08
CA ASN B 333 -39.57 0.12 -67.94
C ASN B 333 -39.97 0.98 -66.76
N ILE B 334 -39.04 1.74 -66.19
CA ILE B 334 -39.31 2.62 -65.04
C ILE B 334 -40.00 3.88 -65.56
N PRO B 335 -40.79 4.57 -64.72
CA PRO B 335 -41.49 5.77 -65.20
C PRO B 335 -40.58 6.98 -65.39
N GLN B 336 -39.34 6.93 -64.90
CA GLN B 336 -38.43 8.06 -65.11
C GLN B 336 -37.94 8.17 -66.54
N MET B 337 -38.25 7.19 -67.39
CA MET B 337 -37.87 7.27 -68.80
C MET B 337 -38.52 8.46 -69.49
N SER B 338 -39.68 8.90 -68.99
CA SER B 338 -40.36 10.05 -69.58
C SER B 338 -39.46 11.28 -69.60
N ALA B 339 -38.70 11.50 -68.52
CA ALA B 339 -37.75 12.60 -68.51
C ALA B 339 -36.55 12.30 -69.40
N PHE B 340 -36.12 11.04 -69.45
CA PHE B 340 -34.99 10.67 -70.29
C PHE B 340 -35.31 10.91 -71.77
N TRP B 341 -36.49 10.47 -72.21
CA TRP B 341 -36.86 10.62 -73.61
C TRP B 341 -36.90 12.09 -74.02
N TYR B 342 -37.60 12.92 -73.23
CA TYR B 342 -37.65 14.35 -73.52
C TYR B 342 -36.25 14.95 -73.53
N ALA B 343 -35.39 14.51 -72.62
CA ALA B 343 -34.04 15.07 -72.54
C ALA B 343 -33.23 14.75 -73.80
N VAL B 344 -33.21 13.48 -74.21
CA VAL B 344 -32.42 13.09 -75.35
C VAL B 344 -33.05 13.60 -76.65
N ARG B 345 -34.38 13.55 -76.74
CA ARG B 345 -35.06 14.06 -77.93
C ARG B 345 -34.68 15.52 -78.20
N THR B 346 -34.73 16.36 -77.15
CA THR B 346 -34.41 17.77 -77.34
C THR B 346 -32.92 17.98 -77.54
N ALA B 347 -32.07 17.15 -76.93
CA ALA B 347 -30.63 17.30 -77.08
C ALA B 347 -30.18 16.96 -78.49
N VAL B 348 -30.66 15.83 -79.02
CA VAL B 348 -30.30 15.43 -80.38
C VAL B 348 -30.85 16.42 -81.41
N ILE B 349 -32.05 16.94 -81.16
CA ILE B 349 -32.63 17.92 -82.07
C ILE B 349 -31.80 19.21 -82.06
N ASN B 350 -31.46 19.70 -80.86
CA ASN B 350 -30.69 20.93 -80.76
C ASN B 350 -29.29 20.77 -81.31
N ALA B 351 -28.67 19.61 -81.08
CA ALA B 351 -27.32 19.38 -81.59
C ALA B 351 -27.31 19.29 -83.11
N ALA B 352 -28.33 18.66 -83.69
CA ALA B 352 -28.40 18.54 -85.14
C ALA B 352 -28.67 19.90 -85.79
N SER B 353 -29.64 20.65 -85.26
CA SER B 353 -30.02 21.93 -85.84
C SER B 353 -29.00 23.02 -85.59
N GLY B 354 -27.98 22.78 -84.77
CA GLY B 354 -26.98 23.78 -84.46
C GLY B 354 -27.36 24.75 -83.36
N ARG B 355 -28.58 24.66 -82.82
CA ARG B 355 -28.98 25.56 -81.74
C ARG B 355 -28.08 25.40 -80.51
N GLN B 356 -27.59 24.19 -80.27
CA GLN B 356 -26.68 23.94 -79.17
C GLN B 356 -25.54 23.05 -79.67
N THR B 357 -24.41 23.13 -78.97
CA THR B 357 -23.31 22.21 -79.24
C THR B 357 -23.55 20.89 -78.54
N VAL B 358 -22.81 19.86 -78.99
CA VAL B 358 -22.94 18.55 -78.38
C VAL B 358 -22.55 18.62 -76.91
N ASP B 359 -21.54 19.43 -76.58
CA ASP B 359 -21.13 19.59 -75.18
C ASP B 359 -22.23 20.27 -74.37
N GLU B 360 -22.89 21.28 -74.95
CA GLU B 360 -23.94 22.00 -74.23
C GLU B 360 -25.26 21.23 -74.21
N ALA B 361 -25.63 20.62 -75.34
CA ALA B 361 -26.92 19.94 -75.42
C ALA B 361 -26.99 18.74 -74.49
N LEU B 362 -25.91 17.97 -74.41
CA LEU B 362 -25.92 16.78 -73.58
C LEU B 362 -25.79 17.12 -72.10
N LYS B 363 -25.16 18.26 -71.78
CA LYS B 363 -25.08 18.71 -70.40
C LYS B 363 -26.48 19.00 -69.84
N ASP B 364 -27.30 19.72 -70.62
CA ASP B 364 -28.66 19.98 -70.20
C ASP B 364 -29.55 18.75 -70.30
N ALA B 365 -29.17 17.75 -71.10
CA ALA B 365 -29.95 16.53 -71.19
C ALA B 365 -29.87 15.72 -69.90
N GLN B 366 -28.71 15.68 -69.26
CA GLN B 366 -28.59 14.93 -68.02
C GLN B 366 -29.28 15.65 -66.86
N THR B 367 -29.32 16.99 -66.89
CA THR B 367 -30.10 17.72 -65.90
C THR B 367 -31.59 17.40 -66.04
N ALA B 368 -32.08 17.30 -67.27
CA ALA B 368 -33.49 17.02 -67.49
C ALA B 368 -33.82 15.55 -67.20
N ALA B 369 -32.89 14.64 -67.48
CA ALA B 369 -33.14 13.23 -67.23
C ALA B 369 -33.21 12.94 -65.73
N ARG B 370 -32.33 13.57 -64.94
CA ARG B 370 -32.34 13.41 -63.49
C ARG B 370 -33.40 14.28 -62.83
N ALA B 371 -34.05 15.17 -63.58
CA ALA B 371 -34.93 16.19 -63.02
C ALA B 371 -35.99 15.62 -62.09
N PHE B 372 -36.34 14.35 -62.23
CA PHE B 372 -37.29 13.73 -61.32
C PHE B 372 -36.67 13.38 -59.96
N ALA B 373 -35.38 13.62 -59.79
CA ALA B 373 -34.71 13.40 -58.51
C ALA B 373 -33.98 14.68 -58.10
N ALA B 374 -33.95 14.93 -56.80
CA ALA B 374 -33.33 16.14 -56.25
C ALA B 374 -31.88 16.25 -56.69
N ALA B 375 -31.55 17.37 -57.33
CA ALA B 375 -30.17 17.60 -57.77
C ALA B 375 -29.25 17.68 -56.58
N SER B 376 -27.99 17.26 -56.78
CA SER B 376 -27.05 17.11 -55.68
C SER B 376 -26.64 18.42 -55.03
N GLY B 377 -27.17 19.55 -55.48
CA GLY B 377 -26.86 20.83 -54.89
C GLY B 377 -27.76 21.17 -53.72
N SER B 378 -28.30 22.39 -53.74
CA SER B 378 -29.25 22.82 -52.72
C SER B 378 -30.48 21.92 -52.59
N PRO B 379 -31.14 21.46 -53.67
CA PRO B 379 -32.38 20.67 -53.47
C PRO B 379 -32.18 19.37 -52.71
N ALA B 380 -31.10 18.63 -52.95
CA ALA B 380 -30.88 17.39 -52.22
C ALA B 380 -30.57 17.66 -50.75
N ASP B 381 -29.78 18.70 -50.48
CA ASP B 381 -29.36 18.97 -49.11
C ASP B 381 -30.51 19.53 -48.27
N ILE B 382 -31.34 20.38 -48.85
CA ILE B 382 -32.44 20.98 -48.10
C ILE B 382 -33.45 19.93 -47.65
N LEU B 383 -33.61 18.86 -48.44
CA LEU B 383 -34.55 17.82 -48.03
C LEU B 383 -34.00 16.99 -46.88
N ASP B 384 -32.69 16.70 -46.91
CA ASP B 384 -32.08 15.97 -45.80
C ASP B 384 -32.04 16.79 -44.52
N GLU B 385 -31.91 18.12 -44.63
CA GLU B 385 -31.83 18.94 -43.42
C GLU B 385 -33.18 19.10 -42.74
N LEU B 386 -34.25 19.26 -43.51
CA LEU B 386 -35.58 19.24 -42.88
C LEU B 386 -35.89 17.86 -42.30
N THR B 387 -35.37 16.80 -42.91
CA THR B 387 -35.57 15.47 -42.37
C THR B 387 -34.73 15.27 -41.11
N GLU B 388 -33.49 15.75 -41.12
CA GLU B 388 -32.65 15.65 -39.93
C GLU B 388 -33.19 16.52 -38.79
N LEU B 389 -33.89 17.61 -39.12
CA LEU B 389 -34.51 18.43 -38.09
C LEU B 389 -35.74 17.75 -37.52
N THR B 390 -36.46 16.99 -38.34
CA THR B 390 -37.61 16.23 -37.83
C THR B 390 -37.16 15.07 -36.94
N GLU B 391 -35.95 14.55 -37.18
CA GLU B 391 -35.40 13.53 -36.30
C GLU B 391 -35.03 14.12 -34.94
N LEU B 392 -34.38 15.28 -34.94
CA LEU B 392 -34.05 15.96 -33.68
C LEU B 392 -35.31 16.32 -32.90
N ALA B 393 -36.41 16.60 -33.61
CA ALA B 393 -37.68 16.85 -32.95
C ALA B 393 -38.20 15.58 -32.28
N LYS B 394 -38.14 14.45 -33.00
CA LYS B 394 -38.57 13.18 -32.44
C LYS B 394 -37.64 12.68 -31.35
N SER B 395 -36.38 13.15 -31.31
CA SER B 395 -35.46 12.71 -30.27
C SER B 395 -35.94 13.14 -28.89
N VAL B 396 -36.54 14.32 -28.79
CA VAL B 396 -37.07 14.84 -27.54
C VAL B 396 -38.57 15.03 -27.75
N THR B 397 -39.35 13.99 -27.46
CA THR B 397 -40.80 14.09 -27.52
C THR B 397 -41.36 14.94 -26.39
N ASP B 402 -37.13 16.89 -22.41
CA ASP B 402 -38.47 17.45 -22.35
C ASP B 402 -39.08 17.50 -23.75
N GLY B 403 -39.83 18.56 -24.03
CA GLY B 403 -40.48 18.71 -25.33
C GLY B 403 -39.62 19.47 -26.31
N PHE B 404 -39.83 19.21 -27.60
CA PHE B 404 -39.03 19.89 -28.61
C PHE B 404 -39.37 21.37 -28.69
N GLU B 405 -40.66 21.72 -28.55
CA GLU B 405 -41.04 23.12 -28.60
C GLU B 405 -40.45 23.90 -27.44
N PHE B 406 -40.16 23.22 -26.33
CA PHE B 406 -39.45 23.86 -25.23
C PHE B 406 -38.03 24.24 -25.63
N TYR B 407 -37.33 23.33 -26.32
CA TYR B 407 -36.01 23.65 -26.84
C TYR B 407 -36.07 24.79 -27.84
N LEU B 408 -37.08 24.78 -28.72
CA LEU B 408 -37.20 25.82 -29.73
C LEU B 408 -37.46 27.19 -29.10
N ASN B 409 -38.32 27.23 -28.08
CA ASN B 409 -38.58 28.50 -27.39
C ASN B 409 -37.32 28.98 -26.67
N THR B 410 -36.66 28.09 -25.94
CA THR B 410 -35.43 28.47 -25.25
C THR B 410 -34.35 28.90 -26.24
N PHE B 411 -34.22 28.17 -27.35
CA PHE B 411 -33.23 28.52 -28.36
C PHE B 411 -33.51 29.92 -28.92
N HIS B 412 -34.77 30.22 -29.23
CA HIS B 412 -35.11 31.54 -29.74
C HIS B 412 -34.84 32.63 -28.70
N ASP B 413 -35.22 32.37 -27.44
CA ASP B 413 -35.03 33.37 -26.41
C ASP B 413 -33.56 33.69 -26.17
N VAL B 414 -32.67 32.71 -26.40
CA VAL B 414 -31.25 32.97 -26.25
C VAL B 414 -30.72 33.79 -27.42
N MET B 415 -31.25 33.55 -28.62
CA MET B 415 -30.79 34.28 -29.79
C MET B 415 -31.22 35.75 -29.73
N VAL B 416 -32.50 35.98 -29.44
CA VAL B 416 -33.02 37.34 -29.36
C VAL B 416 -32.82 37.97 -27.99
N GLY B 417 -32.20 37.26 -27.05
CA GLY B 417 -31.90 37.82 -25.74
C GLY B 417 -33.10 38.10 -24.87
N ASN B 418 -34.18 37.34 -25.00
CA ASN B 418 -35.36 37.55 -24.15
C ASN B 418 -35.12 36.89 -22.81
N ASN B 419 -34.68 37.69 -21.84
CA ASN B 419 -34.55 37.23 -20.46
C ASN B 419 -35.89 37.23 -19.74
N LEU B 420 -36.00 36.37 -18.72
CA LEU B 420 -37.24 36.19 -17.98
C LEU B 420 -36.94 36.14 -16.50
N PHE B 421 -37.79 36.83 -15.72
CA PHE B 421 -37.65 36.89 -14.25
C PHE B 421 -36.34 37.54 -13.82
N GLY B 422 -35.80 38.42 -14.65
CA GLY B 422 -34.55 39.08 -14.36
C GLY B 422 -33.32 38.30 -14.77
N ARG B 423 -33.37 36.97 -14.66
CA ARG B 423 -32.28 36.12 -15.09
C ARG B 423 -32.40 35.84 -16.59
N SER B 424 -31.36 35.21 -17.14
CA SER B 424 -31.35 34.90 -18.56
C SER B 424 -32.39 33.82 -18.87
N ALA B 425 -32.67 33.66 -20.16
CA ALA B 425 -33.58 32.60 -20.58
C ALA B 425 -32.97 31.22 -20.38
N LEU B 426 -31.64 31.10 -20.54
CA LEU B 426 -30.97 29.83 -20.27
C LEU B 426 -31.06 29.47 -18.79
N LYS B 427 -31.10 30.46 -17.92
CA LYS B 427 -31.20 30.21 -16.48
C LYS B 427 -32.58 29.68 -16.14
N THR B 428 -33.62 30.28 -16.70
CA THR B 428 -34.99 29.85 -16.41
C THR B 428 -35.28 28.48 -17.01
N ALA B 429 -34.71 28.19 -18.18
CA ALA B 429 -34.88 26.88 -18.79
C ALA B 429 -34.20 25.78 -17.96
N SER B 430 -33.03 26.09 -17.39
CA SER B 430 -32.35 25.11 -16.56
C SER B 430 -33.15 24.77 -15.32
N GLU B 431 -33.75 25.77 -14.69
CA GLU B 431 -34.57 25.51 -13.51
C GLU B 431 -35.75 24.60 -13.83
N LEU B 432 -36.29 24.70 -15.04
CA LEU B 432 -37.33 23.77 -15.47
C LEU B 432 -36.78 22.38 -15.70
N ILE B 433 -35.52 22.28 -16.16
CA ILE B 433 -34.90 20.98 -16.37
C ILE B 433 -34.73 20.24 -15.05
N THR B 434 -34.30 20.95 -14.00
CA THR B 434 -34.08 20.34 -12.70
C THR B 434 -35.37 20.11 -11.93
N LYS B 435 -36.53 20.36 -12.53
CA LYS B 435 -37.81 20.09 -11.88
C LYS B 435 -38.60 19.02 -12.62
N GLU B 436 -37.96 18.33 -13.58
CA GLU B 436 -38.61 17.24 -14.29
C GLU B 436 -37.70 16.01 -14.35
N ASN B 437 -36.38 16.25 -14.36
CA ASN B 437 -35.38 15.20 -14.49
C ASN B 437 -34.84 14.74 -13.14
N VAL B 438 -35.64 14.80 -12.09
CA VAL B 438 -35.20 14.39 -10.76
C VAL B 438 -35.38 12.88 -10.59
N LYS B 439 -35.58 12.16 -11.69
CA LYS B 439 -35.63 10.71 -11.67
C LYS B 439 -34.91 10.09 -12.87
N THR B 440 -33.87 10.76 -13.37
CA THR B 440 -33.16 10.33 -14.56
C THR B 440 -31.67 10.20 -14.25
N SER B 441 -31.00 9.35 -15.02
CA SER B 441 -29.56 9.18 -14.89
C SER B 441 -28.84 10.51 -15.09
N GLY B 442 -27.85 10.75 -14.23
CA GLY B 442 -27.06 11.97 -14.25
C GLY B 442 -27.51 12.97 -13.20
N SER B 443 -26.62 13.91 -12.91
CA SER B 443 -26.88 14.93 -11.91
C SER B 443 -27.45 16.18 -12.55
N GLU B 444 -27.78 17.17 -11.70
CA GLU B 444 -28.25 18.46 -12.22
C GLU B 444 -27.20 19.12 -13.09
N VAL B 445 -25.93 19.04 -12.69
CA VAL B 445 -24.84 19.58 -13.50
C VAL B 445 -24.82 18.88 -14.86
N GLY B 446 -24.96 17.55 -14.86
CA GLY B 446 -24.93 16.82 -16.11
C GLY B 446 -26.16 17.08 -16.97
N ASN B 447 -27.35 16.98 -16.36
CA ASN B 447 -28.58 17.11 -17.13
C ASN B 447 -28.70 18.50 -17.75
N VAL B 448 -28.33 19.54 -17.01
CA VAL B 448 -28.44 20.90 -17.55
C VAL B 448 -27.40 21.12 -18.64
N TYR B 449 -26.17 20.66 -18.43
CA TYR B 449 -25.15 20.80 -19.46
C TYR B 449 -25.49 19.99 -20.71
N ASN B 450 -26.10 18.82 -20.53
CA ASN B 450 -26.58 18.05 -21.67
C ASN B 450 -27.65 18.83 -22.42
N PHE B 451 -28.53 19.52 -21.68
CA PHE B 451 -29.51 20.40 -22.31
C PHE B 451 -28.82 21.47 -23.15
N LEU B 452 -27.74 22.06 -22.62
CA LEU B 452 -27.02 23.07 -23.38
C LEU B 452 -26.36 22.47 -24.62
N ILE B 453 -25.92 21.21 -24.54
CA ILE B 453 -25.32 20.56 -25.70
C ILE B 453 -26.35 20.38 -26.80
N VAL B 454 -27.55 19.92 -26.44
CA VAL B 454 -28.61 19.74 -27.43
C VAL B 454 -29.04 21.09 -27.99
N LEU B 455 -29.07 22.12 -27.14
CA LEU B 455 -29.46 23.45 -27.61
C LEU B 455 -28.51 23.95 -28.68
N THR B 456 -27.21 23.70 -28.51
CA THR B 456 -26.24 24.12 -29.51
C THR B 456 -26.30 23.24 -30.75
N ALA B 457 -26.69 21.97 -30.59
CA ALA B 457 -26.90 21.10 -31.74
C ALA B 457 -28.06 21.60 -32.58
N LEU B 458 -29.15 22.04 -31.94
CA LEU B 458 -30.24 22.68 -32.66
C LEU B 458 -29.78 23.97 -33.33
N GLN B 459 -28.90 24.71 -32.65
CA GLN B 459 -28.36 25.95 -33.22
C GLN B 459 -27.57 25.66 -34.48
N ALA B 460 -26.81 24.56 -34.49
CA ALA B 460 -26.01 24.21 -35.66
C ALA B 460 -26.90 23.86 -36.85
N LYS B 461 -27.99 23.13 -36.61
CA LYS B 461 -28.88 22.76 -37.71
C LYS B 461 -29.66 23.96 -38.22
N ALA B 462 -30.10 24.84 -37.32
CA ALA B 462 -30.87 26.02 -37.73
C ALA B 462 -30.06 26.91 -38.66
N PHE B 463 -28.79 27.16 -38.33
CA PHE B 463 -27.95 27.95 -39.22
C PHE B 463 -27.59 27.19 -40.49
N LEU B 464 -27.40 25.87 -40.40
CA LEU B 464 -27.13 25.08 -41.59
C LEU B 464 -28.34 25.03 -42.51
N THR B 465 -29.54 24.88 -41.93
CA THR B 465 -30.75 24.95 -42.73
C THR B 465 -30.88 26.34 -43.38
N LEU B 466 -30.55 27.39 -42.63
CA LEU B 466 -30.60 28.74 -43.17
C LEU B 466 -29.69 28.88 -44.38
N THR B 467 -28.48 28.34 -44.31
CA THR B 467 -27.53 28.48 -45.41
C THR B 467 -28.02 27.78 -46.67
N THR B 468 -28.53 26.56 -46.52
CA THR B 468 -29.03 25.83 -47.69
C THR B 468 -30.32 26.45 -48.22
N CYS B 469 -31.18 26.94 -47.32
CA CYS B 469 -32.39 27.62 -47.77
C CYS B 469 -32.05 28.85 -48.59
N ARG B 470 -30.99 29.57 -48.21
CA ARG B 470 -30.53 30.71 -49.00
C ARG B 470 -29.89 30.25 -50.31
N LYS B 471 -29.25 29.08 -50.30
CA LYS B 471 -28.70 28.54 -51.54
C LYS B 471 -29.81 28.13 -52.50
N LEU B 472 -30.90 27.57 -51.96
CA LEU B 472 -32.03 27.20 -52.80
C LEU B 472 -32.63 28.41 -53.50
N LEU B 473 -32.68 29.55 -52.81
CA LEU B 473 -33.22 30.79 -53.36
C LEU B 473 -32.22 31.55 -54.21
N GLY B 474 -31.03 30.99 -54.45
CA GLY B 474 -30.03 31.62 -55.28
C GLY B 474 -29.25 32.72 -54.62
N LEU B 475 -29.33 32.88 -53.31
CA LEU B 475 -28.63 33.95 -52.63
C LEU B 475 -27.14 33.62 -52.47
N ALA B 476 -26.36 34.65 -52.19
CA ALA B 476 -24.92 34.50 -52.04
C ALA B 476 -24.58 33.77 -50.77
N ASP B 477 -23.49 32.98 -50.83
CA ASP B 477 -23.04 32.25 -49.65
C ASP B 477 -22.59 33.22 -48.57
N ILE B 478 -23.05 32.97 -47.35
CA ILE B 478 -22.69 33.78 -46.18
C ILE B 478 -22.17 32.84 -45.10
N ASP B 479 -21.01 33.17 -44.53
CA ASP B 479 -20.39 32.35 -43.51
C ASP B 479 -20.87 32.83 -42.14
N TYR B 480 -21.78 32.06 -41.54
CA TYR B 480 -22.35 32.37 -40.23
C TYR B 480 -21.54 31.78 -39.08
N THR B 481 -20.25 31.48 -39.30
CA THR B 481 -19.47 30.80 -38.27
C THR B 481 -19.16 31.73 -37.10
N SER B 482 -18.81 32.99 -37.38
CA SER B 482 -18.39 33.89 -36.30
C SER B 482 -19.58 34.30 -35.44
N ILE B 483 -20.75 34.51 -36.06
CA ILE B 483 -21.93 34.87 -35.28
C ILE B 483 -22.42 33.67 -34.47
N MET B 484 -22.13 32.46 -34.91
CA MET B 484 -22.50 31.27 -34.14
C MET B 484 -21.59 31.10 -32.92
N ASN B 485 -20.28 31.31 -33.09
CA ASN B 485 -19.35 31.16 -31.97
C ASN B 485 -19.63 32.18 -30.87
N GLU B 486 -20.01 33.41 -31.25
CA GLU B 486 -20.37 34.41 -30.26
C GLU B 486 -21.55 33.94 -29.42
N HIS B 487 -22.60 33.42 -30.08
CA HIS B 487 -23.72 32.86 -29.34
C HIS B 487 -23.27 31.70 -28.45
N LEU B 488 -22.33 30.89 -28.95
CA LEU B 488 -21.86 29.74 -28.19
C LEU B 488 -21.12 30.16 -26.93
N ASN B 489 -20.19 31.11 -27.05
CA ASN B 489 -19.41 31.53 -25.90
C ASN B 489 -20.26 32.24 -24.86
N LYS B 490 -21.24 33.04 -25.31
CA LYS B 490 -22.11 33.72 -24.35
C LYS B 490 -22.94 32.72 -23.55
N GLU B 491 -23.40 31.65 -24.21
CA GLU B 491 -24.14 30.62 -23.48
C GLU B 491 -23.25 29.91 -22.48
N LYS B 492 -22.01 29.61 -22.87
CA LYS B 492 -21.09 28.93 -21.97
C LYS B 492 -20.76 29.81 -20.76
N GLU B 493 -20.50 31.10 -20.99
CA GLU B 493 -20.20 32.00 -19.89
C GLU B 493 -21.40 32.13 -18.95
N GLU B 494 -22.61 32.19 -19.50
CA GLU B 494 -23.81 32.27 -18.66
C GLU B 494 -23.96 31.00 -17.82
N PHE B 495 -23.76 29.84 -18.43
CA PHE B 495 -23.84 28.59 -17.67
C PHE B 495 -22.72 28.52 -16.64
N ARG B 496 -21.55 29.04 -16.97
CA ARG B 496 -20.40 28.95 -16.06
C ARG B 496 -20.59 29.82 -14.83
N VAL B 497 -21.17 31.01 -15.01
CA VAL B 497 -21.17 32.02 -13.96
C VAL B 497 -22.49 32.03 -13.20
N ASN B 498 -23.60 31.70 -13.89
CA ASN B 498 -24.93 31.88 -13.32
C ASN B 498 -25.68 30.57 -13.04
N ILE B 499 -25.37 29.49 -13.76
CA ILE B 499 -26.13 28.25 -13.66
C ILE B 499 -25.34 27.17 -12.93
N LEU B 500 -24.08 26.98 -13.29
CA LEU B 500 -23.30 25.85 -12.76
C LEU B 500 -23.18 25.82 -11.25
N PRO B 501 -22.89 26.93 -10.54
CA PRO B 501 -22.66 26.79 -9.09
C PRO B 501 -23.88 26.34 -8.29
N THR B 502 -25.08 26.78 -8.66
CA THR B 502 -26.28 26.45 -7.90
C THR B 502 -26.82 25.06 -8.19
N LEU B 503 -26.15 24.28 -9.05
CA LEU B 503 -26.62 22.96 -9.42
C LEU B 503 -26.00 21.89 -8.52
N SER B 504 -26.79 20.85 -8.23
CA SER B 504 -26.29 19.71 -7.47
C SER B 504 -25.53 18.76 -8.39
N ASN B 505 -24.56 18.06 -7.81
CA ASN B 505 -23.72 17.13 -8.56
C ASN B 505 -23.91 15.68 -8.14
N THR B 506 -25.02 15.36 -7.47
CA THR B 506 -25.31 13.99 -7.05
C THR B 506 -26.21 13.31 -8.08
N PHE B 507 -25.87 12.07 -8.41
CA PHE B 507 -26.66 11.25 -9.30
C PHE B 507 -26.92 9.89 -8.65
N SER B 508 -28.07 9.30 -8.96
CA SER B 508 -28.50 8.04 -8.39
C SER B 508 -29.02 7.13 -9.48
N ASN B 509 -29.41 5.91 -9.09
CA ASN B 509 -29.98 4.98 -10.05
C ASN B 509 -31.38 5.44 -10.46
N PRO B 510 -31.72 5.35 -11.74
CA PRO B 510 -33.02 5.88 -12.19
C PRO B 510 -34.19 4.92 -12.00
N ASN B 511 -33.94 3.63 -11.83
CA ASN B 511 -35.01 2.65 -11.77
C ASN B 511 -34.73 1.66 -10.64
N TYR B 512 -35.71 0.79 -10.40
CA TYR B 512 -35.59 -0.27 -9.41
C TYR B 512 -36.15 -1.55 -10.01
N ALA B 513 -35.82 -2.68 -9.37
CA ALA B 513 -36.28 -3.98 -9.86
C ALA B 513 -36.47 -4.92 -8.69
N LYS B 514 -37.67 -5.49 -8.58
CA LYS B 514 -37.95 -6.49 -7.55
C LYS B 514 -37.14 -7.74 -7.85
N VAL B 515 -36.20 -8.08 -6.97
CA VAL B 515 -35.22 -9.11 -7.23
C VAL B 515 -34.91 -9.86 -5.95
N LYS B 516 -34.71 -11.17 -6.06
CA LYS B 516 -34.33 -12.03 -4.94
C LYS B 516 -32.89 -12.47 -5.10
N GLY B 517 -32.10 -12.29 -4.05
CA GLY B 517 -30.71 -12.70 -4.02
C GLY B 517 -30.51 -13.98 -3.23
N SER B 518 -29.38 -14.06 -2.53
CA SER B 518 -29.06 -15.18 -1.65
C SER B 518 -28.94 -14.69 -0.22
N ASP B 519 -28.98 -15.63 0.72
CA ASP B 519 -28.77 -15.32 2.13
C ASP B 519 -27.38 -15.71 2.63
N GLU B 520 -26.60 -16.44 1.85
CA GLU B 520 -25.26 -16.80 2.28
C GLU B 520 -24.33 -15.59 2.18
N ASP B 521 -23.25 -15.64 2.94
CA ASP B 521 -22.27 -14.57 2.91
C ASP B 521 -21.67 -14.44 1.51
N ALA B 522 -21.26 -13.22 1.18
CA ALA B 522 -20.74 -12.93 -0.15
C ALA B 522 -19.91 -11.66 -0.10
N LYS B 523 -18.90 -11.61 -0.97
CA LYS B 523 -18.04 -10.44 -1.11
C LYS B 523 -17.91 -10.07 -2.59
N MET B 524 -17.91 -8.77 -2.85
CA MET B 524 -17.69 -8.26 -4.21
C MET B 524 -16.87 -6.99 -4.10
N ILE B 525 -15.71 -6.98 -4.73
CA ILE B 525 -14.79 -5.84 -4.68
C ILE B 525 -14.73 -5.25 -6.09
N VAL B 526 -15.27 -4.05 -6.25
CA VAL B 526 -15.18 -3.30 -7.49
C VAL B 526 -14.00 -2.35 -7.37
N GLU B 527 -12.91 -2.69 -8.05
CA GLU B 527 -11.67 -1.94 -7.96
C GLU B 527 -11.15 -1.65 -9.36
N ALA B 528 -10.67 -0.44 -9.57
CA ALA B 528 -10.04 -0.07 -10.82
C ALA B 528 -8.55 -0.42 -10.77
N LYS B 529 -7.98 -0.69 -11.96
CA LYS B 529 -6.57 -0.98 -12.04
C LYS B 529 -5.75 0.23 -11.57
N PRO B 530 -4.52 0.00 -11.11
CA PRO B 530 -3.70 1.11 -10.62
C PRO B 530 -3.54 2.21 -11.66
N GLY B 531 -3.79 3.45 -11.23
CA GLY B 531 -3.76 4.59 -12.11
C GLY B 531 -5.08 4.94 -12.76
N HIS B 532 -6.07 4.06 -12.70
CA HIS B 532 -7.39 4.32 -13.27
C HIS B 532 -8.36 4.80 -12.19
N ALA B 533 -9.54 5.21 -12.63
CA ALA B 533 -10.56 5.74 -11.73
C ALA B 533 -11.94 5.29 -12.19
N LEU B 534 -12.82 5.03 -11.22
CA LEU B 534 -14.20 4.67 -11.53
C LEU B 534 -14.97 5.90 -11.99
N ILE B 535 -15.62 5.80 -13.14
CA ILE B 535 -16.26 6.97 -13.75
C ILE B 535 -17.72 6.69 -14.09
N GLY B 536 -18.14 5.43 -14.03
CA GLY B 536 -19.53 5.11 -14.33
C GLY B 536 -19.96 3.70 -14.01
N PHE B 537 -21.26 3.51 -13.78
CA PHE B 537 -21.84 2.21 -13.48
C PHE B 537 -23.16 2.06 -14.21
N GLU B 538 -23.49 0.82 -14.54
CA GLU B 538 -24.82 0.50 -15.08
C GLU B 538 -25.22 -0.90 -14.64
N ILE B 539 -26.35 -1.00 -13.95
CA ILE B 539 -26.94 -2.28 -13.55
C ILE B 539 -28.03 -2.62 -14.55
N SER B 540 -28.04 -3.87 -15.01
CA SER B 540 -29.03 -4.34 -15.96
C SER B 540 -29.53 -5.72 -15.53
N ASN B 541 -30.84 -5.92 -15.63
CA ASN B 541 -31.48 -7.14 -15.13
C ASN B 541 -32.47 -7.63 -16.19
N ASP B 542 -32.01 -8.57 -17.01
CA ASP B 542 -32.88 -9.27 -17.96
C ASP B 542 -33.15 -10.70 -17.51
N SER B 543 -32.11 -11.50 -17.29
CA SER B 543 -32.29 -12.83 -16.71
C SER B 543 -31.34 -13.00 -15.54
N ILE B 544 -30.18 -12.36 -15.62
CA ILE B 544 -29.23 -12.25 -14.52
C ILE B 544 -28.82 -10.80 -14.39
N THR B 545 -28.53 -10.38 -13.16
CA THR B 545 -28.16 -8.99 -12.90
C THR B 545 -26.67 -8.80 -13.17
N VAL B 546 -26.36 -8.03 -14.22
CA VAL B 546 -24.99 -7.80 -14.66
C VAL B 546 -24.66 -6.34 -14.38
N LEU B 547 -23.50 -6.11 -13.76
CA LEU B 547 -23.01 -4.78 -13.45
C LEU B 547 -21.74 -4.50 -14.25
N LYS B 548 -21.81 -3.52 -15.14
CA LYS B 548 -20.64 -3.05 -15.87
C LYS B 548 -20.10 -1.80 -15.19
N VAL B 549 -18.79 -1.76 -14.98
CA VAL B 549 -18.11 -0.64 -14.33
C VAL B 549 -17.09 -0.07 -15.31
N TYR B 550 -17.09 1.25 -15.44
CA TYR B 550 -16.21 1.94 -16.37
C TYR B 550 -15.04 2.56 -15.61
N GLU B 551 -13.83 2.26 -16.06
CA GLU B 551 -12.62 2.88 -15.53
C GLU B 551 -11.79 3.42 -16.69
N ALA B 552 -10.93 4.38 -16.36
CA ALA B 552 -10.06 5.02 -17.34
C ALA B 552 -9.03 5.85 -16.60
N LYS B 553 -7.93 6.13 -17.29
CA LYS B 553 -6.95 7.07 -16.76
C LYS B 553 -7.53 8.48 -16.76
N LEU B 554 -7.10 9.30 -15.80
CA LEU B 554 -7.51 10.68 -15.76
C LEU B 554 -6.37 11.57 -16.24
N LYS B 555 -6.72 12.66 -16.92
CA LYS B 555 -5.71 13.61 -17.35
C LYS B 555 -6.27 15.02 -17.22
N GLN B 556 -5.38 15.96 -16.88
CA GLN B 556 -5.65 17.40 -16.99
C GLN B 556 -6.99 17.85 -16.41
N ASN B 557 -7.11 17.91 -15.08
CA ASN B 557 -8.27 18.47 -14.36
C ASN B 557 -9.56 17.70 -14.64
N TYR B 558 -9.53 16.42 -14.26
CA TYR B 558 -10.68 15.51 -14.22
C TYR B 558 -11.21 15.12 -15.59
N GLN B 559 -10.43 15.31 -16.66
CA GLN B 559 -10.80 14.73 -17.95
C GLN B 559 -10.40 13.26 -17.98
N VAL B 560 -11.25 12.45 -18.59
CA VAL B 560 -11.00 11.02 -18.72
C VAL B 560 -10.25 10.77 -20.03
N ASP B 561 -9.31 9.82 -19.99
CA ASP B 561 -8.51 9.47 -21.15
C ASP B 561 -9.26 8.44 -21.99
N LYS B 562 -9.79 8.88 -23.13
CA LYS B 562 -10.55 7.98 -23.99
C LYS B 562 -9.73 6.79 -24.47
N ASP B 563 -8.42 6.99 -24.64
CA ASP B 563 -7.57 5.90 -25.11
C ASP B 563 -7.46 4.77 -24.10
N SER B 564 -7.66 5.07 -22.82
CA SER B 564 -7.49 4.08 -21.74
C SER B 564 -8.81 3.58 -21.18
N LEU B 565 -9.94 3.93 -21.80
CA LEU B 565 -11.25 3.52 -21.30
C LEU B 565 -11.38 2.01 -21.31
N SER B 566 -11.68 1.44 -20.14
CA SER B 566 -11.88 0.00 -19.98
C SER B 566 -13.25 -0.29 -19.41
N GLU B 567 -13.77 -1.48 -19.69
CA GLU B 567 -15.08 -1.91 -19.21
C GLU B 567 -14.94 -3.29 -18.58
N VAL B 568 -15.22 -3.39 -17.28
CA VAL B 568 -15.15 -4.64 -16.54
C VAL B 568 -16.55 -5.02 -16.11
N ILE B 569 -16.88 -6.30 -16.25
CA ILE B 569 -18.21 -6.82 -15.96
C ILE B 569 -18.17 -7.58 -14.63
N TYR B 570 -19.09 -7.26 -13.73
CA TYR B 570 -19.21 -7.93 -12.45
C TYR B 570 -20.56 -8.64 -12.37
N GLY B 571 -20.54 -9.90 -11.94
CA GLY B 571 -21.74 -10.67 -11.75
C GLY B 571 -22.15 -10.77 -10.29
N ASP B 572 -23.30 -11.43 -10.08
CA ASP B 572 -23.83 -11.72 -8.74
C ASP B 572 -24.12 -10.46 -7.94
N MET B 573 -24.50 -9.37 -8.62
CA MET B 573 -24.88 -8.17 -7.90
C MET B 573 -26.15 -8.37 -7.08
N ASP B 574 -27.07 -9.21 -7.56
CA ASP B 574 -28.29 -9.48 -6.80
C ASP B 574 -28.01 -10.36 -5.59
N LYS B 575 -26.99 -11.20 -5.68
CA LYS B 575 -26.60 -12.04 -4.55
C LYS B 575 -26.09 -11.21 -3.38
N LEU B 576 -25.63 -9.99 -3.63
CA LEU B 576 -25.14 -9.09 -2.59
C LEU B 576 -26.23 -8.17 -2.04
N LEU B 577 -26.97 -7.49 -2.92
CA LEU B 577 -27.90 -6.45 -2.51
C LEU B 577 -29.26 -6.97 -2.06
N CYS B 578 -29.53 -8.27 -2.14
CA CYS B 578 -30.87 -8.77 -1.90
C CYS B 578 -30.84 -10.11 -1.16
N PRO B 579 -31.69 -10.27 -0.15
CA PRO B 579 -31.82 -11.57 0.53
C PRO B 579 -32.88 -12.44 -0.12
N ASP B 580 -32.96 -13.68 0.36
CA ASP B 580 -33.95 -14.65 -0.10
C ASP B 580 -34.65 -15.26 1.12
N GLN B 581 -35.93 -14.92 1.31
CA GLN B 581 -36.80 -15.39 2.39
C GLN B 581 -36.39 -14.89 3.76
N SER B 582 -35.32 -14.10 3.89
CA SER B 582 -34.86 -13.64 5.19
C SER B 582 -34.62 -12.13 5.13
N GLU B 583 -34.30 -11.56 6.28
CA GLU B 583 -34.04 -10.14 6.38
C GLU B 583 -32.63 -9.81 5.86
N GLN B 584 -32.40 -8.53 5.65
CA GLN B 584 -31.07 -8.04 5.31
C GLN B 584 -30.88 -6.67 5.92
N ILE B 585 -29.82 -6.52 6.72
CA ILE B 585 -29.50 -5.25 7.36
C ILE B 585 -28.55 -4.47 6.45
N TYR B 586 -28.95 -3.27 6.06
CA TYR B 586 -28.16 -2.43 5.17
C TYR B 586 -27.58 -1.27 5.98
N TYR B 587 -26.26 -1.21 6.08
CA TYR B 587 -25.60 -0.09 6.72
C TYR B 587 -25.45 1.06 5.74
N THR B 588 -25.95 2.24 6.12
CA THR B 588 -26.12 3.37 5.22
C THR B 588 -25.35 4.56 5.76
N ASN B 589 -24.33 4.99 5.03
CA ASN B 589 -23.59 6.20 5.37
C ASN B 589 -23.10 6.84 4.08
N ASN B 590 -23.54 8.07 3.81
CA ASN B 590 -23.11 8.81 2.62
C ASN B 590 -21.64 9.19 2.80
N ILE B 591 -20.77 8.59 2.00
CA ILE B 591 -19.33 8.87 2.05
C ILE B 591 -19.02 9.99 1.09
N VAL B 592 -18.26 10.98 1.55
CA VAL B 592 -17.87 12.13 0.74
C VAL B 592 -16.40 12.43 1.03
N PHE B 593 -15.57 12.42 0.00
CA PHE B 593 -14.15 12.71 0.14
C PHE B 593 -13.85 14.16 -0.22
N PRO B 594 -12.71 14.69 0.23
CA PRO B 594 -12.35 16.08 -0.11
C PRO B 594 -12.21 16.27 -1.61
N ASN B 595 -12.01 17.54 -1.99
CA ASN B 595 -12.11 17.98 -3.38
C ASN B 595 -10.88 17.65 -4.21
N GLU B 596 -10.00 16.75 -3.75
CA GLU B 596 -8.87 16.34 -4.56
C GLU B 596 -8.65 14.82 -4.52
N TYR B 597 -9.67 14.05 -4.17
CA TYR B 597 -9.60 12.60 -4.09
C TYR B 597 -10.61 11.97 -5.03
N VAL B 598 -10.24 10.86 -5.65
CA VAL B 598 -11.07 10.20 -6.65
C VAL B 598 -11.33 8.76 -6.21
N ILE B 599 -12.58 8.32 -6.35
CA ILE B 599 -12.97 6.97 -5.95
C ILE B 599 -12.28 5.96 -6.86
N THR B 600 -11.62 4.97 -6.24
CA THR B 600 -10.97 3.91 -6.99
C THR B 600 -11.40 2.50 -6.57
N LYS B 601 -12.06 2.33 -5.44
CA LYS B 601 -12.36 1.00 -4.93
C LYS B 601 -13.61 1.05 -4.06
N ILE B 602 -14.58 0.19 -4.38
CA ILE B 602 -15.79 0.02 -3.58
C ILE B 602 -15.85 -1.46 -3.17
N ASP B 603 -15.78 -1.71 -1.87
CA ASP B 603 -15.62 -3.06 -1.32
C ASP B 603 -16.89 -3.44 -0.57
N PHE B 604 -17.72 -4.27 -1.21
CA PHE B 604 -18.95 -4.75 -0.58
C PHE B 604 -18.69 -6.04 0.17
N THR B 605 -19.26 -6.15 1.37
CA THR B 605 -19.09 -7.32 2.22
C THR B 605 -20.44 -7.70 2.79
N LYS B 606 -20.97 -8.85 2.36
CA LYS B 606 -22.23 -9.38 2.87
C LYS B 606 -21.93 -10.53 3.80
N LYS B 607 -22.19 -10.34 5.10
CA LYS B 607 -21.90 -11.35 6.11
C LYS B 607 -23.04 -11.37 7.12
N MET B 608 -23.62 -12.57 7.32
CA MET B 608 -24.71 -12.77 8.27
C MET B 608 -25.89 -11.84 7.98
N LYS B 609 -26.33 -11.85 6.72
CA LYS B 609 -27.49 -11.08 6.27
C LYS B 609 -27.31 -9.58 6.44
N THR B 610 -26.07 -9.12 6.58
CA THR B 610 -25.76 -7.69 6.67
C THR B 610 -24.87 -7.31 5.50
N LEU B 611 -25.07 -6.10 4.97
CA LEU B 611 -24.33 -5.61 3.82
C LEU B 611 -23.61 -4.33 4.21
N ARG B 612 -22.29 -4.37 4.23
CA ARG B 612 -21.45 -3.22 4.46
C ARG B 612 -20.70 -2.87 3.18
N TYR B 613 -20.15 -1.66 3.13
CA TYR B 613 -19.28 -1.28 2.03
C TYR B 613 -18.18 -0.38 2.53
N GLU B 614 -17.00 -0.53 1.95
CA GLU B 614 -15.81 0.21 2.32
C GLU B 614 -15.21 0.82 1.06
N VAL B 615 -15.19 2.14 0.97
CA VAL B 615 -14.82 2.84 -0.24
C VAL B 615 -13.43 3.43 -0.07
N THR B 616 -12.56 3.20 -1.05
CA THR B 616 -11.21 3.75 -1.07
C THR B 616 -11.10 4.80 -2.17
N ALA B 617 -10.44 5.91 -1.86
CA ALA B 617 -10.26 7.01 -2.80
C ALA B 617 -8.81 7.46 -2.79
N ASN B 618 -8.16 7.42 -3.95
CA ASN B 618 -6.78 7.83 -4.07
C ASN B 618 -6.68 9.31 -4.45
N PHE B 619 -5.50 9.87 -4.23
CA PHE B 619 -5.27 11.29 -4.48
C PHE B 619 -4.99 11.56 -5.95
N TYR B 620 -5.61 12.61 -6.48
CA TYR B 620 -5.47 13.04 -7.86
C TYR B 620 -5.06 14.50 -7.84
N ASP B 621 -4.12 14.89 -8.72
CA ASP B 621 -3.55 16.22 -8.66
C ASP B 621 -4.20 17.22 -9.62
N SER B 622 -4.85 16.76 -10.68
CA SER B 622 -5.55 17.58 -11.67
C SER B 622 -4.62 18.46 -12.51
N SER B 623 -3.31 18.43 -12.26
CA SER B 623 -2.37 19.22 -13.04
C SER B 623 -1.52 18.40 -13.99
N THR B 624 -1.23 17.14 -13.65
CA THR B 624 -0.53 16.22 -14.53
C THR B 624 -1.35 14.98 -14.85
N GLY B 625 -2.52 14.82 -14.25
CA GLY B 625 -3.35 13.65 -14.46
C GLY B 625 -2.90 12.42 -13.73
N GLU B 626 -1.97 12.54 -12.78
CA GLU B 626 -1.44 11.41 -12.05
C GLU B 626 -2.28 11.11 -10.80
N ILE B 627 -2.53 9.83 -10.58
CA ILE B 627 -3.14 9.32 -9.37
C ILE B 627 -2.01 8.83 -8.48
N ASP B 628 -1.93 9.37 -7.26
CA ASP B 628 -0.75 9.18 -6.42
C ASP B 628 -0.50 7.71 -6.09
N LEU B 629 -1.56 6.89 -6.05
CA LEU B 629 -1.49 5.45 -5.81
C LEU B 629 -1.12 5.10 -4.37
N ASN B 630 -0.68 6.09 -3.59
CA ASN B 630 -0.29 5.86 -2.21
C ASN B 630 -0.90 6.84 -1.21
N LYS B 631 -1.49 7.93 -1.68
CA LYS B 631 -2.16 8.90 -0.83
C LYS B 631 -3.66 8.57 -0.86
N LYS B 632 -4.06 7.70 0.06
CA LYS B 632 -5.42 7.18 0.07
C LYS B 632 -6.21 7.68 1.26
N LYS B 633 -7.53 7.58 1.12
CA LYS B 633 -8.47 7.80 2.22
C LYS B 633 -9.51 6.70 2.13
N VAL B 634 -9.84 6.09 3.27
CA VAL B 634 -10.73 4.95 3.32
C VAL B 634 -11.86 5.25 4.30
N GLU B 635 -13.09 5.24 3.81
CA GLU B 635 -14.27 5.39 4.64
C GLU B 635 -15.23 4.23 4.36
N SER B 636 -16.23 4.08 5.21
CA SER B 636 -17.15 2.95 5.12
C SER B 636 -18.51 3.37 5.66
N SER B 637 -19.50 2.50 5.41
CA SER B 637 -20.81 2.64 6.03
C SER B 637 -20.66 2.24 7.50
N GLU B 638 -20.54 3.23 8.37
CA GLU B 638 -19.99 2.97 9.70
C GLU B 638 -20.95 2.24 10.63
N ALA B 639 -22.00 2.90 11.09
CA ALA B 639 -22.83 2.30 12.12
C ALA B 639 -24.32 2.36 11.83
N GLU B 640 -24.75 3.37 11.08
CA GLU B 640 -26.17 3.56 10.84
C GLU B 640 -26.68 2.48 9.90
N TYR B 641 -27.70 1.75 10.33
CA TYR B 641 -28.18 0.59 9.59
C TYR B 641 -29.68 0.69 9.36
N ARG B 642 -30.12 0.18 8.21
CA ARG B 642 -31.53 0.02 7.88
C ARG B 642 -31.84 -1.46 7.78
N THR B 643 -33.05 -1.84 8.22
CA THR B 643 -33.45 -3.24 8.28
C THR B 643 -34.63 -3.48 7.35
N LEU B 644 -34.49 -4.47 6.47
CA LEU B 644 -35.55 -4.87 5.55
C LEU B 644 -36.03 -6.26 5.97
N SER B 645 -37.29 -6.34 6.40
CA SER B 645 -37.84 -7.58 6.92
C SER B 645 -37.95 -8.63 5.82
N ALA B 646 -38.23 -9.86 6.25
CA ALA B 646 -38.41 -10.96 5.29
C ALA B 646 -39.64 -10.70 4.43
N ASN B 647 -39.51 -10.97 3.13
CA ASN B 647 -40.58 -10.73 2.17
C ASN B 647 -40.47 -11.76 1.06
N ASP B 648 -41.37 -12.75 1.07
CA ASP B 648 -41.37 -13.83 0.09
C ASP B 648 -41.31 -13.34 -1.36
N ASP B 649 -41.63 -12.07 -1.62
CA ASP B 649 -41.69 -11.58 -2.99
C ASP B 649 -40.50 -10.72 -3.40
N GLY B 650 -39.47 -10.64 -2.58
CA GLY B 650 -38.21 -10.05 -3.03
C GLY B 650 -38.00 -8.63 -2.56
N VAL B 651 -36.93 -8.03 -3.08
CA VAL B 651 -36.46 -6.70 -2.69
C VAL B 651 -36.12 -5.92 -3.95
N TYR B 652 -36.51 -4.63 -3.97
CA TYR B 652 -36.34 -3.74 -5.11
C TYR B 652 -34.88 -3.32 -5.26
N MET B 653 -34.12 -4.18 -5.94
CA MET B 653 -32.74 -3.90 -6.25
C MET B 653 -32.65 -2.65 -7.14
N PRO B 654 -31.61 -1.84 -6.98
CA PRO B 654 -31.43 -0.69 -7.86
C PRO B 654 -31.09 -1.10 -9.28
N LEU B 655 -31.74 -0.44 -10.24
CA LEU B 655 -31.55 -0.71 -11.65
C LEU B 655 -31.28 0.59 -12.39
N GLY B 656 -30.65 0.47 -13.55
CA GLY B 656 -30.44 1.60 -14.44
C GLY B 656 -28.98 2.01 -14.53
N VAL B 657 -28.77 3.19 -15.10
CA VAL B 657 -27.43 3.72 -15.34
C VAL B 657 -27.06 4.60 -14.14
N ILE B 658 -26.14 4.11 -13.32
CA ILE B 658 -25.62 4.89 -12.20
C ILE B 658 -24.34 5.56 -12.69
N SER B 659 -24.51 6.71 -13.33
CA SER B 659 -23.39 7.45 -13.87
C SER B 659 -23.82 8.88 -14.18
N GLU B 660 -22.87 9.79 -14.16
CA GLU B 660 -23.11 11.14 -14.67
C GLU B 660 -23.41 11.05 -16.16
N THR B 661 -24.16 12.05 -16.66
CA THR B 661 -24.51 12.07 -18.08
C THR B 661 -23.27 11.97 -18.97
N PHE B 662 -22.12 12.43 -18.47
CA PHE B 662 -20.84 12.21 -19.11
C PHE B 662 -19.91 11.53 -18.12
N LEU B 663 -19.19 10.51 -18.58
CA LEU B 663 -18.30 9.75 -17.71
C LEU B 663 -17.27 10.67 -17.06
N THR B 664 -17.34 10.76 -15.74
CA THR B 664 -16.48 11.62 -14.94
C THR B 664 -16.13 10.91 -13.64
N PRO B 665 -14.97 11.21 -13.05
CA PRO B 665 -14.63 10.61 -11.76
C PRO B 665 -15.61 11.01 -10.68
N ILE B 666 -15.63 10.22 -9.61
CA ILE B 666 -16.54 10.43 -8.49
C ILE B 666 -15.72 10.67 -7.22
N ASN B 667 -16.32 11.42 -6.29
CA ASN B 667 -15.71 11.66 -4.99
C ASN B 667 -16.71 11.38 -3.86
N GLY B 668 -17.79 10.66 -4.15
CA GLY B 668 -18.78 10.35 -3.14
C GLY B 668 -19.54 9.10 -3.52
N PHE B 669 -19.91 8.33 -2.50
CA PHE B 669 -20.68 7.11 -2.72
C PHE B 669 -21.49 6.82 -1.46
N GLY B 670 -22.68 6.25 -1.65
CA GLY B 670 -23.53 5.89 -0.54
C GLY B 670 -24.70 5.02 -0.95
N LEU B 671 -25.11 4.11 -0.06
CA LEU B 671 -26.24 3.24 -0.28
C LEU B 671 -27.33 3.59 0.73
N GLN B 672 -28.56 3.71 0.24
CA GLN B 672 -29.71 3.99 1.09
C GLN B 672 -30.77 2.91 0.86
N ALA B 673 -31.37 2.44 1.94
CA ALA B 673 -32.38 1.39 1.90
C ALA B 673 -33.59 1.84 2.70
N ASP B 674 -34.74 1.88 2.06
CA ASP B 674 -35.98 2.29 2.72
C ASP B 674 -36.60 1.07 3.39
N GLU B 675 -36.82 1.17 4.71
CA GLU B 675 -37.41 0.09 5.46
C GLU B 675 -38.86 -0.18 5.07
N ASN B 676 -39.51 0.79 4.41
CA ASN B 676 -40.92 0.65 4.06
C ASN B 676 -41.10 0.04 2.67
N SER B 677 -40.53 0.68 1.65
CA SER B 677 -40.70 0.27 0.26
C SER B 677 -39.72 -0.79 -0.21
N ARG B 678 -38.70 -1.12 0.60
CA ARG B 678 -37.66 -2.07 0.22
C ARG B 678 -36.87 -1.56 -0.99
N LEU B 679 -36.78 -0.24 -1.14
CA LEU B 679 -36.02 0.36 -2.23
C LEU B 679 -34.57 0.57 -1.81
N ILE B 680 -33.65 0.05 -2.60
CA ILE B 680 -32.22 0.26 -2.39
C ILE B 680 -31.73 1.25 -3.44
N THR B 681 -31.11 2.34 -2.99
CA THR B 681 -30.73 3.45 -3.85
C THR B 681 -29.24 3.70 -3.72
N LEU B 682 -28.53 3.62 -4.85
CA LEU B 682 -27.12 3.97 -4.93
C LEU B 682 -26.99 5.41 -5.41
N THR B 683 -26.14 6.19 -4.74
CA THR B 683 -25.97 7.60 -5.07
C THR B 683 -24.50 7.98 -4.99
N CYS B 684 -24.04 8.77 -5.95
CA CYS B 684 -22.66 9.20 -6.04
C CYS B 684 -22.58 10.69 -6.35
N LYS B 685 -21.42 11.29 -6.08
CA LYS B 685 -21.13 12.68 -6.41
C LYS B 685 -20.15 12.75 -7.56
N SER B 686 -20.42 13.65 -8.52
CA SER B 686 -19.73 13.69 -9.81
C SER B 686 -18.84 14.93 -9.92
N TYR B 687 -17.58 14.71 -10.30
CA TYR B 687 -16.60 15.78 -10.52
C TYR B 687 -16.86 16.63 -11.76
N LEU B 688 -18.08 16.62 -12.31
CA LEU B 688 -18.31 17.24 -13.61
C LEU B 688 -18.18 18.76 -13.54
N ARG B 689 -18.65 19.39 -12.47
CA ARG B 689 -18.56 20.84 -12.35
C ARG B 689 -17.11 21.30 -12.40
N GLU B 690 -16.22 20.59 -11.70
CA GLU B 690 -14.80 20.94 -11.73
C GLU B 690 -14.25 20.83 -13.15
N LEU B 691 -14.71 19.83 -13.90
CA LEU B 691 -14.29 19.69 -15.29
C LEU B 691 -14.77 20.86 -16.14
N LEU B 692 -16.06 21.20 -16.03
CA LEU B 692 -16.62 22.26 -16.87
C LEU B 692 -15.98 23.62 -16.55
N LEU B 693 -15.73 23.90 -15.27
CA LEU B 693 -15.16 25.19 -14.89
C LEU B 693 -13.77 25.39 -15.45
N ALA B 694 -12.99 24.32 -15.59
CA ALA B 694 -11.61 24.41 -16.05
C ALA B 694 -11.50 24.33 -17.58
N THR B 695 -12.25 25.17 -18.28
CA THR B 695 -12.25 25.16 -19.73
C THR B 695 -12.24 26.58 -20.31
N LEU B 704 -15.97 15.33 -24.05
CA LEU B 704 -16.67 14.54 -23.04
C LEU B 704 -17.11 13.19 -23.60
N ILE B 705 -17.13 12.17 -22.75
CA ILE B 705 -17.51 10.82 -23.14
C ILE B 705 -18.88 10.51 -22.55
N VAL B 706 -19.75 9.94 -23.37
CA VAL B 706 -21.09 9.53 -22.93
C VAL B 706 -21.04 8.06 -22.54
N PRO B 707 -21.64 7.66 -21.43
CA PRO B 707 -21.65 6.24 -21.04
C PRO B 707 -22.28 5.39 -22.14
N PRO B 708 -21.53 4.42 -22.67
CA PRO B 708 -22.02 3.64 -23.81
C PRO B 708 -23.28 2.85 -23.46
N SER B 709 -24.19 2.74 -24.43
CA SER B 709 -25.42 1.99 -24.22
C SER B 709 -25.14 0.50 -24.21
N GLY B 710 -24.34 0.02 -25.16
CA GLY B 710 -24.00 -1.39 -25.24
C GLY B 710 -22.72 -1.69 -24.48
N PHE B 711 -22.26 -2.93 -24.64
CA PHE B 711 -21.02 -3.39 -24.02
C PHE B 711 -19.88 -3.17 -24.99
N ILE B 712 -18.98 -2.24 -24.65
CA ILE B 712 -17.81 -2.00 -25.49
C ILE B 712 -16.84 -3.17 -25.45
N SER B 713 -16.79 -3.89 -24.34
CA SER B 713 -15.89 -5.04 -24.21
C SER B 713 -16.50 -6.32 -24.78
N ASN B 714 -17.56 -6.20 -25.58
CA ASN B 714 -18.18 -7.35 -26.21
C ASN B 714 -17.17 -8.11 -27.05
N ILE B 715 -16.97 -9.39 -26.72
CA ILE B 715 -16.01 -10.20 -27.45
C ILE B 715 -16.47 -10.43 -28.88
N VAL B 716 -17.76 -10.71 -29.07
CA VAL B 716 -18.30 -10.91 -30.41
C VAL B 716 -18.25 -9.59 -31.16
N GLU B 717 -17.54 -9.57 -32.29
CA GLU B 717 -17.51 -8.40 -33.14
C GLU B 717 -18.81 -8.33 -33.93
N ASN B 718 -19.38 -7.12 -34.02
CA ASN B 718 -20.65 -6.89 -34.71
C ASN B 718 -21.75 -7.75 -34.10
N GLY B 719 -21.93 -7.62 -32.78
CA GLY B 719 -22.99 -8.31 -32.08
C GLY B 719 -24.36 -7.96 -32.61
N SER B 720 -24.72 -6.68 -32.49
CA SER B 720 -25.83 -6.14 -33.26
C SER B 720 -25.33 -5.83 -34.65
N ILE B 721 -26.07 -6.23 -35.67
CA ILE B 721 -25.53 -6.26 -37.04
C ILE B 721 -25.80 -4.87 -37.60
N GLU B 722 -24.94 -3.92 -37.21
CA GLU B 722 -25.02 -2.52 -37.58
C GLU B 722 -23.99 -2.14 -38.63
N GLU B 723 -23.59 -3.07 -39.47
CA GLU B 723 -22.61 -2.83 -40.53
C GLU B 723 -23.27 -2.93 -41.90
N ASP B 724 -22.46 -2.78 -42.93
CA ASP B 724 -22.92 -2.91 -44.31
C ASP B 724 -22.81 -4.34 -44.80
N ASN B 725 -22.25 -5.22 -43.98
CA ASN B 725 -22.03 -6.63 -44.25
C ASN B 725 -21.54 -7.27 -42.95
N LEU B 726 -21.87 -8.54 -42.78
CA LEU B 726 -21.33 -9.29 -41.65
C LEU B 726 -19.81 -9.36 -41.74
N GLU B 727 -19.13 -8.74 -40.76
CA GLU B 727 -17.68 -8.74 -40.90
C GLU B 727 -17.06 -10.07 -40.46
N PRO B 728 -17.17 -10.50 -39.18
CA PRO B 728 -16.59 -11.79 -38.80
C PRO B 728 -17.56 -12.95 -38.91
N TRP B 729 -18.86 -12.64 -38.95
CA TRP B 729 -19.88 -13.66 -39.17
C TRP B 729 -19.63 -14.37 -40.49
N LYS B 730 -19.65 -15.69 -40.44
CA LYS B 730 -19.48 -16.54 -41.61
C LYS B 730 -20.80 -17.24 -41.88
N ALA B 731 -21.35 -17.05 -43.07
CA ALA B 731 -22.54 -17.76 -43.48
C ALA B 731 -22.16 -19.08 -44.11
N ASN B 732 -23.05 -20.06 -43.98
CA ASN B 732 -22.76 -21.40 -44.46
C ASN B 732 -22.91 -21.45 -45.97
N ASN B 733 -22.56 -22.60 -46.55
CA ASN B 733 -22.70 -22.78 -47.99
C ASN B 733 -24.14 -23.07 -48.37
N LYS B 734 -25.06 -22.68 -47.48
CA LYS B 734 -26.50 -22.85 -47.65
C LYS B 734 -27.14 -21.49 -47.45
N ASN B 735 -28.42 -21.39 -47.80
CA ASN B 735 -29.11 -20.10 -47.84
C ASN B 735 -29.39 -19.63 -46.41
N ALA B 736 -28.57 -18.69 -45.94
CA ALA B 736 -28.79 -18.00 -44.67
C ALA B 736 -28.29 -16.57 -44.83
N TYR B 737 -29.19 -15.60 -44.72
CA TYR B 737 -28.91 -14.21 -45.05
C TYR B 737 -29.15 -13.32 -43.82
N VAL B 738 -29.09 -12.02 -44.05
CA VAL B 738 -29.37 -11.01 -43.03
C VAL B 738 -30.68 -10.34 -43.40
N ASP B 739 -31.71 -10.58 -42.59
CA ASP B 739 -32.97 -9.87 -42.72
C ASP B 739 -32.80 -8.40 -42.32
N HIS B 740 -32.97 -7.51 -43.29
CA HIS B 740 -32.78 -6.08 -43.03
C HIS B 740 -33.95 -5.47 -42.27
N THR B 741 -35.18 -5.92 -42.54
CA THR B 741 -36.37 -5.38 -41.88
C THR B 741 -36.69 -6.09 -40.58
N GLY B 742 -36.01 -7.19 -40.27
CA GLY B 742 -36.38 -8.06 -39.17
C GLY B 742 -35.54 -7.99 -37.90
N GLY B 743 -34.98 -6.82 -37.57
CA GLY B 743 -34.17 -6.77 -36.38
C GLY B 743 -34.95 -6.53 -35.11
N VAL B 744 -34.68 -5.44 -34.37
CA VAL B 744 -35.38 -5.23 -33.11
C VAL B 744 -36.65 -4.45 -33.36
N ASN B 745 -36.52 -3.24 -33.91
CA ASN B 745 -37.72 -2.52 -34.32
C ASN B 745 -37.56 -1.97 -35.72
N GLY B 746 -36.33 -1.71 -36.15
CA GLY B 746 -36.09 -1.22 -37.49
C GLY B 746 -34.86 -1.79 -38.17
N THR B 747 -33.98 -2.41 -37.39
CA THR B 747 -32.66 -2.75 -37.87
C THR B 747 -32.62 -4.12 -38.52
N LYS B 748 -31.41 -4.54 -38.91
CA LYS B 748 -31.15 -5.83 -39.51
C LYS B 748 -30.88 -6.89 -38.43
N ALA B 749 -31.08 -8.15 -38.80
CA ALA B 749 -30.81 -9.26 -37.90
C ALA B 749 -30.52 -10.50 -38.71
N LEU B 750 -29.75 -11.41 -38.11
CA LEU B 750 -29.41 -12.67 -38.76
C LEU B 750 -30.62 -13.60 -38.71
N TYR B 751 -31.14 -13.98 -39.87
CA TYR B 751 -32.17 -15.00 -39.95
C TYR B 751 -31.56 -16.26 -40.54
N VAL B 752 -32.03 -17.41 -40.08
CA VAL B 752 -31.45 -18.69 -40.46
C VAL B 752 -32.57 -19.65 -40.85
N HIS B 753 -32.40 -20.31 -42.00
CA HIS B 753 -33.35 -21.30 -42.47
C HIS B 753 -32.94 -22.68 -41.97
N LYS B 754 -33.53 -23.72 -42.54
CA LYS B 754 -33.37 -25.08 -42.01
C LYS B 754 -31.95 -25.61 -42.21
N ASP B 755 -31.25 -25.16 -43.24
CA ASP B 755 -29.97 -25.75 -43.64
C ASP B 755 -28.82 -24.91 -43.08
N GLY B 756 -28.14 -25.44 -42.06
CA GLY B 756 -27.01 -24.78 -41.44
C GLY B 756 -27.37 -23.39 -40.92
N GLY B 757 -26.36 -22.54 -40.80
CA GLY B 757 -26.62 -21.16 -40.45
C GLY B 757 -25.34 -20.36 -40.36
N ILE B 758 -25.39 -19.28 -39.58
CA ILE B 758 -24.30 -18.31 -39.50
C ILE B 758 -23.46 -18.63 -38.28
N SER B 759 -22.15 -18.46 -38.42
CA SER B 759 -21.21 -18.65 -37.32
C SER B 759 -20.12 -17.59 -37.37
N GLN B 760 -19.56 -17.27 -36.21
CA GLN B 760 -18.46 -16.32 -36.12
C GLN B 760 -17.36 -16.89 -35.26
N PHE B 761 -16.11 -16.74 -35.71
CA PHE B 761 -14.94 -17.20 -34.97
C PHE B 761 -14.58 -16.19 -33.90
N ILE B 762 -14.57 -16.62 -32.64
CA ILE B 762 -14.04 -15.78 -31.59
C ILE B 762 -12.64 -16.29 -31.25
N GLY B 763 -12.55 -17.46 -30.62
CA GLY B 763 -11.34 -18.26 -30.66
C GLY B 763 -10.28 -17.91 -29.64
N ASP B 764 -9.34 -17.08 -30.09
CA ASP B 764 -8.23 -16.59 -29.28
C ASP B 764 -8.63 -15.52 -28.28
N LYS B 765 -9.80 -14.89 -28.47
CA LYS B 765 -10.25 -13.86 -27.53
C LYS B 765 -10.75 -14.45 -26.22
N LEU B 766 -10.91 -15.77 -26.14
CA LEU B 766 -11.34 -16.44 -24.93
C LEU B 766 -10.14 -16.89 -24.09
N LYS B 767 -10.38 -17.09 -22.81
CA LYS B 767 -9.36 -17.55 -21.89
C LYS B 767 -9.77 -18.88 -21.26
N PRO B 768 -8.82 -19.77 -20.98
CA PRO B 768 -9.19 -21.10 -20.48
C PRO B 768 -9.63 -21.05 -19.02
N LYS B 769 -10.69 -21.81 -18.72
CA LYS B 769 -11.21 -21.95 -17.36
C LYS B 769 -11.53 -20.60 -16.73
N THR B 770 -12.11 -19.72 -17.53
CA THR B 770 -12.54 -18.40 -17.08
C THR B 770 -14.05 -18.28 -17.23
N GLU B 771 -14.68 -17.52 -16.33
CA GLU B 771 -16.12 -17.38 -16.35
C GLU B 771 -16.55 -16.30 -17.34
N TYR B 772 -17.62 -16.57 -18.07
CA TYR B 772 -18.12 -15.66 -19.08
C TYR B 772 -19.63 -15.53 -18.94
N VAL B 773 -20.20 -14.54 -19.63
CA VAL B 773 -21.64 -14.32 -19.68
C VAL B 773 -22.05 -14.26 -21.14
N ILE B 774 -22.99 -15.11 -21.52
CA ILE B 774 -23.55 -15.14 -22.86
C ILE B 774 -24.88 -14.42 -22.83
N GLN B 775 -25.14 -13.60 -23.85
CA GLN B 775 -26.40 -12.87 -23.93
C GLN B 775 -26.77 -12.69 -25.39
N TYR B 776 -28.04 -12.94 -25.72
CA TYR B 776 -28.50 -12.80 -27.10
C TYR B 776 -30.00 -12.56 -27.09
N THR B 777 -30.45 -11.71 -28.01
CA THR B 777 -31.87 -11.43 -28.21
C THR B 777 -32.32 -12.18 -29.46
N VAL B 778 -33.04 -13.28 -29.25
CA VAL B 778 -33.42 -14.18 -30.33
C VAL B 778 -34.91 -14.46 -30.26
N LYS B 779 -35.44 -15.02 -31.34
CA LYS B 779 -36.82 -15.46 -31.40
C LYS B 779 -36.93 -16.59 -32.43
N GLY B 780 -37.90 -17.47 -32.22
CA GLY B 780 -38.07 -18.63 -33.07
C GLY B 780 -37.62 -19.90 -32.38
N LYS B 781 -36.89 -20.75 -33.10
CA LYS B 781 -36.33 -21.99 -32.55
C LYS B 781 -34.83 -22.01 -32.80
N PRO B 782 -34.06 -21.23 -32.05
CA PRO B 782 -32.63 -21.13 -32.32
C PRO B 782 -31.83 -22.24 -31.66
N SER B 783 -30.73 -22.60 -32.31
CA SER B 783 -29.78 -23.59 -31.80
C SER B 783 -28.44 -22.87 -31.64
N ILE B 784 -28.23 -22.29 -30.46
CA ILE B 784 -27.02 -21.50 -30.19
C ILE B 784 -25.98 -22.42 -29.57
N HIS B 785 -24.83 -22.51 -30.21
CA HIS B 785 -23.73 -23.35 -29.75
C HIS B 785 -22.44 -22.56 -29.68
N LEU B 786 -21.66 -22.80 -28.64
CA LEU B 786 -20.30 -22.28 -28.51
C LEU B 786 -19.38 -23.50 -28.57
N LYS B 787 -18.99 -23.88 -29.78
CA LYS B 787 -18.34 -25.15 -30.04
C LYS B 787 -16.92 -24.91 -30.55
N ASP B 788 -16.03 -25.85 -30.23
CA ASP B 788 -14.65 -25.74 -30.65
C ASP B 788 -14.46 -26.10 -32.13
N GLU B 789 -15.36 -26.93 -32.67
CA GLU B 789 -15.38 -27.29 -34.09
C GLU B 789 -14.12 -28.03 -34.52
N ASN B 790 -13.21 -28.26 -33.58
CA ASN B 790 -12.02 -29.07 -33.78
C ASN B 790 -12.03 -30.33 -32.93
N THR B 791 -12.28 -30.17 -31.63
CA THR B 791 -12.48 -31.30 -30.73
C THR B 791 -13.96 -31.57 -30.46
N GLY B 792 -14.84 -30.64 -30.81
CA GLY B 792 -16.26 -30.81 -30.60
C GLY B 792 -16.76 -30.39 -29.23
N TYR B 793 -15.90 -29.84 -28.38
CA TYR B 793 -16.32 -29.47 -27.03
C TYR B 793 -17.29 -28.30 -27.08
N ILE B 794 -18.47 -28.49 -26.47
CA ILE B 794 -19.46 -27.43 -26.35
C ILE B 794 -19.22 -26.69 -25.04
N HIS B 795 -18.90 -25.40 -25.13
CA HIS B 795 -18.73 -24.59 -23.93
C HIS B 795 -20.06 -24.06 -23.42
N TYR B 796 -20.98 -23.75 -24.34
CA TYR B 796 -22.32 -23.30 -23.99
C TYR B 796 -23.26 -23.77 -25.10
N GLU B 797 -24.44 -24.22 -24.70
CA GLU B 797 -25.42 -24.71 -25.65
C GLU B 797 -26.81 -24.30 -25.21
N ASP B 798 -27.63 -23.88 -26.17
CA ASP B 798 -29.05 -23.60 -25.96
C ASP B 798 -29.78 -24.35 -27.07
N THR B 799 -30.06 -25.63 -26.83
CA THR B 799 -30.64 -26.44 -27.91
C THR B 799 -32.15 -26.25 -28.00
N ASN B 800 -32.91 -26.73 -27.02
CA ASN B 800 -34.36 -26.63 -27.02
C ASN B 800 -34.79 -25.28 -26.45
N ASN B 801 -35.30 -24.40 -27.30
CA ASN B 801 -35.91 -23.15 -26.88
C ASN B 801 -36.95 -22.73 -27.90
N ASN B 802 -37.81 -21.81 -27.48
CA ASN B 802 -38.85 -21.28 -28.37
C ASN B 802 -38.98 -19.78 -28.21
N TYR B 806 -39.10 -11.58 -29.76
CA TYR B 806 -37.72 -11.38 -29.35
C TYR B 806 -37.58 -11.26 -27.84
N GLN B 807 -36.73 -12.09 -27.26
CA GLN B 807 -36.41 -12.05 -25.84
C GLN B 807 -34.91 -12.17 -25.66
N THR B 808 -34.39 -11.47 -24.65
CA THR B 808 -32.95 -11.42 -24.41
C THR B 808 -32.61 -12.49 -23.39
N ILE B 809 -32.15 -13.64 -23.88
CA ILE B 809 -31.70 -14.72 -23.00
C ILE B 809 -30.32 -14.39 -22.48
N ASN B 810 -30.10 -14.63 -21.19
CA ASN B 810 -28.87 -14.23 -20.53
C ASN B 810 -28.44 -15.35 -19.59
N LYS B 811 -27.33 -16.01 -19.90
CA LYS B 811 -26.79 -17.09 -19.09
C LYS B 811 -25.30 -16.87 -18.86
N ARG B 812 -24.75 -17.65 -17.92
CA ARG B 812 -23.35 -17.54 -17.53
C ARG B 812 -22.74 -18.93 -17.49
N PHE B 813 -21.52 -19.06 -18.02
CA PHE B 813 -20.89 -20.35 -18.23
C PHE B 813 -19.40 -20.23 -17.96
N THR B 814 -18.71 -21.37 -18.06
CA THR B 814 -17.27 -21.43 -17.89
C THR B 814 -16.64 -22.16 -19.07
N THR B 815 -15.41 -21.77 -19.41
CA THR B 815 -14.65 -22.32 -20.52
C THR B 815 -13.72 -23.43 -20.04
N GLY B 816 -13.03 -24.05 -20.99
CA GLY B 816 -12.05 -25.08 -20.67
C GLY B 816 -10.73 -24.96 -21.39
N THR B 817 -10.02 -26.08 -21.52
CA THR B 817 -8.73 -26.13 -22.20
C THR B 817 -8.84 -26.17 -23.73
N ASP B 818 -10.04 -26.17 -24.29
CA ASP B 818 -10.20 -26.34 -25.73
C ASP B 818 -10.80 -25.05 -26.30
N LEU B 819 -9.93 -24.22 -26.86
CA LEU B 819 -10.32 -22.90 -27.36
C LEU B 819 -9.82 -22.59 -28.77
N LYS B 820 -8.81 -23.30 -29.26
CA LYS B 820 -8.24 -22.99 -30.57
C LYS B 820 -9.23 -23.41 -31.64
N GLY B 821 -9.99 -22.45 -32.15
CA GLY B 821 -10.99 -22.70 -33.16
C GLY B 821 -12.43 -22.57 -32.69
N VAL B 822 -12.67 -21.93 -31.54
CA VAL B 822 -14.03 -21.86 -30.99
C VAL B 822 -14.86 -20.91 -31.83
N TYR B 823 -16.04 -21.36 -32.24
CA TYR B 823 -16.99 -20.54 -32.98
C TYR B 823 -18.26 -20.36 -32.18
N LEU B 824 -18.94 -19.26 -32.41
CA LEU B 824 -20.31 -19.04 -31.93
C LEU B 824 -21.25 -19.31 -33.10
N ILE B 825 -22.07 -20.35 -32.96
CA ILE B 825 -22.84 -20.89 -34.07
C ILE B 825 -24.32 -20.63 -33.82
N LEU B 826 -24.99 -20.06 -34.83
CA LEU B 826 -26.43 -19.84 -34.81
C LEU B 826 -27.05 -20.76 -35.85
N LYS B 827 -27.81 -21.75 -35.39
CA LYS B 827 -28.52 -22.66 -36.29
C LYS B 827 -29.96 -22.84 -35.82
N SER B 828 -30.68 -23.74 -36.47
CA SER B 828 -32.09 -23.97 -36.21
C SER B 828 -32.32 -25.34 -35.59
N GLN B 829 -33.52 -25.55 -35.08
CA GLN B 829 -33.92 -26.80 -34.47
C GLN B 829 -34.73 -27.61 -35.47
N ASN B 830 -34.33 -28.88 -35.66
CA ASN B 830 -35.06 -29.83 -36.49
C ASN B 830 -35.58 -29.22 -37.78
N GLY B 831 -34.77 -28.41 -38.44
CA GLY B 831 -35.17 -27.78 -39.69
C GLY B 831 -36.28 -26.76 -39.54
N ASP B 832 -35.99 -25.65 -38.87
CA ASP B 832 -36.95 -24.57 -38.69
C ASP B 832 -36.24 -23.24 -38.96
N GLU B 833 -36.87 -22.14 -38.58
CA GLU B 833 -36.32 -20.81 -38.74
C GLU B 833 -35.99 -20.18 -37.39
N ALA B 834 -35.12 -19.18 -37.41
CA ALA B 834 -34.72 -18.49 -36.18
C ALA B 834 -34.09 -17.15 -36.54
N TRP B 835 -34.32 -16.15 -35.69
CA TRP B 835 -33.74 -14.82 -35.83
C TRP B 835 -32.92 -14.46 -34.61
N GLY B 836 -31.73 -13.93 -34.83
CA GLY B 836 -30.87 -13.47 -33.74
C GLY B 836 -30.29 -12.10 -34.06
N ASP B 837 -30.26 -11.23 -33.05
CA ASP B 837 -29.84 -9.87 -33.36
C ASP B 837 -28.77 -9.29 -32.45
N ASN B 838 -28.82 -9.56 -31.14
CA ASN B 838 -27.89 -8.94 -30.20
C ASN B 838 -27.04 -10.00 -29.49
N PHE B 839 -26.02 -10.48 -30.17
CA PHE B 839 -25.10 -11.44 -29.56
C PHE B 839 -24.06 -10.72 -28.71
N ILE B 840 -23.87 -11.20 -27.48
CA ILE B 840 -23.00 -10.56 -26.50
C ILE B 840 -22.20 -11.64 -25.77
N ILE B 841 -20.89 -11.45 -25.70
CA ILE B 841 -20.00 -12.28 -24.87
C ILE B 841 -19.15 -11.34 -24.03
N LEU B 842 -19.12 -11.59 -22.72
CA LEU B 842 -18.45 -10.71 -21.78
C LEU B 842 -17.62 -11.53 -20.80
N GLU B 843 -16.42 -11.05 -20.48
CA GLU B 843 -15.58 -11.67 -19.47
C GLU B 843 -15.93 -11.12 -18.08
N ILE B 844 -16.22 -12.01 -17.15
CA ILE B 844 -16.63 -11.66 -15.80
C ILE B 844 -15.64 -12.22 -14.79
N SER B 845 -14.35 -12.20 -15.14
CA SER B 845 -13.31 -12.74 -14.27
C SER B 845 -13.36 -12.26 -12.82
N PRO B 846 -13.66 -11.00 -12.49
CA PRO B 846 -13.59 -10.60 -11.07
C PRO B 846 -14.76 -11.13 -10.25
N SER B 847 -14.49 -12.15 -9.43
CA SER B 847 -15.41 -12.60 -8.39
C SER B 847 -14.61 -13.41 -7.38
N GLU B 848 -15.11 -13.48 -6.14
CA GLU B 848 -14.28 -14.01 -5.07
C GLU B 848 -15.13 -14.52 -3.93
N LYS B 849 -14.60 -15.54 -3.24
CA LYS B 849 -15.24 -16.15 -2.07
C LYS B 849 -14.88 -15.38 -0.81
N LEU B 850 -15.87 -15.16 0.06
CA LEU B 850 -15.66 -14.44 1.30
C LEU B 850 -14.85 -15.28 2.28
N LEU B 851 -13.69 -14.78 2.69
CA LEU B 851 -12.80 -15.46 3.64
C LEU B 851 -13.15 -15.00 5.06
N SER B 852 -13.94 -15.80 5.78
CA SER B 852 -14.22 -15.52 7.18
C SER B 852 -13.30 -16.37 8.04
N PRO B 853 -12.27 -15.81 8.65
CA PRO B 853 -11.31 -16.60 9.40
C PRO B 853 -11.81 -16.97 10.80
N GLU B 854 -11.13 -17.94 11.40
CA GLU B 854 -11.43 -18.37 12.76
C GLU B 854 -10.73 -17.48 13.78
N LEU B 855 -11.46 -17.05 14.80
CA LEU B 855 -10.91 -16.21 15.85
C LEU B 855 -10.78 -16.92 17.18
N ILE B 856 -11.36 -18.11 17.34
CA ILE B 856 -11.22 -18.91 18.55
C ILE B 856 -10.20 -20.00 18.30
N ASN B 857 -9.17 -20.05 19.14
CA ASN B 857 -8.16 -21.09 19.10
C ASN B 857 -8.13 -21.83 20.44
N THR B 858 -7.76 -23.12 20.38
CA THR B 858 -7.83 -23.96 21.57
C THR B 858 -6.84 -23.50 22.65
N ASN B 859 -5.66 -23.05 22.26
CA ASN B 859 -4.60 -22.70 23.20
C ASN B 859 -4.71 -21.28 23.74
N ASN B 860 -5.81 -20.57 23.48
CA ASN B 860 -5.94 -19.17 23.88
C ASN B 860 -6.98 -18.96 24.97
N TRP B 861 -7.45 -20.03 25.62
CA TRP B 861 -8.43 -19.93 26.69
C TRP B 861 -7.75 -19.73 28.04
N THR B 862 -8.41 -18.94 28.89
CA THR B 862 -7.98 -18.73 30.27
C THR B 862 -9.04 -19.30 31.20
N SER B 863 -8.60 -19.90 32.31
CA SER B 863 -9.48 -20.66 33.18
C SER B 863 -9.63 -20.01 34.55
N THR B 864 -10.82 -20.12 35.11
CA THR B 864 -11.10 -19.81 36.51
C THR B 864 -12.07 -20.85 37.04
N GLY B 865 -11.66 -21.58 38.07
CA GLY B 865 -12.44 -22.72 38.52
C GLY B 865 -12.08 -23.98 37.75
N SER B 866 -12.87 -25.02 37.98
CA SER B 866 -12.63 -26.32 37.37
C SER B 866 -13.16 -26.31 35.94
N THR B 867 -12.25 -26.39 34.98
CA THR B 867 -12.58 -26.40 33.55
C THR B 867 -11.69 -27.41 32.85
N ASN B 868 -12.06 -27.73 31.62
CA ASN B 868 -11.28 -28.67 30.81
C ASN B 868 -11.42 -28.31 29.34
N ILE B 869 -10.30 -28.36 28.63
CA ILE B 869 -10.25 -28.05 27.20
C ILE B 869 -9.67 -29.27 26.50
N SER B 870 -10.53 -30.03 25.81
CA SER B 870 -10.12 -31.23 25.08
C SER B 870 -10.59 -31.07 23.64
N GLY B 871 -9.76 -30.46 22.81
CA GLY B 871 -10.09 -30.26 21.41
C GLY B 871 -11.17 -29.22 21.20
N ASN B 872 -12.27 -29.62 20.57
CA ASN B 872 -13.39 -28.74 20.33
C ASN B 872 -14.38 -28.68 21.49
N THR B 873 -14.26 -29.57 22.47
CA THR B 873 -15.18 -29.62 23.60
C THR B 873 -14.64 -28.80 24.77
N LEU B 874 -15.42 -27.83 25.23
CA LEU B 874 -15.10 -27.02 26.39
C LEU B 874 -16.04 -27.41 27.53
N THR B 875 -15.47 -27.84 28.65
CA THR B 875 -16.23 -28.45 29.73
C THR B 875 -16.15 -27.59 30.99
N LEU B 876 -17.33 -27.27 31.55
CA LEU B 876 -17.44 -26.65 32.87
C LEU B 876 -17.94 -27.75 33.82
N TYR B 877 -17.04 -28.25 34.67
CA TYR B 877 -17.37 -29.39 35.50
C TYR B 877 -18.42 -29.05 36.55
N GLN B 878 -19.11 -30.08 37.02
CA GLN B 878 -20.17 -29.90 38.01
C GLN B 878 -19.56 -29.47 39.33
N GLY B 879 -20.22 -28.52 40.00
CA GLY B 879 -19.73 -27.97 41.25
C GLY B 879 -18.61 -26.98 41.04
N GLY B 880 -17.94 -27.09 39.89
CA GLY B 880 -16.79 -26.26 39.61
C GLY B 880 -17.23 -24.96 38.97
N ARG B 881 -17.00 -23.85 39.67
CA ARG B 881 -17.44 -22.55 39.18
C ARG B 881 -16.59 -22.09 38.02
N GLY B 882 -16.67 -22.80 36.90
CA GLY B 882 -15.77 -22.57 35.78
C GLY B 882 -16.22 -21.42 34.88
N ILE B 883 -15.25 -20.61 34.46
CA ILE B 883 -15.46 -19.52 33.52
C ILE B 883 -14.27 -19.52 32.55
N LEU B 884 -14.55 -19.71 31.27
CA LEU B 884 -13.54 -19.69 30.22
C LEU B 884 -13.58 -18.36 29.47
N LYS B 885 -12.40 -17.84 29.12
CA LYS B 885 -12.30 -16.54 28.49
C LYS B 885 -11.18 -16.57 27.44
N GLN B 886 -11.50 -16.12 26.23
CA GLN B 886 -10.52 -15.98 25.15
C GLN B 886 -10.66 -14.59 24.54
N ASN B 887 -9.52 -13.94 24.31
CA ASN B 887 -9.52 -12.60 23.75
C ASN B 887 -9.79 -12.65 22.25
N LEU B 888 -10.51 -11.65 21.75
CA LEU B 888 -10.91 -11.58 20.36
C LEU B 888 -10.26 -10.38 19.69
N GLN B 889 -9.66 -10.60 18.53
CA GLN B 889 -9.09 -9.53 17.71
C GLN B 889 -10.15 -9.10 16.70
N LEU B 890 -10.84 -7.99 16.99
CA LEU B 890 -11.92 -7.53 16.14
C LEU B 890 -11.52 -6.24 15.44
N ASP B 891 -12.24 -5.93 14.36
CA ASP B 891 -12.04 -4.69 13.61
C ASP B 891 -13.16 -3.71 13.92
N SER B 892 -12.98 -2.48 13.43
CA SER B 892 -13.85 -1.36 13.81
C SER B 892 -15.31 -1.59 13.42
N PHE B 893 -15.60 -1.64 12.12
CA PHE B 893 -16.99 -1.75 11.66
C PHE B 893 -17.11 -3.04 10.87
N SER B 894 -17.45 -4.13 11.55
CA SER B 894 -17.56 -5.44 10.93
C SER B 894 -18.63 -6.26 11.64
N THR B 895 -19.15 -7.24 10.92
CA THR B 895 -20.15 -8.17 11.44
C THR B 895 -19.49 -9.52 11.70
N TYR B 896 -19.84 -10.14 12.82
CA TYR B 896 -19.26 -11.42 13.20
C TYR B 896 -20.38 -12.39 13.57
N ARG B 897 -19.98 -13.63 13.82
CA ARG B 897 -20.93 -14.72 14.06
C ARG B 897 -20.33 -15.71 15.04
N VAL B 898 -21.00 -15.89 16.18
CA VAL B 898 -20.60 -16.91 17.16
C VAL B 898 -21.36 -18.19 16.87
N TYR B 899 -20.66 -19.32 16.92
CA TYR B 899 -21.26 -20.62 16.64
C TYR B 899 -20.79 -21.63 17.68
N PHE B 900 -21.74 -22.42 18.18
CA PHE B 900 -21.43 -23.44 19.18
C PHE B 900 -22.67 -24.30 19.39
N SER B 901 -22.44 -25.46 19.99
CA SER B 901 -23.50 -26.27 20.59
C SER B 901 -23.12 -26.53 22.04
N VAL B 902 -24.10 -26.44 22.93
CA VAL B 902 -23.82 -26.54 24.36
C VAL B 902 -24.88 -27.40 25.03
N SER B 903 -24.43 -28.23 25.98
CA SER B 903 -25.30 -29.09 26.76
C SER B 903 -25.29 -28.60 28.20
N GLY B 904 -26.46 -28.26 28.72
CA GLY B 904 -26.60 -27.82 30.09
C GLY B 904 -26.98 -26.35 30.17
N ASP B 905 -27.21 -25.91 31.41
CA ASP B 905 -27.56 -24.53 31.72
C ASP B 905 -26.30 -23.68 31.65
N ALA B 906 -26.05 -23.08 30.49
CA ALA B 906 -24.84 -22.31 30.25
C ALA B 906 -25.21 -20.86 29.92
N ASN B 907 -24.19 -19.99 29.96
CA ASN B 907 -24.36 -18.58 29.66
C ASN B 907 -23.16 -18.10 28.84
N VAL B 908 -23.43 -17.74 27.59
CA VAL B 908 -22.41 -17.16 26.70
C VAL B 908 -22.60 -15.65 26.67
N ARG B 909 -21.48 -14.91 26.71
CA ARG B 909 -21.54 -13.46 26.59
C ARG B 909 -20.22 -12.94 26.05
N ILE B 910 -20.30 -12.07 25.06
CA ILE B 910 -19.14 -11.43 24.43
C ILE B 910 -19.17 -9.96 24.80
N ARG B 911 -18.12 -9.50 25.50
CA ARG B 911 -18.18 -8.22 26.17
C ARG B 911 -16.82 -7.55 26.11
N ASN B 912 -16.82 -6.24 26.32
CA ASN B 912 -15.64 -5.40 26.45
C ASN B 912 -15.71 -4.69 27.81
N SER B 913 -14.70 -3.87 28.10
CA SER B 913 -14.66 -3.15 29.37
C SER B 913 -15.93 -2.32 29.61
N ARG B 914 -16.56 -1.83 28.55
CA ARG B 914 -17.74 -0.98 28.72
C ARG B 914 -18.99 -1.54 28.07
N GLU B 915 -18.91 -2.02 26.83
CA GLU B 915 -20.09 -2.46 26.09
C GLU B 915 -20.09 -3.97 25.91
N VAL B 916 -21.29 -4.52 25.73
CA VAL B 916 -21.49 -5.93 25.49
C VAL B 916 -22.15 -6.10 24.13
N LEU B 917 -21.62 -7.02 23.32
CA LEU B 917 -22.11 -7.26 21.97
C LEU B 917 -23.11 -8.41 21.88
N PHE B 918 -23.05 -9.36 22.80
CA PHE B 918 -23.92 -10.52 22.74
C PHE B 918 -23.95 -11.19 24.11
N GLU B 919 -25.16 -11.59 24.54
CA GLU B 919 -25.31 -12.30 25.80
C GLU B 919 -26.62 -13.09 25.76
N LYS B 920 -26.56 -14.36 26.11
CA LYS B 920 -27.73 -15.21 26.16
C LYS B 920 -27.47 -16.38 27.10
N ARG B 921 -28.47 -16.72 27.90
CA ARG B 921 -28.39 -17.84 28.81
C ARG B 921 -29.21 -18.99 28.24
N TYR B 922 -28.55 -20.12 27.99
CA TYR B 922 -29.18 -21.31 27.44
C TYR B 922 -29.42 -22.25 28.62
N MET B 923 -30.66 -22.28 29.11
CA MET B 923 -31.02 -23.08 30.27
C MET B 923 -31.26 -24.55 29.92
N SER B 924 -31.28 -24.90 28.64
CA SER B 924 -31.53 -26.26 28.20
C SER B 924 -30.53 -26.58 27.09
N GLY B 925 -30.74 -27.71 26.41
CA GLY B 925 -29.88 -28.04 25.29
C GLY B 925 -30.03 -27.02 24.17
N ALA B 926 -28.90 -26.65 23.57
CA ALA B 926 -28.87 -25.69 22.47
C ALA B 926 -27.99 -26.25 21.36
N LYS B 927 -28.61 -26.83 20.33
CA LYS B 927 -27.89 -27.39 19.19
C LYS B 927 -27.71 -26.35 18.10
N ASP B 928 -26.49 -26.28 17.56
CA ASP B 928 -26.17 -25.48 16.38
C ASP B 928 -26.63 -24.03 16.52
N VAL B 929 -26.12 -23.37 17.56
CA VAL B 929 -26.42 -21.96 17.76
C VAL B 929 -25.58 -21.13 16.79
N SER B 930 -26.23 -20.20 16.09
CA SER B 930 -25.56 -19.33 15.13
C SER B 930 -26.13 -17.91 15.31
N GLU B 931 -25.45 -17.11 16.13
CA GLU B 931 -25.90 -15.77 16.46
C GLU B 931 -24.89 -14.75 15.94
N MET B 932 -25.40 -13.71 15.28
CA MET B 932 -24.56 -12.64 14.77
C MET B 932 -24.48 -11.50 15.78
N PHE B 933 -23.30 -10.85 15.82
CA PHE B 933 -23.10 -9.65 16.59
C PHE B 933 -22.24 -8.69 15.77
N THR B 934 -22.35 -7.40 16.09
CA THR B 934 -21.73 -6.36 15.28
C THR B 934 -20.85 -5.47 16.13
N THR B 935 -19.82 -4.90 15.50
CA THR B 935 -18.87 -4.01 16.14
C THR B 935 -19.06 -2.58 15.66
N LYS B 936 -18.70 -1.64 16.53
CA LYS B 936 -18.68 -0.20 16.24
C LYS B 936 -17.26 0.32 16.40
N PHE B 937 -17.10 1.64 16.29
CA PHE B 937 -15.81 2.31 16.33
C PHE B 937 -14.82 1.71 17.33
N GLU B 938 -15.32 1.10 18.41
CA GLU B 938 -14.47 0.45 19.40
C GLU B 938 -14.32 -1.03 19.06
N LYS B 939 -13.08 -1.50 18.99
CA LYS B 939 -12.80 -2.86 18.55
C LYS B 939 -11.85 -3.64 19.44
N ASP B 940 -11.14 -3.00 20.37
CA ASP B 940 -10.08 -3.65 21.12
C ASP B 940 -10.61 -4.25 22.42
N ASN B 941 -9.90 -5.29 22.89
CA ASN B 941 -10.12 -5.89 24.21
C ASN B 941 -11.50 -6.54 24.33
N PHE B 942 -11.96 -7.18 23.26
CA PHE B 942 -13.19 -7.94 23.31
C PHE B 942 -12.89 -9.41 23.59
N TYR B 943 -13.79 -10.05 24.33
CA TYR B 943 -13.59 -11.45 24.71
C TYR B 943 -14.93 -12.13 24.84
N ILE B 944 -14.95 -13.43 24.56
CA ILE B 944 -16.11 -14.29 24.82
C ILE B 944 -15.92 -14.92 26.19
N GLU B 945 -17.03 -15.08 26.92
CA GLU B 945 -17.01 -15.58 28.29
C GLU B 945 -18.02 -16.72 28.41
N LEU B 946 -17.51 -17.94 28.57
CA LEU B 946 -18.34 -19.11 28.77
C LEU B 946 -18.49 -19.39 30.26
N SER B 947 -19.73 -19.46 30.73
CA SER B 947 -19.98 -19.68 32.15
C SER B 947 -21.23 -20.53 32.30
N GLN B 948 -21.52 -20.93 33.54
CA GLN B 948 -22.71 -21.71 33.83
C GLN B 948 -23.92 -20.82 34.00
N GLY B 949 -25.09 -21.37 33.71
CA GLY B 949 -26.32 -20.60 33.84
C GLY B 949 -26.72 -20.31 35.28
N ASN B 950 -26.53 -21.29 36.16
CA ASN B 950 -26.84 -21.13 37.57
C ASN B 950 -25.61 -21.44 38.41
N ASN B 951 -25.69 -21.08 39.69
CA ASN B 951 -24.63 -21.36 40.66
C ASN B 951 -25.14 -22.20 41.82
N LEU B 952 -26.25 -22.90 41.64
CA LEU B 952 -26.74 -23.81 42.65
C LEU B 952 -25.81 -25.02 42.75
N TYR B 953 -25.36 -25.31 43.98
CA TYR B 953 -24.45 -26.42 44.26
C TYR B 953 -23.12 -26.30 43.52
N GLY B 954 -22.77 -25.10 43.07
CA GLY B 954 -21.60 -24.91 42.24
C GLY B 954 -21.85 -24.93 40.75
N GLY B 955 -23.10 -25.11 40.34
CA GLY B 955 -23.45 -25.14 38.94
C GLY B 955 -23.49 -26.55 38.39
N PRO B 956 -24.21 -26.74 37.28
CA PRO B 956 -24.25 -28.05 36.63
C PRO B 956 -23.10 -28.21 35.65
N ILE B 957 -22.87 -29.47 35.26
CA ILE B 957 -21.84 -29.76 34.27
C ILE B 957 -22.32 -29.25 32.91
N VAL B 958 -21.40 -28.63 32.16
CA VAL B 958 -21.74 -27.96 30.91
C VAL B 958 -20.64 -28.28 29.90
N HIS B 959 -21.03 -28.67 28.70
CA HIS B 959 -20.11 -29.00 27.62
C HIS B 959 -20.39 -28.07 26.44
N PHE B 960 -19.38 -27.32 26.02
CA PHE B 960 -19.45 -26.48 24.83
C PHE B 960 -18.78 -27.22 23.68
N TYR B 961 -19.51 -27.38 22.58
CA TYR B 961 -19.02 -28.11 21.42
C TYR B 961 -18.85 -27.17 20.24
N ASP B 962 -17.65 -27.19 19.65
CA ASP B 962 -17.38 -26.52 18.37
C ASP B 962 -17.58 -25.01 18.47
N VAL B 963 -17.05 -24.41 19.53
CA VAL B 963 -17.14 -22.97 19.71
C VAL B 963 -16.34 -22.28 18.60
N SER B 964 -16.96 -21.30 17.96
CA SER B 964 -16.35 -20.62 16.82
C SER B 964 -16.94 -19.23 16.68
N ILE B 965 -16.08 -18.27 16.36
CA ILE B 965 -16.49 -16.88 16.15
C ILE B 965 -15.82 -16.40 14.85
N LYS B 966 -16.64 -16.00 13.88
CA LYS B 966 -16.13 -15.47 12.63
C LYS B 966 -16.67 -14.07 12.37
N LYS C 2 55.19 16.62 62.71
CA LYS C 2 56.28 15.74 62.31
C LYS C 2 57.47 15.88 63.24
N ILE C 3 58.65 15.50 62.76
CA ILE C 3 59.89 15.61 63.51
C ILE C 3 60.49 16.98 63.23
N GLU C 4 61.29 17.48 64.17
CA GLU C 4 61.92 18.78 64.00
C GLU C 4 62.90 18.74 62.84
N GLU C 5 63.12 19.89 62.22
CA GLU C 5 64.04 19.98 61.10
C GLU C 5 65.22 20.84 61.53
N GLY C 6 66.39 20.55 60.97
CA GLY C 6 67.63 21.15 61.43
C GLY C 6 68.19 20.50 62.67
N LYS C 7 67.45 19.58 63.29
CA LYS C 7 67.86 18.86 64.49
C LYS C 7 67.83 17.36 64.20
N LEU C 8 68.70 16.62 64.89
CA LEU C 8 68.71 15.17 64.82
C LEU C 8 68.38 14.59 66.19
N VAL C 9 67.46 13.63 66.23
CA VAL C 9 67.07 12.94 67.45
C VAL C 9 67.41 11.47 67.29
N ILE C 10 68.18 10.93 68.23
CA ILE C 10 68.70 9.57 68.14
C ILE C 10 68.16 8.78 69.33
N TRP C 11 67.69 7.56 69.06
CA TRP C 11 67.23 6.63 70.09
C TRP C 11 68.18 5.43 70.14
N ILE C 12 68.76 5.20 71.32
CA ILE C 12 69.65 4.06 71.54
C ILE C 12 69.32 3.45 72.89
N ASN C 13 69.48 2.13 72.99
CA ASN C 13 69.11 1.42 74.21
C ASN C 13 69.97 1.85 75.39
N GLY C 14 69.42 1.67 76.59
CA GLY C 14 70.11 2.04 77.81
C GLY C 14 71.30 1.16 78.13
N ASP C 15 71.32 -0.07 77.62
CA ASP C 15 72.47 -0.94 77.81
C ASP C 15 73.66 -0.51 76.98
N LYS C 16 73.45 0.33 75.96
CA LYS C 16 74.51 0.81 75.11
C LYS C 16 75.26 1.96 75.79
N GLY C 17 76.32 2.43 75.13
CA GLY C 17 77.06 3.58 75.60
C GLY C 17 76.49 4.89 75.12
N TYR C 18 75.35 5.30 75.68
CA TYR C 18 74.68 6.50 75.20
C TYR C 18 75.48 7.77 75.48
N ASN C 19 76.26 7.79 76.57
CA ASN C 19 77.10 8.94 76.83
C ASN C 19 78.21 9.07 75.81
N GLY C 20 78.74 7.95 75.32
CA GLY C 20 79.74 8.01 74.28
C GLY C 20 79.19 8.52 72.96
N LEU C 21 78.00 8.03 72.58
CA LEU C 21 77.34 8.53 71.38
C LEU C 21 77.03 10.02 71.48
N ALA C 22 76.73 10.49 72.69
CA ALA C 22 76.53 11.93 72.89
C ALA C 22 77.81 12.71 72.62
N GLU C 23 78.97 12.12 72.96
CA GLU C 23 80.23 12.79 72.68
C GLU C 23 80.47 12.91 71.17
N VAL C 24 80.09 11.87 70.41
CA VAL C 24 80.14 11.97 68.97
C VAL C 24 79.13 13.00 68.47
N GLY C 25 77.98 13.08 69.15
CA GLY C 25 77.01 14.10 68.80
C GLY C 25 77.52 15.50 69.08
N LYS C 26 78.22 15.70 70.20
CA LYS C 26 78.77 17.01 70.52
C LYS C 26 79.75 17.48 69.46
N LYS C 27 80.51 16.55 68.87
CA LYS C 27 81.39 16.90 67.75
C LYS C 27 80.59 17.31 66.52
N PHE C 28 79.44 16.67 66.29
CA PHE C 28 78.63 16.98 65.11
C PHE C 28 78.08 18.40 65.15
N GLU C 29 77.59 18.84 66.31
CA GLU C 29 76.99 20.18 66.39
C GLU C 29 78.02 21.29 66.23
N LYS C 30 79.24 21.10 66.74
CA LYS C 30 80.24 22.15 66.72
C LYS C 30 80.86 22.40 65.34
N ASP C 31 80.64 21.52 64.37
CA ASP C 31 81.16 21.73 63.02
C ASP C 31 80.07 21.96 61.98
N THR C 32 78.82 21.61 62.26
CA THR C 32 77.73 21.80 61.32
C THR C 32 76.57 22.64 61.86
N GLY C 33 76.45 22.79 63.18
CA GLY C 33 75.36 23.55 63.76
C GLY C 33 74.07 22.80 63.99
N ILE C 34 74.02 21.50 63.71
CA ILE C 34 72.80 20.71 63.86
C ILE C 34 72.78 20.11 65.26
N LYS C 35 71.72 20.41 66.02
CA LYS C 35 71.57 19.88 67.36
C LYS C 35 71.23 18.40 67.31
N VAL C 36 71.95 17.59 68.08
CA VAL C 36 71.75 16.16 68.16
C VAL C 36 71.41 15.78 69.59
N THR C 37 70.24 15.18 69.78
CA THR C 37 69.78 14.74 71.10
C THR C 37 69.69 13.23 71.13
N VAL C 38 70.47 12.60 72.00
CA VAL C 38 70.48 11.15 72.17
C VAL C 38 69.71 10.80 73.44
N GLU C 39 68.62 10.04 73.28
CA GLU C 39 67.80 9.60 74.40
C GLU C 39 67.82 8.09 74.48
N HIS C 40 67.74 7.57 75.71
CA HIS C 40 67.76 6.13 75.97
C HIS C 40 66.52 5.72 76.76
N PRO C 41 65.36 5.68 76.10
CA PRO C 41 64.13 5.28 76.80
C PRO C 41 64.05 3.78 77.00
N ASP C 42 63.44 3.38 78.11
CA ASP C 42 63.18 1.97 78.35
C ASP C 42 62.10 1.45 77.42
N LYS C 43 62.23 0.19 77.03
CA LYS C 43 61.34 -0.44 76.05
C LYS C 43 61.33 0.36 74.75
N LEU C 44 62.52 0.84 74.35
CA LEU C 44 62.66 1.63 73.15
C LEU C 44 62.28 0.86 71.89
N GLU C 45 62.46 -0.47 71.92
CA GLU C 45 62.13 -1.29 70.76
C GLU C 45 60.63 -1.35 70.50
N GLU C 46 59.82 -1.18 71.55
CA GLU C 46 58.37 -1.21 71.40
C GLU C 46 57.78 0.16 71.11
N LYS C 47 58.44 1.23 71.57
CA LYS C 47 57.91 2.57 71.36
C LYS C 47 58.12 3.06 69.94
N PHE C 48 59.21 2.67 69.30
CA PHE C 48 59.50 3.17 67.95
C PHE C 48 58.40 2.89 66.94
N PRO C 49 57.90 1.65 66.79
CA PRO C 49 56.81 1.45 65.82
C PRO C 49 55.53 2.17 66.19
N GLN C 50 55.30 2.44 67.47
CA GLN C 50 54.11 3.17 67.87
C GLN C 50 54.16 4.63 67.45
N VAL C 51 55.32 5.26 67.57
CA VAL C 51 55.45 6.66 67.22
C VAL C 51 55.77 6.86 65.73
N ALA C 52 56.49 5.91 65.12
CA ALA C 52 56.86 6.05 63.72
C ALA C 52 55.68 5.79 62.79
N ALA C 53 54.71 4.99 63.24
CA ALA C 53 53.54 4.71 62.39
C ALA C 53 52.73 5.95 62.11
N THR C 54 52.67 6.89 63.06
CA THR C 54 51.91 8.12 62.89
C THR C 54 52.74 9.24 62.27
N GLY C 55 54.01 9.00 61.95
CA GLY C 55 54.86 9.97 61.31
C GLY C 55 55.83 10.69 62.23
N ASP C 56 55.75 10.46 63.54
CA ASP C 56 56.64 11.09 64.49
C ASP C 56 57.72 10.08 64.91
N GLY C 57 58.53 10.44 65.91
CA GLY C 57 59.54 9.55 66.42
C GLY C 57 60.95 10.09 66.22
N PRO C 58 61.94 9.28 66.58
CA PRO C 58 63.34 9.72 66.42
C PRO C 58 63.76 9.69 64.96
N ASP C 59 64.87 10.39 64.69
CA ASP C 59 65.43 10.38 63.34
C ASP C 59 66.24 9.12 63.06
N ILE C 60 67.00 8.66 64.06
CA ILE C 60 67.82 7.46 63.94
C ILE C 60 67.43 6.49 65.04
N ILE C 61 67.37 5.21 64.70
CA ILE C 61 66.96 4.15 65.63
C ILE C 61 68.10 3.16 65.75
N PHE C 62 68.55 2.90 66.97
CA PHE C 62 69.65 1.99 67.27
C PHE C 62 69.09 0.75 67.94
N TRP C 63 69.10 -0.37 67.21
CA TRP C 63 68.67 -1.64 67.78
C TRP C 63 69.30 -2.77 66.98
N ALA C 64 69.18 -3.99 67.53
CA ALA C 64 69.62 -5.17 66.80
C ALA C 64 68.83 -5.32 65.51
N HIS C 65 69.49 -5.89 64.50
CA HIS C 65 68.86 -6.01 63.18
C HIS C 65 67.65 -6.93 63.19
N ASP C 66 67.54 -7.82 64.18
CA ASP C 66 66.45 -8.78 64.21
C ASP C 66 65.09 -8.09 64.37
N ARG C 67 65.08 -6.90 64.97
CA ARG C 67 63.85 -6.13 65.13
C ARG C 67 63.61 -5.17 63.98
N PHE C 68 64.59 -4.99 63.09
CA PHE C 68 64.45 -4.07 61.97
C PHE C 68 63.64 -4.65 60.82
N GLY C 69 63.54 -5.98 60.74
CA GLY C 69 62.69 -6.59 59.72
C GLY C 69 61.23 -6.24 59.92
N GLY C 70 60.74 -6.35 61.16
CA GLY C 70 59.37 -5.94 61.44
C GLY C 70 59.16 -4.46 61.21
N TYR C 71 60.19 -3.64 61.41
CA TYR C 71 60.09 -2.22 61.09
C TYR C 71 60.03 -2.00 59.58
N ALA C 72 60.89 -2.70 58.83
CA ALA C 72 60.86 -2.58 57.38
C ALA C 72 59.58 -3.16 56.79
N GLN C 73 58.98 -4.14 57.46
CA GLN C 73 57.69 -4.67 57.03
C GLN C 73 56.65 -3.56 56.95
N SER C 74 56.59 -2.72 57.98
CA SER C 74 55.64 -1.62 58.04
C SER C 74 56.19 -0.33 57.42
N GLY C 75 57.29 -0.41 56.68
CA GLY C 75 57.86 0.76 56.03
C GLY C 75 58.23 1.89 56.97
N LEU C 76 58.87 1.56 58.09
CA LEU C 76 59.27 2.58 59.06
C LEU C 76 60.69 3.10 58.82
N LEU C 77 61.55 2.30 58.23
CA LEU C 77 62.92 2.70 57.91
C LEU C 77 63.02 3.09 56.45
N ALA C 78 63.80 4.14 56.18
CA ALA C 78 64.01 4.61 54.83
C ALA C 78 65.15 3.83 54.17
N GLU C 79 65.05 3.65 52.87
CA GLU C 79 66.08 2.94 52.12
C GLU C 79 67.34 3.78 52.04
N ILE C 80 68.42 3.30 52.64
CA ILE C 80 69.72 3.96 52.57
C ILE C 80 70.39 3.63 51.25
N THR C 81 71.21 4.55 50.76
CA THR C 81 71.94 4.39 49.50
C THR C 81 73.41 4.74 49.71
N PRO C 82 74.14 3.90 50.44
CA PRO C 82 75.58 4.13 50.58
C PRO C 82 76.35 3.70 49.33
N ASP C 83 77.32 4.51 48.94
CA ASP C 83 78.11 4.21 47.76
C ASP C 83 79.01 3.00 48.00
N LYS C 84 79.53 2.44 46.90
CA LYS C 84 80.39 1.26 47.00
C LYS C 84 81.68 1.56 47.74
N ALA C 85 82.15 2.81 47.68
CA ALA C 85 83.37 3.17 48.42
C ALA C 85 83.17 3.04 49.91
N PHE C 86 82.02 3.51 50.42
CA PHE C 86 81.73 3.37 51.85
C PHE C 86 81.37 1.93 52.19
N GLN C 87 80.72 1.22 51.27
CA GLN C 87 80.32 -0.16 51.53
C GLN C 87 81.52 -1.07 51.76
N ASP C 88 82.64 -0.79 51.09
CA ASP C 88 83.84 -1.60 51.28
C ASP C 88 84.51 -1.34 52.63
N LYS C 89 84.16 -0.23 53.30
CA LYS C 89 84.72 0.07 54.60
C LYS C 89 84.16 -0.84 55.69
N LEU C 90 83.04 -1.51 55.42
CA LEU C 90 82.40 -2.40 56.38
C LEU C 90 82.51 -3.84 55.90
N TYR C 91 82.43 -4.77 56.85
CA TYR C 91 82.51 -6.18 56.51
C TYR C 91 81.34 -6.57 55.61
N PRO C 92 81.56 -7.45 54.62
CA PRO C 92 80.48 -7.75 53.67
C PRO C 92 79.36 -8.59 54.27
N PHE C 93 79.66 -9.40 55.29
CA PHE C 93 78.64 -10.23 55.91
C PHE C 93 77.69 -9.44 56.80
N THR C 94 78.11 -8.27 57.29
CA THR C 94 77.24 -7.42 58.08
C THR C 94 76.18 -6.73 57.24
N TRP C 95 76.44 -6.54 55.94
CA TRP C 95 75.47 -5.90 55.06
C TRP C 95 74.26 -6.79 54.79
N ASP C 96 74.41 -8.10 54.90
CA ASP C 96 73.27 -8.99 54.67
C ASP C 96 72.28 -8.95 55.83
N ALA C 97 72.76 -8.62 57.04
CA ALA C 97 71.85 -8.51 58.18
C ALA C 97 70.94 -7.30 58.05
N VAL C 98 71.42 -6.23 57.41
CA VAL C 98 70.63 -5.01 57.25
C VAL C 98 69.94 -4.98 55.89
N ARG C 99 69.77 -6.13 55.24
CA ARG C 99 69.12 -6.23 53.94
C ARG C 99 67.75 -6.87 54.13
N TYR C 100 66.71 -6.17 53.67
CA TYR C 100 65.34 -6.67 53.75
C TYR C 100 64.70 -6.53 52.39
N ASN C 101 64.32 -7.66 51.80
CA ASN C 101 63.76 -7.71 50.44
C ASN C 101 64.66 -6.96 49.45
N GLY C 102 65.95 -7.25 49.52
CA GLY C 102 66.92 -6.66 48.63
C GLY C 102 67.11 -5.16 48.77
N LYS C 103 66.68 -4.58 49.89
CA LYS C 103 66.82 -3.16 50.14
C LYS C 103 67.64 -2.95 51.41
N LEU C 104 68.62 -2.05 51.34
CA LEU C 104 69.42 -1.70 52.50
C LEU C 104 68.63 -0.73 53.37
N ILE C 105 68.44 -1.08 54.64
CA ILE C 105 67.57 -0.32 55.53
C ILE C 105 68.30 0.27 56.73
N ALA C 106 69.55 -0.12 56.98
CA ALA C 106 70.27 0.40 58.15
C ALA C 106 71.76 0.19 57.96
N TYR C 107 72.54 0.97 58.72
CA TYR C 107 73.99 0.83 58.78
C TYR C 107 74.36 -0.14 59.91
N PRO C 108 75.21 -1.14 59.65
CA PRO C 108 75.64 -2.03 60.74
C PRO C 108 76.66 -1.34 61.62
N ILE C 109 76.48 -1.49 62.94
CA ILE C 109 77.33 -0.86 63.95
C ILE C 109 78.21 -1.89 64.64
N ALA C 110 77.62 -2.88 65.31
CA ALA C 110 78.36 -3.84 66.10
C ALA C 110 77.97 -5.26 65.69
N VAL C 111 78.82 -6.22 66.05
CA VAL C 111 78.61 -7.62 65.74
C VAL C 111 78.81 -8.44 67.00
N GLU C 112 77.85 -9.31 67.32
CA GLU C 112 77.94 -10.18 68.48
C GLU C 112 77.59 -11.61 68.07
N ALA C 113 78.20 -12.56 68.76
CA ALA C 113 77.98 -13.98 68.47
C ALA C 113 78.49 -14.81 69.64
N LEU C 114 77.90 -15.99 69.81
CA LEU C 114 78.32 -16.90 70.87
C LEU C 114 79.74 -17.39 70.65
N SER C 115 80.46 -17.58 71.76
CA SER C 115 81.83 -18.07 71.72
C SER C 115 82.02 -19.08 72.86
N LEU C 116 83.07 -19.88 72.73
CA LEU C 116 83.41 -20.87 73.74
C LEU C 116 84.25 -20.20 74.82
N ILE C 117 83.76 -20.23 76.06
CA ILE C 117 84.46 -19.67 77.21
C ILE C 117 84.91 -20.83 78.09
N TYR C 118 86.20 -20.83 78.45
CA TYR C 118 86.77 -21.89 79.26
C TYR C 118 87.55 -21.30 80.43
N ASN C 119 87.77 -22.12 81.44
CA ASN C 119 88.49 -21.73 82.65
C ASN C 119 89.93 -22.23 82.54
N LYS C 120 90.86 -21.29 82.38
CA LYS C 120 92.27 -21.65 82.17
C LYS C 120 92.87 -22.41 83.34
N ASP C 121 92.35 -22.21 84.56
CA ASP C 121 92.94 -22.85 85.73
C ASP C 121 92.83 -24.37 85.68
N LEU C 122 91.76 -24.90 85.10
CA LEU C 122 91.57 -26.35 85.00
C LEU C 122 91.65 -26.87 83.58
N LEU C 123 91.86 -26.01 82.59
CA LEU C 123 91.91 -26.42 81.19
C LEU C 123 92.78 -25.44 80.42
N PRO C 124 94.09 -25.66 80.40
CA PRO C 124 94.98 -24.74 79.68
C PRO C 124 94.71 -24.64 78.19
N ASN C 125 94.47 -25.78 77.53
CA ASN C 125 94.17 -25.81 76.11
C ASN C 125 92.74 -26.33 75.92
N PRO C 126 91.84 -25.53 75.35
CA PRO C 126 90.46 -25.99 75.18
C PRO C 126 90.37 -26.99 74.03
N PRO C 127 89.37 -27.87 74.05
CA PRO C 127 89.22 -28.84 72.97
C PRO C 127 88.81 -28.14 71.68
N LYS C 128 89.46 -28.55 70.58
CA LYS C 128 89.18 -27.92 69.29
C LYS C 128 87.89 -28.46 68.66
N THR C 129 87.56 -29.73 68.90
CA THR C 129 86.40 -30.35 68.28
C THR C 129 85.38 -30.74 69.34
N TRP C 130 84.13 -30.91 68.90
CA TRP C 130 83.06 -31.27 69.81
C TRP C 130 83.22 -32.70 70.33
N GLU C 131 83.73 -33.61 69.50
CA GLU C 131 83.82 -35.02 69.86
C GLU C 131 84.82 -35.27 70.97
N GLU C 132 85.73 -34.33 71.24
CA GLU C 132 86.67 -34.49 72.35
C GLU C 132 86.01 -34.31 73.71
N ILE C 133 84.86 -33.63 73.76
CA ILE C 133 84.26 -33.27 75.05
C ILE C 133 83.84 -34.49 75.86
N PRO C 134 83.17 -35.50 75.29
CA PRO C 134 82.80 -36.66 76.13
C PRO C 134 84.00 -37.33 76.77
N ALA C 135 85.10 -37.49 76.02
CA ALA C 135 86.31 -38.06 76.60
C ALA C 135 86.87 -37.17 77.71
N LEU C 136 86.97 -35.87 77.44
CA LEU C 136 87.52 -34.93 78.41
C LEU C 136 86.64 -34.81 79.65
N ASP C 137 85.35 -35.15 79.54
CA ASP C 137 84.48 -35.07 80.71
C ASP C 137 84.87 -36.11 81.76
N LYS C 138 85.21 -37.32 81.33
CA LYS C 138 85.62 -38.36 82.27
C LYS C 138 86.84 -37.93 83.08
N GLU C 139 87.85 -37.35 82.41
CA GLU C 139 89.05 -36.92 83.11
C GLU C 139 88.77 -35.81 84.10
N LEU C 140 87.70 -35.04 83.90
CA LEU C 140 87.34 -33.97 84.83
C LEU C 140 86.35 -34.44 85.88
N LYS C 141 85.58 -35.50 85.61
CA LYS C 141 84.69 -36.05 86.62
C LYS C 141 85.47 -36.69 87.76
N ALA C 142 86.63 -37.27 87.45
CA ALA C 142 87.50 -37.81 88.51
C ALA C 142 87.96 -36.71 89.45
N LYS C 143 88.15 -35.50 88.94
CA LYS C 143 88.49 -34.35 89.76
C LYS C 143 87.27 -33.69 90.39
N GLY C 144 86.10 -34.32 90.30
CA GLY C 144 84.90 -33.77 90.90
C GLY C 144 84.35 -32.57 90.19
N LYS C 145 84.47 -32.52 88.85
CA LYS C 145 84.02 -31.39 88.07
C LYS C 145 83.37 -31.89 86.79
N SER C 146 82.62 -31.00 86.15
CA SER C 146 81.99 -31.26 84.86
C SER C 146 82.75 -30.52 83.76
N ALA C 147 82.61 -31.01 82.53
CA ALA C 147 83.36 -30.45 81.42
C ALA C 147 82.67 -29.22 80.82
N LEU C 148 81.42 -29.39 80.39
CA LEU C 148 80.71 -28.35 79.66
C LEU C 148 79.33 -28.14 80.27
N MET C 149 78.97 -26.88 80.50
CA MET C 149 77.65 -26.53 81.02
C MET C 149 77.23 -25.20 80.39
N PHE C 150 76.23 -25.24 79.51
CA PHE C 150 75.66 -24.04 78.93
C PHE C 150 74.15 -24.17 78.94
N ASN C 151 73.47 -23.12 78.49
CA ASN C 151 72.01 -23.08 78.53
C ASN C 151 71.44 -24.02 77.46
N LEU C 152 70.75 -25.07 77.90
CA LEU C 152 70.10 -26.00 76.99
C LEU C 152 68.64 -25.66 76.75
N GLN C 153 68.03 -24.84 77.62
CA GLN C 153 66.62 -24.51 77.47
C GLN C 153 66.39 -23.64 76.22
N GLU C 154 67.28 -22.69 75.97
CA GLU C 154 67.12 -21.82 74.82
C GLU C 154 67.74 -22.45 73.58
N PRO C 155 67.07 -22.37 72.42
CA PRO C 155 67.65 -22.92 71.21
C PRO C 155 68.77 -22.08 70.63
N TYR C 156 68.83 -20.79 70.96
CA TYR C 156 69.89 -19.92 70.45
C TYR C 156 71.26 -20.42 70.86
N PHE C 157 71.35 -21.13 71.98
CA PHE C 157 72.62 -21.65 72.47
C PHE C 157 72.94 -23.02 71.86
N THR C 158 71.93 -23.86 71.68
CA THR C 158 72.12 -25.21 71.18
C THR C 158 72.12 -25.28 69.65
N TRP C 159 71.85 -24.17 68.96
CA TRP C 159 71.73 -24.18 67.51
C TRP C 159 73.08 -24.34 66.79
N PRO C 160 74.16 -23.68 67.23
CA PRO C 160 75.45 -23.86 66.52
C PRO C 160 75.87 -25.32 66.39
N LEU C 161 75.59 -26.15 67.39
CA LEU C 161 75.88 -27.58 67.26
C LEU C 161 74.94 -28.24 66.26
N ILE C 162 73.66 -27.85 66.28
CA ILE C 162 72.68 -28.46 65.38
C ILE C 162 72.98 -28.09 63.93
N ALA C 163 73.26 -26.81 63.68
CA ALA C 163 73.51 -26.34 62.33
C ALA C 163 74.91 -26.62 61.84
N ALA C 164 75.75 -27.29 62.65
CA ALA C 164 77.15 -27.49 62.28
C ALA C 164 77.28 -28.31 61.00
N ASP C 165 76.60 -29.46 60.94
CA ASP C 165 76.74 -30.38 59.81
C ASP C 165 75.81 -30.04 58.65
N GLY C 166 75.23 -28.84 58.64
CA GLY C 166 74.43 -28.43 57.51
C GLY C 166 73.01 -28.01 57.83
N GLY C 167 72.72 -27.80 59.12
CA GLY C 167 71.43 -27.29 59.51
C GLY C 167 71.30 -25.80 59.23
N TYR C 168 70.07 -25.37 58.97
CA TYR C 168 69.79 -23.97 58.71
C TYR C 168 68.31 -23.70 58.88
N ALA C 169 67.98 -22.45 59.18
CA ALA C 169 66.59 -22.06 59.37
C ALA C 169 65.89 -21.84 58.04
N PHE C 170 66.36 -20.87 57.26
CA PHE C 170 65.83 -20.57 55.95
C PHE C 170 67.00 -20.33 55.01
N LYS C 171 66.94 -20.95 53.83
CA LYS C 171 68.05 -20.84 52.89
C LYS C 171 68.21 -19.40 52.41
N TYR C 172 69.39 -18.84 52.66
CA TYR C 172 69.72 -17.49 52.23
C TYR C 172 70.50 -17.58 50.92
N GLU C 173 69.93 -17.08 49.83
CA GLU C 173 70.56 -17.15 48.53
C GLU C 173 70.22 -15.89 47.75
N ASN C 174 71.24 -15.22 47.22
CA ASN C 174 71.07 -14.01 46.42
C ASN C 174 70.34 -12.92 47.20
N GLY C 175 70.66 -12.80 48.49
CA GLY C 175 70.07 -11.77 49.32
C GLY C 175 68.59 -11.94 49.60
N LYS C 176 68.06 -13.14 49.45
CA LYS C 176 66.65 -13.41 49.68
C LYS C 176 66.49 -14.68 50.50
N TYR C 177 65.60 -14.64 51.49
CA TYR C 177 65.29 -15.79 52.31
C TYR C 177 64.17 -16.58 51.68
N ASP C 178 64.45 -17.80 51.25
CA ASP C 178 63.44 -18.68 50.67
C ASP C 178 62.66 -19.35 51.79
N ILE C 179 61.40 -18.95 51.96
CA ILE C 179 60.61 -19.49 53.05
C ILE C 179 60.24 -20.95 52.80
N LYS C 180 60.35 -21.42 51.56
CA LYS C 180 60.01 -22.78 51.20
C LYS C 180 61.15 -23.77 51.41
N ASP C 181 62.34 -23.29 51.76
CA ASP C 181 63.50 -24.15 52.00
C ASP C 181 63.87 -24.04 53.48
N VAL C 182 63.50 -25.06 54.25
CA VAL C 182 63.83 -25.15 55.67
C VAL C 182 64.77 -26.32 55.88
N GLY C 183 65.77 -26.12 56.74
CA GLY C 183 66.78 -27.13 56.97
C GLY C 183 66.84 -27.63 58.41
N VAL C 184 65.67 -27.86 59.02
CA VAL C 184 65.65 -28.30 60.40
C VAL C 184 65.63 -29.82 60.55
N ASP C 185 65.16 -30.55 59.55
CA ASP C 185 65.08 -32.00 59.64
C ASP C 185 66.06 -32.70 58.69
N ASN C 186 67.06 -31.99 58.19
CA ASN C 186 68.05 -32.62 57.34
C ASN C 186 69.04 -33.44 58.18
N ALA C 187 69.89 -34.20 57.46
CA ALA C 187 70.84 -35.08 58.15
C ALA C 187 71.82 -34.28 59.00
N GLY C 188 72.17 -33.07 58.56
CA GLY C 188 73.08 -32.25 59.35
C GLY C 188 72.49 -31.85 60.68
N ALA C 189 71.25 -31.35 60.66
CA ALA C 189 70.60 -30.96 61.91
C ALA C 189 70.33 -32.18 62.79
N LYS C 190 70.00 -33.32 62.17
CA LYS C 190 69.81 -34.54 62.94
C LYS C 190 71.11 -35.00 63.60
N ALA C 191 72.20 -35.03 62.83
CA ALA C 191 73.48 -35.44 63.39
C ALA C 191 73.93 -34.48 64.48
N GLY C 192 73.67 -33.19 64.31
CA GLY C 192 74.01 -32.22 65.34
C GLY C 192 73.24 -32.45 66.63
N LEU C 193 71.91 -32.51 66.52
CA LEU C 193 71.07 -32.68 67.72
C LEU C 193 71.26 -34.05 68.35
N THR C 194 71.53 -35.08 67.55
CA THR C 194 71.76 -36.41 68.10
C THR C 194 72.98 -36.41 69.03
N PHE C 195 74.03 -35.69 68.64
CA PHE C 195 75.21 -35.60 69.49
C PHE C 195 74.91 -34.85 70.79
N LEU C 196 74.08 -33.80 70.71
CA LEU C 196 73.69 -33.09 71.92
C LEU C 196 72.92 -33.99 72.87
N VAL C 197 71.99 -34.78 72.34
CA VAL C 197 71.24 -35.72 73.16
C VAL C 197 72.17 -36.82 73.67
N ASP C 198 73.12 -37.26 72.85
CA ASP C 198 74.05 -38.29 73.28
C ASP C 198 74.94 -37.79 74.42
N LEU C 199 75.23 -36.49 74.46
CA LEU C 199 75.94 -35.92 75.59
C LEU C 199 75.08 -35.95 76.86
N ILE C 200 73.76 -35.87 76.70
CA ILE C 200 72.87 -35.86 77.86
C ILE C 200 72.62 -37.26 78.39
N LYS C 201 72.41 -38.23 77.49
CA LYS C 201 72.18 -39.60 77.93
C LYS C 201 73.41 -40.20 78.59
N ASN C 202 74.61 -39.80 78.15
CA ASN C 202 75.85 -40.28 78.73
C ASN C 202 76.21 -39.55 80.03
N LYS C 203 75.29 -38.77 80.57
CA LYS C 203 75.49 -38.04 81.83
C LYS C 203 76.66 -37.06 81.77
N HIS C 204 76.97 -36.58 80.57
CA HIS C 204 77.97 -35.52 80.41
C HIS C 204 77.34 -34.13 80.55
N MET C 205 76.05 -34.01 80.25
CA MET C 205 75.32 -32.75 80.43
C MET C 205 73.95 -33.07 81.02
N ASN C 206 73.36 -32.06 81.67
CA ASN C 206 72.03 -32.19 82.25
C ASN C 206 71.03 -31.45 81.36
N ALA C 207 69.96 -32.14 80.99
CA ALA C 207 68.94 -31.56 80.11
C ALA C 207 68.16 -30.43 80.75
N ASP C 208 68.30 -30.21 82.06
CA ASP C 208 67.56 -29.18 82.76
C ASP C 208 68.37 -27.91 82.98
N THR C 209 69.65 -27.89 82.60
CA THR C 209 70.49 -26.73 82.81
C THR C 209 69.96 -25.54 82.02
N ASP C 210 69.55 -24.49 82.74
CA ASP C 210 69.14 -23.24 82.14
C ASP C 210 70.32 -22.27 82.14
N TYR C 211 70.06 -21.01 81.79
CA TYR C 211 71.12 -20.01 81.80
C TYR C 211 71.61 -19.76 83.23
N SER C 212 70.68 -19.70 84.19
CA SER C 212 71.06 -19.41 85.57
C SER C 212 71.98 -20.48 86.13
N ILE C 213 71.63 -21.76 85.94
CA ILE C 213 72.44 -22.85 86.47
C ILE C 213 73.81 -22.86 85.79
N ALA C 214 73.84 -22.60 84.48
CA ALA C 214 75.11 -22.66 83.74
C ALA C 214 76.04 -21.53 84.16
N GLU C 215 75.50 -20.32 84.34
CA GLU C 215 76.35 -19.19 84.73
C GLU C 215 76.94 -19.42 86.12
N ALA C 216 76.12 -19.91 87.06
CA ALA C 216 76.63 -20.17 88.39
C ALA C 216 77.70 -21.26 88.39
N ALA C 217 77.47 -22.34 87.63
CA ALA C 217 78.45 -23.43 87.56
C ALA C 217 79.81 -22.94 87.07
N PHE C 218 79.82 -22.11 86.03
CA PHE C 218 81.10 -21.67 85.47
C PHE C 218 81.74 -20.58 86.32
N ASN C 219 80.95 -19.61 86.79
CA ASN C 219 81.49 -18.51 87.58
C ASN C 219 81.95 -18.96 88.96
N LYS C 220 81.70 -20.20 89.36
CA LYS C 220 82.19 -20.75 90.61
C LYS C 220 83.15 -21.91 90.39
N GLY C 221 83.70 -22.04 89.19
CA GLY C 221 84.69 -23.06 88.90
C GLY C 221 84.21 -24.48 89.10
N GLU C 222 82.92 -24.73 88.90
CA GLU C 222 82.40 -26.10 88.96
C GLU C 222 82.45 -26.81 87.60
N THR C 223 82.51 -26.07 86.51
CA THR C 223 82.64 -26.63 85.18
C THR C 223 83.78 -25.93 84.45
N ALA C 224 84.32 -26.61 83.44
CA ALA C 224 85.48 -26.12 82.71
C ALA C 224 85.10 -25.15 81.60
N MET C 225 84.02 -25.44 80.87
CA MET C 225 83.65 -24.68 79.69
C MET C 225 82.20 -24.26 79.75
N THR C 226 81.89 -23.16 79.07
CA THR C 226 80.51 -22.71 78.89
C THR C 226 80.42 -21.98 77.56
N ILE C 227 79.19 -21.83 77.07
CA ILE C 227 78.90 -21.11 75.84
C ILE C 227 78.05 -19.90 76.20
N ASN C 228 78.55 -18.71 75.87
CA ASN C 228 77.86 -17.47 76.22
C ASN C 228 78.38 -16.37 75.31
N GLY C 229 77.78 -15.19 75.44
CA GLY C 229 78.12 -14.06 74.61
C GLY C 229 78.89 -13.00 75.36
N PRO C 230 79.19 -11.88 74.68
CA PRO C 230 79.93 -10.80 75.34
C PRO C 230 79.25 -10.24 76.57
N TRP C 231 77.91 -10.33 76.66
CA TRP C 231 77.20 -9.82 77.81
C TRP C 231 77.63 -10.50 79.10
N ALA C 232 77.99 -11.79 79.02
CA ALA C 232 78.38 -12.55 80.20
C ALA C 232 79.79 -12.25 80.68
N TRP C 233 80.60 -11.52 79.90
CA TRP C 233 81.98 -11.24 80.29
C TRP C 233 82.04 -10.43 81.58
N SER C 234 81.12 -9.47 81.74
CA SER C 234 81.17 -8.60 82.92
C SER C 234 81.03 -9.38 84.22
N ASN C 235 80.29 -10.49 84.20
CA ASN C 235 80.05 -11.25 85.43
C ASN C 235 81.20 -12.19 85.77
N ILE C 236 81.88 -12.74 84.76
CA ILE C 236 83.04 -13.59 85.04
C ILE C 236 84.28 -12.76 85.38
N ASP C 237 84.32 -11.49 84.97
CA ASP C 237 85.42 -10.62 85.38
C ASP C 237 85.44 -10.43 86.89
N THR C 238 84.27 -10.26 87.50
CA THR C 238 84.20 -10.06 88.95
C THR C 238 84.68 -11.31 89.69
N SER C 239 84.27 -12.50 89.24
CA SER C 239 84.77 -13.73 89.83
C SER C 239 86.25 -13.93 89.56
N LYS C 240 86.78 -13.35 88.49
CA LYS C 240 88.18 -13.39 88.07
C LYS C 240 88.73 -14.80 87.89
N VAL C 241 87.88 -15.81 87.87
CA VAL C 241 88.35 -17.15 87.52
C VAL C 241 88.88 -17.02 86.10
N ASN C 242 90.19 -17.17 85.95
CA ASN C 242 90.87 -16.79 84.71
C ASN C 242 90.29 -17.53 83.52
N TYR C 243 89.62 -16.80 82.65
CA TYR C 243 88.89 -17.36 81.53
C TYR C 243 89.46 -16.83 80.22
N GLY C 244 89.35 -17.67 79.19
CA GLY C 244 89.69 -17.27 77.85
C GLY C 244 88.50 -17.49 76.93
N VAL C 245 88.38 -16.63 75.93
CA VAL C 245 87.29 -16.70 74.96
C VAL C 245 87.91 -17.09 73.62
N THR C 246 87.53 -18.26 73.13
CA THR C 246 88.12 -18.84 71.93
C THR C 246 87.01 -19.25 70.96
N VAL C 247 87.42 -19.83 69.83
CA VAL C 247 86.46 -20.27 68.82
C VAL C 247 85.66 -21.45 69.34
N LEU C 248 84.44 -21.60 68.83
CA LEU C 248 83.60 -22.71 69.23
C LEU C 248 84.13 -24.03 68.69
N PRO C 249 83.87 -25.14 69.38
CA PRO C 249 84.37 -26.44 68.88
C PRO C 249 83.75 -26.79 67.54
N THR C 250 84.52 -27.49 66.73
CA THR C 250 84.04 -27.98 65.44
C THR C 250 83.38 -29.34 65.61
N PHE C 251 82.38 -29.59 64.77
CA PHE C 251 81.62 -30.84 64.81
C PHE C 251 81.65 -31.47 63.42
N LYS C 252 82.09 -32.73 63.36
CA LYS C 252 82.24 -33.45 62.09
C LYS C 252 83.15 -32.70 61.13
N GLY C 253 84.22 -32.12 61.68
CA GLY C 253 85.17 -31.36 60.89
C GLY C 253 84.73 -29.97 60.50
N GLN C 254 83.40 -29.70 60.45
CA GLN C 254 82.81 -28.43 60.10
C GLN C 254 82.63 -27.56 61.35
N PRO C 255 82.77 -26.24 61.21
CA PRO C 255 82.65 -25.37 62.39
C PRO C 255 81.21 -25.12 62.78
N SER C 256 81.02 -24.87 64.08
CA SER C 256 79.71 -24.46 64.58
C SER C 256 79.33 -23.11 63.99
N LYS C 257 78.04 -22.95 63.68
CA LYS C 257 77.52 -21.75 63.05
C LYS C 257 76.52 -21.09 64.00
N PRO C 258 76.99 -20.28 64.94
CA PRO C 258 76.07 -19.58 65.84
C PRO C 258 75.38 -18.42 65.16
N PHE C 259 74.21 -18.08 65.68
CA PHE C 259 73.46 -16.95 65.15
C PHE C 259 74.18 -15.65 65.46
N VAL C 260 74.24 -14.76 64.46
CA VAL C 260 74.98 -13.51 64.55
C VAL C 260 73.98 -12.36 64.68
N GLY C 261 74.14 -11.56 65.73
CA GLY C 261 73.33 -10.38 65.91
C GLY C 261 74.13 -9.14 65.55
N VAL C 262 73.52 -8.27 64.75
CA VAL C 262 74.18 -7.07 64.24
C VAL C 262 73.43 -5.85 64.73
N LEU C 263 74.03 -5.10 65.65
CA LEU C 263 73.49 -3.81 66.07
C LEU C 263 73.47 -2.87 64.88
N SER C 264 72.28 -2.46 64.48
CA SER C 264 72.10 -1.63 63.29
C SER C 264 71.48 -0.29 63.65
N ALA C 265 71.79 0.72 62.84
CA ALA C 265 71.25 2.07 63.01
C ALA C 265 70.42 2.43 61.79
N GLY C 266 69.10 2.44 61.95
CA GLY C 266 68.19 2.78 60.89
C GLY C 266 67.75 4.23 60.93
N ILE C 267 67.31 4.72 59.77
CA ILE C 267 66.79 6.08 59.64
C ILE C 267 65.27 6.00 59.46
N ASN C 268 64.54 6.81 60.23
CA ASN C 268 63.09 6.81 60.15
C ASN C 268 62.63 7.26 58.76
N ALA C 269 61.71 6.50 58.17
CA ALA C 269 61.19 6.83 56.86
C ALA C 269 60.34 8.10 56.87
N ALA C 270 59.91 8.55 58.05
CA ALA C 270 59.14 9.78 58.19
C ALA C 270 60.00 10.98 58.59
N SER C 271 61.31 10.79 58.73
CA SER C 271 62.18 11.87 59.16
C SER C 271 62.48 12.80 57.99
N PRO C 272 62.30 14.12 58.15
CA PRO C 272 62.67 15.05 57.09
C PRO C 272 64.16 15.36 57.03
N ASN C 273 64.97 14.72 57.87
CA ASN C 273 66.41 14.98 57.96
C ASN C 273 67.20 13.75 57.55
N LYS C 274 66.78 13.08 56.49
CA LYS C 274 67.47 11.87 56.04
C LYS C 274 68.87 12.18 55.54
N GLU C 275 69.09 13.38 54.98
CA GLU C 275 70.42 13.75 54.54
C GLU C 275 71.30 14.11 55.73
N LEU C 276 70.72 14.72 56.77
CA LEU C 276 71.47 15.03 57.97
C LEU C 276 71.90 13.77 58.72
N ALA C 277 71.00 12.78 58.78
CA ALA C 277 71.33 11.53 59.47
C ALA C 277 72.43 10.77 58.75
N LYS C 278 72.43 10.79 57.41
CA LYS C 278 73.45 10.09 56.65
C LYS C 278 74.84 10.64 56.93
N GLU C 279 74.97 11.97 57.05
CA GLU C 279 76.27 12.58 57.31
C GLU C 279 76.81 12.16 58.67
N PHE C 280 75.94 12.16 59.69
CA PHE C 280 76.39 11.80 61.04
C PHE C 280 76.85 10.35 61.11
N LEU C 281 76.12 9.44 60.48
CA LEU C 281 76.43 8.02 60.60
C LEU C 281 77.65 7.62 59.75
N GLU C 282 77.69 8.06 58.50
CA GLU C 282 78.75 7.63 57.60
C GLU C 282 80.07 8.32 57.91
N ASN C 283 80.04 9.60 58.28
CA ASN C 283 81.25 10.40 58.39
C ASN C 283 81.70 10.65 59.82
N TYR C 284 80.83 10.44 60.82
CA TYR C 284 81.18 10.77 62.20
C TYR C 284 81.15 9.56 63.13
N LEU C 285 80.10 8.74 63.05
CA LEU C 285 79.99 7.60 63.95
C LEU C 285 80.75 6.39 63.44
N LEU C 286 80.53 6.01 62.18
CA LEU C 286 81.22 4.86 61.59
C LEU C 286 82.64 5.25 61.17
N THR C 287 83.40 5.71 62.17
CA THR C 287 84.80 6.06 62.02
C THR C 287 85.55 5.56 63.24
N ASP C 288 86.88 5.54 63.14
CA ASP C 288 87.69 5.13 64.28
C ASP C 288 87.49 6.05 65.47
N GLU C 289 87.25 7.35 65.23
CA GLU C 289 87.03 8.28 66.33
C GLU C 289 85.63 8.13 66.91
N GLY C 290 84.63 7.89 66.07
CA GLY C 290 83.26 7.80 66.56
C GLY C 290 83.02 6.54 67.36
N LEU C 291 83.44 5.40 66.82
CA LEU C 291 83.23 4.13 67.51
C LEU C 291 84.01 4.07 68.82
N GLU C 292 85.21 4.66 68.85
CA GLU C 292 86.01 4.67 70.07
C GLU C 292 85.30 5.42 71.19
N ALA C 293 84.68 6.56 70.86
CA ALA C 293 83.97 7.34 71.87
C ALA C 293 82.83 6.53 72.50
N VAL C 294 82.08 5.81 71.68
CA VAL C 294 81.03 4.94 72.21
C VAL C 294 81.64 3.77 72.97
N ASN C 295 82.76 3.23 72.45
CA ASN C 295 83.38 2.05 73.07
C ASN C 295 83.89 2.37 74.47
N LYS C 296 84.40 3.58 74.68
CA LYS C 296 84.95 3.94 75.99
C LYS C 296 83.87 3.95 77.07
N ASP C 297 82.65 4.35 76.70
CA ASP C 297 81.56 4.40 77.67
C ASP C 297 81.09 3.00 78.02
N LYS C 298 80.61 2.24 77.02
CA LYS C 298 80.17 0.87 77.19
C LYS C 298 80.75 0.06 76.04
N PRO C 299 81.35 -1.09 76.30
CA PRO C 299 81.99 -1.86 75.22
C PRO C 299 80.98 -2.29 74.16
N LEU C 300 81.39 -2.15 72.91
CA LEU C 300 80.58 -2.56 71.76
C LEU C 300 80.81 -4.01 71.35
N GLY C 301 81.85 -4.65 71.87
CA GLY C 301 82.23 -5.97 71.40
C GLY C 301 82.91 -5.87 70.05
N ALA C 302 82.61 -6.81 69.16
CA ALA C 302 83.09 -6.68 67.79
C ALA C 302 82.29 -5.60 67.06
N VAL C 303 82.89 -5.04 66.01
CA VAL C 303 82.30 -3.94 65.27
C VAL C 303 82.34 -4.27 63.78
N ALA C 304 81.37 -3.73 63.04
CA ALA C 304 81.31 -3.95 61.60
C ALA C 304 82.37 -3.14 60.86
N LEU C 305 82.89 -2.08 61.47
CA LEU C 305 83.90 -1.26 60.81
C LEU C 305 85.23 -2.01 60.76
N LYS C 306 85.73 -2.24 59.54
CA LYS C 306 86.97 -2.99 59.37
C LYS C 306 88.14 -2.28 60.06
N SER C 307 88.18 -0.95 59.96
CA SER C 307 89.30 -0.19 60.53
C SER C 307 89.41 -0.41 62.02
N TYR C 308 88.32 -0.16 62.76
CA TYR C 308 88.35 -0.24 64.21
C TYR C 308 88.34 -1.68 64.73
N GLU C 309 87.84 -2.63 63.94
CA GLU C 309 87.81 -4.02 64.40
C GLU C 309 89.22 -4.59 64.55
N GLU C 310 90.13 -4.24 63.65
CA GLU C 310 91.51 -4.71 63.77
C GLU C 310 92.16 -4.16 65.04
N GLU C 311 91.85 -2.91 65.40
CA GLU C 311 92.35 -2.36 66.65
C GLU C 311 91.71 -3.05 67.85
N LEU C 312 90.42 -3.39 67.73
CA LEU C 312 89.74 -4.08 68.82
C LEU C 312 90.16 -5.54 68.92
N ALA C 313 90.59 -6.13 67.80
CA ALA C 313 90.99 -7.53 67.76
C ALA C 313 92.20 -7.81 68.64
N LYS C 314 92.90 -6.79 69.12
CA LYS C 314 94.00 -7.00 70.05
C LYS C 314 93.52 -7.74 71.30
N ASP C 315 92.27 -7.55 71.68
CA ASP C 315 91.66 -8.35 72.73
C ASP C 315 91.32 -9.72 72.17
N PRO C 316 91.86 -10.81 72.73
CA PRO C 316 91.50 -12.14 72.21
C PRO C 316 90.01 -12.45 72.29
N ARG C 317 89.32 -11.86 73.28
CA ARG C 317 87.87 -12.07 73.38
C ARG C 317 87.14 -11.44 72.20
N ILE C 318 87.53 -10.23 71.81
CA ILE C 318 86.89 -9.56 70.68
C ILE C 318 87.21 -10.27 69.38
N ALA C 319 88.46 -10.73 69.22
CA ALA C 319 88.85 -11.47 68.03
C ALA C 319 88.11 -12.80 67.93
N ALA C 320 87.79 -13.42 69.07
CA ALA C 320 87.07 -14.69 69.05
C ALA C 320 85.62 -14.49 68.63
N THR C 321 84.96 -13.46 69.18
CA THR C 321 83.59 -13.16 68.79
C THR C 321 83.49 -12.86 67.30
N MET C 322 84.46 -12.12 66.77
CA MET C 322 84.46 -11.82 65.34
C MET C 322 84.72 -13.08 64.51
N GLU C 323 85.60 -13.96 65.00
CA GLU C 323 85.88 -15.20 64.29
C GLU C 323 84.64 -16.10 64.24
N ASN C 324 83.98 -16.29 65.39
CA ASN C 324 82.78 -17.11 65.42
C ASN C 324 81.65 -16.51 64.59
N ALA C 325 81.55 -15.17 64.58
CA ALA C 325 80.48 -14.52 63.84
C ALA C 325 80.62 -14.73 62.34
N GLN C 326 81.86 -14.70 61.83
CA GLN C 326 82.06 -14.89 60.40
C GLN C 326 81.80 -16.34 59.99
N LYS C 327 82.04 -17.29 60.90
CA LYS C 327 81.75 -18.69 60.59
C LYS C 327 80.26 -18.98 60.64
N GLY C 328 79.53 -18.30 61.52
CA GLY C 328 78.11 -18.51 61.66
C GLY C 328 77.31 -17.80 60.59
N GLU C 329 75.99 -17.87 60.74
CA GLU C 329 75.05 -17.27 59.81
C GLU C 329 74.29 -16.14 60.50
N ILE C 330 74.03 -15.06 59.76
CA ILE C 330 73.29 -13.94 60.32
C ILE C 330 71.87 -14.39 60.63
N MET C 331 71.37 -14.00 61.80
CA MET C 331 70.04 -14.40 62.20
C MET C 331 69.00 -13.79 61.27
N PRO C 332 68.10 -14.59 60.71
CA PRO C 332 67.09 -14.03 59.79
C PRO C 332 66.12 -13.10 60.50
N ASN C 333 65.86 -11.95 59.88
CA ASN C 333 64.96 -10.94 60.41
C ASN C 333 63.57 -11.01 59.79
N ILE C 334 63.25 -12.08 59.07
CA ILE C 334 61.94 -12.23 58.43
C ILE C 334 60.92 -12.65 59.48
N PRO C 335 59.63 -12.37 59.27
CA PRO C 335 58.63 -12.70 60.31
C PRO C 335 58.32 -14.18 60.43
N GLN C 336 58.76 -15.02 59.48
CA GLN C 336 58.53 -16.45 59.62
C GLN C 336 59.41 -17.09 60.70
N MET C 337 60.36 -16.35 61.25
CA MET C 337 61.18 -16.87 62.34
C MET C 337 60.35 -17.22 63.56
N SER C 338 59.19 -16.57 63.72
CA SER C 338 58.32 -16.86 64.86
C SER C 338 57.94 -18.33 64.90
N ALA C 339 57.66 -18.93 63.74
CA ALA C 339 57.37 -20.35 63.70
C ALA C 339 58.64 -21.19 63.89
N PHE C 340 59.77 -20.71 63.40
CA PHE C 340 61.03 -21.44 63.55
C PHE C 340 61.41 -21.60 65.01
N TRP C 341 61.34 -20.51 65.78
CA TRP C 341 61.73 -20.57 67.19
C TRP C 341 60.85 -21.54 67.97
N TYR C 342 59.53 -21.41 67.85
CA TYR C 342 58.62 -22.31 68.54
C TYR C 342 58.91 -23.76 68.17
N ALA C 343 59.22 -24.01 66.90
CA ALA C 343 59.50 -25.38 66.46
C ALA C 343 60.78 -25.91 67.08
N VAL C 344 61.86 -25.13 67.03
CA VAL C 344 63.14 -25.59 67.55
C VAL C 344 63.13 -25.63 69.07
N ARG C 345 62.48 -24.65 69.71
CA ARG C 345 62.40 -24.65 71.17
C ARG C 345 61.79 -25.96 71.67
N THR C 346 60.68 -26.38 71.08
CA THR C 346 60.02 -27.60 71.53
C THR C 346 60.79 -28.85 71.11
N ALA C 347 61.49 -28.80 69.97
CA ALA C 347 62.20 -29.98 69.48
C ALA C 347 63.40 -30.32 70.37
N VAL C 348 64.23 -29.32 70.68
CA VAL C 348 65.39 -29.57 71.53
C VAL C 348 64.96 -29.93 72.95
N ILE C 349 63.90 -29.29 73.44
CA ILE C 349 63.41 -29.61 74.78
C ILE C 349 62.89 -31.04 74.83
N ASN C 350 62.06 -31.42 73.85
CA ASN C 350 61.49 -32.76 73.83
C ASN C 350 62.57 -33.82 73.62
N ALA C 351 63.55 -33.54 72.75
CA ALA C 351 64.62 -34.49 72.51
C ALA C 351 65.52 -34.66 73.73
N ALA C 352 65.82 -33.55 74.41
CA ALA C 352 66.67 -33.64 75.60
C ALA C 352 65.96 -34.35 76.73
N SER C 353 64.70 -34.00 76.99
CA SER C 353 63.96 -34.60 78.09
C SER C 353 63.54 -36.04 77.81
N GLY C 354 63.74 -36.53 76.58
CA GLY C 354 63.36 -37.87 76.22
C GLY C 354 61.92 -38.04 75.80
N ARG C 355 61.11 -36.98 75.84
CA ARG C 355 59.72 -37.07 75.43
C ARG C 355 59.60 -37.47 73.96
N GLN C 356 60.55 -37.06 73.12
CA GLN C 356 60.57 -37.43 71.71
C GLN C 356 61.98 -37.82 71.32
N THR C 357 62.08 -38.59 70.25
CA THR C 357 63.38 -38.91 69.67
C THR C 357 63.86 -37.78 68.78
N VAL C 358 65.16 -37.80 68.47
CA VAL C 358 65.74 -36.75 67.62
C VAL C 358 65.09 -36.78 66.24
N ASP C 359 64.82 -37.99 65.72
CA ASP C 359 64.16 -38.09 64.42
C ASP C 359 62.74 -37.55 64.46
N GLU C 360 62.01 -37.81 65.54
CA GLU C 360 60.63 -37.35 65.66
C GLU C 360 60.57 -35.87 66.01
N ALA C 361 61.44 -35.41 66.91
CA ALA C 361 61.37 -34.01 67.34
C ALA C 361 61.70 -33.06 66.19
N LEU C 362 62.72 -33.40 65.38
CA LEU C 362 63.12 -32.51 64.29
C LEU C 362 62.19 -32.63 63.09
N LYS C 363 61.56 -33.79 62.90
CA LYS C 363 60.59 -33.94 61.81
C LYS C 363 59.39 -33.03 62.01
N ASP C 364 58.84 -33.02 63.23
CA ASP C 364 57.73 -32.13 63.53
C ASP C 364 58.19 -30.68 63.67
N ALA C 365 59.48 -30.45 63.93
CA ALA C 365 59.97 -29.08 64.02
C ALA C 365 59.99 -28.41 62.64
N GLN C 366 60.36 -29.15 61.59
CA GLN C 366 60.35 -28.54 60.27
C GLN C 366 58.94 -28.37 59.76
N THR C 367 58.00 -29.23 60.17
CA THR C 367 56.60 -29.02 59.82
C THR C 367 56.09 -27.71 60.43
N ALA C 368 56.46 -27.43 61.68
CA ALA C 368 56.01 -26.20 62.32
C ALA C 368 56.75 -24.98 61.79
N ALA C 369 58.03 -25.13 61.46
CA ALA C 369 58.80 -24.00 60.92
C ALA C 369 58.32 -23.62 59.53
N ARG C 370 57.98 -24.63 58.71
CA ARG C 370 57.48 -24.42 57.36
C ARG C 370 56.00 -24.01 57.33
N ALA C 371 55.32 -24.04 58.47
CA ALA C 371 53.86 -23.92 58.50
C ALA C 371 53.34 -22.70 57.74
N PHE C 372 54.13 -21.65 57.61
CA PHE C 372 53.70 -20.49 56.84
C PHE C 372 53.82 -20.68 55.34
N ALA C 373 54.35 -21.81 54.88
CA ALA C 373 54.43 -22.14 53.46
C ALA C 373 53.80 -23.51 53.23
N ALA C 374 53.19 -23.67 52.06
CA ALA C 374 52.49 -24.91 51.73
C ALA C 374 53.42 -26.10 51.87
N ALA C 375 53.03 -27.05 52.71
CA ALA C 375 53.86 -28.23 52.95
C ALA C 375 53.99 -29.06 51.68
N SER C 376 55.15 -29.73 51.54
CA SER C 376 55.49 -30.44 50.32
C SER C 376 54.64 -31.69 50.13
N GLY C 377 53.34 -31.52 49.99
CA GLY C 377 52.44 -32.62 49.76
C GLY C 377 51.18 -32.19 49.02
N SER C 378 50.02 -32.63 49.51
CA SER C 378 48.75 -32.17 48.95
C SER C 378 48.60 -30.66 48.99
N PRO C 379 48.92 -29.95 50.09
CA PRO C 379 48.70 -28.49 50.08
C PRO C 379 49.52 -27.76 49.03
N ALA C 380 50.78 -28.15 48.83
CA ALA C 380 51.60 -27.48 47.83
C ALA C 380 51.10 -27.77 46.42
N ASP C 381 50.66 -29.01 46.18
CA ASP C 381 50.25 -29.39 44.82
C ASP C 381 48.90 -28.77 44.47
N ILE C 382 47.97 -28.73 45.42
CA ILE C 382 46.64 -28.18 45.13
C ILE C 382 46.74 -26.70 44.80
N LEU C 383 47.72 -26.00 45.39
CA LEU C 383 47.90 -24.59 45.05
C LEU C 383 48.53 -24.43 43.67
N ASP C 384 49.48 -25.30 43.34
CA ASP C 384 50.08 -25.25 42.01
C ASP C 384 49.08 -25.67 40.93
N GLU C 385 48.16 -26.57 41.25
CA GLU C 385 47.19 -27.03 40.26
C GLU C 385 46.12 -25.97 40.00
N LEU C 386 45.68 -25.27 41.05
CA LEU C 386 44.72 -24.18 40.86
C LEU C 386 45.32 -23.03 40.07
N THR C 387 46.62 -22.77 40.25
CA THR C 387 47.28 -21.72 39.47
C THR C 387 47.50 -22.16 38.02
N GLU C 388 47.89 -23.43 37.82
CA GLU C 388 48.08 -23.93 36.46
C GLU C 388 46.76 -23.95 35.68
N LEU C 389 45.63 -24.07 36.37
CA LEU C 389 44.34 -23.99 35.69
C LEU C 389 44.02 -22.55 35.31
N THR C 390 44.44 -21.59 36.13
CA THR C 390 44.25 -20.18 35.78
C THR C 390 45.16 -19.77 34.64
N GLU C 391 46.32 -20.42 34.49
CA GLU C 391 47.19 -20.17 33.35
C GLU C 391 46.54 -20.68 32.07
N LEU C 392 45.99 -21.90 32.10
CA LEU C 392 45.28 -22.43 30.94
C LEU C 392 44.06 -21.59 30.60
N ALA C 393 43.46 -20.93 31.60
CA ALA C 393 42.32 -20.06 31.33
C ALA C 393 42.73 -18.83 30.53
N LYS C 394 43.82 -18.18 30.91
CA LYS C 394 44.29 -17.02 30.16
C LYS C 394 44.87 -17.40 28.81
N SER C 395 45.25 -18.66 28.61
CA SER C 395 45.82 -19.08 27.33
C SER C 395 44.82 -18.91 26.20
N VAL C 396 43.53 -19.14 26.46
CA VAL C 396 42.50 -19.02 25.44
C VAL C 396 41.55 -17.90 25.83
N THR C 397 42.06 -16.92 26.58
CA THR C 397 41.32 -15.71 26.96
C THR C 397 39.96 -16.03 27.58
N VAL C 401 34.93 -14.03 21.54
CA VAL C 401 36.04 -14.98 21.53
C VAL C 401 35.62 -16.25 22.27
N ASP C 402 36.41 -17.31 22.12
CA ASP C 402 36.10 -18.58 22.76
C ASP C 402 36.02 -18.44 24.27
N GLY C 403 37.14 -18.11 24.90
CA GLY C 403 37.19 -17.99 26.35
C GLY C 403 37.36 -19.35 27.01
N PHE C 404 37.82 -19.30 28.26
CA PHE C 404 38.04 -20.54 29.00
C PHE C 404 36.72 -21.21 29.36
N GLU C 405 35.69 -20.42 29.68
CA GLU C 405 34.41 -21.00 30.07
C GLU C 405 33.77 -21.79 28.94
N PHE C 406 34.11 -21.47 27.68
CA PHE C 406 33.65 -22.30 26.57
C PHE C 406 34.28 -23.69 26.64
N TYR C 407 35.58 -23.76 26.91
CA TYR C 407 36.23 -25.05 27.09
C TYR C 407 35.65 -25.79 28.29
N LEU C 408 35.37 -25.07 29.38
CA LEU C 408 34.81 -25.72 30.57
C LEU C 408 33.41 -26.24 30.30
N ASN C 409 32.59 -25.48 29.57
CA ASN C 409 31.26 -25.96 29.21
C ASN C 409 31.32 -27.18 28.31
N THR C 410 32.14 -27.11 27.26
CA THR C 410 32.30 -28.26 26.36
C THR C 410 32.85 -29.46 27.11
N PHE C 411 33.86 -29.23 27.95
CA PHE C 411 34.43 -30.33 28.74
C PHE C 411 33.37 -30.95 29.65
N HIS C 412 32.56 -30.12 30.30
CA HIS C 412 31.50 -30.64 31.17
C HIS C 412 30.47 -31.45 30.37
N ASP C 413 30.09 -30.95 29.20
CA ASP C 413 29.07 -31.63 28.40
C ASP C 413 29.52 -33.01 27.96
N VAL C 414 30.83 -33.21 27.75
CA VAL C 414 31.34 -34.52 27.39
C VAL C 414 31.38 -35.45 28.60
N MET C 415 31.65 -34.90 29.79
CA MET C 415 31.76 -35.74 30.98
C MET C 415 30.41 -36.31 31.39
N VAL C 416 29.36 -35.49 31.40
CA VAL C 416 28.04 -35.97 31.77
C VAL C 416 27.32 -36.65 30.62
N GLY C 417 27.96 -36.75 29.45
CA GLY C 417 27.36 -37.41 28.32
C GLY C 417 26.14 -36.73 27.77
N ASN C 418 26.03 -35.42 27.94
CA ASN C 418 24.89 -34.66 27.43
C ASN C 418 25.11 -34.39 25.95
N ASN C 419 24.54 -35.22 25.09
CA ASN C 419 24.56 -34.92 23.67
C ASN C 419 23.48 -33.89 23.37
N LEU C 420 23.72 -33.06 22.37
CA LEU C 420 22.82 -31.99 22.04
C LEU C 420 22.71 -31.85 20.53
N PHE C 421 21.48 -31.61 20.05
CA PHE C 421 21.16 -31.48 18.63
C PHE C 421 21.38 -32.80 17.87
N GLY C 422 21.29 -33.93 18.58
CA GLY C 422 21.45 -35.22 17.94
C GLY C 422 22.90 -35.65 17.80
N ARG C 423 23.77 -34.69 17.53
CA ARG C 423 25.20 -34.93 17.44
C ARG C 423 25.84 -34.87 18.82
N SER C 424 27.11 -35.25 18.88
CA SER C 424 27.84 -35.21 20.13
C SER C 424 28.07 -33.76 20.56
N ALA C 425 28.48 -33.58 21.81
CA ALA C 425 28.83 -32.24 22.28
C ALA C 425 30.10 -31.75 21.62
N LEU C 426 31.02 -32.66 21.31
CA LEU C 426 32.23 -32.29 20.59
C LEU C 426 31.93 -31.81 19.17
N LYS C 427 30.86 -32.33 18.55
CA LYS C 427 30.53 -31.95 17.19
C LYS C 427 30.05 -30.50 17.12
N THR C 428 29.13 -30.11 18.00
CA THR C 428 28.63 -28.74 17.99
C THR C 428 29.68 -27.74 18.47
N ALA C 429 30.52 -28.14 19.42
CA ALA C 429 31.59 -27.26 19.86
C ALA C 429 32.60 -27.01 18.74
N SER C 430 32.90 -28.04 17.95
CA SER C 430 33.82 -27.86 16.83
C SER C 430 33.24 -26.89 15.79
N GLU C 431 31.95 -27.01 15.50
CA GLU C 431 31.32 -26.09 14.56
C GLU C 431 31.38 -24.65 15.06
N LEU C 432 31.34 -24.46 16.38
CA LEU C 432 31.53 -23.12 16.93
C LEU C 432 32.97 -22.67 16.77
N ILE C 433 33.93 -23.59 16.85
CA ILE C 433 35.33 -23.25 16.64
C ILE C 433 35.56 -22.78 15.21
N THR C 434 34.97 -23.47 14.23
CA THR C 434 35.14 -23.12 12.83
C THR C 434 34.30 -21.92 12.41
N LYS C 435 33.58 -21.29 13.34
CA LYS C 435 32.84 -20.07 13.05
C LYS C 435 33.39 -18.88 13.84
N GLU C 436 34.56 -19.03 14.43
CA GLU C 436 35.22 -17.94 15.15
C GLU C 436 36.67 -17.83 14.73
N ASN C 437 37.25 -18.98 14.34
CA ASN C 437 38.65 -19.09 13.94
C ASN C 437 38.83 -19.01 12.43
N VAL C 438 37.98 -18.25 11.74
CA VAL C 438 38.09 -18.14 10.29
C VAL C 438 39.19 -17.15 9.90
N LYS C 439 39.51 -16.20 10.77
CA LYS C 439 40.64 -15.30 10.52
C LYS C 439 41.76 -15.54 11.52
N THR C 440 42.14 -16.81 11.70
CA THR C 440 43.16 -17.21 12.66
C THR C 440 44.21 -18.03 11.95
N SER C 441 45.44 -17.99 12.45
CA SER C 441 46.50 -18.84 11.93
C SER C 441 46.11 -20.31 12.04
N GLY C 442 46.35 -21.06 10.97
CA GLY C 442 46.02 -22.46 10.95
C GLY C 442 44.71 -22.74 10.22
N SER C 443 44.51 -24.00 9.86
CA SER C 443 43.31 -24.42 9.16
C SER C 443 42.26 -24.91 10.15
N GLU C 444 41.08 -25.25 9.64
CA GLU C 444 40.03 -25.82 10.48
C GLU C 444 40.48 -27.12 11.11
N VAL C 445 41.18 -27.97 10.35
CA VAL C 445 41.73 -29.21 10.90
C VAL C 445 42.68 -28.90 12.05
N GLY C 446 43.54 -27.91 11.88
CA GLY C 446 44.48 -27.56 12.93
C GLY C 446 43.79 -26.96 14.15
N ASN C 447 42.93 -25.96 13.92
CA ASN C 447 42.30 -25.27 15.04
C ASN C 447 41.42 -26.20 15.87
N VAL C 448 40.67 -27.08 15.21
CA VAL C 448 39.80 -27.99 15.94
C VAL C 448 40.63 -29.04 16.69
N TYR C 449 41.67 -29.56 16.04
CA TYR C 449 42.54 -30.51 16.73
C TYR C 449 43.29 -29.82 17.86
N ASN C 450 43.66 -28.55 17.68
CA ASN C 450 44.24 -27.79 18.77
C ASN C 450 43.24 -27.61 19.91
N PHE C 451 41.96 -27.39 19.56
CA PHE C 451 40.91 -27.37 20.57
C PHE C 451 40.85 -28.69 21.32
N LEU C 452 40.96 -29.81 20.60
CA LEU C 452 40.93 -31.11 21.25
C LEU C 452 42.14 -31.32 22.14
N ILE C 453 43.29 -30.76 21.77
CA ILE C 453 44.48 -30.88 22.59
C ILE C 453 44.29 -30.16 23.91
N VAL C 454 43.77 -28.93 23.85
CA VAL C 454 43.54 -28.15 25.06
C VAL C 454 42.44 -28.79 25.92
N LEU C 455 41.41 -29.32 25.26
CA LEU C 455 40.32 -29.95 26.00
C LEU C 455 40.81 -31.14 26.82
N THR C 456 41.69 -31.95 26.25
CA THR C 456 42.24 -33.09 26.98
C THR C 456 43.25 -32.64 28.03
N ALA C 457 43.95 -31.54 27.78
CA ALA C 457 44.83 -30.99 28.81
C ALA C 457 44.04 -30.49 30.00
N LEU C 458 42.90 -29.82 29.74
CA LEU C 458 42.00 -29.43 30.83
C LEU C 458 41.41 -30.66 31.51
N GLN C 459 41.10 -31.70 30.73
CA GLN C 459 40.54 -32.93 31.30
C GLN C 459 41.53 -33.59 32.24
N ALA C 460 42.82 -33.61 31.87
CA ALA C 460 43.82 -34.24 32.72
C ALA C 460 44.01 -33.46 34.02
N LYS C 461 44.00 -32.13 33.94
CA LYS C 461 44.17 -31.32 35.13
C LYS C 461 42.95 -31.38 36.04
N ALA C 462 41.75 -31.42 35.44
CA ALA C 462 40.53 -31.50 36.24
C ALA C 462 40.50 -32.77 37.08
N PHE C 463 40.88 -33.91 36.50
CA PHE C 463 40.96 -35.14 37.26
C PHE C 463 42.13 -35.12 38.24
N LEU C 464 43.24 -34.47 37.85
CA LEU C 464 44.36 -34.34 38.76
C LEU C 464 44.01 -33.45 39.96
N THR C 465 43.28 -32.37 39.71
CA THR C 465 42.81 -31.53 40.81
C THR C 465 41.90 -32.32 41.74
N LEU C 466 41.00 -33.13 41.19
CA LEU C 466 40.11 -33.95 42.02
C LEU C 466 40.92 -34.88 42.92
N THR C 467 41.94 -35.54 42.37
CA THR C 467 42.74 -36.47 43.16
C THR C 467 43.48 -35.74 44.28
N THR C 468 44.06 -34.59 43.97
CA THR C 468 44.78 -33.82 44.99
C THR C 468 43.82 -33.24 46.01
N CYS C 469 42.63 -32.80 45.56
CA CYS C 469 41.63 -32.30 46.49
C CYS C 469 41.21 -33.39 47.47
N ARG C 470 41.11 -34.63 46.99
CA ARG C 470 40.81 -35.75 47.88
C ARG C 470 41.99 -36.05 48.79
N LYS C 471 43.22 -35.88 48.29
CA LYS C 471 44.39 -36.08 49.12
C LYS C 471 44.51 -34.99 50.18
N LEU C 472 44.12 -33.76 49.85
CA LEU C 472 44.14 -32.70 50.86
C LEU C 472 43.24 -33.04 52.04
N LEU C 473 42.08 -33.62 51.75
CA LEU C 473 41.17 -34.08 52.79
C LEU C 473 41.57 -35.48 53.22
N GLY C 474 40.80 -36.05 54.13
CA GLY C 474 41.07 -37.39 54.62
C GLY C 474 40.53 -38.50 53.76
N LEU C 475 40.14 -38.20 52.52
CA LEU C 475 39.50 -39.19 51.68
C LEU C 475 40.49 -40.20 51.11
N ALA C 476 39.94 -41.32 50.65
CA ALA C 476 40.73 -42.42 50.12
C ALA C 476 41.32 -42.10 48.76
N ASP C 477 42.53 -42.59 48.50
CA ASP C 477 43.14 -42.43 47.20
C ASP C 477 42.34 -43.23 46.17
N ILE C 478 41.98 -42.59 45.06
CA ILE C 478 41.27 -43.24 43.97
C ILE C 478 42.00 -42.92 42.67
N ASP C 479 42.27 -43.96 41.87
CA ASP C 479 42.95 -43.79 40.59
C ASP C 479 41.90 -43.62 39.52
N TYR C 480 41.72 -42.38 39.06
CA TYR C 480 40.74 -42.04 38.03
C TYR C 480 41.30 -42.19 36.62
N THR C 481 42.35 -43.00 36.44
CA THR C 481 43.01 -43.09 35.13
C THR C 481 42.12 -43.81 34.12
N SER C 482 41.45 -44.88 34.53
CA SER C 482 40.68 -45.68 33.57
C SER C 482 39.42 -44.95 33.11
N ILE C 483 38.77 -44.22 34.02
CA ILE C 483 37.58 -43.46 33.61
C ILE C 483 38.00 -42.26 32.76
N MET C 484 39.22 -41.76 32.96
CA MET C 484 39.74 -40.68 32.13
C MET C 484 40.16 -41.19 30.76
N ASN C 485 40.79 -42.37 30.70
CA ASN C 485 41.22 -42.93 29.43
C ASN C 485 40.03 -43.27 28.54
N GLU C 486 38.94 -43.77 29.12
CA GLU C 486 37.74 -44.04 28.34
C GLU C 486 37.20 -42.77 27.70
N HIS C 487 37.10 -41.69 28.48
CA HIS C 487 36.68 -40.41 27.93
C HIS C 487 37.62 -39.95 26.83
N LEU C 488 38.92 -40.22 26.97
CA LEU C 488 39.89 -39.79 25.97
C LEU C 488 39.66 -40.51 24.65
N ASN C 489 39.49 -41.85 24.70
CA ASN C 489 39.28 -42.61 23.49
C ASN C 489 37.95 -42.28 22.82
N LYS C 490 36.92 -42.01 23.63
CA LYS C 490 35.63 -41.62 23.07
C LYS C 490 35.72 -40.30 22.33
N GLU C 491 36.46 -39.34 22.89
CA GLU C 491 36.62 -38.04 22.23
C GLU C 491 37.43 -38.15 20.94
N LYS C 492 38.52 -38.93 20.98
CA LYS C 492 39.38 -39.06 19.80
C LYS C 492 38.64 -39.73 18.64
N GLU C 493 37.92 -40.82 18.91
CA GLU C 493 37.19 -41.50 17.85
C GLU C 493 36.11 -40.60 17.26
N GLU C 494 35.44 -39.81 18.11
CA GLU C 494 34.42 -38.89 17.61
C GLU C 494 35.02 -37.86 16.66
N PHE C 495 36.18 -37.31 17.02
CA PHE C 495 36.86 -36.36 16.14
C PHE C 495 37.30 -37.04 14.85
N ARG C 496 37.70 -38.31 14.93
CA ARG C 496 38.25 -39.00 13.77
C ARG C 496 37.18 -39.31 12.73
N VAL C 497 35.99 -39.72 13.17
CA VAL C 497 34.99 -40.26 12.26
C VAL C 497 33.95 -39.22 11.88
N ASN C 498 33.68 -38.27 12.77
CA ASN C 498 32.56 -37.34 12.57
C ASN C 498 32.98 -35.90 12.35
N ILE C 499 34.14 -35.48 12.83
CA ILE C 499 34.56 -34.09 12.79
C ILE C 499 35.66 -33.86 11.75
N LEU C 500 36.69 -34.71 11.75
CA LEU C 500 37.85 -34.48 10.88
C LEU C 500 37.52 -34.43 9.40
N PRO C 501 36.72 -35.35 8.83
CA PRO C 501 36.54 -35.31 7.36
C PRO C 501 35.86 -34.05 6.86
N THR C 502 34.89 -33.52 7.59
CA THR C 502 34.15 -32.34 7.14
C THR C 502 34.91 -31.03 7.36
N LEU C 503 36.14 -31.09 7.87
CA LEU C 503 36.91 -29.88 8.13
C LEU C 503 37.77 -29.51 6.94
N SER C 504 37.93 -28.22 6.71
CA SER C 504 38.80 -27.73 5.66
C SER C 504 40.25 -27.73 6.14
N ASN C 505 41.18 -27.89 5.19
CA ASN C 505 42.60 -27.91 5.47
C ASN C 505 43.33 -26.71 4.89
N THR C 506 42.61 -25.64 4.57
CA THR C 506 43.22 -24.44 4.03
C THR C 506 43.50 -23.44 5.15
N PHE C 507 44.69 -22.84 5.11
CA PHE C 507 45.08 -21.83 6.08
C PHE C 507 45.63 -20.62 5.34
N SER C 508 45.42 -19.43 5.92
CA SER C 508 45.83 -18.17 5.32
C SER C 508 46.50 -17.31 6.38
N ASN C 509 46.96 -16.13 5.96
CA ASN C 509 47.56 -15.19 6.90
C ASN C 509 46.47 -14.59 7.79
N PRO C 510 46.73 -14.43 9.09
CA PRO C 510 45.69 -13.94 9.99
C PRO C 510 45.59 -12.43 10.05
N ASN C 511 46.63 -11.72 9.64
CA ASN C 511 46.69 -10.27 9.78
C ASN C 511 47.22 -9.64 8.50
N TYR C 512 47.18 -8.31 8.48
CA TYR C 512 47.70 -7.52 7.38
C TYR C 512 48.46 -6.33 7.94
N ALA C 513 49.24 -5.68 7.08
CA ALA C 513 50.01 -4.51 7.48
C ALA C 513 50.09 -3.57 6.28
N LYS C 514 49.64 -2.33 6.47
CA LYS C 514 49.70 -1.34 5.41
C LYS C 514 51.16 -0.96 5.19
N VAL C 515 51.69 -1.28 4.01
CA VAL C 515 53.12 -1.22 3.74
C VAL C 515 53.34 -0.77 2.30
N LYS C 516 54.41 0.02 2.10
CA LYS C 516 54.83 0.45 0.77
C LYS C 516 56.12 -0.28 0.40
N GLY C 517 56.13 -0.90 -0.76
CA GLY C 517 57.29 -1.60 -1.28
C GLY C 517 57.99 -0.78 -2.35
N SER C 518 58.51 -1.46 -3.36
CA SER C 518 59.12 -0.81 -4.51
C SER C 518 58.32 -1.10 -5.76
N ASP C 519 58.55 -0.30 -6.79
CA ASP C 519 57.92 -0.50 -8.09
C ASP C 519 58.86 -1.09 -9.13
N GLU C 520 60.15 -1.18 -8.83
CA GLU C 520 61.10 -1.76 -9.77
C GLU C 520 60.94 -3.27 -9.83
N ASP C 521 61.38 -3.85 -10.95
CA ASP C 521 61.31 -5.30 -11.14
C ASP C 521 62.16 -6.00 -10.08
N ALA C 522 61.74 -7.21 -9.73
CA ALA C 522 62.41 -7.98 -8.69
C ALA C 522 62.00 -9.44 -8.78
N LYS C 523 62.92 -10.31 -8.39
CA LYS C 523 62.67 -11.75 -8.35
C LYS C 523 63.08 -12.30 -6.98
N MET C 524 62.26 -13.20 -6.45
CA MET C 524 62.58 -13.88 -5.20
C MET C 524 62.09 -15.32 -5.29
N ILE C 525 63.00 -16.26 -5.13
CA ILE C 525 62.70 -17.68 -5.26
C ILE C 525 62.86 -18.32 -3.88
N VAL C 526 61.76 -18.75 -3.29
CA VAL C 526 61.78 -19.47 -2.02
C VAL C 526 61.77 -20.96 -2.34
N GLU C 527 62.92 -21.61 -2.17
CA GLU C 527 63.10 -23.01 -2.52
C GLU C 527 63.73 -23.76 -1.36
N ALA C 528 63.24 -24.97 -1.11
CA ALA C 528 63.83 -25.85 -0.11
C ALA C 528 64.96 -26.66 -0.72
N LYS C 529 65.90 -27.07 0.14
CA LYS C 529 67.01 -27.88 -0.31
C LYS C 529 66.50 -29.22 -0.87
N PRO C 530 67.27 -29.85 -1.76
CA PRO C 530 66.82 -31.13 -2.34
C PRO C 530 66.53 -32.16 -1.25
N GLY C 531 65.35 -32.78 -1.36
CA GLY C 531 64.88 -33.71 -0.36
C GLY C 531 64.04 -33.09 0.74
N HIS C 532 64.03 -31.77 0.85
CA HIS C 532 63.24 -31.08 1.86
C HIS C 532 61.93 -30.60 1.26
N ALA C 533 61.05 -30.09 2.13
CA ALA C 533 59.74 -29.62 1.73
C ALA C 533 59.37 -28.40 2.55
N LEU C 534 58.66 -27.45 1.93
CA LEU C 534 58.19 -26.27 2.63
C LEU C 534 57.02 -26.65 3.54
N ILE C 535 57.12 -26.29 4.82
CA ILE C 535 56.14 -26.72 5.81
C ILE C 535 55.56 -25.54 6.58
N GLY C 536 56.17 -24.35 6.41
CA GLY C 536 55.65 -23.19 7.12
C GLY C 536 56.25 -21.86 6.71
N PHE C 537 55.48 -20.79 6.91
CA PHE C 537 55.91 -19.44 6.60
C PHE C 537 55.44 -18.50 7.69
N GLU C 538 56.20 -17.43 7.93
CA GLU C 538 55.78 -16.36 8.82
C GLU C 538 56.36 -15.05 8.33
N ILE C 539 55.49 -14.09 8.02
CA ILE C 539 55.90 -12.75 7.63
C ILE C 539 55.78 -11.82 8.83
N SER C 540 56.82 -11.03 9.07
CA SER C 540 56.82 -10.07 10.17
C SER C 540 57.39 -8.75 9.67
N ASN C 541 56.73 -7.65 10.04
CA ASN C 541 57.08 -6.32 9.54
C ASN C 541 57.00 -5.33 10.69
N ASP C 542 58.14 -5.06 11.33
CA ASP C 542 58.24 -4.00 12.33
C ASP C 542 59.03 -2.80 11.80
N SER C 543 60.23 -3.03 11.29
CA SER C 543 60.97 -1.98 10.61
C SER C 543 61.43 -2.46 9.24
N ILE C 544 61.71 -3.76 9.14
CA ILE C 544 62.01 -4.45 7.88
C ILE C 544 61.09 -5.67 7.80
N THR C 545 60.70 -6.01 6.58
CA THR C 545 59.82 -7.15 6.34
C THR C 545 60.67 -8.41 6.23
N VAL C 546 60.57 -9.28 7.23
CA VAL C 546 61.35 -10.51 7.32
C VAL C 546 60.41 -11.68 7.12
N LEU C 547 60.78 -12.60 6.24
CA LEU C 547 60.00 -13.80 5.94
C LEU C 547 60.77 -15.02 6.42
N LYS C 548 60.17 -15.76 7.37
CA LYS C 548 60.73 -17.02 7.81
C LYS C 548 60.06 -18.15 7.04
N VAL C 549 60.87 -19.04 6.48
CA VAL C 549 60.37 -20.21 5.75
C VAL C 549 60.95 -21.45 6.43
N TYR C 550 60.09 -22.41 6.72
CA TYR C 550 60.49 -23.63 7.39
C TYR C 550 60.51 -24.77 6.38
N GLU C 551 61.65 -25.47 6.31
CA GLU C 551 61.78 -26.68 5.51
C GLU C 551 62.35 -27.78 6.39
N ALA C 552 62.09 -29.02 5.98
CA ALA C 552 62.55 -30.18 6.70
C ALA C 552 62.36 -31.41 5.83
N LYS C 553 63.09 -32.46 6.16
CA LYS C 553 62.88 -33.75 5.51
C LYS C 553 61.54 -34.34 5.96
N LEU C 554 60.90 -35.09 5.08
CA LEU C 554 59.65 -35.77 5.38
C LEU C 554 59.87 -37.27 5.55
N LYS C 555 59.11 -37.87 6.44
CA LYS C 555 59.17 -39.32 6.61
C LYS C 555 57.79 -39.88 6.91
N GLN C 556 57.47 -41.02 6.26
CA GLN C 556 56.34 -41.89 6.62
C GLN C 556 55.04 -41.18 6.98
N ASN C 557 54.23 -40.88 5.97
CA ASN C 557 52.90 -40.28 6.11
C ASN C 557 52.95 -38.86 6.63
N TYR C 558 53.69 -38.00 5.93
CA TYR C 558 53.67 -36.55 6.11
C TYR C 558 54.17 -36.13 7.48
N GLN C 559 54.86 -37.02 8.20
CA GLN C 559 55.50 -36.65 9.45
C GLN C 559 56.77 -35.87 9.16
N VAL C 560 57.02 -34.85 9.96
CA VAL C 560 58.19 -33.99 9.79
C VAL C 560 59.35 -34.57 10.57
N ASP C 561 60.55 -34.50 9.99
CA ASP C 561 61.77 -34.99 10.64
C ASP C 561 62.30 -33.83 11.47
N LYS C 562 62.12 -33.92 12.79
CA LYS C 562 62.53 -32.84 13.68
C LYS C 562 64.03 -32.56 13.58
N ASP C 563 64.83 -33.59 13.33
CA ASP C 563 66.28 -33.41 13.25
C ASP C 563 66.69 -32.59 12.04
N SER C 564 65.89 -32.56 10.98
CA SER C 564 66.23 -31.87 9.75
C SER C 564 65.51 -30.54 9.59
N LEU C 565 64.81 -30.09 10.64
CA LEU C 565 64.09 -28.82 10.56
C LEU C 565 65.05 -27.68 10.35
N SER C 566 64.84 -26.90 9.29
CA SER C 566 65.68 -25.76 8.97
C SER C 566 64.83 -24.51 8.88
N GLU C 567 65.47 -23.36 9.11
CA GLU C 567 64.81 -22.07 9.05
C GLU C 567 65.65 -21.14 8.18
N VAL C 568 65.07 -20.69 7.07
CA VAL C 568 65.73 -19.78 6.14
C VAL C 568 64.98 -18.46 6.15
N ILE C 569 65.72 -17.36 6.18
CA ILE C 569 65.16 -16.02 6.26
C ILE C 569 65.25 -15.37 4.89
N TYR C 570 64.15 -14.79 4.43
CA TYR C 570 64.11 -14.06 3.18
C TYR C 570 63.76 -12.60 3.45
N GLY C 571 64.51 -11.69 2.84
CA GLY C 571 64.27 -10.27 2.94
C GLY C 571 63.56 -9.72 1.72
N ASP C 572 63.26 -8.42 1.80
CA ASP C 572 62.65 -7.68 0.69
C ASP C 572 61.29 -8.26 0.29
N MET C 573 60.58 -8.82 1.28
CA MET C 573 59.24 -9.34 1.02
C MET C 573 58.27 -8.24 0.62
N ASP C 574 58.44 -7.05 1.18
CA ASP C 574 57.56 -5.93 0.84
C ASP C 574 57.87 -5.36 -0.54
N LYS C 575 59.12 -5.44 -0.98
CA LYS C 575 59.49 -4.95 -2.31
C LYS C 575 58.81 -5.75 -3.42
N LEU C 576 58.39 -6.98 -3.13
CA LEU C 576 57.68 -7.81 -4.10
C LEU C 576 56.17 -7.66 -4.02
N LEU C 577 55.62 -7.67 -2.80
CA LEU C 577 54.19 -7.73 -2.59
C LEU C 577 53.52 -6.36 -2.61
N CYS C 578 54.28 -5.27 -2.72
CA CYS C 578 53.71 -3.93 -2.56
C CYS C 578 54.37 -2.96 -3.55
N PRO C 579 53.59 -2.15 -4.25
CA PRO C 579 54.17 -1.12 -5.11
C PRO C 579 54.37 0.19 -4.36
N ASP C 580 55.05 1.13 -5.03
CA ASP C 580 55.26 2.47 -4.50
C ASP C 580 54.90 3.49 -5.59
N GLN C 581 53.91 4.33 -5.29
CA GLN C 581 53.44 5.42 -6.14
C GLN C 581 52.78 4.96 -7.43
N SER C 582 52.73 3.65 -7.70
CA SER C 582 52.15 3.15 -8.94
C SER C 582 51.24 1.97 -8.63
N GLU C 583 50.57 1.48 -9.67
CA GLU C 583 49.68 0.33 -9.54
C GLU C 583 50.50 -0.95 -9.49
N GLN C 584 49.83 -2.04 -9.11
CA GLN C 584 50.41 -3.37 -9.17
C GLN C 584 49.34 -4.37 -9.56
N ILE C 585 49.59 -5.13 -10.62
CA ILE C 585 48.67 -6.15 -11.09
C ILE C 585 49.06 -7.48 -10.46
N TYR C 586 48.12 -8.10 -9.74
CA TYR C 586 48.35 -9.37 -9.06
C TYR C 586 47.63 -10.47 -9.82
N TYR C 587 48.39 -11.42 -10.35
CA TYR C 587 47.81 -12.59 -10.99
C TYR C 587 47.48 -13.64 -9.93
N THR C 588 46.22 -14.08 -9.92
CA THR C 588 45.68 -14.89 -8.83
C THR C 588 45.15 -16.21 -9.39
N ASN C 589 45.77 -17.31 -8.98
CA ASN C 589 45.28 -18.64 -9.33
C ASN C 589 45.61 -19.59 -8.20
N ASN C 590 44.58 -20.18 -7.60
CA ASN C 590 44.76 -21.15 -6.52
C ASN C 590 45.34 -22.43 -7.09
N ILE C 591 46.59 -22.73 -6.77
CA ILE C 591 47.26 -23.94 -7.24
C ILE C 591 47.05 -25.05 -6.22
N VAL C 592 46.66 -26.22 -6.70
CA VAL C 592 46.43 -27.38 -5.83
C VAL C 592 47.01 -28.60 -6.52
N PHE C 593 47.91 -29.30 -5.84
CA PHE C 593 48.57 -30.48 -6.36
C PHE C 593 47.89 -31.75 -5.86
N PRO C 594 48.08 -32.87 -6.55
CA PRO C 594 47.49 -34.13 -6.08
C PRO C 594 48.04 -34.55 -4.73
N ASN C 595 47.45 -35.61 -4.18
CA ASN C 595 47.65 -36.02 -2.80
C ASN C 595 48.97 -36.76 -2.57
N GLU C 596 49.90 -36.70 -3.51
CA GLU C 596 51.22 -37.30 -3.30
C GLU C 596 52.35 -36.38 -3.75
N TYR C 597 52.09 -35.09 -3.88
CA TYR C 597 53.10 -34.10 -4.23
C TYR C 597 53.17 -33.04 -3.13
N VAL C 598 54.38 -32.58 -2.84
CA VAL C 598 54.62 -31.61 -1.78
C VAL C 598 55.29 -30.39 -2.37
N ILE C 599 54.83 -29.21 -1.97
CA ILE C 599 55.38 -27.97 -2.50
C ILE C 599 56.82 -27.80 -2.00
N THR C 600 57.74 -27.55 -2.93
CA THR C 600 59.14 -27.34 -2.60
C THR C 600 59.71 -26.03 -3.11
N LYS C 601 59.03 -25.32 -4.00
CA LYS C 601 59.60 -24.13 -4.62
C LYS C 601 58.49 -23.17 -5.02
N ILE C 602 58.61 -21.92 -4.57
CA ILE C 602 57.70 -20.84 -4.95
C ILE C 602 58.54 -19.73 -5.58
N ASP C 603 58.27 -19.46 -6.85
CA ASP C 603 59.10 -18.56 -7.67
C ASP C 603 58.27 -17.31 -7.99
N PHE C 604 58.55 -16.22 -7.29
CA PHE C 604 57.87 -14.95 -7.52
C PHE C 604 58.62 -14.12 -8.56
N THR C 605 57.87 -13.51 -9.46
CA THR C 605 58.44 -12.68 -10.53
C THR C 605 57.63 -11.39 -10.64
N LYS C 606 58.24 -10.26 -10.29
CA LYS C 606 57.63 -8.94 -10.40
C LYS C 606 58.24 -8.22 -11.59
N LYS C 607 57.45 -8.00 -12.63
CA LYS C 607 57.92 -7.35 -13.86
C LYS C 607 56.85 -6.40 -14.37
N MET C 608 57.24 -5.13 -14.56
CA MET C 608 56.35 -4.11 -15.11
C MET C 608 55.05 -4.00 -14.32
N LYS C 609 55.20 -3.83 -13.01
CA LYS C 609 54.09 -3.63 -12.08
C LYS C 609 53.15 -4.83 -12.02
N THR C 610 53.59 -6.01 -12.48
CA THR C 610 52.80 -7.23 -12.40
C THR C 610 53.54 -8.26 -11.57
N LEU C 611 52.79 -9.03 -10.78
CA LEU C 611 53.35 -10.05 -9.90
C LEU C 611 52.75 -11.40 -10.23
N ARG C 612 53.57 -12.31 -10.74
CA ARG C 612 53.21 -13.70 -10.96
C ARG C 612 54.01 -14.60 -10.03
N TYR C 613 53.56 -15.85 -9.90
CA TYR C 613 54.29 -16.85 -9.14
C TYR C 613 54.15 -18.21 -9.80
N GLU C 614 55.21 -19.00 -9.69
CA GLU C 614 55.27 -20.34 -10.28
C GLU C 614 55.71 -21.31 -9.21
N VAL C 615 54.83 -22.27 -8.88
CA VAL C 615 55.01 -23.17 -7.76
C VAL C 615 55.41 -24.54 -8.27
N THR C 616 56.47 -25.11 -7.70
CA THR C 616 56.94 -26.45 -8.03
C THR C 616 56.66 -27.40 -6.87
N ALA C 617 56.17 -28.60 -7.20
CA ALA C 617 55.86 -29.60 -6.20
C ALA C 617 56.45 -30.94 -6.65
N ASN C 618 57.30 -31.52 -5.82
CA ASN C 618 57.93 -32.79 -6.12
C ASN C 618 57.13 -33.94 -5.54
N PHE C 619 57.44 -35.15 -6.02
CA PHE C 619 56.73 -36.36 -5.61
C PHE C 619 57.23 -36.82 -4.25
N TYR C 620 56.29 -37.25 -3.39
CA TYR C 620 56.61 -37.66 -2.04
C TYR C 620 56.17 -39.11 -1.82
N ASP C 621 57.04 -39.88 -1.18
CA ASP C 621 56.86 -41.32 -0.96
C ASP C 621 56.36 -41.55 0.46
N SER C 622 55.05 -41.47 0.64
CA SER C 622 54.40 -41.64 1.94
C SER C 622 54.79 -42.92 2.67
N SER C 623 55.56 -43.81 2.02
CA SER C 623 55.98 -45.06 2.62
C SER C 623 57.45 -45.09 3.01
N THR C 624 58.31 -44.33 2.31
CA THR C 624 59.72 -44.22 2.67
C THR C 624 60.16 -42.81 3.04
N GLY C 625 59.44 -41.79 2.61
CA GLY C 625 59.80 -40.42 2.91
C GLY C 625 60.72 -39.75 1.92
N GLU C 626 60.92 -40.34 0.75
CA GLU C 626 61.82 -39.75 -0.25
C GLU C 626 61.02 -38.73 -1.06
N ILE C 627 61.60 -37.55 -1.26
CA ILE C 627 61.02 -36.55 -2.14
C ILE C 627 61.81 -36.60 -3.44
N ASP C 628 61.15 -37.06 -4.51
CA ASP C 628 61.80 -37.31 -5.78
C ASP C 628 62.19 -36.03 -6.50
N LEU C 629 63.42 -35.56 -6.27
CA LEU C 629 63.97 -34.37 -6.89
C LEU C 629 63.69 -34.25 -8.39
N ASN C 630 63.18 -35.31 -9.03
CA ASN C 630 63.00 -35.30 -10.47
C ASN C 630 61.55 -35.56 -10.92
N LYS C 631 60.66 -36.01 -10.04
CA LYS C 631 59.25 -36.17 -10.37
C LYS C 631 58.51 -34.94 -9.84
N LYS C 632 58.46 -33.89 -10.66
CA LYS C 632 57.92 -32.60 -10.26
C LYS C 632 56.64 -32.28 -11.02
N LYS C 633 55.88 -31.33 -10.48
CA LYS C 633 54.71 -30.77 -11.14
C LYS C 633 54.75 -29.26 -10.95
N VAL C 634 54.52 -28.51 -12.03
CA VAL C 634 54.68 -27.06 -12.02
C VAL C 634 53.42 -26.40 -12.56
N GLU C 635 52.77 -25.58 -11.74
CA GLU C 635 51.67 -24.71 -12.13
C GLU C 635 51.99 -23.29 -11.70
N SER C 636 51.22 -22.33 -12.21
CA SER C 636 51.48 -20.92 -11.96
C SER C 636 50.16 -20.15 -11.95
N SER C 637 50.24 -18.90 -11.51
CA SER C 637 49.12 -17.96 -11.61
C SER C 637 48.99 -17.55 -13.08
N GLU C 638 48.08 -18.21 -13.79
CA GLU C 638 48.13 -18.17 -15.25
C GLU C 638 47.65 -16.86 -15.86
N ALA C 639 46.34 -16.68 -15.96
CA ALA C 639 45.78 -15.55 -16.68
C ALA C 639 44.99 -14.58 -15.83
N GLU C 640 44.33 -15.04 -14.77
CA GLU C 640 43.45 -14.19 -13.99
C GLU C 640 44.26 -13.19 -13.18
N TYR C 641 43.97 -11.90 -13.36
CA TYR C 641 44.73 -10.84 -12.73
C TYR C 641 43.79 -9.90 -11.99
N ARG C 642 44.25 -9.38 -10.87
CA ARG C 642 43.57 -8.33 -10.13
C ARG C 642 44.43 -7.08 -10.15
N THR C 643 43.78 -5.92 -10.21
CA THR C 643 44.47 -4.65 -10.37
C THR C 643 44.23 -3.77 -9.15
N LEU C 644 45.32 -3.31 -8.54
CA LEU C 644 45.28 -2.39 -7.42
C LEU C 644 45.87 -1.07 -7.90
N SER C 645 45.03 -0.05 -7.97
CA SER C 645 45.45 1.24 -8.53
C SER C 645 46.50 1.90 -7.64
N ALA C 646 47.11 2.96 -8.18
CA ALA C 646 48.07 3.74 -7.41
C ALA C 646 47.36 4.36 -6.21
N ASN C 647 47.93 4.21 -5.03
CA ASN C 647 47.26 4.65 -3.81
C ASN C 647 48.28 4.98 -2.74
N ASP C 648 48.48 6.27 -2.48
CA ASP C 648 49.38 6.74 -1.42
C ASP C 648 49.04 6.06 -0.10
N ASP C 649 49.95 6.18 0.87
CA ASP C 649 49.94 5.58 2.20
C ASP C 649 49.90 4.04 2.18
N GLY C 650 50.09 3.42 1.01
CA GLY C 650 50.44 2.01 0.98
C GLY C 650 49.31 1.04 0.67
N VAL C 651 49.66 -0.23 0.82
CA VAL C 651 48.79 -1.36 0.51
C VAL C 651 48.87 -2.34 1.68
N TYR C 652 47.87 -3.20 1.79
CA TYR C 652 47.75 -4.12 2.93
C TYR C 652 48.46 -5.43 2.64
N MET C 653 49.77 -5.41 2.87
CA MET C 653 50.58 -6.61 2.73
C MET C 653 50.14 -7.67 3.74
N PRO C 654 50.19 -8.96 3.38
CA PRO C 654 49.85 -10.00 4.34
C PRO C 654 50.88 -10.10 5.47
N LEU C 655 50.36 -10.24 6.70
CA LEU C 655 51.19 -10.33 7.89
C LEU C 655 50.73 -11.52 8.72
N GLY C 656 51.62 -12.02 9.56
CA GLY C 656 51.27 -13.07 10.49
C GLY C 656 51.91 -14.40 10.14
N VAL C 657 51.41 -15.44 10.78
CA VAL C 657 51.93 -16.80 10.63
C VAL C 657 51.12 -17.49 9.55
N ILE C 658 51.74 -17.68 8.38
CA ILE C 658 51.09 -18.44 7.29
C ILE C 658 51.58 -19.87 7.43
N SER C 659 50.89 -20.62 8.29
CA SER C 659 51.28 -22.00 8.55
C SER C 659 50.14 -22.72 9.23
N GLU C 660 50.11 -24.04 9.06
CA GLU C 660 49.22 -24.88 9.86
C GLU C 660 49.61 -24.77 11.33
N THR C 661 48.63 -25.00 12.21
CA THR C 661 48.90 -24.92 13.65
C THR C 661 50.05 -25.84 14.06
N PHE C 662 50.27 -26.91 13.30
CA PHE C 662 51.43 -27.77 13.46
C PHE C 662 52.13 -27.88 12.11
N LEU C 663 53.47 -27.76 12.14
CA LEU C 663 54.26 -27.79 10.92
C LEU C 663 54.01 -29.07 10.14
N THR C 664 53.47 -28.92 8.92
CA THR C 664 53.13 -30.02 8.05
C THR C 664 53.43 -29.60 6.62
N PRO C 665 53.75 -30.54 5.73
CA PRO C 665 53.95 -30.18 4.32
C PRO C 665 52.66 -29.64 3.70
N ILE C 666 52.82 -28.89 2.62
CA ILE C 666 51.70 -28.25 1.94
C ILE C 666 51.62 -28.76 0.51
N ASN C 667 50.40 -28.79 -0.03
CA ASN C 667 50.17 -29.19 -1.41
C ASN C 667 49.31 -28.17 -2.16
N GLY C 668 49.21 -26.94 -1.65
CA GLY C 668 48.43 -25.91 -2.29
C GLY C 668 48.91 -24.52 -1.95
N PHE C 669 48.83 -23.60 -2.91
CA PHE C 669 49.27 -22.23 -2.69
C PHE C 669 48.51 -21.30 -3.63
N GLY C 670 48.24 -20.09 -3.16
CA GLY C 670 47.56 -19.09 -3.96
C GLY C 670 47.60 -17.72 -3.34
N LEU C 671 47.66 -16.68 -4.17
CA LEU C 671 47.63 -15.30 -3.73
C LEU C 671 46.36 -14.65 -4.22
N GLN C 672 45.67 -13.93 -3.34
CA GLN C 672 44.44 -13.22 -3.68
C GLN C 672 44.58 -11.76 -3.32
N ALA C 673 44.12 -10.89 -4.22
CA ALA C 673 44.18 -9.45 -4.03
C ALA C 673 42.81 -8.87 -4.32
N ASP C 674 42.23 -8.19 -3.33
CA ASP C 674 40.92 -7.56 -3.48
C ASP C 674 41.10 -6.17 -4.07
N GLU C 675 40.42 -5.92 -5.20
CA GLU C 675 40.52 -4.63 -5.85
C GLU C 675 39.89 -3.52 -5.02
N ASN C 676 39.03 -3.86 -4.06
CA ASN C 676 38.37 -2.85 -3.23
C ASN C 676 39.13 -2.57 -1.94
N SER C 677 39.38 -3.61 -1.15
CA SER C 677 40.03 -3.42 0.15
C SER C 677 41.54 -3.37 0.05
N ARG C 678 42.12 -3.71 -1.10
CA ARG C 678 43.57 -3.74 -1.31
C ARG C 678 44.25 -4.73 -0.36
N LEU C 679 43.54 -5.79 0.02
CA LEU C 679 44.08 -6.83 0.88
C LEU C 679 44.73 -7.91 0.03
N ILE C 680 45.99 -8.21 0.33
CA ILE C 680 46.71 -9.28 -0.34
C ILE C 680 46.78 -10.45 0.63
N THR C 681 46.26 -11.61 0.19
CA THR C 681 46.07 -12.77 1.06
C THR C 681 46.78 -13.98 0.48
N LEU C 682 47.68 -14.57 1.26
CA LEU C 682 48.32 -15.83 0.92
C LEU C 682 47.55 -16.97 1.59
N THR C 683 47.27 -18.02 0.83
CA THR C 683 46.49 -19.14 1.33
C THR C 683 47.12 -20.44 0.85
N CYS C 684 47.19 -21.43 1.74
CA CYS C 684 47.80 -22.71 1.43
C CYS C 684 46.92 -23.84 1.93
N LYS C 685 47.14 -25.02 1.35
CA LYS C 685 46.47 -26.26 1.75
C LYS C 685 47.46 -27.17 2.46
N SER C 686 47.03 -27.78 3.54
CA SER C 686 47.92 -28.51 4.43
C SER C 686 47.69 -30.02 4.30
N TYR C 687 48.57 -30.78 4.97
CA TYR C 687 48.51 -32.23 4.97
C TYR C 687 48.22 -32.78 6.36
N LEU C 688 47.66 -31.97 7.25
CA LEU C 688 47.55 -32.37 8.65
C LEU C 688 46.54 -33.50 8.84
N ARG C 689 45.41 -33.46 8.11
CA ARG C 689 44.43 -34.53 8.23
C ARG C 689 45.05 -35.88 7.84
N GLU C 690 45.81 -35.90 6.74
CA GLU C 690 46.47 -37.14 6.32
C GLU C 690 47.44 -37.62 7.39
N LEU C 691 48.15 -36.71 8.05
CA LEU C 691 49.03 -37.08 9.14
C LEU C 691 48.23 -37.63 10.31
N LEU C 692 47.18 -36.92 10.72
CA LEU C 692 46.38 -37.35 11.87
C LEU C 692 45.72 -38.69 11.60
N LEU C 693 45.22 -38.90 10.39
CA LEU C 693 44.56 -40.16 10.06
C LEU C 693 45.52 -41.33 10.16
N ALA C 694 46.81 -41.09 9.93
CA ALA C 694 47.84 -42.11 9.99
C ALA C 694 48.39 -42.32 11.40
N THR C 695 47.70 -41.79 12.41
CA THR C 695 48.17 -41.87 13.78
C THR C 695 47.01 -42.24 14.68
N ASP C 696 47.34 -42.67 15.92
CA ASP C 696 46.32 -43.12 16.86
C ASP C 696 46.22 -42.23 18.09
N LEU C 697 47.30 -42.04 18.85
CA LEU C 697 47.25 -41.30 20.09
C LEU C 697 48.48 -40.41 20.20
N SER C 698 48.59 -39.68 21.30
CA SER C 698 49.67 -38.70 21.46
C SER C 698 50.99 -39.38 21.80
N ASN C 699 51.35 -40.38 21.01
CA ASN C 699 52.69 -40.93 20.91
C ASN C 699 53.27 -40.75 19.53
N LYS C 700 52.47 -40.98 18.49
CA LYS C 700 52.74 -40.50 17.15
C LYS C 700 52.02 -39.19 16.85
N GLU C 701 50.93 -38.89 17.56
CA GLU C 701 50.29 -37.58 17.50
C GLU C 701 51.02 -36.54 18.34
N THR C 702 51.98 -36.96 19.15
CA THR C 702 52.87 -36.02 19.84
C THR C 702 54.09 -35.69 19.01
N LYS C 703 54.26 -36.30 17.85
CA LYS C 703 55.36 -36.01 16.95
C LYS C 703 55.13 -34.74 16.14
N LEU C 704 54.00 -34.08 16.30
CA LEU C 704 53.77 -32.81 15.60
C LEU C 704 54.71 -31.73 16.14
N ILE C 705 55.13 -30.85 15.23
CA ILE C 705 56.02 -29.75 15.55
C ILE C 705 55.21 -28.46 15.50
N VAL C 706 55.41 -27.61 16.50
CA VAL C 706 54.71 -26.33 16.56
C VAL C 706 55.63 -25.29 15.91
N PRO C 707 55.11 -24.41 15.05
CA PRO C 707 55.95 -23.37 14.46
C PRO C 707 56.60 -22.52 15.54
N PRO C 708 57.93 -22.46 15.56
CA PRO C 708 58.62 -21.76 16.66
C PRO C 708 58.28 -20.27 16.68
N SER C 709 58.19 -19.73 17.90
CA SER C 709 57.89 -18.31 18.05
C SER C 709 59.09 -17.46 17.68
N GLY C 710 60.28 -17.84 18.14
CA GLY C 710 61.49 -17.12 17.86
C GLY C 710 62.19 -17.62 16.61
N PHE C 711 63.40 -17.09 16.40
CA PHE C 711 64.23 -17.47 15.27
C PHE C 711 65.14 -18.62 15.67
N ILE C 712 64.94 -19.79 15.04
CA ILE C 712 65.77 -20.95 15.32
C ILE C 712 67.20 -20.71 14.85
N SER C 713 67.37 -20.28 13.60
CA SER C 713 68.68 -20.05 12.99
C SER C 713 69.46 -18.87 13.61
N ASN C 714 69.02 -18.34 14.76
CA ASN C 714 69.72 -17.25 15.42
C ASN C 714 71.18 -17.61 15.68
N ILE C 715 72.09 -16.80 15.13
CA ILE C 715 73.52 -17.07 15.26
C ILE C 715 73.98 -16.89 16.71
N VAL C 716 73.49 -15.85 17.39
CA VAL C 716 73.85 -15.63 18.78
C VAL C 716 73.30 -16.79 19.63
N GLU C 717 74.15 -17.35 20.49
CA GLU C 717 73.77 -18.53 21.25
C GLU C 717 72.69 -18.20 22.28
N ASN C 718 72.98 -17.28 23.20
CA ASN C 718 71.98 -16.96 24.21
C ASN C 718 70.86 -16.12 23.62
N GLY C 719 71.16 -14.90 23.20
CA GLY C 719 70.23 -14.05 22.50
C GLY C 719 69.08 -13.59 23.37
N SER C 720 68.21 -14.53 23.75
CA SER C 720 67.28 -14.33 24.84
C SER C 720 67.98 -14.64 26.15
N ILE C 721 67.88 -13.74 27.13
CA ILE C 721 68.72 -13.81 28.30
C ILE C 721 67.98 -14.55 29.42
N GLU C 722 67.18 -15.55 29.03
CA GLU C 722 66.38 -16.29 30.00
C GLU C 722 67.06 -17.56 30.46
N GLU C 723 68.38 -17.61 30.43
CA GLU C 723 69.12 -18.77 30.89
C GLU C 723 69.87 -18.42 32.17
N ASP C 724 70.54 -19.43 32.72
CA ASP C 724 71.35 -19.32 33.92
C ASP C 724 72.61 -20.18 33.79
N ASN C 725 73.02 -20.43 32.55
CA ASN C 725 74.14 -21.27 32.19
C ASN C 725 75.42 -20.42 32.14
N LEU C 726 76.46 -20.94 31.49
CA LEU C 726 77.65 -20.13 31.26
C LEU C 726 77.31 -18.88 30.46
N GLU C 727 76.23 -18.94 29.64
CA GLU C 727 75.71 -17.85 28.83
C GLU C 727 76.86 -17.12 28.13
N PRO C 728 77.32 -17.62 26.98
CA PRO C 728 78.53 -17.08 26.30
C PRO C 728 78.72 -15.57 26.34
N TRP C 729 77.69 -14.79 26.66
CA TRP C 729 77.89 -13.38 26.93
C TRP C 729 78.92 -13.22 28.05
N LYS C 730 79.95 -12.41 27.81
CA LYS C 730 80.97 -12.12 28.81
C LYS C 730 80.89 -10.64 29.18
N ALA C 731 80.63 -10.38 30.45
CA ALA C 731 80.62 -9.05 31.04
C ALA C 731 82.00 -8.71 31.60
N ASN C 732 82.25 -7.40 31.70
CA ASN C 732 83.52 -6.92 32.24
C ASN C 732 83.35 -6.84 33.75
N ASN C 733 84.31 -6.23 34.46
CA ASN C 733 84.21 -6.13 35.92
C ASN C 733 82.81 -5.79 36.41
N LYS C 734 82.33 -4.58 36.09
CA LYS C 734 80.97 -4.09 36.43
C LYS C 734 80.91 -2.58 36.27
N ASP C 739 73.24 -9.80 34.57
CA ASP C 739 71.89 -9.56 34.09
C ASP C 739 70.93 -9.29 35.23
N HIS C 740 70.42 -8.06 35.33
CA HIS C 740 69.44 -7.75 36.37
C HIS C 740 68.11 -8.34 35.93
N THR C 741 67.52 -9.17 36.80
CA THR C 741 66.33 -9.91 36.46
C THR C 741 65.07 -9.09 36.70
N GLY C 742 64.21 -9.01 35.68
CA GLY C 742 63.04 -8.16 35.72
C GLY C 742 63.12 -6.95 34.82
N GLY C 743 63.86 -7.02 33.72
CA GLY C 743 63.96 -5.88 32.84
C GLY C 743 62.83 -5.71 31.84
N VAL C 744 62.73 -6.62 30.87
CA VAL C 744 61.70 -6.53 29.83
C VAL C 744 60.51 -7.39 30.26
N ASN C 745 59.41 -6.72 30.63
CA ASN C 745 58.13 -7.38 30.88
C ASN C 745 58.15 -8.30 32.10
N GLY C 746 59.34 -8.59 32.61
CA GLY C 746 59.49 -9.44 33.77
C GLY C 746 60.75 -10.28 33.72
N THR C 747 61.32 -10.43 32.53
CA THR C 747 62.39 -11.38 32.28
C THR C 747 63.74 -10.72 32.54
N LYS C 748 64.82 -11.42 32.21
CA LYS C 748 66.16 -10.91 32.43
C LYS C 748 66.59 -10.00 31.28
N ALA C 749 67.57 -9.16 31.57
CA ALA C 749 68.13 -8.26 30.56
C ALA C 749 69.57 -7.93 30.92
N LEU C 750 70.36 -7.62 29.89
CA LEU C 750 71.76 -7.26 30.08
C LEU C 750 71.86 -5.85 30.67
N TYR C 751 72.63 -5.72 31.75
CA TYR C 751 72.83 -4.43 32.39
C TYR C 751 74.15 -3.82 31.94
N VAL C 752 74.15 -2.51 31.74
CA VAL C 752 75.30 -1.76 31.26
C VAL C 752 75.41 -0.48 32.08
N HIS C 753 76.52 -0.33 32.79
CA HIS C 753 76.78 0.88 33.56
C HIS C 753 77.66 1.84 32.76
N LYS C 754 78.15 2.89 33.43
CA LYS C 754 78.88 3.96 32.77
C LYS C 754 80.20 3.51 32.15
N ASP C 755 80.72 2.34 32.54
CA ASP C 755 82.07 1.95 32.14
C ASP C 755 82.09 1.22 30.80
N GLY C 756 81.42 0.08 30.72
CA GLY C 756 81.43 -0.73 29.52
C GLY C 756 80.26 -1.68 29.54
N GLY C 757 80.46 -2.86 28.96
CA GLY C 757 79.38 -3.83 28.95
C GLY C 757 79.75 -5.25 28.56
N ILE C 758 78.76 -5.97 28.05
CA ILE C 758 78.85 -7.40 27.79
C ILE C 758 79.18 -7.63 26.32
N SER C 759 79.97 -8.68 26.06
CA SER C 759 80.31 -9.08 24.71
C SER C 759 80.27 -10.60 24.61
N GLN C 760 79.97 -11.09 23.41
CA GLN C 760 79.93 -12.52 23.13
C GLN C 760 80.69 -12.81 21.86
N PHE C 761 81.49 -13.87 21.88
CA PHE C 761 82.27 -14.27 20.72
C PHE C 761 81.36 -15.02 19.74
N ILE C 762 81.22 -14.49 18.54
CA ILE C 762 80.50 -15.22 17.49
C ILE C 762 81.54 -15.82 16.54
N GLY C 763 82.18 -14.97 15.74
CA GLY C 763 83.45 -15.32 15.15
C GLY C 763 83.37 -16.14 13.88
N ASP C 764 83.51 -17.45 14.05
CA ASP C 764 83.47 -18.42 12.96
C ASP C 764 82.06 -18.68 12.43
N LYS C 765 81.02 -18.32 13.19
CA LYS C 765 79.66 -18.54 12.71
C LYS C 765 79.24 -17.57 11.63
N LEU C 766 80.03 -16.53 11.38
CA LEU C 766 79.73 -15.58 10.32
C LEU C 766 80.42 -15.99 9.03
N LYS C 767 79.89 -15.51 7.91
CA LYS C 767 80.42 -15.81 6.60
C LYS C 767 80.88 -14.55 5.90
N PRO C 768 81.95 -14.62 5.11
CA PRO C 768 82.49 -13.39 4.49
C PRO C 768 81.61 -12.90 3.35
N LYS C 769 81.44 -11.58 3.31
CA LYS C 769 80.69 -10.91 2.24
C LYS C 769 79.29 -11.49 2.08
N THR C 770 78.64 -11.76 3.22
CA THR C 770 77.28 -12.28 3.25
C THR C 770 76.37 -11.28 3.96
N GLU C 771 75.11 -11.23 3.54
CA GLU C 771 74.15 -10.29 4.08
C GLU C 771 73.51 -10.85 5.34
N TYR C 772 73.36 -10.01 6.35
CA TYR C 772 72.78 -10.40 7.64
C TYR C 772 71.79 -9.33 8.08
N VAL C 773 70.99 -9.68 9.08
CA VAL C 773 70.03 -8.78 9.69
C VAL C 773 70.23 -8.79 11.20
N ILE C 774 70.47 -7.61 11.78
CA ILE C 774 70.59 -7.45 13.23
C ILE C 774 69.26 -6.95 13.76
N GLN C 775 68.87 -7.48 14.92
CA GLN C 775 67.62 -7.05 15.56
C GLN C 775 67.80 -7.13 17.06
N TYR C 776 67.39 -6.09 17.76
CA TYR C 776 67.52 -6.06 19.21
C TYR C 776 66.50 -5.10 19.80
N THR C 777 65.97 -5.47 20.96
CA THR C 777 65.07 -4.62 21.72
C THR C 777 65.88 -4.00 22.85
N VAL C 778 66.20 -2.71 22.70
CA VAL C 778 67.11 -2.02 23.61
C VAL C 778 66.47 -0.72 24.06
N LYS C 779 67.01 -0.14 25.12
CA LYS C 779 66.56 1.14 25.61
C LYS C 779 67.71 1.81 26.35
N GLY C 780 67.70 3.15 26.36
CA GLY C 780 68.76 3.91 26.98
C GLY C 780 69.69 4.55 25.97
N LYS C 781 71.00 4.46 26.23
CA LYS C 781 72.02 4.98 25.33
C LYS C 781 73.00 3.86 25.01
N PRO C 782 72.60 2.91 24.17
CA PRO C 782 73.44 1.74 23.90
C PRO C 782 74.47 1.97 22.81
N SER C 783 75.60 1.28 22.96
CA SER C 783 76.67 1.28 21.97
C SER C 783 76.87 -0.18 21.53
N ILE C 784 76.11 -0.59 20.53
CA ILE C 784 76.16 -1.97 20.04
C ILE C 784 77.13 -2.03 18.87
N HIS C 785 78.15 -2.88 18.99
CA HIS C 785 79.16 -3.04 17.96
C HIS C 785 79.33 -4.51 17.61
N LEU C 786 79.52 -4.78 16.32
CA LEU C 786 79.88 -6.10 15.81
C LEU C 786 81.29 -5.95 15.24
N LYS C 787 82.29 -6.16 16.09
CA LYS C 787 83.67 -5.79 15.80
C LYS C 787 84.55 -7.03 15.77
N ASP C 788 85.59 -6.97 14.95
CA ASP C 788 86.51 -8.10 14.81
C ASP C 788 87.47 -8.23 15.98
N GLU C 789 87.74 -7.15 16.71
CA GLU C 789 88.55 -7.16 17.92
C GLU C 789 89.98 -7.66 17.70
N ASN C 790 90.31 -8.01 16.46
CA ASN C 790 91.67 -8.38 16.09
C ASN C 790 92.24 -7.40 15.06
N THR C 791 91.51 -7.15 13.98
CA THR C 791 91.85 -6.12 13.01
C THR C 791 91.09 -4.82 13.25
N GLY C 792 90.06 -4.84 14.08
CA GLY C 792 89.27 -3.66 14.37
C GLY C 792 88.14 -3.39 13.40
N TYR C 793 87.90 -4.28 12.44
CA TYR C 793 86.85 -4.05 11.45
C TYR C 793 85.48 -4.12 12.12
N ILE C 794 84.70 -3.05 11.99
CA ILE C 794 83.33 -3.02 12.48
C ILE C 794 82.40 -3.43 11.35
N HIS C 795 81.68 -4.52 11.54
CA HIS C 795 80.70 -4.96 10.54
C HIS C 795 79.36 -4.24 10.72
N TYR C 796 78.99 -3.94 11.96
CA TYR C 796 77.77 -3.19 12.24
C TYR C 796 78.01 -2.36 13.49
N GLU C 797 77.48 -1.13 13.50
CA GLU C 797 77.65 -0.22 14.62
C GLU C 797 76.36 0.56 14.83
N ASP C 798 76.01 0.75 16.10
CA ASP C 798 74.89 1.59 16.51
C ASP C 798 75.45 2.55 17.56
N THR C 799 76.03 3.65 17.09
CA THR C 799 76.73 4.55 18.01
C THR C 799 75.77 5.51 18.70
N ASN C 800 75.36 6.57 18.00
CA ASN C 800 74.43 7.56 18.56
C ASN C 800 73.01 7.15 18.15
N ASN C 801 72.20 6.73 19.11
CA ASN C 801 70.81 6.41 18.83
C ASN C 801 69.93 6.69 20.04
N TYR C 806 61.64 0.53 25.76
CA TYR C 806 62.18 -0.50 24.87
C TYR C 806 61.69 -0.33 23.44
N GLN C 807 62.63 -0.31 22.50
CA GLN C 807 62.32 -0.24 21.07
C GLN C 807 63.13 -1.29 20.34
N THR C 808 62.52 -1.90 19.33
CA THR C 808 63.14 -2.98 18.56
C THR C 808 63.77 -2.36 17.30
N ILE C 809 65.05 -2.05 17.36
CA ILE C 809 65.77 -1.54 16.21
C ILE C 809 66.09 -2.69 15.27
N ASN C 810 65.91 -2.46 13.98
CA ASN C 810 66.05 -3.52 12.97
C ASN C 810 66.78 -2.93 11.77
N LYS C 811 68.00 -3.40 11.53
CA LYS C 811 68.82 -2.96 10.41
C LYS C 811 69.38 -4.19 9.71
N ARG C 812 69.89 -3.97 8.49
CA ARG C 812 70.43 -5.03 7.65
C ARG C 812 71.77 -4.58 7.10
N PHE C 813 72.76 -5.48 7.14
CA PHE C 813 74.14 -5.13 6.82
C PHE C 813 74.80 -6.29 6.08
N THR C 814 76.05 -6.06 5.68
CA THR C 814 76.87 -7.07 5.02
C THR C 814 78.21 -7.18 5.75
N THR C 815 78.79 -8.36 5.71
CA THR C 815 80.04 -8.67 6.39
C THR C 815 81.23 -8.50 5.44
N GLY C 816 82.43 -8.71 5.98
CA GLY C 816 83.63 -8.66 5.17
C GLY C 816 84.59 -9.82 5.37
N THR C 817 85.87 -9.58 5.05
CA THR C 817 86.91 -10.59 5.17
C THR C 817 87.45 -10.81 6.59
N ASP C 818 86.96 -10.10 7.59
CA ASP C 818 87.53 -10.16 8.94
C ASP C 818 86.50 -10.74 9.90
N LEU C 819 86.64 -12.04 10.18
CA LEU C 819 85.65 -12.76 10.98
C LEU C 819 86.23 -13.63 12.09
N LYS C 820 87.54 -13.92 12.07
CA LYS C 820 88.09 -14.90 12.99
C LYS C 820 88.09 -14.45 14.45
N GLY C 821 87.77 -13.19 14.72
CA GLY C 821 87.76 -12.69 16.08
C GLY C 821 86.53 -11.86 16.39
N VAL C 822 85.49 -12.00 15.57
CA VAL C 822 84.33 -11.13 15.66
C VAL C 822 83.57 -11.37 16.95
N TYR C 823 83.31 -10.28 17.69
CA TYR C 823 82.49 -10.28 18.89
C TYR C 823 81.29 -9.38 18.66
N LEU C 824 80.20 -9.67 19.36
CA LEU C 824 79.06 -8.75 19.47
C LEU C 824 79.15 -8.05 20.82
N ILE C 825 79.40 -6.75 20.80
CA ILE C 825 79.72 -5.98 21.99
C ILE C 825 78.60 -4.99 22.27
N LEU C 826 78.09 -5.00 23.51
CA LEU C 826 77.09 -4.05 23.98
C LEU C 826 77.73 -3.17 25.05
N LYS C 827 77.88 -1.88 24.76
CA LYS C 827 78.38 -0.93 25.74
C LYS C 827 77.50 0.30 25.81
N SER C 828 77.93 1.33 26.53
CA SER C 828 77.13 2.52 26.77
C SER C 828 77.71 3.72 26.03
N GLN C 829 76.90 4.77 25.96
CA GLN C 829 77.27 6.02 25.33
C GLN C 829 77.68 7.03 26.40
N ASN C 830 78.87 7.63 26.23
CA ASN C 830 79.38 8.69 27.10
C ASN C 830 79.14 8.41 28.57
N GLY C 831 79.33 7.16 29.00
CA GLY C 831 79.15 6.81 30.39
C GLY C 831 77.72 6.93 30.86
N ASP C 832 76.84 6.09 30.33
CA ASP C 832 75.43 6.07 30.71
C ASP C 832 75.00 4.62 30.89
N GLU C 833 73.69 4.41 30.97
CA GLU C 833 73.12 3.07 31.11
C GLU C 833 72.37 2.67 29.86
N ALA C 834 72.16 1.37 29.71
CA ALA C 834 71.41 0.81 28.59
C ALA C 834 71.00 -0.61 28.94
N TRP C 835 69.79 -1.00 28.53
CA TRP C 835 69.29 -2.35 28.73
C TRP C 835 68.94 -2.96 27.39
N GLY C 836 69.42 -4.18 27.14
CA GLY C 836 69.12 -4.90 25.91
C GLY C 836 68.74 -6.36 26.16
N ASP C 837 67.73 -6.85 25.46
CA ASP C 837 67.25 -8.22 25.74
C ASP C 837 67.16 -9.16 24.56
N ASN C 838 66.54 -8.74 23.46
CA ASN C 838 66.27 -9.63 22.32
C ASN C 838 67.30 -9.44 21.21
N PHE C 839 68.51 -9.97 21.45
CA PHE C 839 69.55 -9.93 20.42
C PHE C 839 69.35 -11.07 19.42
N ILE C 840 69.35 -10.74 18.13
CA ILE C 840 69.09 -11.68 17.05
C ILE C 840 70.03 -11.40 15.90
N ILE C 841 70.73 -12.42 15.40
CA ILE C 841 71.53 -12.31 14.18
C ILE C 841 71.19 -13.48 13.26
N LEU C 842 70.77 -13.19 12.03
CA LEU C 842 70.40 -14.19 11.05
C LEU C 842 70.85 -13.77 9.66
N GLU C 843 71.33 -14.74 8.87
CA GLU C 843 71.67 -14.49 7.47
C GLU C 843 70.42 -14.67 6.60
N ILE C 844 70.16 -13.70 5.72
CA ILE C 844 68.95 -13.69 4.90
C ILE C 844 69.31 -13.82 3.43
N SER C 845 68.62 -14.73 2.74
CA SER C 845 68.73 -14.79 1.30
C SER C 845 68.34 -13.45 0.69
N PRO C 846 69.09 -12.93 -0.27
CA PRO C 846 68.81 -11.61 -0.82
C PRO C 846 67.63 -11.66 -1.79
N SER C 847 67.30 -10.49 -2.33
CA SER C 847 66.40 -10.36 -3.47
C SER C 847 67.24 -10.08 -4.72
N GLU C 848 66.65 -10.32 -5.88
CA GLU C 848 67.43 -10.38 -7.11
C GLU C 848 66.80 -9.52 -8.19
N LYS C 849 67.66 -8.97 -9.05
CA LYS C 849 67.22 -8.10 -10.14
C LYS C 849 66.79 -8.93 -11.33
N LEU C 850 65.64 -8.58 -11.90
CA LEU C 850 65.11 -9.29 -13.07
C LEU C 850 65.89 -8.89 -14.32
N LEU C 851 66.52 -9.87 -14.96
CA LEU C 851 67.25 -9.64 -16.20
C LEU C 851 66.27 -9.86 -17.36
N SER C 852 65.71 -8.77 -17.86
CA SER C 852 64.81 -8.83 -19.00
C SER C 852 65.59 -8.49 -20.27
N PRO C 853 65.87 -9.45 -21.14
CA PRO C 853 66.68 -9.16 -22.32
C PRO C 853 65.88 -8.43 -23.39
N GLU C 854 66.61 -7.88 -24.34
CA GLU C 854 66.01 -7.16 -25.45
C GLU C 854 65.56 -8.15 -26.53
N LEU C 855 64.34 -7.96 -27.04
CA LEU C 855 63.78 -8.86 -28.04
C LEU C 855 63.70 -8.29 -29.45
N ILE C 856 63.95 -7.00 -29.64
CA ILE C 856 63.94 -6.39 -30.96
C ILE C 856 65.38 -6.27 -31.46
N ASN C 857 65.65 -6.83 -32.63
CA ASN C 857 66.95 -6.72 -33.27
C ASN C 857 66.79 -6.03 -34.62
N THR C 858 67.82 -5.30 -35.02
CA THR C 858 67.74 -4.51 -36.25
C THR C 858 67.63 -5.40 -37.48
N ASN C 859 68.31 -6.54 -37.48
CA ASN C 859 68.39 -7.41 -38.65
C ASN C 859 67.22 -8.39 -38.74
N ASN C 860 66.19 -8.25 -37.90
CA ASN C 860 65.06 -9.18 -37.89
C ASN C 860 63.77 -8.55 -38.40
N TRP C 861 63.85 -7.37 -39.00
CA TRP C 861 62.67 -6.71 -39.55
C TRP C 861 62.42 -7.20 -40.98
N THR C 862 61.14 -7.33 -41.33
CA THR C 862 60.72 -7.69 -42.67
C THR C 862 59.94 -6.52 -43.28
N SER C 863 60.13 -6.29 -44.57
CA SER C 863 59.62 -5.11 -45.22
C SER C 863 58.54 -5.45 -46.25
N THR C 864 57.56 -4.56 -46.36
CA THR C 864 56.59 -4.56 -47.45
C THR C 864 56.39 -3.11 -47.86
N GLY C 865 56.69 -2.81 -49.12
CA GLY C 865 56.73 -1.43 -49.57
C GLY C 865 58.09 -0.81 -49.30
N SER C 866 58.16 0.50 -49.51
CA SER C 866 59.40 1.23 -49.35
C SER C 866 59.64 1.55 -47.88
N THR C 867 60.70 0.97 -47.31
CA THR C 867 61.04 1.17 -45.91
C THR C 867 62.55 1.36 -45.79
N ASN C 868 62.98 1.84 -44.64
CA ASN C 868 64.40 2.06 -44.38
C ASN C 868 64.69 1.89 -42.90
N ILE C 869 65.80 1.21 -42.59
CA ILE C 869 66.24 0.95 -41.22
C ILE C 869 67.65 1.49 -41.10
N SER C 870 67.81 2.61 -40.39
CA SER C 870 69.11 3.26 -40.20
C SER C 870 69.38 3.37 -38.70
N GLY C 871 69.98 2.33 -38.14
CA GLY C 871 70.31 2.31 -36.72
C GLY C 871 69.09 2.15 -35.84
N ASN C 872 68.86 3.10 -34.94
CA ASN C 872 67.69 3.07 -34.09
C ASN C 872 66.47 3.71 -34.74
N THR C 873 66.65 4.38 -35.87
CA THR C 873 65.55 5.05 -36.57
C THR C 873 64.96 4.12 -37.61
N LEU C 874 63.67 3.86 -37.50
CA LEU C 874 62.93 3.07 -38.47
C LEU C 874 62.00 4.00 -39.23
N THR C 875 62.13 4.01 -40.56
CA THR C 875 61.45 4.99 -41.40
C THR C 875 60.44 4.30 -42.30
N LEU C 876 59.20 4.78 -42.26
CA LEU C 876 58.16 4.38 -43.20
C LEU C 876 57.97 5.52 -44.18
N TYR C 877 58.47 5.34 -45.41
CA TYR C 877 58.47 6.45 -46.34
C TYR C 877 57.05 6.81 -46.78
N GLN C 878 56.87 8.07 -47.16
CA GLN C 878 55.56 8.57 -47.56
C GLN C 878 55.13 7.95 -48.89
N GLY C 879 53.84 7.62 -48.99
CA GLY C 879 53.29 7.02 -50.19
C GLY C 879 53.59 5.56 -50.40
N GLY C 880 54.61 5.02 -49.76
CA GLY C 880 55.05 3.66 -50.03
C GLY C 880 54.37 2.57 -49.24
N ARG C 881 53.33 2.91 -48.48
CA ARG C 881 52.56 1.98 -47.64
C ARG C 881 53.48 0.95 -46.96
N GLY C 882 54.35 1.48 -46.10
CA GLY C 882 55.38 0.66 -45.48
C GLY C 882 54.85 -0.06 -44.25
N ILE C 883 55.31 -1.30 -44.09
CA ILE C 883 54.97 -2.11 -42.91
C ILE C 883 56.23 -2.86 -42.48
N LEU C 884 56.69 -2.59 -41.26
CA LEU C 884 57.85 -3.29 -40.69
C LEU C 884 57.37 -4.32 -39.68
N LYS C 885 57.99 -5.49 -39.70
CA LYS C 885 57.55 -6.61 -38.88
C LYS C 885 58.73 -7.42 -38.37
N GLN C 886 58.75 -7.68 -37.06
CA GLN C 886 59.77 -8.52 -36.44
C GLN C 886 59.10 -9.55 -35.54
N ASN C 887 59.55 -10.80 -35.64
CA ASN C 887 58.99 -11.88 -34.84
C ASN C 887 59.50 -11.83 -33.40
N LEU C 888 58.63 -12.18 -32.47
CA LEU C 888 58.92 -12.13 -31.05
C LEU C 888 58.92 -13.54 -30.46
N GLN C 889 59.97 -13.87 -29.71
CA GLN C 889 60.04 -15.14 -28.98
C GLN C 889 59.54 -14.90 -27.57
N LEU C 890 58.28 -15.26 -27.32
CA LEU C 890 57.63 -15.00 -26.04
C LEU C 890 57.40 -16.29 -25.27
N ASP C 891 57.16 -16.14 -23.98
CA ASP C 891 56.84 -17.25 -23.09
C ASP C 891 55.34 -17.27 -22.80
N SER C 892 54.90 -18.35 -22.15
CA SER C 892 53.47 -18.59 -21.95
C SER C 892 52.83 -17.50 -21.11
N PHE C 893 53.22 -17.37 -19.85
CA PHE C 893 52.61 -16.41 -18.94
C PHE C 893 53.70 -15.45 -18.43
N SER C 894 53.87 -14.35 -19.15
CA SER C 894 54.90 -13.37 -18.81
C SER C 894 54.42 -11.98 -19.23
N THR C 895 54.99 -10.97 -18.59
CA THR C 895 54.70 -9.58 -18.87
C THR C 895 55.86 -8.95 -19.62
N TYR C 896 55.55 -8.14 -20.64
CA TYR C 896 56.55 -7.47 -21.45
C TYR C 896 56.20 -5.99 -21.56
N ARG C 897 57.08 -5.23 -22.20
CA ARG C 897 56.91 -3.77 -22.28
C ARG C 897 57.45 -3.27 -23.61
N VAL C 898 56.60 -2.61 -24.39
CA VAL C 898 57.01 -1.97 -25.64
C VAL C 898 57.41 -0.53 -25.36
N TYR C 899 58.52 -0.10 -25.95
CA TYR C 899 59.02 1.25 -25.77
C TYR C 899 59.47 1.80 -27.12
N PHE C 900 59.06 3.03 -27.41
CA PHE C 900 59.42 3.68 -28.68
C PHE C 900 58.97 5.14 -28.62
N SER C 901 59.53 5.94 -29.52
CA SER C 901 59.02 7.26 -29.85
C SER C 901 58.82 7.33 -31.36
N VAL C 902 57.72 7.95 -31.78
CA VAL C 902 57.37 8.00 -33.20
C VAL C 902 56.91 9.40 -33.56
N SER C 903 57.34 9.87 -34.73
CA SER C 903 56.98 11.20 -35.22
C SER C 903 56.10 11.05 -36.47
N GLY C 904 54.84 10.72 -36.25
CA GLY C 904 53.90 10.65 -37.35
C GLY C 904 52.65 9.92 -36.93
N ASP C 905 51.69 9.90 -37.85
CA ASP C 905 50.45 9.14 -37.66
C ASP C 905 50.79 7.69 -37.95
N ALA C 906 51.15 6.95 -36.90
CA ALA C 906 51.59 5.59 -37.01
C ALA C 906 50.66 4.66 -36.24
N ASN C 907 50.82 3.36 -36.49
CA ASN C 907 50.03 2.34 -35.80
C ASN C 907 50.96 1.16 -35.47
N VAL C 908 51.22 0.96 -34.19
CA VAL C 908 51.97 -0.19 -33.70
C VAL C 908 50.97 -1.21 -33.17
N ARG C 909 51.22 -2.48 -33.46
CA ARG C 909 50.35 -3.53 -32.96
C ARG C 909 51.13 -4.83 -32.84
N ILE C 910 50.96 -5.50 -31.71
CA ILE C 910 51.59 -6.79 -31.43
C ILE C 910 50.48 -7.82 -31.43
N ARG C 911 50.56 -8.78 -32.36
CA ARG C 911 49.41 -9.61 -32.68
C ARG C 911 49.88 -11.03 -32.99
N ASN C 912 48.94 -11.96 -32.89
CA ASN C 912 49.10 -13.36 -33.26
C ASN C 912 48.03 -13.70 -34.29
N SER C 913 48.04 -14.95 -34.77
CA SER C 913 47.05 -15.38 -35.75
C SER C 913 45.62 -15.19 -35.27
N ARG C 914 45.38 -15.27 -33.96
CA ARG C 914 44.03 -15.18 -33.42
C ARG C 914 43.85 -14.02 -32.45
N GLU C 915 44.76 -13.85 -31.50
CA GLU C 915 44.61 -12.86 -30.44
C GLU C 915 45.61 -11.73 -30.63
N VAL C 916 45.26 -10.56 -30.09
CA VAL C 916 46.10 -9.36 -30.14
C VAL C 916 46.44 -8.95 -28.71
N LEU C 917 47.72 -8.65 -28.47
CA LEU C 917 48.18 -8.26 -27.15
C LEU C 917 48.25 -6.75 -26.96
N PHE C 918 48.42 -5.99 -28.04
CA PHE C 918 48.52 -4.54 -27.95
C PHE C 918 48.28 -3.95 -29.34
N GLU C 919 47.53 -2.87 -29.39
CA GLU C 919 47.28 -2.16 -30.64
C GLU C 919 46.90 -0.72 -30.29
N LYS C 920 47.56 0.23 -30.95
CA LYS C 920 47.28 1.64 -30.71
C LYS C 920 47.70 2.46 -31.91
N ARG C 921 46.87 3.43 -32.29
CA ARG C 921 47.17 4.35 -33.36
C ARG C 921 47.56 5.69 -32.74
N TYR C 922 48.78 6.13 -33.00
CA TYR C 922 49.28 7.39 -32.46
C TYR C 922 49.20 8.45 -33.54
N MET C 923 48.13 9.24 -33.53
CA MET C 923 47.99 10.35 -34.44
C MET C 923 48.68 11.56 -33.83
N SER C 924 49.36 12.33 -34.68
CA SER C 924 50.20 13.47 -34.27
C SER C 924 51.39 13.03 -33.42
N GLY C 925 51.82 11.79 -33.56
CA GLY C 925 53.00 11.30 -32.87
C GLY C 925 52.80 11.06 -31.39
N ALA C 926 53.90 10.70 -30.73
CA ALA C 926 53.93 10.43 -29.29
C ALA C 926 55.37 10.19 -28.81
N LYS C 927 55.79 10.95 -27.79
CA LYS C 927 57.14 10.82 -27.23
C LYS C 927 57.17 9.83 -26.07
N ASP C 928 58.21 9.00 -26.04
CA ASP C 928 58.52 8.12 -24.92
C ASP C 928 57.34 7.24 -24.52
N VAL C 929 56.86 6.45 -25.48
CA VAL C 929 55.77 5.51 -25.23
C VAL C 929 56.31 4.31 -24.46
N SER C 930 55.62 3.94 -23.39
CA SER C 930 55.99 2.76 -22.57
C SER C 930 54.70 2.03 -22.23
N GLU C 931 54.35 1.05 -23.05
CA GLU C 931 53.12 0.28 -22.88
C GLU C 931 53.45 -1.18 -22.60
N MET C 932 52.79 -1.75 -21.60
CA MET C 932 52.96 -3.15 -21.25
C MET C 932 51.93 -4.01 -21.97
N PHE C 933 52.34 -5.23 -22.29
CA PHE C 933 51.41 -6.23 -22.80
C PHE C 933 51.72 -7.57 -22.14
N THR C 934 50.71 -8.44 -22.11
CA THR C 934 50.79 -9.68 -21.37
C THR C 934 50.45 -10.86 -22.28
N THR C 935 51.02 -12.01 -21.95
CA THR C 935 50.81 -13.23 -22.70
C THR C 935 49.93 -14.20 -21.92
N LYS C 936 49.23 -15.04 -22.67
CA LYS C 936 48.39 -16.12 -22.14
C LYS C 936 48.95 -17.44 -22.67
N PHE C 937 48.21 -18.53 -22.41
CA PHE C 937 48.61 -19.88 -22.81
C PHE C 937 49.21 -19.92 -24.21
N GLU C 938 48.82 -18.99 -25.08
CA GLU C 938 49.36 -18.91 -26.43
C GLU C 938 50.58 -17.99 -26.44
N LYS C 939 51.69 -18.51 -26.97
CA LYS C 939 52.95 -17.78 -26.97
C LYS C 939 53.67 -17.77 -28.31
N ASP C 940 53.27 -18.61 -29.25
CA ASP C 940 54.00 -18.78 -30.50
C ASP C 940 53.48 -17.85 -31.58
N ASN C 941 54.36 -17.50 -32.52
CA ASN C 941 53.99 -16.77 -33.74
C ASN C 941 53.47 -15.37 -33.41
N PHE C 942 54.06 -14.73 -32.41
CA PHE C 942 53.74 -13.35 -32.07
C PHE C 942 54.73 -12.40 -32.75
N TYR C 943 54.23 -11.24 -33.14
CA TYR C 943 55.03 -10.27 -33.87
C TYR C 943 54.56 -8.85 -33.55
N ILE C 944 55.48 -7.90 -33.61
CA ILE C 944 55.16 -6.49 -33.56
C ILE C 944 55.07 -5.99 -35.00
N GLU C 945 54.12 -5.10 -35.26
CA GLU C 945 53.85 -4.60 -36.62
C GLU C 945 53.80 -3.09 -36.60
N LEU C 946 54.79 -2.44 -37.19
CA LEU C 946 54.81 -0.99 -37.33
C LEU C 946 54.24 -0.61 -38.69
N SER C 947 53.22 0.26 -38.68
CA SER C 947 52.54 0.66 -39.89
C SER C 947 52.13 2.12 -39.77
N GLN C 948 51.61 2.67 -40.87
CA GLN C 948 51.16 4.05 -40.89
C GLN C 948 49.73 4.17 -40.37
N GLY C 949 49.41 5.34 -39.85
CA GLY C 949 48.07 5.59 -39.35
C GLY C 949 47.04 5.69 -40.46
N ASN C 950 47.42 6.28 -41.58
CA ASN C 950 46.55 6.42 -42.74
C ASN C 950 47.21 5.82 -43.97
N ASN C 951 46.39 5.61 -45.00
CA ASN C 951 46.85 5.15 -46.31
C ASN C 951 46.44 6.12 -47.42
N LEU C 952 46.16 7.37 -47.06
CA LEU C 952 45.89 8.39 -48.07
C LEU C 952 47.16 8.69 -48.85
N TYR C 953 47.07 8.64 -50.18
CA TYR C 953 48.20 8.84 -51.07
C TYR C 953 49.31 7.82 -50.82
N GLY C 954 48.98 6.70 -50.17
CA GLY C 954 49.98 5.74 -49.75
C GLY C 954 50.44 5.94 -48.31
N GLY C 955 49.90 6.93 -47.61
CA GLY C 955 50.27 7.21 -46.24
C GLY C 955 51.35 8.27 -46.12
N PRO C 956 51.45 8.90 -44.95
CA PRO C 956 52.50 9.88 -44.71
C PRO C 956 53.78 9.23 -44.19
N ILE C 957 54.86 10.01 -44.25
CA ILE C 957 56.14 9.54 -43.74
C ILE C 957 56.09 9.47 -42.22
N VAL C 958 56.66 8.40 -41.67
CA VAL C 958 56.62 8.12 -40.23
C VAL C 958 57.98 7.61 -39.79
N HIS C 959 58.49 8.13 -38.68
CA HIS C 959 59.79 7.73 -38.14
C HIS C 959 59.60 7.13 -36.75
N PHE C 960 60.03 5.88 -36.59
CA PHE C 960 60.03 5.21 -35.29
C PHE C 960 61.43 5.30 -34.68
N TYR C 961 61.50 5.79 -33.46
CA TYR C 961 62.77 6.01 -32.77
C TYR C 961 62.88 5.08 -31.57
N ASP C 962 63.98 4.33 -31.51
CA ASP C 962 64.36 3.56 -30.31
C ASP C 962 63.31 2.50 -29.96
N VAL C 963 62.87 1.75 -30.97
CA VAL C 963 61.92 0.67 -30.73
C VAL C 963 62.59 -0.41 -29.90
N SER C 964 61.92 -0.84 -28.84
CA SER C 964 62.49 -1.81 -27.92
C SER C 964 61.38 -2.54 -27.18
N ILE C 965 61.55 -3.85 -27.01
CA ILE C 965 60.61 -4.68 -26.26
C ILE C 965 61.42 -5.59 -25.35
N LYS C 966 61.22 -5.46 -24.03
CA LYS C 966 61.87 -6.34 -23.07
C LYS C 966 60.84 -7.01 -22.18
N LYS D 2 47.45 16.77 16.88
CA LYS D 2 46.47 15.92 16.21
C LYS D 2 46.93 15.60 14.79
N ILE D 3 46.88 14.32 14.43
CA ILE D 3 47.22 13.86 13.09
C ILE D 3 45.98 13.90 12.22
N GLU D 4 46.17 14.07 10.92
CA GLU D 4 45.04 14.12 10.00
C GLU D 4 45.53 13.98 8.57
N GLU D 5 44.70 13.34 7.75
CA GLU D 5 44.99 13.13 6.34
C GLU D 5 43.88 13.75 5.48
N GLY D 6 44.24 14.15 4.27
CA GLY D 6 43.32 14.82 3.38
C GLY D 6 42.23 13.95 2.77
N LYS D 7 42.22 12.65 3.03
CA LYS D 7 41.29 11.73 2.39
C LYS D 7 40.40 11.02 3.40
N LEU D 8 39.19 10.67 2.94
CA LEU D 8 38.25 9.82 3.67
C LEU D 8 38.05 8.53 2.88
N VAL D 9 38.13 7.40 3.57
CA VAL D 9 37.93 6.09 2.97
C VAL D 9 36.75 5.42 3.65
N ILE D 10 35.76 5.01 2.85
CA ILE D 10 34.51 4.45 3.36
C ILE D 10 34.37 3.03 2.84
N TRP D 11 33.97 2.12 3.73
CA TRP D 11 33.68 0.73 3.39
C TRP D 11 32.20 0.48 3.56
N ILE D 12 31.52 0.07 2.48
CA ILE D 12 30.11 -0.24 2.50
C ILE D 12 29.88 -1.52 1.72
N ASN D 13 28.87 -2.30 2.12
CA ASN D 13 28.64 -3.60 1.51
C ASN D 13 28.23 -3.46 0.05
N GLY D 14 28.50 -4.52 -0.73
CA GLY D 14 28.21 -4.49 -2.15
C GLY D 14 26.73 -4.54 -2.47
N ASP D 15 25.92 -5.12 -1.57
CA ASP D 15 24.48 -5.12 -1.79
C ASP D 15 23.86 -3.75 -1.57
N LYS D 16 24.59 -2.84 -0.91
CA LYS D 16 24.10 -1.50 -0.64
C LYS D 16 24.22 -0.64 -1.89
N GLY D 17 23.74 0.60 -1.79
CA GLY D 17 23.88 1.55 -2.88
C GLY D 17 25.20 2.30 -2.81
N TYR D 18 26.30 1.61 -3.11
CA TYR D 18 27.62 2.23 -2.98
C TYR D 18 27.82 3.35 -3.99
N ASN D 19 27.21 3.24 -5.18
CA ASN D 19 27.32 4.31 -6.16
C ASN D 19 26.56 5.55 -5.70
N GLY D 20 25.46 5.38 -4.98
CA GLY D 20 24.74 6.52 -4.44
C GLY D 20 25.52 7.25 -3.36
N LEU D 21 26.15 6.50 -2.46
CA LEU D 21 27.00 7.11 -1.44
C LEU D 21 28.18 7.84 -2.07
N ALA D 22 28.69 7.34 -3.20
CA ALA D 22 29.75 8.04 -3.92
C ALA D 22 29.26 9.40 -4.43
N GLU D 23 27.99 9.50 -4.80
CA GLU D 23 27.45 10.78 -5.25
C GLU D 23 27.45 11.80 -4.13
N VAL D 24 27.18 11.36 -2.90
CA VAL D 24 27.30 12.25 -1.75
C VAL D 24 28.77 12.62 -1.53
N GLY D 25 29.70 11.70 -1.80
CA GLY D 25 31.11 12.02 -1.68
C GLY D 25 31.55 13.09 -2.65
N LYS D 26 31.07 13.02 -3.90
CA LYS D 26 31.43 14.04 -4.87
C LYS D 26 30.91 15.41 -4.47
N LYS D 27 29.72 15.47 -3.86
CA LYS D 27 29.24 16.75 -3.34
C LYS D 27 30.10 17.23 -2.19
N PHE D 28 30.62 16.30 -1.38
CA PHE D 28 31.50 16.68 -0.28
C PHE D 28 32.81 17.26 -0.81
N GLU D 29 33.36 16.66 -1.88
CA GLU D 29 34.61 17.15 -2.44
C GLU D 29 34.43 18.53 -3.07
N LYS D 30 33.28 18.77 -3.70
CA LYS D 30 33.05 20.06 -4.35
C LYS D 30 32.77 21.18 -3.36
N ASP D 31 32.56 20.85 -2.08
CA ASP D 31 32.30 21.86 -1.06
C ASP D 31 33.42 22.01 -0.06
N THR D 32 34.29 21.00 0.09
CA THR D 32 35.41 21.05 1.02
C THR D 32 36.76 20.74 0.37
N GLY D 33 36.78 20.11 -0.80
CA GLY D 33 38.02 19.69 -1.42
C GLY D 33 38.54 18.35 -0.94
N ILE D 34 37.80 17.67 -0.08
CA ILE D 34 38.24 16.39 0.49
C ILE D 34 37.74 15.27 -0.41
N LYS D 35 38.68 14.48 -0.92
CA LYS D 35 38.32 13.35 -1.77
C LYS D 35 37.73 12.23 -0.94
N VAL D 36 36.61 11.68 -1.39
CA VAL D 36 35.91 10.59 -0.70
C VAL D 36 35.92 9.38 -1.62
N THR D 37 36.47 8.27 -1.13
CA THR D 37 36.55 7.02 -1.87
C THR D 37 35.66 5.99 -1.20
N VAL D 38 34.66 5.51 -1.93
CA VAL D 38 33.74 4.49 -1.44
C VAL D 38 34.13 3.16 -2.07
N GLU D 39 34.51 2.20 -1.23
CA GLU D 39 34.91 0.88 -1.67
C GLU D 39 33.96 -0.15 -1.09
N HIS D 40 33.69 -1.21 -1.86
CA HIS D 40 32.75 -2.25 -1.48
C HIS D 40 33.41 -3.63 -1.51
N PRO D 41 34.26 -3.93 -0.54
CA PRO D 41 34.88 -5.26 -0.50
C PRO D 41 33.92 -6.31 0.03
N ASP D 42 34.04 -7.51 -0.52
CA ASP D 42 33.25 -8.64 -0.03
C ASP D 42 33.77 -9.11 1.32
N LYS D 43 32.85 -9.53 2.18
CA LYS D 43 33.17 -9.95 3.55
C LYS D 43 33.93 -8.86 4.30
N LEU D 44 33.52 -7.61 4.09
CA LEU D 44 34.17 -6.49 4.75
C LEU D 44 34.02 -6.55 6.27
N GLU D 45 32.96 -7.20 6.76
CA GLU D 45 32.76 -7.27 8.21
C GLU D 45 33.86 -8.09 8.89
N GLU D 46 34.47 -9.02 8.16
CA GLU D 46 35.58 -9.81 8.71
C GLU D 46 36.92 -9.14 8.45
N LYS D 47 37.04 -8.37 7.36
CA LYS D 47 38.30 -7.72 7.02
C LYS D 47 38.58 -6.51 7.91
N PHE D 48 37.53 -5.80 8.33
CA PHE D 48 37.72 -4.59 9.13
C PHE D 48 38.49 -4.84 10.42
N PRO D 49 38.14 -5.84 11.25
CA PRO D 49 38.93 -6.06 12.47
C PRO D 49 40.36 -6.48 12.20
N GLN D 50 40.65 -7.08 11.05
CA GLN D 50 42.03 -7.46 10.73
C GLN D 50 42.89 -6.23 10.50
N VAL D 51 42.36 -5.23 9.81
CA VAL D 51 43.14 -4.03 9.51
C VAL D 51 43.04 -2.98 10.62
N ALA D 52 41.91 -2.92 11.31
CA ALA D 52 41.74 -1.91 12.36
C ALA D 52 42.51 -2.26 13.62
N ALA D 53 42.76 -3.55 13.88
CA ALA D 53 43.50 -3.93 15.07
C ALA D 53 44.93 -3.41 15.04
N THR D 54 45.53 -3.33 13.85
CA THR D 54 46.90 -2.84 13.70
C THR D 54 46.97 -1.33 13.51
N GLY D 55 45.84 -0.63 13.51
CA GLY D 55 45.82 0.81 13.40
C GLY D 55 45.46 1.34 12.03
N ASP D 56 45.32 0.46 11.04
CA ASP D 56 44.97 0.86 9.68
C ASP D 56 43.49 0.61 9.43
N GLY D 57 43.06 0.76 8.18
CA GLY D 57 41.70 0.48 7.80
C GLY D 57 40.98 1.71 7.26
N PRO D 58 39.70 1.56 6.96
CA PRO D 58 38.92 2.69 6.45
C PRO D 58 38.60 3.69 7.54
N ASP D 59 38.20 4.90 7.11
CA ASP D 59 37.80 5.92 8.06
C ASP D 59 36.38 5.69 8.56
N ILE D 60 35.47 5.28 7.67
CA ILE D 60 34.09 5.01 8.02
C ILE D 60 33.76 3.58 7.61
N ILE D 61 33.02 2.88 8.48
CA ILE D 61 32.66 1.48 8.26
C ILE D 61 31.12 1.38 8.25
N PHE D 62 30.58 0.81 7.18
CA PHE D 62 29.13 0.67 7.00
C PHE D 62 28.75 -0.79 7.16
N TRP D 63 28.09 -1.12 8.27
CA TRP D 63 27.59 -2.47 8.48
C TRP D 63 26.42 -2.41 9.46
N ALA D 64 25.73 -3.54 9.58
CA ALA D 64 24.67 -3.66 10.57
C ALA D 64 25.22 -3.46 11.98
N HIS D 65 24.37 -2.93 12.86
CA HIS D 65 24.80 -2.59 14.21
C HIS D 65 25.18 -3.81 15.03
N ASP D 66 24.72 -5.01 14.64
CA ASP D 66 24.96 -6.20 15.45
C ASP D 66 26.44 -6.55 15.51
N ARG D 67 27.22 -6.16 14.50
CA ARG D 67 28.66 -6.42 14.49
C ARG D 67 29.48 -5.27 15.06
N PHE D 68 28.87 -4.13 15.35
CA PHE D 68 29.62 -2.98 15.84
C PHE D 68 29.95 -3.08 17.33
N GLY D 69 29.18 -3.87 18.09
CA GLY D 69 29.54 -4.10 19.48
C GLY D 69 30.86 -4.84 19.61
N GLY D 70 31.05 -5.89 18.80
CA GLY D 70 32.32 -6.58 18.78
C GLY D 70 33.47 -5.69 18.34
N TYR D 71 33.19 -4.73 17.47
CA TYR D 71 34.21 -3.74 17.11
C TYR D 71 34.52 -2.84 18.29
N ALA D 72 33.48 -2.35 18.98
CA ALA D 72 33.68 -1.56 20.18
C ALA D 72 34.28 -2.41 21.30
N GLN D 73 34.05 -3.72 21.28
CA GLN D 73 34.66 -4.62 22.24
C GLN D 73 36.18 -4.50 22.22
N SER D 74 36.76 -4.49 21.02
CA SER D 74 38.21 -4.37 20.85
C SER D 74 38.66 -2.93 20.70
N GLY D 75 37.81 -1.97 21.04
CA GLY D 75 38.17 -0.56 20.91
C GLY D 75 38.56 -0.15 19.52
N LEU D 76 37.81 -0.61 18.51
CA LEU D 76 38.09 -0.26 17.13
C LEU D 76 37.28 0.93 16.66
N LEU D 77 36.13 1.18 17.26
CA LEU D 77 35.26 2.29 16.89
C LEU D 77 35.48 3.46 17.84
N ALA D 78 35.46 4.67 17.27
CA ALA D 78 35.61 5.88 18.07
C ALA D 78 34.25 6.34 18.59
N GLU D 79 34.26 6.91 19.78
CA GLU D 79 33.03 7.43 20.39
C GLU D 79 32.61 8.70 19.66
N ILE D 80 31.45 8.65 19.00
CA ILE D 80 30.91 9.84 18.35
C ILE D 80 30.22 10.70 19.41
N THR D 81 30.20 12.01 19.16
CA THR D 81 29.62 12.99 20.08
C THR D 81 28.70 13.93 19.31
N PRO D 82 27.55 13.44 18.84
CA PRO D 82 26.57 14.34 18.23
C PRO D 82 25.81 15.11 19.29
N ASP D 83 25.60 16.41 19.02
CA ASP D 83 24.89 17.26 19.97
C ASP D 83 23.42 16.86 20.04
N LYS D 84 22.74 17.37 21.08
CA LYS D 84 21.34 17.03 21.29
C LYS D 84 20.46 17.52 20.15
N ALA D 85 20.87 18.60 19.48
CA ALA D 85 20.11 19.09 18.34
C ALA D 85 20.09 18.08 17.20
N PHE D 86 21.25 17.48 16.90
CA PHE D 86 21.33 16.48 15.84
C PHE D 86 20.69 15.16 16.28
N GLN D 87 20.83 14.80 17.56
CA GLN D 87 20.30 13.53 18.04
C GLN D 87 18.77 13.47 17.92
N ASP D 88 18.09 14.60 18.07
CA ASP D 88 16.64 14.60 17.96
C ASP D 88 16.16 14.45 16.52
N LYS D 89 17.04 14.65 15.54
CA LYS D 89 16.67 14.46 14.15
C LYS D 89 16.52 13.00 13.78
N LEU D 90 17.05 12.08 14.59
CA LEU D 90 16.95 10.65 14.33
C LEU D 90 16.09 9.98 15.38
N TYR D 91 15.50 8.85 15.01
CA TYR D 91 14.62 8.13 15.92
C TYR D 91 15.40 7.65 17.14
N PRO D 92 14.79 7.66 18.33
CA PRO D 92 15.55 7.33 19.53
C PRO D 92 15.89 5.84 19.65
N PHE D 93 15.10 4.95 19.06
CA PHE D 93 15.39 3.53 19.16
C PHE D 93 16.55 3.11 18.26
N THR D 94 16.84 3.87 17.21
CA THR D 94 18.01 3.57 16.38
C THR D 94 19.29 3.97 17.09
N TRP D 95 19.21 4.94 18.01
CA TRP D 95 20.40 5.32 18.78
C TRP D 95 20.76 4.25 19.80
N ASP D 96 19.79 3.46 20.24
CA ASP D 96 20.07 2.39 21.19
C ASP D 96 20.75 1.20 20.52
N ALA D 97 20.53 1.02 19.22
CA ALA D 97 21.22 -0.05 18.50
C ALA D 97 22.70 0.26 18.35
N VAL D 98 23.06 1.53 18.26
CA VAL D 98 24.45 1.95 18.11
C VAL D 98 25.06 2.36 19.46
N ARG D 99 24.44 1.97 20.57
CA ARG D 99 24.92 2.29 21.90
C ARG D 99 25.47 1.04 22.57
N TYR D 100 26.70 1.14 23.06
CA TYR D 100 27.36 0.04 23.77
C TYR D 100 27.91 0.58 25.09
N ASN D 101 27.39 0.05 26.20
CA ASN D 101 27.76 0.51 27.54
C ASN D 101 27.64 2.03 27.66
N GLY D 102 26.51 2.55 27.22
CA GLY D 102 26.27 3.98 27.30
C GLY D 102 27.18 4.84 26.44
N LYS D 103 27.81 4.25 25.43
CA LYS D 103 28.70 4.98 24.53
C LYS D 103 28.15 4.87 23.11
N LEU D 104 28.06 6.01 22.43
CA LEU D 104 27.64 6.04 21.03
C LEU D 104 28.82 5.67 20.14
N ILE D 105 28.65 4.65 19.30
CA ILE D 105 29.75 4.13 18.50
C ILE D 105 29.52 4.26 17.01
N ALA D 106 28.32 4.63 16.56
CA ALA D 106 28.06 4.77 15.14
C ALA D 106 26.80 5.60 14.92
N TYR D 107 26.67 6.15 13.72
CA TYR D 107 25.47 6.85 13.30
C TYR D 107 24.53 5.88 12.62
N PRO D 108 23.25 5.81 13.01
CA PRO D 108 22.28 4.95 12.30
C PRO D 108 21.83 5.60 11.01
N ILE D 109 21.81 4.82 9.93
CA ILE D 109 21.40 5.29 8.61
C ILE D 109 20.04 4.71 8.21
N ALA D 110 19.94 3.38 8.13
CA ALA D 110 18.73 2.74 7.65
C ALA D 110 18.25 1.69 8.65
N VAL D 111 16.99 1.31 8.49
CA VAL D 111 16.32 0.33 9.34
C VAL D 111 15.66 -0.71 8.45
N GLU D 112 15.94 -1.98 8.72
CA GLU D 112 15.37 -3.08 7.95
C GLU D 112 14.80 -4.13 8.89
N ALA D 113 13.74 -4.80 8.43
CA ALA D 113 13.07 -5.83 9.20
C ALA D 113 12.19 -6.62 8.25
N LEU D 114 11.97 -7.89 8.60
CA LEU D 114 11.14 -8.76 7.78
C LEU D 114 9.68 -8.28 7.81
N SER D 115 9.01 -8.44 6.67
CA SER D 115 7.61 -8.05 6.55
C SER D 115 6.87 -9.13 5.76
N LEU D 116 5.54 -9.13 5.89
CA LEU D 116 4.69 -10.08 5.19
C LEU D 116 4.39 -9.57 3.80
N ILE D 117 4.76 -10.33 2.79
CA ILE D 117 4.50 -10.01 1.38
C ILE D 117 3.46 -10.99 0.88
N TYR D 118 2.41 -10.48 0.25
CA TYR D 118 1.32 -11.31 -0.25
C TYR D 118 1.02 -10.96 -1.71
N ASN D 119 0.32 -11.87 -2.37
CA ASN D 119 -0.05 -11.71 -3.77
C ASN D 119 -1.48 -11.22 -3.83
N LYS D 120 -1.65 -9.95 -4.24
CA LYS D 120 -2.99 -9.36 -4.26
C LYS D 120 -3.91 -10.10 -5.23
N ASP D 121 -3.37 -10.67 -6.29
CA ASP D 121 -4.19 -11.38 -7.25
C ASP D 121 -4.82 -12.63 -6.64
N LEU D 122 -4.15 -13.25 -5.67
CA LEU D 122 -4.63 -14.46 -5.03
C LEU D 122 -5.05 -14.25 -3.58
N LEU D 123 -4.88 -13.05 -3.04
CA LEU D 123 -5.21 -12.78 -1.65
C LEU D 123 -5.46 -11.29 -1.45
N PRO D 124 -6.70 -10.83 -1.64
CA PRO D 124 -6.97 -9.39 -1.48
C PRO D 124 -6.69 -8.87 -0.08
N ASN D 125 -7.08 -9.60 0.96
CA ASN D 125 -6.82 -9.22 2.34
C ASN D 125 -5.91 -10.26 2.97
N PRO D 126 -4.71 -9.88 3.43
CA PRO D 126 -3.81 -10.87 4.01
C PRO D 126 -4.30 -11.28 5.39
N PRO D 127 -3.94 -12.48 5.85
CA PRO D 127 -4.36 -12.92 7.18
C PRO D 127 -3.71 -12.11 8.28
N LYS D 128 -4.52 -11.73 9.27
CA LYS D 128 -4.03 -10.90 10.37
C LYS D 128 -3.25 -11.70 11.40
N THR D 129 -3.64 -12.95 11.65
CA THR D 129 -3.03 -13.77 12.69
C THR D 129 -2.37 -15.00 12.08
N TRP D 130 -1.44 -15.57 12.84
CA TRP D 130 -0.73 -16.77 12.38
C TRP D 130 -1.64 -17.99 12.35
N GLU D 131 -2.59 -18.07 13.27
CA GLU D 131 -3.45 -19.26 13.36
C GLU D 131 -4.37 -19.40 12.16
N GLU D 132 -4.55 -18.33 11.37
CA GLU D 132 -5.37 -18.41 10.17
C GLU D 132 -4.70 -19.20 9.05
N ILE D 133 -3.38 -19.34 9.10
CA ILE D 133 -2.65 -19.92 7.96
C ILE D 133 -3.03 -21.38 7.72
N PRO D 134 -3.08 -22.26 8.72
CA PRO D 134 -3.46 -23.66 8.43
C PRO D 134 -4.82 -23.80 7.78
N ALA D 135 -5.82 -23.05 8.26
CA ALA D 135 -7.14 -23.09 7.64
C ALA D 135 -7.09 -22.58 6.21
N LEU D 136 -6.43 -21.44 6.00
CA LEU D 136 -6.33 -20.84 4.68
C LEU D 136 -5.53 -21.71 3.71
N ASP D 137 -4.65 -22.57 4.21
CA ASP D 137 -3.87 -23.43 3.33
C ASP D 137 -4.74 -24.48 2.64
N LYS D 138 -5.66 -25.09 3.38
CA LYS D 138 -6.53 -26.11 2.78
C LYS D 138 -7.37 -25.53 1.66
N GLU D 139 -7.98 -24.36 1.89
CA GLU D 139 -8.82 -23.74 0.88
C GLU D 139 -8.03 -23.29 -0.34
N LEU D 140 -6.72 -23.07 -0.20
CA LEU D 140 -5.89 -22.71 -1.33
C LEU D 140 -5.24 -23.92 -1.99
N LYS D 141 -5.08 -25.03 -1.28
CA LYS D 141 -4.57 -26.25 -1.92
C LYS D 141 -5.57 -26.80 -2.93
N ALA D 142 -6.87 -26.66 -2.64
CA ALA D 142 -7.89 -27.06 -3.60
C ALA D 142 -7.80 -26.22 -4.87
N LYS D 143 -7.39 -24.96 -4.75
CA LYS D 143 -7.17 -24.08 -5.89
C LYS D 143 -5.80 -24.27 -6.53
N GLY D 144 -5.07 -25.31 -6.12
CA GLY D 144 -3.78 -25.60 -6.72
C GLY D 144 -2.68 -24.64 -6.36
N LYS D 145 -2.71 -24.09 -5.14
CA LYS D 145 -1.71 -23.14 -4.69
C LYS D 145 -1.38 -23.39 -3.23
N SER D 146 -0.26 -22.83 -2.78
CA SER D 146 0.17 -22.90 -1.40
C SER D 146 -0.06 -21.56 -0.72
N ALA D 147 -0.17 -21.60 0.60
CA ALA D 147 -0.49 -20.38 1.35
C ALA D 147 0.77 -19.57 1.66
N LEU D 148 1.73 -20.19 2.35
CA LEU D 148 2.90 -19.48 2.84
C LEU D 148 4.15 -20.29 2.50
N MET D 149 5.16 -19.60 1.96
CA MET D 149 6.44 -20.23 1.66
C MET D 149 7.53 -19.19 1.89
N PHE D 150 8.32 -19.39 2.96
CA PHE D 150 9.46 -18.55 3.25
C PHE D 150 10.63 -19.45 3.68
N ASN D 151 11.78 -18.82 3.92
CA ASN D 151 13.00 -19.57 4.23
C ASN D 151 12.90 -20.17 5.64
N LEU D 152 12.88 -21.50 5.72
CA LEU D 152 12.89 -22.18 7.00
C LEU D 152 14.29 -22.59 7.45
N GLN D 153 15.26 -22.62 6.53
CA GLN D 153 16.60 -23.06 6.87
C GLN D 153 17.30 -22.06 7.78
N GLU D 154 17.13 -20.76 7.52
CA GLU D 154 17.78 -19.72 8.30
C GLU D 154 16.94 -19.39 9.54
N PRO D 155 17.58 -19.19 10.69
CA PRO D 155 16.82 -18.81 11.90
C PRO D 155 16.36 -17.38 11.88
N TYR D 156 17.01 -16.52 11.09
CA TYR D 156 16.62 -15.11 11.01
C TYR D 156 15.19 -14.94 10.52
N PHE D 157 14.70 -15.88 9.70
CA PHE D 157 13.35 -15.79 9.15
C PHE D 157 12.30 -16.41 10.07
N THR D 158 12.62 -17.51 10.75
CA THR D 158 11.67 -18.21 11.60
C THR D 158 11.59 -17.65 13.01
N TRP D 159 12.43 -16.67 13.35
CA TRP D 159 12.49 -16.13 14.70
C TRP D 159 11.28 -15.29 15.08
N PRO D 160 10.75 -14.42 14.20
CA PRO D 160 9.57 -13.62 14.59
C PRO D 160 8.40 -14.45 15.10
N LEU D 161 8.17 -15.64 14.54
CA LEU D 161 7.12 -16.51 15.06
C LEU D 161 7.50 -17.08 16.42
N ILE D 162 8.76 -17.48 16.59
CA ILE D 162 9.21 -18.08 17.84
C ILE D 162 9.20 -17.04 18.96
N ALA D 163 9.74 -15.85 18.70
CA ALA D 163 9.83 -14.80 19.71
C ALA D 163 8.53 -14.05 19.93
N ALA D 164 7.46 -14.43 19.23
CA ALA D 164 6.20 -13.68 19.32
C ALA D 164 5.65 -13.68 20.75
N ASP D 165 5.54 -14.86 21.35
CA ASP D 165 4.92 -15.00 22.67
C ASP D 165 5.91 -14.77 23.81
N GLY D 166 7.06 -14.16 23.54
CA GLY D 166 7.97 -13.81 24.60
C GLY D 166 9.38 -14.36 24.46
N GLY D 167 9.73 -14.86 23.28
CA GLY D 167 11.08 -15.31 23.05
C GLY D 167 12.05 -14.16 22.88
N TYR D 168 13.31 -14.41 23.23
CA TYR D 168 14.35 -13.40 23.12
C TYR D 168 15.72 -14.07 23.10
N ALA D 169 16.69 -13.39 22.51
CA ALA D 169 18.04 -13.92 22.40
C ALA D 169 18.83 -13.69 23.69
N PHE D 170 19.04 -12.43 24.06
CA PHE D 170 19.78 -12.07 25.25
C PHE D 170 19.05 -10.98 26.00
N LYS D 171 18.90 -11.14 27.31
CA LYS D 171 18.17 -10.18 28.12
C LYS D 171 18.87 -8.82 28.09
N TYR D 172 18.14 -7.80 27.66
CA TYR D 172 18.63 -6.42 27.62
C TYR D 172 18.19 -5.71 28.89
N GLU D 173 19.17 -5.32 29.71
CA GLU D 173 18.88 -4.66 30.98
C GLU D 173 19.97 -3.64 31.27
N ASN D 174 19.55 -2.41 31.56
CA ASN D 174 20.47 -1.31 31.89
C ASN D 174 21.45 -1.06 30.76
N GLY D 175 20.98 -1.19 29.52
CA GLY D 175 21.83 -0.96 28.37
C GLY D 175 22.92 -1.97 28.18
N LYS D 176 22.80 -3.15 28.80
CA LYS D 176 23.81 -4.20 28.69
C LYS D 176 23.12 -5.54 28.45
N TYR D 177 23.69 -6.33 27.54
CA TYR D 177 23.16 -7.65 27.22
C TYR D 177 23.79 -8.69 28.16
N ASP D 178 22.94 -9.34 28.96
CA ASP D 178 23.39 -10.39 29.86
C ASP D 178 23.56 -11.68 29.07
N ILE D 179 24.81 -12.11 28.87
CA ILE D 179 25.08 -13.28 28.05
C ILE D 179 24.59 -14.56 28.72
N LYS D 180 24.36 -14.53 30.03
CA LYS D 180 23.97 -15.71 30.78
C LYS D 180 22.46 -15.95 30.78
N ASP D 181 21.67 -15.02 30.25
CA ASP D 181 20.22 -15.16 30.21
C ASP D 181 19.78 -15.26 28.76
N VAL D 182 19.44 -16.47 28.33
CA VAL D 182 18.95 -16.74 26.98
C VAL D 182 17.50 -17.17 27.09
N GLY D 183 16.68 -16.70 26.15
CA GLY D 183 15.25 -16.97 26.21
C GLY D 183 14.72 -17.79 25.06
N VAL D 184 15.46 -18.83 24.67
CA VAL D 184 15.02 -19.68 23.57
C VAL D 184 14.23 -20.89 24.04
N ASP D 185 14.35 -21.29 25.31
CA ASP D 185 13.66 -22.45 25.82
C ASP D 185 12.54 -22.09 26.79
N ASN D 186 12.09 -20.84 26.79
CA ASN D 186 10.96 -20.45 27.62
C ASN D 186 9.65 -20.89 26.98
N ALA D 187 8.56 -20.75 27.73
CA ALA D 187 7.25 -21.20 27.25
C ALA D 187 6.82 -20.47 25.99
N GLY D 188 7.17 -19.20 25.87
CA GLY D 188 6.79 -18.44 24.67
C GLY D 188 7.46 -18.99 23.42
N ALA D 189 8.77 -19.20 23.48
CA ALA D 189 9.50 -19.74 22.33
C ALA D 189 9.06 -21.15 21.99
N LYS D 190 8.71 -21.95 23.00
CA LYS D 190 8.22 -23.30 22.74
C LYS D 190 6.93 -23.27 21.94
N ALA D 191 5.97 -22.45 22.36
CA ALA D 191 4.70 -22.33 21.65
C ALA D 191 4.91 -21.84 20.23
N GLY D 192 5.86 -20.92 20.04
CA GLY D 192 6.16 -20.41 18.72
C GLY D 192 6.66 -21.47 17.75
N LEU D 193 7.72 -22.19 18.14
CA LEU D 193 8.27 -23.21 17.26
C LEU D 193 7.32 -24.39 17.10
N THR D 194 6.55 -24.71 18.14
CA THR D 194 5.59 -25.80 18.05
C THR D 194 4.58 -25.55 16.94
N PHE D 195 4.14 -24.30 16.80
CA PHE D 195 3.23 -23.96 15.71
C PHE D 195 3.93 -24.08 14.35
N LEU D 196 5.20 -23.69 14.29
CA LEU D 196 5.95 -23.82 13.04
C LEU D 196 6.12 -25.28 12.63
N VAL D 197 6.44 -26.15 13.59
CA VAL D 197 6.58 -27.57 13.29
C VAL D 197 5.23 -28.17 12.90
N ASP D 198 4.16 -27.74 13.59
CA ASP D 198 2.82 -28.24 13.28
C ASP D 198 2.38 -27.80 11.89
N LEU D 199 2.85 -26.64 11.42
CA LEU D 199 2.59 -26.25 10.03
C LEU D 199 3.31 -27.18 9.06
N ILE D 200 4.44 -27.75 9.47
CA ILE D 200 5.18 -28.66 8.61
C ILE D 200 4.60 -30.07 8.66
N LYS D 201 4.20 -30.51 9.85
CA LYS D 201 3.60 -31.85 9.98
C LYS D 201 2.28 -31.94 9.24
N ASN D 202 1.51 -30.86 9.21
CA ASN D 202 0.24 -30.83 8.50
C ASN D 202 0.41 -30.57 7.01
N LYS D 203 1.65 -30.61 6.50
CA LYS D 203 1.95 -30.42 5.08
C LYS D 203 1.50 -29.04 4.58
N HIS D 204 1.46 -28.06 5.48
CA HIS D 204 1.22 -26.68 5.08
C HIS D 204 2.50 -25.98 4.65
N MET D 205 3.65 -26.44 5.16
CA MET D 205 4.95 -25.93 4.74
C MET D 205 5.88 -27.12 4.58
N ASN D 206 6.92 -26.94 3.77
CA ASN D 206 7.92 -27.97 3.55
C ASN D 206 9.18 -27.63 4.33
N ALA D 207 9.67 -28.61 5.10
CA ALA D 207 10.85 -28.40 5.95
C ALA D 207 12.13 -28.18 5.16
N ASP D 208 12.11 -28.39 3.84
CA ASP D 208 13.30 -28.24 3.02
C ASP D 208 13.34 -26.91 2.27
N THR D 209 12.29 -26.09 2.38
CA THR D 209 12.25 -24.82 1.66
C THR D 209 13.34 -23.88 2.14
N ASP D 210 14.26 -23.55 1.24
CA ASP D 210 15.30 -22.57 1.49
C ASP D 210 14.85 -21.22 0.92
N TYR D 211 15.76 -20.25 0.90
CA TYR D 211 15.42 -18.94 0.34
C TYR D 211 15.15 -19.04 -1.15
N SER D 212 15.95 -19.83 -1.87
CA SER D 212 15.80 -19.92 -3.33
C SER D 212 14.43 -20.49 -3.71
N ILE D 213 14.02 -21.58 -3.06
CA ILE D 213 12.74 -22.20 -3.40
C ILE D 213 11.59 -21.26 -3.08
N ALA D 214 11.68 -20.55 -1.94
CA ALA D 214 10.59 -19.68 -1.52
C ALA D 214 10.43 -18.48 -2.46
N GLU D 215 11.55 -17.86 -2.86
CA GLU D 215 11.47 -16.71 -3.74
C GLU D 215 10.94 -17.11 -5.12
N ALA D 216 11.40 -18.23 -5.65
CA ALA D 216 10.93 -18.69 -6.95
C ALA D 216 9.44 -19.02 -6.91
N ALA D 217 9.01 -19.72 -5.86
CA ALA D 217 7.59 -20.08 -5.73
C ALA D 217 6.70 -18.85 -5.72
N PHE D 218 7.11 -17.80 -4.98
CA PHE D 218 6.28 -16.61 -4.86
C PHE D 218 6.34 -15.75 -6.12
N ASN D 219 7.53 -15.56 -6.68
CA ASN D 219 7.69 -14.71 -7.85
C ASN D 219 7.06 -15.31 -9.11
N LYS D 220 6.60 -16.56 -9.06
CA LYS D 220 5.87 -17.16 -10.18
C LYS D 220 4.43 -17.49 -9.81
N GLY D 221 3.92 -16.89 -8.73
CA GLY D 221 2.53 -17.06 -8.34
C GLY D 221 2.11 -18.47 -8.02
N GLU D 222 3.01 -19.31 -7.51
CA GLU D 222 2.61 -20.63 -7.05
C GLU D 222 2.22 -20.64 -5.58
N THR D 223 2.64 -19.64 -4.81
CA THR D 223 2.23 -19.50 -3.42
C THR D 223 1.72 -18.08 -3.20
N ALA D 224 0.90 -17.93 -2.17
CA ALA D 224 0.24 -16.65 -1.91
C ALA D 224 1.09 -15.67 -1.12
N MET D 225 1.82 -16.16 -0.11
CA MET D 225 2.55 -15.28 0.79
C MET D 225 4.00 -15.74 0.96
N THR D 226 4.85 -14.78 1.31
CA THR D 226 6.23 -15.05 1.67
C THR D 226 6.68 -14.01 2.68
N ILE D 227 7.76 -14.32 3.39
CA ILE D 227 8.36 -13.42 4.37
C ILE D 227 9.76 -13.08 3.88
N ASN D 228 10.01 -11.79 3.67
CA ASN D 228 11.30 -11.34 3.15
C ASN D 228 11.47 -9.86 3.49
N GLY D 229 12.64 -9.33 3.15
CA GLY D 229 12.98 -7.96 3.46
C GLY D 229 12.96 -7.06 2.24
N PRO D 230 13.33 -5.79 2.43
CA PRO D 230 13.34 -4.86 1.29
C PRO D 230 14.23 -5.30 0.14
N TRP D 231 15.27 -6.10 0.40
CA TRP D 231 16.15 -6.57 -0.66
C TRP D 231 15.40 -7.39 -1.70
N ALA D 232 14.37 -8.13 -1.29
CA ALA D 232 13.64 -8.99 -2.20
C ALA D 232 12.64 -8.23 -3.07
N TRP D 233 12.37 -6.95 -2.79
CA TRP D 233 11.40 -6.20 -3.57
C TRP D 233 11.85 -6.05 -5.02
N SER D 234 13.15 -5.85 -5.24
CA SER D 234 13.65 -5.60 -6.58
C SER D 234 13.36 -6.76 -7.53
N ASN D 235 13.31 -7.99 -7.02
CA ASN D 235 13.08 -9.14 -7.89
C ASN D 235 11.60 -9.36 -8.19
N ILE D 236 10.72 -9.00 -7.25
CA ILE D 236 9.29 -9.08 -7.54
C ILE D 236 8.80 -7.89 -8.36
N ASP D 237 9.54 -6.78 -8.35
CA ASP D 237 9.18 -5.66 -9.21
C ASP D 237 9.29 -6.03 -10.69
N THR D 238 10.36 -6.76 -11.05
CA THR D 238 10.53 -7.17 -12.45
C THR D 238 9.44 -8.13 -12.89
N SER D 239 9.09 -9.09 -12.04
CA SER D 239 7.97 -9.97 -12.36
C SER D 239 6.65 -9.21 -12.37
N LYS D 240 6.55 -8.15 -11.58
CA LYS D 240 5.39 -7.27 -11.48
C LYS D 240 4.12 -7.99 -11.07
N VAL D 241 4.22 -9.22 -10.58
CA VAL D 241 3.07 -9.91 -10.00
C VAL D 241 2.67 -9.06 -8.80
N ASN D 242 1.49 -8.46 -8.87
CA ASN D 242 1.10 -7.40 -7.93
C ASN D 242 1.17 -7.87 -6.48
N TYR D 243 2.11 -7.30 -5.74
CA TYR D 243 2.41 -7.70 -4.38
C TYR D 243 2.18 -6.52 -3.43
N GLY D 244 1.80 -6.84 -2.20
CA GLY D 244 1.69 -5.86 -1.15
C GLY D 244 2.55 -6.26 0.03
N VAL D 245 3.09 -5.25 0.72
CA VAL D 245 3.93 -5.46 1.89
C VAL D 245 3.17 -4.95 3.11
N THR D 246 2.85 -5.85 4.03
CA THR D 246 2.01 -5.54 5.18
C THR D 246 2.69 -6.00 6.45
N VAL D 247 2.01 -5.79 7.58
CA VAL D 247 2.54 -6.18 8.88
C VAL D 247 2.56 -7.71 8.98
N LEU D 248 3.49 -8.22 9.79
CA LEU D 248 3.57 -9.66 9.99
C LEU D 248 2.37 -10.16 10.79
N PRO D 249 1.97 -11.41 10.57
CA PRO D 249 0.83 -11.95 11.33
C PRO D 249 1.14 -12.04 12.82
N THR D 250 0.10 -11.86 13.62
CA THR D 250 0.21 -11.98 15.07
C THR D 250 0.01 -13.44 15.49
N PHE D 251 0.69 -13.82 16.57
CA PHE D 251 0.63 -15.19 17.08
C PHE D 251 0.21 -15.16 18.54
N LYS D 252 -0.85 -15.89 18.87
CA LYS D 252 -1.39 -15.93 20.23
C LYS D 252 -1.70 -14.53 20.75
N GLY D 253 -2.26 -13.69 19.88
CA GLY D 253 -2.60 -12.33 20.22
C GLY D 253 -1.44 -11.35 20.23
N GLN D 254 -0.21 -11.83 20.42
CA GLN D 254 0.98 -11.00 20.42
C GLN D 254 1.54 -10.88 19.00
N PRO D 255 2.13 -9.73 18.68
CA PRO D 255 2.66 -9.55 17.32
C PRO D 255 3.98 -10.28 17.14
N SER D 256 4.25 -10.63 15.88
CA SER D 256 5.53 -11.24 15.55
C SER D 256 6.65 -10.25 15.86
N LYS D 257 7.77 -10.78 16.37
CA LYS D 257 8.90 -9.97 16.81
C LYS D 257 10.11 -10.32 15.95
N PRO D 258 10.22 -9.75 14.75
CA PRO D 258 11.39 -10.01 13.91
C PRO D 258 12.62 -9.25 14.38
N PHE D 259 13.77 -9.80 14.04
CA PHE D 259 15.03 -9.13 14.35
C PHE D 259 15.16 -7.85 13.54
N VAL D 260 15.60 -6.78 14.20
CA VAL D 260 15.70 -5.47 13.58
C VAL D 260 17.17 -5.19 13.31
N GLY D 261 17.50 -4.92 12.04
CA GLY D 261 18.85 -4.55 11.66
C GLY D 261 18.91 -3.06 11.36
N VAL D 262 19.94 -2.41 11.89
CA VAL D 262 20.14 -0.98 11.73
C VAL D 262 21.46 -0.78 11.02
N LEU D 263 21.41 -0.41 9.75
CA LEU D 263 22.62 -0.08 9.00
C LEU D 263 23.29 1.12 9.64
N SER D 264 24.48 0.92 10.20
CA SER D 264 25.17 1.95 10.95
C SER D 264 26.50 2.28 10.29
N ALA D 265 26.95 3.52 10.49
CA ALA D 265 28.23 3.99 9.98
C ALA D 265 29.12 4.35 11.16
N GLY D 266 30.13 3.52 11.42
CA GLY D 266 31.06 3.75 12.49
C GLY D 266 32.32 4.43 12.02
N ILE D 267 33.00 5.10 12.95
CA ILE D 267 34.26 5.79 12.68
C ILE D 267 35.39 4.99 13.31
N ASN D 268 36.44 4.75 12.52
CA ASN D 268 37.58 4.00 13.02
C ASN D 268 38.26 4.77 14.15
N ALA D 269 38.52 4.09 15.26
CA ALA D 269 39.19 4.73 16.39
C ALA D 269 40.64 5.05 16.08
N ALA D 270 41.22 4.44 15.04
CA ALA D 270 42.57 4.72 14.61
C ALA D 270 42.63 5.69 13.43
N SER D 271 41.48 6.19 12.98
CA SER D 271 41.44 7.08 11.83
C SER D 271 41.86 8.49 12.24
N PRO D 272 42.79 9.11 11.52
CA PRO D 272 43.15 10.50 11.83
C PRO D 272 42.16 11.52 11.29
N ASN D 273 41.05 11.09 10.70
CA ASN D 273 40.08 11.98 10.07
C ASN D 273 38.74 11.90 10.79
N LYS D 274 38.77 11.87 12.12
CA LYS D 274 37.54 11.77 12.89
C LYS D 274 36.68 13.03 12.76
N GLU D 275 37.30 14.20 12.57
CA GLU D 275 36.53 15.41 12.37
C GLU D 275 35.94 15.49 10.97
N LEU D 276 36.66 15.01 9.96
CA LEU D 276 36.13 14.99 8.60
C LEU D 276 34.99 14.00 8.47
N ALA D 277 35.09 12.84 9.12
CA ALA D 277 34.03 11.85 9.06
C ALA D 277 32.75 12.36 9.70
N LYS D 278 32.86 13.09 10.81
CA LYS D 278 31.68 13.62 11.47
C LYS D 278 30.93 14.60 10.57
N GLU D 279 31.67 15.47 9.86
CA GLU D 279 31.02 16.43 8.97
C GLU D 279 30.33 15.74 7.80
N PHE D 280 30.98 14.73 7.22
CA PHE D 280 30.39 14.03 6.09
C PHE D 280 29.10 13.31 6.49
N LEU D 281 29.09 12.68 7.66
CA LEU D 281 27.93 11.90 8.07
C LEU D 281 26.80 12.79 8.57
N GLU D 282 27.12 13.76 9.43
CA GLU D 282 26.08 14.58 10.05
C GLU D 282 25.53 15.62 9.08
N ASN D 283 26.38 16.21 8.25
CA ASN D 283 25.97 17.35 7.44
C ASN D 283 25.71 17.01 5.98
N TYR D 284 26.19 15.87 5.49
CA TYR D 284 26.04 15.53 4.08
C TYR D 284 25.27 14.24 3.84
N LEU D 285 25.56 13.19 4.61
CA LEU D 285 24.87 11.91 4.37
C LEU D 285 23.53 11.87 5.10
N LEU D 286 23.52 12.16 6.40
CA LEU D 286 22.29 12.12 7.19
C LEU D 286 21.46 13.39 6.98
N THR D 287 21.09 13.59 5.71
CA THR D 287 20.22 14.68 5.31
C THR D 287 19.22 14.15 4.29
N ASP D 288 18.19 14.95 4.01
CA ASP D 288 17.20 14.55 3.01
C ASP D 288 17.83 14.38 1.64
N GLU D 289 18.83 15.20 1.31
CA GLU D 289 19.51 15.08 0.02
C GLU D 289 20.45 13.89 -0.01
N GLY D 290 21.15 13.64 1.09
CA GLY D 290 22.12 12.55 1.11
C GLY D 290 21.47 11.18 1.09
N LEU D 291 20.46 10.98 1.93
CA LEU D 291 19.78 9.68 1.98
C LEU D 291 19.06 9.38 0.67
N GLU D 292 18.48 10.40 0.04
CA GLU D 292 17.81 10.19 -1.24
C GLU D 292 18.80 9.70 -2.31
N ALA D 293 20.01 10.26 -2.33
CA ALA D 293 21.01 9.83 -3.30
C ALA D 293 21.34 8.36 -3.14
N VAL D 294 21.49 7.89 -1.91
CA VAL D 294 21.72 6.47 -1.68
C VAL D 294 20.47 5.66 -2.02
N ASN D 295 19.29 6.21 -1.71
CA ASN D 295 18.05 5.49 -1.95
C ASN D 295 17.81 5.28 -3.44
N LYS D 296 18.20 6.25 -4.26
CA LYS D 296 17.97 6.14 -5.70
C LYS D 296 18.75 4.99 -6.31
N ASP D 297 19.97 4.74 -5.80
CA ASP D 297 20.78 3.65 -6.33
C ASP D 297 20.23 2.29 -5.91
N LYS D 298 20.18 2.03 -4.60
CA LYS D 298 19.63 0.80 -4.06
C LYS D 298 18.79 1.20 -2.85
N PRO D 299 17.57 0.68 -2.74
CA PRO D 299 16.67 1.12 -1.66
C PRO D 299 17.27 0.85 -0.29
N LEU D 300 17.14 1.84 0.60
CA LEU D 300 17.57 1.72 1.98
C LEU D 300 16.51 1.14 2.90
N GLY D 301 15.26 1.05 2.42
CA GLY D 301 14.16 0.68 3.28
C GLY D 301 13.78 1.83 4.20
N ALA D 302 13.47 1.53 5.45
CA ALA D 302 13.26 2.59 6.42
C ALA D 302 14.61 3.23 6.78
N VAL D 303 14.54 4.47 7.27
CA VAL D 303 15.74 5.22 7.61
C VAL D 303 15.58 5.80 9.01
N ALA D 304 16.71 5.98 9.69
CA ALA D 304 16.69 6.53 11.04
C ALA D 304 16.42 8.02 11.05
N LEU D 305 16.66 8.72 9.95
CA LEU D 305 16.42 10.16 9.89
C LEU D 305 14.92 10.43 9.84
N LYS D 306 14.42 11.17 10.85
CA LYS D 306 12.99 11.45 10.92
C LYS D 306 12.49 12.20 9.70
N SER D 307 13.29 13.16 9.22
CA SER D 307 12.86 14.01 8.10
C SER D 307 12.54 13.17 6.86
N TYR D 308 13.51 12.38 6.41
CA TYR D 308 13.33 11.61 5.18
C TYR D 308 12.42 10.40 5.36
N GLU D 309 12.30 9.88 6.59
CA GLU D 309 11.42 8.74 6.82
C GLU D 309 9.96 9.12 6.63
N GLU D 310 9.58 10.33 7.03
CA GLU D 310 8.20 10.77 6.84
C GLU D 310 7.85 10.84 5.36
N GLU D 311 8.79 11.28 4.52
CA GLU D 311 8.55 11.29 3.09
C GLU D 311 8.54 9.88 2.52
N LEU D 312 9.40 9.00 3.05
CA LEU D 312 9.46 7.63 2.56
C LEU D 312 8.27 6.80 3.04
N ALA D 313 7.71 7.13 4.21
CA ALA D 313 6.61 6.36 4.77
C ALA D 313 5.35 6.44 3.91
N LYS D 314 5.29 7.35 2.94
CA LYS D 314 4.16 7.40 2.02
C LYS D 314 4.02 6.09 1.25
N ASP D 315 5.11 5.39 1.03
CA ASP D 315 5.06 4.04 0.48
C ASP D 315 4.57 3.08 1.54
N PRO D 316 3.48 2.35 1.32
CA PRO D 316 3.01 1.39 2.33
C PRO D 316 4.03 0.29 2.65
N ARG D 317 4.89 -0.05 1.69
CA ARG D 317 5.91 -1.07 1.94
C ARG D 317 6.92 -0.59 2.99
N ILE D 318 7.38 0.64 2.86
CA ILE D 318 8.34 1.18 3.83
C ILE D 318 7.68 1.39 5.18
N ALA D 319 6.43 1.86 5.17
CA ALA D 319 5.71 2.02 6.44
C ALA D 319 5.48 0.68 7.13
N ALA D 320 5.33 -0.39 6.36
CA ALA D 320 5.17 -1.72 6.95
C ALA D 320 6.50 -2.19 7.54
N THR D 321 7.60 -1.98 6.82
CA THR D 321 8.92 -2.34 7.35
C THR D 321 9.20 -1.61 8.65
N MET D 322 8.84 -0.32 8.71
CA MET D 322 9.03 0.43 9.95
C MET D 322 8.10 -0.08 11.05
N GLU D 323 6.87 -0.43 10.70
CA GLU D 323 5.93 -0.94 11.70
C GLU D 323 6.41 -2.26 12.29
N ASN D 324 6.84 -3.20 11.43
CA ASN D 324 7.34 -4.47 11.92
C ASN D 324 8.61 -4.29 12.75
N ALA D 325 9.45 -3.32 12.39
CA ALA D 325 10.69 -3.10 13.13
C ALA D 325 10.42 -2.63 14.55
N GLN D 326 9.41 -1.77 14.74
CA GLN D 326 9.11 -1.30 16.08
C GLN D 326 8.48 -2.40 16.94
N LYS D 327 7.74 -3.33 16.30
CA LYS D 327 7.16 -4.44 17.05
C LYS D 327 8.22 -5.47 17.42
N GLY D 328 9.23 -5.64 16.57
CA GLY D 328 10.29 -6.61 16.83
C GLY D 328 11.30 -6.08 17.84
N GLU D 329 12.36 -6.85 18.02
CA GLU D 329 13.42 -6.51 18.97
C GLU D 329 14.72 -6.20 18.23
N ILE D 330 15.45 -5.21 18.75
CA ILE D 330 16.72 -4.83 18.16
C ILE D 330 17.70 -5.98 18.31
N MET D 331 18.42 -6.27 17.23
CA MET D 331 19.38 -7.37 17.25
C MET D 331 20.51 -7.06 18.25
N PRO D 332 20.85 -7.99 19.14
CA PRO D 332 21.94 -7.72 20.08
C PRO D 332 23.26 -7.55 19.34
N ASN D 333 24.03 -6.55 19.76
CA ASN D 333 25.28 -6.22 19.11
C ASN D 333 26.49 -6.87 19.78
N ILE D 334 26.27 -7.81 20.68
CA ILE D 334 27.36 -8.52 21.34
C ILE D 334 27.88 -9.59 20.40
N PRO D 335 29.16 -9.99 20.51
CA PRO D 335 29.69 -11.02 19.61
C PRO D 335 29.22 -12.42 19.92
N GLN D 336 28.54 -12.63 21.06
CA GLN D 336 28.05 -13.95 21.44
C GLN D 336 26.88 -14.42 20.58
N MET D 337 26.38 -13.58 19.68
CA MET D 337 25.30 -13.99 18.78
C MET D 337 25.71 -15.19 17.92
N SER D 338 27.01 -15.36 17.68
CA SER D 338 27.48 -16.50 16.88
C SER D 338 27.01 -17.83 17.46
N ALA D 339 27.04 -17.96 18.78
CA ALA D 339 26.54 -19.18 19.40
C ALA D 339 25.01 -19.23 19.35
N PHE D 340 24.36 -18.07 19.48
CA PHE D 340 22.90 -18.04 19.42
C PHE D 340 22.39 -18.48 18.05
N TRP D 341 23.01 -17.99 16.98
CA TRP D 341 22.54 -18.33 15.63
C TRP D 341 22.66 -19.82 15.38
N TYR D 342 23.83 -20.41 15.65
CA TYR D 342 24.01 -21.83 15.46
C TYR D 342 23.02 -22.65 16.28
N ALA D 343 22.74 -22.21 17.51
CA ALA D 343 21.83 -22.96 18.38
C ALA D 343 20.42 -22.99 17.83
N VAL D 344 19.88 -21.82 17.44
CA VAL D 344 18.50 -21.78 16.96
C VAL D 344 18.40 -22.39 15.58
N ARG D 345 19.40 -22.17 14.72
CA ARG D 345 19.42 -22.75 13.39
C ARG D 345 19.32 -24.28 13.46
N THR D 346 20.14 -24.90 14.31
CA THR D 346 20.12 -26.35 14.41
C THR D 346 18.88 -26.85 15.13
N ALA D 347 18.36 -26.08 16.09
CA ALA D 347 17.16 -26.50 16.81
C ALA D 347 15.94 -26.50 15.91
N VAL D 348 15.76 -25.43 15.12
CA VAL D 348 14.63 -25.35 14.23
C VAL D 348 14.71 -26.43 13.15
N ILE D 349 15.91 -26.73 12.67
CA ILE D 349 16.10 -27.77 11.68
C ILE D 349 15.73 -29.14 12.26
N ASN D 350 16.22 -29.43 13.47
CA ASN D 350 15.95 -30.72 14.09
C ASN D 350 14.47 -30.87 14.42
N ALA D 351 13.82 -29.79 14.87
CA ALA D 351 12.40 -29.86 15.18
C ALA D 351 11.58 -30.04 13.90
N ALA D 352 11.97 -29.37 12.83
CA ALA D 352 11.25 -29.51 11.57
C ALA D 352 11.44 -30.90 10.97
N SER D 353 12.67 -31.38 10.93
CA SER D 353 12.97 -32.68 10.35
C SER D 353 12.50 -33.85 11.20
N GLY D 354 12.02 -33.59 12.41
CA GLY D 354 11.56 -34.64 13.30
C GLY D 354 12.63 -35.33 14.11
N ARG D 355 13.90 -34.96 13.93
CA ARG D 355 14.98 -35.57 14.70
C ARG D 355 14.82 -35.32 16.19
N GLN D 356 14.29 -34.16 16.57
CA GLN D 356 14.06 -33.84 17.97
C GLN D 356 12.68 -33.21 18.12
N THR D 357 12.16 -33.30 19.35
CA THR D 357 10.93 -32.62 19.70
C THR D 357 11.23 -31.16 20.06
N VAL D 358 10.16 -30.35 20.09
CA VAL D 358 10.31 -28.94 20.40
C VAL D 358 10.90 -28.75 21.80
N ASP D 359 10.48 -29.58 22.75
CA ASP D 359 11.03 -29.49 24.10
C ASP D 359 12.51 -29.84 24.11
N GLU D 360 12.91 -30.83 23.31
CA GLU D 360 14.31 -31.25 23.28
C GLU D 360 15.17 -30.26 22.48
N ALA D 361 14.65 -29.76 21.36
CA ALA D 361 15.45 -28.89 20.50
C ALA D 361 15.79 -27.57 21.20
N LEU D 362 14.82 -26.97 21.90
CA LEU D 362 15.09 -25.69 22.54
C LEU D 362 15.90 -25.84 23.83
N LYS D 363 15.79 -26.99 24.50
CA LYS D 363 16.61 -27.23 25.68
C LYS D 363 18.09 -27.26 25.32
N ASP D 364 18.44 -27.97 24.25
CA ASP D 364 19.81 -27.98 23.77
C ASP D 364 20.18 -26.67 23.09
N ALA D 365 19.19 -25.91 22.61
CA ALA D 365 19.48 -24.60 22.01
C ALA D 365 19.91 -23.60 23.07
N GLN D 366 19.32 -23.69 24.27
CA GLN D 366 19.70 -22.78 25.35
C GLN D 366 21.07 -23.11 25.92
N THR D 367 21.44 -24.39 25.94
CA THR D 367 22.79 -24.76 26.34
C THR D 367 23.84 -24.24 25.36
N ALA D 368 23.56 -24.35 24.06
CA ALA D 368 24.54 -23.95 23.04
C ALA D 368 24.66 -22.43 22.91
N ALA D 369 23.57 -21.69 23.09
CA ALA D 369 23.64 -20.24 22.95
C ALA D 369 24.46 -19.60 24.07
N ARG D 370 24.27 -20.07 25.30
CA ARG D 370 25.03 -19.55 26.43
C ARG D 370 26.42 -20.17 26.54
N ALA D 371 26.74 -21.16 25.69
CA ALA D 371 27.95 -21.97 25.85
C ALA D 371 29.22 -21.14 25.99
N PHE D 372 29.22 -19.89 25.53
CA PHE D 372 30.39 -19.03 25.73
C PHE D 372 30.48 -18.49 27.14
N ALA D 373 29.50 -18.79 27.99
CA ALA D 373 29.51 -18.42 29.41
C ALA D 373 29.25 -19.68 30.23
N ALA D 374 29.84 -19.73 31.42
CA ALA D 374 29.72 -20.91 32.27
C ALA D 374 28.25 -21.25 32.52
N ALA D 375 27.87 -22.46 32.15
CA ALA D 375 26.48 -22.90 32.28
C ALA D 375 26.07 -22.95 33.75
N SER D 376 24.78 -22.69 33.99
CA SER D 376 24.26 -22.54 35.35
C SER D 376 24.21 -23.88 36.08
N GLY D 377 25.38 -24.48 36.29
CA GLY D 377 25.49 -25.74 37.00
C GLY D 377 26.85 -25.89 37.65
N SER D 378 27.45 -27.07 37.49
CA SER D 378 28.82 -27.28 37.96
C SER D 378 29.81 -26.28 37.36
N PRO D 379 29.80 -25.97 36.05
CA PRO D 379 30.80 -25.02 35.53
C PRO D 379 30.70 -23.63 36.13
N ALA D 380 29.49 -23.11 36.35
CA ALA D 380 29.37 -21.78 36.94
C ALA D 380 29.79 -21.79 38.40
N ASP D 381 29.46 -22.86 39.12
CA ASP D 381 29.76 -22.90 40.56
C ASP D 381 31.24 -23.09 40.82
N ILE D 382 31.91 -23.93 40.02
CA ILE D 382 33.33 -24.17 40.24
C ILE D 382 34.14 -22.90 40.02
N LEU D 383 33.69 -22.02 39.14
CA LEU D 383 34.37 -20.75 38.93
C LEU D 383 34.10 -19.78 40.07
N ASP D 384 32.85 -19.75 40.57
CA ASP D 384 32.54 -18.90 41.72
C ASP D 384 33.24 -19.39 42.98
N GLU D 385 33.42 -20.69 43.11
CA GLU D 385 34.08 -21.24 44.29
C GLU D 385 35.59 -21.00 44.26
N LEU D 386 36.20 -21.10 43.06
CA LEU D 386 37.61 -20.79 42.95
C LEU D 386 37.89 -19.32 43.22
N THR D 387 36.96 -18.44 42.86
CA THR D 387 37.12 -17.02 43.18
C THR D 387 36.88 -16.76 44.66
N GLU D 388 35.89 -17.43 45.25
CA GLU D 388 35.63 -17.28 46.68
C GLU D 388 36.78 -17.81 47.51
N LEU D 389 37.53 -18.79 46.99
CA LEU D 389 38.69 -19.28 47.72
C LEU D 389 39.85 -18.29 47.63
N THR D 390 39.98 -17.57 46.51
CA THR D 390 41.01 -16.54 46.41
C THR D 390 40.69 -15.35 47.30
N GLU D 391 39.42 -15.11 47.60
CA GLU D 391 39.05 -14.06 48.53
C GLU D 391 39.50 -14.39 49.95
N LEU D 392 39.25 -15.63 50.39
CA LEU D 392 39.69 -16.04 51.71
C LEU D 392 41.21 -16.02 51.84
N ALA D 393 41.94 -16.26 50.75
CA ALA D 393 43.40 -16.18 50.80
C ALA D 393 43.86 -14.75 51.03
N LYS D 394 43.30 -13.79 50.27
CA LYS D 394 43.64 -12.40 50.46
C LYS D 394 43.08 -11.84 51.76
N SER D 395 42.04 -12.48 52.31
CA SER D 395 41.44 -12.00 53.55
C SER D 395 42.43 -12.08 54.72
N VAL D 396 43.28 -13.09 54.74
CA VAL D 396 44.24 -13.30 55.83
C VAL D 396 45.63 -13.15 55.24
N THR D 397 46.12 -11.91 55.20
CA THR D 397 47.50 -11.57 54.82
C THR D 397 47.88 -10.41 55.74
N LYS D 398 48.45 -10.75 56.90
CA LYS D 398 48.67 -9.75 57.94
C LYS D 398 49.95 -8.97 57.64
N ASN D 399 49.78 -7.73 57.20
CA ASN D 399 50.89 -6.81 56.91
C ASN D 399 51.84 -7.42 55.88
N ASP D 400 51.31 -7.62 54.68
CA ASP D 400 52.04 -8.04 53.47
C ASP D 400 52.53 -9.48 53.54
N VAL D 401 52.21 -10.23 54.58
CA VAL D 401 52.70 -11.59 54.76
C VAL D 401 51.57 -12.56 54.44
N ASP D 402 51.78 -13.41 53.43
CA ASP D 402 50.78 -14.40 53.03
C ASP D 402 50.61 -15.42 54.15
N GLY D 403 49.43 -15.42 54.77
CA GLY D 403 49.17 -16.33 55.88
C GLY D 403 48.13 -17.39 55.55
N PHE D 404 47.68 -17.42 54.29
CA PHE D 404 46.68 -18.41 53.90
C PHE D 404 47.26 -19.81 53.89
N GLU D 405 48.51 -19.96 53.45
CA GLU D 405 49.13 -21.28 53.40
C GLU D 405 49.28 -21.88 54.79
N PHE D 406 49.35 -21.03 55.83
CA PHE D 406 49.34 -21.54 57.20
C PHE D 406 48.02 -22.19 57.55
N TYR D 407 46.90 -21.54 57.19
CA TYR D 407 45.59 -22.13 57.41
C TYR D 407 45.43 -23.43 56.63
N LEU D 408 45.92 -23.46 55.39
CA LEU D 408 45.77 -24.65 54.56
C LEU D 408 46.56 -25.83 55.14
N ASN D 409 47.77 -25.58 55.64
CA ASN D 409 48.54 -26.64 56.26
C ASN D 409 47.87 -27.16 57.51
N THR D 410 47.41 -26.25 58.38
CA THR D 410 46.71 -26.65 59.60
C THR D 410 45.45 -27.44 59.27
N PHE D 411 44.69 -26.97 58.28
CA PHE D 411 43.47 -27.69 57.87
C PHE D 411 43.79 -29.10 57.41
N HIS D 412 44.85 -29.28 56.62
CA HIS D 412 45.22 -30.60 56.16
C HIS D 412 45.61 -31.52 57.32
N ASP D 413 46.39 -30.99 58.27
CA ASP D 413 46.88 -31.83 59.36
C ASP D 413 45.73 -32.35 60.23
N VAL D 414 44.64 -31.60 60.37
CA VAL D 414 43.51 -32.11 61.14
C VAL D 414 42.75 -33.16 60.33
N MET D 415 42.69 -33.03 59.01
CA MET D 415 41.97 -34.00 58.19
C MET D 415 42.68 -35.35 58.19
N VAL D 416 44.00 -35.32 57.98
CA VAL D 416 44.79 -36.55 58.00
C VAL D 416 45.22 -36.93 59.41
N GLY D 417 44.84 -36.13 60.41
CA GLY D 417 45.15 -36.45 61.80
C GLY D 417 46.61 -36.43 62.16
N ASN D 418 47.43 -35.64 61.47
CA ASN D 418 48.86 -35.56 61.78
C ASN D 418 49.06 -34.59 62.94
N ASN D 419 49.13 -35.13 64.15
CA ASN D 419 49.51 -34.33 65.30
C ASN D 419 51.03 -34.22 65.38
N LEU D 420 51.50 -33.14 66.00
CA LEU D 420 52.93 -32.87 66.08
C LEU D 420 53.26 -32.34 67.47
N PHE D 421 54.41 -32.77 68.01
CA PHE D 421 54.86 -32.43 69.35
C PHE D 421 53.95 -32.99 70.43
N GLY D 422 53.27 -34.10 70.13
CA GLY D 422 52.38 -34.77 71.05
C GLY D 422 50.97 -34.25 71.13
N ARG D 423 50.80 -32.94 71.04
CA ARG D 423 49.48 -32.35 71.04
C ARG D 423 48.92 -32.31 69.61
N SER D 424 47.64 -31.98 69.50
CA SER D 424 46.97 -31.96 68.22
C SER D 424 47.51 -30.83 67.35
N ALA D 425 47.18 -30.89 66.06
CA ALA D 425 47.55 -29.82 65.14
C ALA D 425 46.80 -28.54 65.42
N LEU D 426 45.54 -28.65 65.88
CA LEU D 426 44.79 -27.46 66.27
C LEU D 426 45.42 -26.75 67.45
N LYS D 427 46.00 -27.51 68.39
CA LYS D 427 46.61 -26.88 69.56
C LYS D 427 47.91 -26.16 69.19
N THR D 428 48.75 -26.80 68.37
CA THR D 428 50.03 -26.18 68.03
C THR D 428 49.83 -24.92 67.20
N ALA D 429 48.80 -24.89 66.34
CA ALA D 429 48.46 -23.66 65.65
C ALA D 429 47.94 -22.62 66.64
N SER D 430 47.15 -23.07 67.63
CA SER D 430 46.66 -22.15 68.65
C SER D 430 47.80 -21.62 69.50
N GLU D 431 48.77 -22.48 69.85
CA GLU D 431 49.93 -22.02 70.60
C GLU D 431 50.74 -20.99 69.81
N LEU D 432 50.75 -21.11 68.49
CA LEU D 432 51.45 -20.11 67.68
C LEU D 432 50.71 -18.77 67.70
N ILE D 433 49.38 -18.79 67.79
CA ILE D 433 48.64 -17.54 67.86
C ILE D 433 48.92 -16.81 69.18
N THR D 434 48.84 -17.54 70.29
CA THR D 434 49.06 -16.95 71.61
C THR D 434 50.53 -16.85 72.02
N LYS D 435 51.47 -17.24 71.17
CA LYS D 435 52.89 -17.14 71.53
C LYS D 435 53.61 -16.19 70.58
N GLU D 436 53.06 -14.99 70.42
CA GLU D 436 53.64 -13.96 69.58
C GLU D 436 53.83 -12.70 70.41
N ASN D 437 54.85 -11.92 70.09
CA ASN D 437 55.12 -10.71 70.87
C ASN D 437 54.47 -9.49 70.26
N VAL D 438 53.47 -9.69 69.40
CA VAL D 438 52.68 -8.61 68.83
C VAL D 438 51.47 -8.40 69.73
N LYS D 439 51.31 -7.18 70.26
CA LYS D 439 50.10 -6.88 71.00
C LYS D 439 48.94 -6.72 70.01
N THR D 440 47.90 -7.53 70.18
CA THR D 440 46.79 -7.54 69.25
C THR D 440 45.48 -7.29 69.97
N SER D 441 44.53 -6.71 69.24
CA SER D 441 43.18 -6.52 69.76
C SER D 441 42.54 -7.87 70.08
N GLY D 442 41.90 -7.95 71.24
CA GLY D 442 41.23 -9.18 71.62
C GLY D 442 42.07 -10.01 72.57
N SER D 443 41.39 -10.96 73.22
CA SER D 443 42.03 -11.86 74.17
C SER D 443 42.49 -13.13 73.45
N GLU D 444 43.14 -14.02 74.21
CA GLU D 444 43.55 -15.31 73.64
C GLU D 444 42.34 -16.12 73.19
N VAL D 445 41.27 -16.10 73.98
CA VAL D 445 40.04 -16.79 73.58
C VAL D 445 39.50 -16.23 72.27
N GLY D 446 39.51 -14.91 72.13
CA GLY D 446 39.00 -14.31 70.90
C GLY D 446 39.87 -14.60 69.69
N ASN D 447 41.18 -14.38 69.82
CA ASN D 447 42.07 -14.55 68.68
C ASN D 447 42.09 -16.00 68.19
N VAL D 448 42.09 -16.96 69.12
CA VAL D 448 42.11 -18.36 68.72
C VAL D 448 40.77 -18.77 68.11
N TYR D 449 39.66 -18.32 68.71
CA TYR D 449 38.35 -18.62 68.15
C TYR D 449 38.17 -17.95 66.78
N ASN D 450 38.74 -16.77 66.60
CA ASN D 450 38.74 -16.14 65.28
C ASN D 450 39.53 -16.98 64.29
N PHE D 451 40.67 -17.54 64.74
CA PHE D 451 41.43 -18.47 63.92
C PHE D 451 40.59 -19.70 63.56
N LEU D 452 39.85 -20.24 64.53
CA LEU D 452 39.03 -21.42 64.29
C LEU D 452 37.89 -21.15 63.31
N ILE D 453 37.34 -19.94 63.32
CA ILE D 453 36.25 -19.60 62.41
C ILE D 453 36.72 -19.66 60.97
N VAL D 454 37.89 -19.08 60.69
CA VAL D 454 38.42 -19.10 59.34
C VAL D 454 38.76 -20.52 58.91
N LEU D 455 39.29 -21.32 59.84
CA LEU D 455 39.65 -22.70 59.52
C LEU D 455 38.43 -23.50 59.08
N THR D 456 37.30 -23.33 59.77
CA THR D 456 36.09 -24.06 59.40
C THR D 456 35.44 -23.50 58.15
N ALA D 457 35.58 -22.20 57.90
CA ALA D 457 35.09 -21.62 56.66
C ALA D 457 35.85 -22.17 55.45
N LEU D 458 37.17 -22.30 55.58
CA LEU D 458 37.96 -22.94 54.53
C LEU D 458 37.56 -24.41 54.39
N GLN D 459 37.26 -25.06 55.51
CA GLN D 459 36.83 -26.46 55.47
C GLN D 459 35.52 -26.62 54.70
N ALA D 460 34.60 -25.67 54.88
CA ALA D 460 33.31 -25.76 54.18
C ALA D 460 33.48 -25.62 52.68
N LYS D 461 34.34 -24.70 52.25
CA LYS D 461 34.55 -24.52 50.81
C LYS D 461 35.32 -25.69 50.21
N ALA D 462 36.30 -26.24 50.95
CA ALA D 462 37.06 -27.37 50.44
C ALA D 462 36.17 -28.57 50.15
N PHE D 463 35.24 -28.87 51.05
CA PHE D 463 34.29 -29.94 50.79
C PHE D 463 33.27 -29.55 49.74
N LEU D 464 32.87 -28.28 49.70
CA LEU D 464 31.95 -27.81 48.66
C LEU D 464 32.60 -27.80 47.29
N THR D 465 33.87 -27.39 47.22
CA THR D 465 34.59 -27.44 45.95
C THR D 465 34.71 -28.87 45.45
N LEU D 466 34.98 -29.81 46.36
CA LEU D 466 35.06 -31.21 45.99
C LEU D 466 33.75 -31.71 45.38
N THR D 467 32.62 -31.33 45.97
CA THR D 467 31.33 -31.82 45.49
C THR D 467 31.05 -31.32 44.07
N THR D 468 31.31 -30.04 43.80
CA THR D 468 31.09 -29.52 42.46
C THR D 468 32.13 -30.06 41.49
N CYS D 469 33.37 -30.25 41.95
CA CYS D 469 34.39 -30.83 41.09
C CYS D 469 34.02 -32.24 40.67
N ARG D 470 33.40 -33.02 41.56
CA ARG D 470 32.92 -34.34 41.19
C ARG D 470 31.72 -34.25 40.26
N LYS D 471 30.86 -33.24 40.45
CA LYS D 471 29.74 -33.03 39.54
C LYS D 471 30.22 -32.55 38.18
N LEU D 472 31.26 -31.71 38.16
CA LEU D 472 31.82 -31.24 36.90
C LEU D 472 32.38 -32.40 36.08
N LEU D 473 33.01 -33.37 36.73
CA LEU D 473 33.60 -34.51 36.04
C LEU D 473 32.59 -35.61 35.73
N GLY D 474 31.33 -35.44 36.09
CA GLY D 474 30.30 -36.41 35.79
C GLY D 474 30.21 -37.59 36.72
N LEU D 475 30.88 -37.56 37.86
CA LEU D 475 30.85 -38.68 38.80
C LEU D 475 29.55 -38.66 39.60
N ALA D 476 29.28 -39.77 40.27
CA ALA D 476 28.03 -39.90 41.01
C ALA D 476 28.05 -38.96 42.21
N ASP D 477 26.89 -38.40 42.53
CA ASP D 477 26.77 -37.47 43.64
C ASP D 477 27.06 -38.17 44.96
N ILE D 478 27.90 -37.54 45.78
CA ILE D 478 28.22 -38.01 47.13
C ILE D 478 27.98 -36.85 48.08
N ASP D 479 27.22 -37.10 49.14
CA ASP D 479 26.90 -36.07 50.12
C ASP D 479 27.94 -36.12 51.23
N TYR D 480 28.86 -35.15 51.21
CA TYR D 480 29.92 -35.07 52.21
C TYR D 480 29.50 -34.28 53.44
N THR D 481 28.19 -34.14 53.70
CA THR D 481 27.74 -33.34 54.83
C THR D 481 28.05 -34.04 56.15
N SER D 482 27.83 -35.36 56.21
CA SER D 482 28.02 -36.08 57.46
C SER D 482 29.50 -36.23 57.79
N ILE D 483 30.34 -36.43 56.78
CA ILE D 483 31.77 -36.53 57.02
C ILE D 483 32.35 -35.15 57.37
N MET D 484 31.72 -34.07 56.89
CA MET D 484 32.16 -32.74 57.27
C MET D 484 31.73 -32.42 58.70
N ASN D 485 30.50 -32.78 59.06
CA ASN D 485 30.03 -32.53 60.43
C ASN D 485 30.86 -33.31 61.44
N GLU D 486 31.25 -34.54 61.10
CA GLU D 486 32.13 -35.31 61.98
C GLU D 486 33.45 -34.59 62.18
N HIS D 487 34.07 -34.12 61.09
CA HIS D 487 35.29 -33.32 61.21
C HIS D 487 35.03 -32.05 62.01
N LEU D 488 33.87 -31.43 61.81
CA LEU D 488 33.56 -30.19 62.52
C LEU D 488 33.40 -30.44 64.02
N ASN D 489 32.64 -31.48 64.39
CA ASN D 489 32.43 -31.78 65.80
C ASN D 489 33.72 -32.20 66.48
N LYS D 490 34.59 -32.92 65.76
CA LYS D 490 35.89 -33.29 66.32
C LYS D 490 36.73 -32.06 66.63
N GLU D 491 36.68 -31.06 65.74
CA GLU D 491 37.42 -29.83 65.96
C GLU D 491 36.89 -29.06 67.16
N LYS D 492 35.56 -28.97 67.30
CA LYS D 492 34.97 -28.27 68.44
C LYS D 492 35.32 -28.98 69.75
N GLU D 493 35.22 -30.31 69.76
CA GLU D 493 35.54 -31.06 70.97
C GLU D 493 37.01 -30.86 71.36
N GLU D 494 37.91 -30.85 70.37
CA GLU D 494 39.31 -30.60 70.65
C GLU D 494 39.53 -29.21 71.23
N PHE D 495 38.89 -28.20 70.63
CA PHE D 495 39.01 -26.84 71.14
C PHE D 495 38.39 -26.70 72.52
N ARG D 496 37.28 -27.40 72.78
CA ARG D 496 36.56 -27.22 74.04
C ARG D 496 37.33 -27.80 75.22
N VAL D 497 37.97 -28.96 75.03
CA VAL D 497 38.53 -29.69 76.17
C VAL D 497 40.02 -29.44 76.32
N ASN D 498 40.70 -29.14 75.21
CA ASN D 498 42.16 -29.07 75.23
C ASN D 498 42.72 -27.68 74.99
N ILE D 499 41.99 -26.80 74.30
CA ILE D 499 42.50 -25.49 73.91
C ILE D 499 41.85 -24.37 74.73
N LEU D 500 40.53 -24.38 74.82
CA LEU D 500 39.81 -23.27 75.46
C LEU D 500 40.20 -23.04 76.91
N PRO D 501 40.31 -24.06 77.78
CA PRO D 501 40.59 -23.76 79.20
C PRO D 501 41.93 -23.09 79.43
N THR D 502 42.97 -23.47 78.67
CA THR D 502 44.29 -22.90 78.88
C THR D 502 44.46 -21.52 78.26
N LEU D 503 43.42 -20.97 77.66
CA LEU D 503 43.49 -19.65 77.04
C LEU D 503 43.06 -18.57 78.01
N SER D 504 43.73 -17.44 77.97
CA SER D 504 43.32 -16.30 78.78
C SER D 504 42.18 -15.54 78.11
N ASN D 505 41.33 -14.92 78.93
CA ASN D 505 40.20 -14.15 78.43
C ASN D 505 40.36 -12.66 78.72
N THR D 506 41.58 -12.22 79.00
CA THR D 506 41.89 -10.81 79.23
C THR D 506 42.39 -10.18 77.95
N PHE D 507 41.90 -8.97 77.66
CA PHE D 507 42.34 -8.21 76.49
C PHE D 507 42.76 -6.82 76.94
N SER D 508 43.73 -6.25 76.22
CA SER D 508 44.28 -4.95 76.55
C SER D 508 44.36 -4.11 75.28
N ASN D 509 44.82 -2.87 75.45
CA ASN D 509 45.02 -1.99 74.30
C ASN D 509 46.22 -2.47 73.48
N PRO D 510 46.12 -2.46 72.15
CA PRO D 510 47.21 -2.98 71.33
C PRO D 510 48.30 -1.97 71.06
N ASN D 511 48.05 -0.68 71.25
CA ASN D 511 48.99 0.36 70.87
C ASN D 511 49.10 1.40 71.97
N TYR D 512 50.05 2.32 71.81
CA TYR D 512 50.26 3.43 72.74
C TYR D 512 50.52 4.69 71.94
N ALA D 513 50.43 5.84 72.61
CA ALA D 513 50.62 7.12 71.96
C ALA D 513 51.25 8.11 72.93
N LYS D 514 52.39 8.68 72.56
CA LYS D 514 53.05 9.70 73.36
C LYS D 514 52.23 10.98 73.35
N VAL D 515 51.65 11.35 74.49
CA VAL D 515 50.70 12.44 74.56
C VAL D 515 50.83 13.14 75.92
N LYS D 516 50.59 14.44 75.92
CA LYS D 516 50.57 15.25 77.14
C LYS D 516 49.14 15.64 77.47
N GLY D 517 48.74 15.40 78.71
CA GLY D 517 47.42 15.75 79.21
C GLY D 517 47.44 17.03 80.02
N SER D 518 46.62 17.06 81.07
CA SER D 518 46.58 18.19 81.98
C SER D 518 47.02 17.76 83.37
N ASP D 519 47.37 18.75 84.20
CA ASP D 519 47.71 18.52 85.59
C ASP D 519 46.59 18.89 86.55
N GLU D 520 45.56 19.57 86.07
CA GLU D 520 44.42 19.94 86.89
C GLU D 520 43.52 18.74 87.15
N ASP D 521 42.75 18.83 88.24
CA ASP D 521 41.81 17.77 88.58
C ASP D 521 40.76 17.60 87.49
N ALA D 522 40.25 16.38 87.37
CA ALA D 522 39.29 16.06 86.33
C ALA D 522 38.53 14.80 86.70
N LYS D 523 37.29 14.71 86.24
CA LYS D 523 36.44 13.55 86.45
C LYS D 523 35.83 13.11 85.13
N MET D 524 35.75 11.81 84.92
CA MET D 524 35.09 11.24 83.74
C MET D 524 34.40 9.96 84.16
N ILE D 525 33.08 9.89 83.96
CA ILE D 525 32.27 8.75 84.36
C ILE D 525 31.73 8.10 83.09
N VAL D 526 32.20 6.89 82.80
CA VAL D 526 31.72 6.10 81.67
C VAL D 526 30.65 5.16 82.20
N GLU D 527 29.38 5.46 81.90
CA GLU D 527 28.26 4.68 82.40
C GLU D 527 27.33 4.32 81.25
N ALA D 528 26.84 3.08 81.26
CA ALA D 528 25.85 2.62 80.29
C ALA D 528 24.44 2.92 80.78
N LYS D 529 23.52 3.04 79.84
CA LYS D 529 22.12 3.26 80.18
C LYS D 529 21.59 2.08 81.00
N PRO D 530 20.56 2.31 81.81
CA PRO D 530 20.00 1.22 82.62
C PRO D 530 19.55 0.06 81.74
N GLY D 531 20.01 -1.15 82.10
CA GLY D 531 19.75 -2.34 81.31
C GLY D 531 20.81 -2.64 80.27
N HIS D 532 21.69 -1.70 79.98
CA HIS D 532 22.76 -1.91 79.02
C HIS D 532 24.06 -2.30 79.74
N ALA D 533 25.06 -2.66 78.95
CA ALA D 533 26.34 -3.11 79.49
C ALA D 533 27.47 -2.64 78.60
N LEU D 534 28.60 -2.30 79.22
CA LEU D 534 29.78 -1.92 78.46
C LEU D 534 30.41 -3.16 77.81
N ILE D 535 30.60 -3.10 76.49
CA ILE D 535 31.03 -4.27 75.74
C ILE D 535 32.28 -3.98 74.92
N GLY D 536 32.65 -2.70 74.81
CA GLY D 536 33.82 -2.36 74.04
C GLY D 536 34.29 -0.92 74.16
N PHE D 537 35.58 -0.71 73.93
CA PHE D 537 36.18 0.62 73.97
C PHE D 537 37.18 0.74 72.83
N GLU D 538 37.36 1.97 72.35
CA GLU D 538 38.43 2.27 71.40
C GLU D 538 38.90 3.70 71.62
N ILE D 539 40.18 3.84 71.92
CA ILE D 539 40.82 5.14 72.09
C ILE D 539 41.56 5.48 70.80
N SER D 540 41.37 6.70 70.32
CA SER D 540 42.04 7.17 69.11
C SER D 540 42.57 8.57 69.34
N ASN D 541 43.79 8.82 68.90
CA ASN D 541 44.47 10.09 69.13
C ASN D 541 45.15 10.49 67.82
N ASP D 542 44.47 11.32 67.04
CA ASP D 542 45.05 11.92 65.84
C ASP D 542 45.33 13.41 66.04
N SER D 543 44.31 14.17 66.42
CA SER D 543 44.52 15.56 66.82
C SER D 543 43.84 15.79 68.16
N ILE D 544 42.76 15.06 68.40
CA ILE D 544 42.05 15.03 69.68
C ILE D 544 41.93 13.57 70.09
N THR D 545 42.01 13.33 71.40
CA THR D 545 41.90 11.97 71.94
C THR D 545 40.42 11.67 72.18
N VAL D 546 39.87 10.77 71.37
CA VAL D 546 38.46 10.42 71.42
C VAL D 546 38.32 8.98 71.90
N LEU D 547 37.45 8.78 72.88
CA LEU D 547 37.14 7.45 73.42
C LEU D 547 35.68 7.13 73.09
N LYS D 548 35.48 6.11 72.26
CA LYS D 548 34.14 5.61 71.97
C LYS D 548 33.87 4.37 72.82
N VAL D 549 32.71 4.33 73.46
CA VAL D 549 32.30 3.23 74.32
C VAL D 549 31.01 2.65 73.78
N TYR D 550 30.96 1.32 73.67
CA TYR D 550 29.82 0.61 73.12
C TYR D 550 29.01 -0.04 74.23
N GLU D 551 27.70 0.20 74.22
CA GLU D 551 26.77 -0.45 75.13
C GLU D 551 25.64 -1.09 74.33
N ALA D 552 25.00 -2.09 74.93
CA ALA D 552 23.90 -2.81 74.30
C ALA D 552 23.22 -3.67 75.35
N LYS D 553 21.99 -4.07 75.04
CA LYS D 553 21.28 -5.02 75.87
C LYS D 553 21.92 -6.40 75.77
N LEU D 554 21.82 -7.16 76.86
CA LEU D 554 22.34 -8.52 76.92
C LEU D 554 21.18 -9.51 76.90
N LYS D 555 21.42 -10.67 76.30
CA LYS D 555 20.43 -11.75 76.34
C LYS D 555 21.14 -13.09 76.17
N GLN D 556 20.52 -14.14 76.69
CA GLN D 556 20.85 -15.54 76.39
C GLN D 556 22.36 -15.81 76.41
N ASN D 557 22.90 -15.82 77.62
CA ASN D 557 24.31 -16.18 77.87
C ASN D 557 25.28 -15.18 77.24
N TYR D 558 25.17 -13.93 77.68
CA TYR D 558 26.13 -12.88 77.37
C TYR D 558 26.14 -12.50 75.90
N GLN D 559 25.09 -12.82 75.17
CA GLN D 559 24.96 -12.38 73.79
C GLN D 559 24.56 -10.91 73.76
N VAL D 560 25.13 -10.16 72.83
CA VAL D 560 24.85 -8.73 72.71
C VAL D 560 23.67 -8.54 71.76
N ASP D 561 22.80 -7.58 72.09
CA ASP D 561 21.64 -7.27 71.27
C ASP D 561 22.07 -6.25 70.22
N LYS D 562 22.23 -6.73 68.98
CA LYS D 562 22.68 -5.85 67.89
C LYS D 562 21.72 -4.70 67.65
N ASP D 563 20.43 -4.91 67.87
CA ASP D 563 19.44 -3.85 67.64
C ASP D 563 19.60 -2.70 68.64
N SER D 564 20.17 -2.95 69.81
CA SER D 564 20.30 -1.95 70.86
C SER D 564 21.71 -1.40 70.96
N LEU D 565 22.59 -1.74 70.02
CA LEU D 565 23.97 -1.29 70.07
C LEU D 565 24.04 0.23 70.01
N SER D 566 24.69 0.83 70.99
CA SER D 566 24.85 2.28 71.07
C SER D 566 26.33 2.63 71.14
N GLU D 567 26.66 3.84 70.70
CA GLU D 567 28.03 4.33 70.69
C GLU D 567 28.06 5.71 71.35
N VAL D 568 28.79 5.81 72.45
CA VAL D 568 28.93 7.06 73.19
C VAL D 568 30.37 7.53 73.07
N ILE D 569 30.55 8.83 72.81
CA ILE D 569 31.87 9.43 72.62
C ILE D 569 32.21 10.22 73.87
N TYR D 570 33.42 9.98 74.40
CA TYR D 570 33.92 10.69 75.57
C TYR D 570 35.16 11.47 75.18
N GLY D 571 35.22 12.74 75.58
CA GLY D 571 36.36 13.59 75.34
C GLY D 571 37.26 13.73 76.56
N ASP D 572 38.38 14.42 76.35
CA ASP D 572 39.33 14.74 77.41
C ASP D 572 39.91 13.47 78.05
N MET D 573 40.03 12.40 77.26
CA MET D 573 40.64 11.18 77.77
C MET D 573 42.11 11.38 78.09
N ASP D 574 42.81 12.19 77.27
CA ASP D 574 44.22 12.46 77.52
C ASP D 574 44.40 13.40 78.70
N LYS D 575 43.45 14.31 78.93
CA LYS D 575 43.51 15.23 80.06
C LYS D 575 43.43 14.50 81.39
N LEU D 576 42.89 13.27 81.37
CA LEU D 576 42.77 12.43 82.56
C LEU D 576 44.00 11.52 82.72
N LEU D 577 44.19 10.60 81.78
CA LEU D 577 45.23 9.57 81.83
C LEU D 577 46.65 10.13 81.80
N CYS D 578 46.86 11.43 81.63
CA CYS D 578 48.21 11.94 81.36
C CYS D 578 48.50 13.28 82.05
N PRO D 579 49.68 13.42 82.63
CA PRO D 579 50.10 14.72 83.16
C PRO D 579 50.77 15.57 82.10
N ASP D 580 51.13 16.82 82.44
CA ASP D 580 51.77 17.72 81.49
C ASP D 580 53.12 18.24 81.99
N GLN D 581 53.19 18.73 83.22
CA GLN D 581 54.43 19.27 83.75
C GLN D 581 54.82 18.69 85.10
N SER D 582 54.01 17.82 85.68
CA SER D 582 54.26 17.25 87.00
C SER D 582 54.04 15.75 86.94
N GLU D 583 54.25 15.09 88.08
CA GLU D 583 54.08 13.66 88.17
C GLU D 583 52.59 13.32 88.18
N GLN D 584 52.30 12.02 88.01
CA GLN D 584 50.94 11.51 88.14
C GLN D 584 50.99 10.15 88.81
N ILE D 585 50.24 10.00 89.90
CA ILE D 585 50.18 8.77 90.65
C ILE D 585 49.01 7.94 90.13
N TYR D 586 49.29 6.72 89.69
CA TYR D 586 48.28 5.82 89.17
C TYR D 586 48.02 4.72 90.18
N TYR D 587 46.81 4.68 90.72
CA TYR D 587 46.43 3.59 91.60
C TYR D 587 45.99 2.39 90.77
N THR D 588 46.62 1.24 91.00
CA THR D 588 46.51 0.09 90.12
C THR D 588 45.99 -1.11 90.92
N ASN D 589 44.79 -1.56 90.58
CA ASN D 589 44.23 -2.77 91.16
C ASN D 589 43.34 -3.43 90.12
N ASN D 590 43.71 -4.65 89.72
CA ASN D 590 42.91 -5.40 88.75
C ASN D 590 41.60 -5.83 89.41
N ILE D 591 40.50 -5.26 88.96
CA ILE D 591 39.18 -5.55 89.51
C ILE D 591 38.58 -6.72 88.75
N VAL D 592 38.05 -7.71 89.47
CA VAL D 592 37.43 -8.89 88.88
C VAL D 592 36.17 -9.19 89.66
N PHE D 593 35.03 -9.25 88.98
CA PHE D 593 33.73 -9.55 89.55
C PHE D 593 33.37 -11.02 89.34
N PRO D 594 32.43 -11.54 90.13
CA PRO D 594 32.02 -12.94 89.96
C PRO D 594 31.43 -13.20 88.58
N ASN D 595 31.17 -14.49 88.32
CA ASN D 595 30.85 -14.97 86.99
C ASN D 595 29.42 -14.69 86.55
N GLU D 596 28.70 -13.80 87.24
CA GLU D 596 27.37 -13.40 86.78
C GLU D 596 27.15 -11.90 86.92
N TYR D 597 28.22 -11.11 86.97
CA TYR D 597 28.13 -9.66 87.06
C TYR D 597 28.80 -9.05 85.84
N VAL D 598 28.22 -7.97 85.33
CA VAL D 598 28.66 -7.33 84.10
C VAL D 598 28.99 -5.87 84.39
N ILE D 599 30.12 -5.40 83.83
CA ILE D 599 30.55 -4.03 84.04
C ILE D 599 29.56 -3.08 83.39
N THR D 600 29.09 -2.10 84.15
CA THR D 600 28.18 -1.08 83.64
C THR D 600 28.65 0.34 83.87
N LYS D 601 29.66 0.56 84.71
CA LYS D 601 30.07 1.91 85.09
C LYS D 601 31.54 1.92 85.47
N ILE D 602 32.31 2.78 84.84
CA ILE D 602 33.72 3.01 85.18
C ILE D 602 33.86 4.48 85.55
N ASP D 603 34.23 4.74 86.80
CA ASP D 603 34.23 6.09 87.37
C ASP D 603 35.67 6.50 87.65
N PHE D 604 36.24 7.31 86.77
CA PHE D 604 37.61 7.81 86.92
C PHE D 604 37.62 9.11 87.70
N THR D 605 38.59 9.24 88.60
CA THR D 605 38.74 10.43 89.43
C THR D 605 40.20 10.83 89.45
N LYS D 606 40.51 11.99 88.85
CA LYS D 606 41.85 12.57 88.87
C LYS D 606 41.84 13.73 89.84
N LYS D 607 42.51 13.56 90.98
CA LYS D 607 42.54 14.58 92.02
C LYS D 607 43.93 14.64 92.62
N MET D 608 44.52 15.84 92.63
CA MET D 608 45.84 16.09 93.20
C MET D 608 46.89 15.16 92.59
N LYS D 609 46.93 15.14 91.26
CA LYS D 609 47.92 14.38 90.48
C LYS D 609 47.80 12.88 90.71
N THR D 610 46.67 12.42 91.23
CA THR D 610 46.41 11.00 91.42
C THR D 610 45.20 10.59 90.59
N LEU D 611 45.24 9.39 90.04
CA LEU D 611 44.17 8.87 89.18
C LEU D 611 43.62 7.60 89.80
N ARG D 612 42.37 7.64 90.25
CA ARG D 612 41.67 6.49 90.76
C ARG D 612 40.54 6.11 89.82
N TYR D 613 40.02 4.89 89.99
CA TYR D 613 38.84 4.46 89.26
C TYR D 613 37.98 3.58 90.15
N GLU D 614 36.67 3.69 89.98
CA GLU D 614 35.69 2.95 90.76
C GLU D 614 34.72 2.29 89.79
N VAL D 615 34.72 0.97 89.76
CA VAL D 615 33.99 0.20 88.77
C VAL D 615 32.76 -0.42 89.42
N THR D 616 31.61 -0.26 88.78
CA THR D 616 30.35 -0.84 89.23
C THR D 616 29.93 -1.96 88.28
N ALA D 617 29.47 -3.07 88.85
CA ALA D 617 29.04 -4.22 88.08
C ALA D 617 27.68 -4.69 88.61
N ASN D 618 26.70 -4.73 87.73
CA ASN D 618 25.35 -5.14 88.09
C ASN D 618 25.15 -6.64 87.85
N PHE D 619 24.10 -7.17 88.45
CA PHE D 619 23.81 -8.61 88.34
C PHE D 619 23.13 -8.90 87.01
N TYR D 620 23.58 -9.95 86.33
CA TYR D 620 23.06 -10.35 85.04
C TYR D 620 22.63 -11.80 85.07
N ASP D 621 21.48 -12.10 84.48
CA ASP D 621 20.91 -13.44 84.46
C ASP D 621 21.28 -14.08 83.13
N SER D 622 21.91 -15.25 83.18
CA SER D 622 22.31 -15.91 81.95
C SER D 622 21.14 -16.56 81.21
N SER D 623 19.93 -16.54 81.77
CA SER D 623 18.77 -17.13 81.13
C SER D 623 17.77 -16.11 80.59
N THR D 624 17.69 -14.94 81.22
CA THR D 624 16.86 -13.85 80.74
C THR D 624 17.72 -12.63 80.44
N GLY D 625 17.29 -11.84 79.48
CA GLY D 625 18.05 -10.67 79.07
C GLY D 625 18.04 -9.52 80.05
N GLU D 626 17.62 -9.75 81.28
CA GLU D 626 17.50 -8.69 82.28
C GLU D 626 18.84 -8.47 82.98
N ILE D 627 19.26 -7.21 83.03
CA ILE D 627 20.40 -6.78 83.84
C ILE D 627 19.86 -6.04 85.05
N ASP D 628 20.09 -6.59 86.24
CA ASP D 628 19.50 -6.02 87.45
C ASP D 628 20.08 -4.64 87.73
N LEU D 629 19.20 -3.68 88.01
CA LEU D 629 19.58 -2.31 88.32
C LEU D 629 19.82 -2.08 89.80
N ASN D 630 19.53 -3.07 90.66
CA ASN D 630 19.65 -2.88 92.10
C ASN D 630 20.59 -3.86 92.78
N LYS D 631 21.00 -4.93 92.12
CA LYS D 631 21.99 -5.87 92.67
C LYS D 631 23.34 -5.50 92.07
N LYS D 632 24.05 -4.60 92.74
CA LYS D 632 25.29 -4.04 92.22
C LYS D 632 26.48 -4.54 93.06
N LYS D 633 27.66 -4.42 92.46
CA LYS D 633 28.92 -4.66 93.16
C LYS D 633 29.90 -3.57 92.77
N VAL D 634 30.59 -3.01 93.77
CA VAL D 634 31.46 -1.86 93.56
C VAL D 634 32.84 -2.20 94.12
N GLU D 635 33.86 -2.15 93.26
CA GLU D 635 35.25 -2.29 93.64
C GLU D 635 36.02 -1.11 93.10
N SER D 636 37.25 -0.93 93.54
CA SER D 636 38.01 0.26 93.17
C SER D 636 39.50 -0.07 93.09
N SER D 637 40.24 0.88 92.52
CA SER D 637 41.70 0.86 92.49
C SER D 637 42.24 1.17 93.87
N GLU D 638 42.64 0.15 94.60
CA GLU D 638 42.88 0.25 96.03
C GLU D 638 44.22 0.96 96.29
N ALA D 639 44.70 0.88 97.53
CA ALA D 639 45.86 1.65 97.99
C ALA D 639 47.08 1.50 97.10
N GLU D 640 47.22 0.39 96.39
CA GLU D 640 48.44 0.14 95.62
C GLU D 640 48.53 1.11 94.45
N TYR D 641 49.64 1.86 94.39
CA TYR D 641 49.82 2.95 93.44
C TYR D 641 51.14 2.82 92.70
N ARG D 642 51.15 3.26 91.45
CA ARG D 642 52.36 3.42 90.66
C ARG D 642 52.57 4.90 90.36
N THR D 643 53.84 5.34 90.37
CA THR D 643 54.18 6.75 90.23
C THR D 643 55.01 6.97 88.98
N LEU D 644 54.58 7.93 88.15
CA LEU D 644 55.29 8.33 86.94
C LEU D 644 55.82 9.74 87.14
N SER D 645 57.15 9.87 87.17
CA SER D 645 57.78 11.14 87.49
C SER D 645 57.50 12.21 86.43
N ALA D 646 57.77 13.45 86.79
CA ALA D 646 57.62 14.59 85.88
C ALA D 646 58.62 14.49 84.72
N ASN D 647 58.12 14.72 83.51
CA ASN D 647 58.98 14.63 82.32
C ASN D 647 58.30 15.37 81.18
N ASP D 648 58.84 16.53 80.80
CA ASP D 648 58.30 17.36 79.74
C ASP D 648 58.08 16.63 78.42
N ASP D 649 58.53 15.38 78.30
CA ASP D 649 58.44 14.65 77.04
C ASP D 649 57.22 13.73 76.95
N GLY D 650 56.33 13.76 77.93
CA GLY D 650 55.01 13.16 77.77
C GLY D 650 54.88 11.79 78.39
N VAL D 651 53.72 11.18 78.14
CA VAL D 651 53.31 9.89 78.68
C VAL D 651 52.68 9.08 77.57
N TYR D 652 52.97 7.77 77.52
CA TYR D 652 52.46 6.89 76.48
C TYR D 652 51.08 6.36 76.89
N MET D 653 50.06 7.17 76.64
CA MET D 653 48.68 6.77 76.91
C MET D 653 48.29 5.58 76.04
N PRO D 654 47.39 4.72 76.53
CA PRO D 654 46.93 3.59 75.71
C PRO D 654 46.12 4.04 74.51
N LEU D 655 46.38 3.41 73.38
CA LEU D 655 45.67 3.70 72.14
C LEU D 655 45.19 2.41 71.51
N GLY D 656 44.17 2.51 70.68
CA GLY D 656 43.66 1.38 69.93
C GLY D 656 42.30 0.94 70.42
N VAL D 657 41.89 -0.23 69.93
CA VAL D 657 40.58 -0.79 70.25
C VAL D 657 40.72 -1.72 71.44
N ILE D 658 40.20 -1.29 72.59
CA ILE D 658 40.19 -2.10 73.80
C ILE D 658 38.86 -2.84 73.82
N SER D 659 38.84 -4.01 73.17
CA SER D 659 37.64 -4.81 73.08
C SER D 659 38.00 -6.23 72.70
N GLU D 660 37.15 -7.17 73.09
CA GLU D 660 37.26 -8.53 72.60
C GLU D 660 37.03 -8.54 71.09
N THR D 661 37.59 -9.55 70.42
CA THR D 661 37.43 -9.66 68.97
C THR D 661 35.97 -9.62 68.55
N PHE D 662 35.07 -10.06 69.43
CA PHE D 662 33.63 -9.90 69.25
C PHE D 662 33.06 -9.20 70.47
N LEU D 663 32.17 -8.23 70.22
CA LEU D 663 31.58 -7.44 71.30
C LEU D 663 30.91 -8.36 72.32
N THR D 664 31.42 -8.33 73.56
CA THR D 664 30.95 -9.19 74.64
C THR D 664 30.96 -8.41 75.94
N PRO D 665 30.12 -8.79 76.90
CA PRO D 665 30.12 -8.12 78.21
C PRO D 665 31.46 -8.29 78.93
N ILE D 666 31.69 -7.43 79.91
CA ILE D 666 32.93 -7.39 80.65
C ILE D 666 32.65 -7.69 82.12
N ASN D 667 33.61 -8.36 82.78
CA ASN D 667 33.54 -8.60 84.21
C ASN D 667 34.86 -8.27 84.91
N GLY D 668 35.75 -7.54 84.24
CA GLY D 668 37.03 -7.19 84.83
C GLY D 668 37.62 -5.94 84.24
N PHE D 669 38.29 -5.13 85.05
CA PHE D 669 38.91 -3.91 84.56
C PHE D 669 40.08 -3.54 85.46
N GLY D 670 41.13 -3.00 84.84
CA GLY D 670 42.31 -2.59 85.58
C GLY D 670 43.27 -1.74 84.79
N LEU D 671 43.95 -0.82 85.46
CA LEU D 671 44.94 0.04 84.85
C LEU D 671 46.32 -0.29 85.42
N GLN D 672 47.31 -0.43 84.54
CA GLN D 672 48.68 -0.69 84.96
C GLN D 672 49.59 0.38 84.36
N ALA D 673 50.53 0.86 85.18
CA ALA D 673 51.46 1.91 84.76
C ALA D 673 52.87 1.49 85.13
N ASP D 674 53.74 1.42 84.13
CA ASP D 674 55.14 1.06 84.34
C ASP D 674 55.92 2.33 84.68
N GLU D 675 56.60 2.32 85.83
CA GLU D 675 57.36 3.49 86.25
C GLU D 675 58.55 3.78 85.35
N ASN D 676 59.02 2.80 84.58
CA ASN D 676 60.18 2.96 83.72
C ASN D 676 59.81 3.38 82.30
N SER D 677 58.95 2.61 81.64
CA SER D 677 58.61 2.86 80.24
C SER D 677 57.51 3.89 80.05
N ARG D 678 56.84 4.31 81.13
CA ARG D 678 55.72 5.25 81.06
C ARG D 678 54.57 4.72 80.20
N LEU D 679 54.40 3.40 80.17
CA LEU D 679 53.32 2.79 79.42
C LEU D 679 52.08 2.65 80.31
N ILE D 680 50.96 3.18 79.86
CA ILE D 680 49.68 3.07 80.56
C ILE D 680 48.86 2.01 79.82
N THR D 681 48.44 0.98 80.55
CA THR D 681 47.80 -0.18 79.94
C THR D 681 46.45 -0.44 80.60
N LEU D 682 45.38 -0.43 79.80
CA LEU D 682 44.06 -0.82 80.24
C LEU D 682 43.80 -2.28 79.84
N THR D 683 43.26 -3.06 80.78
CA THR D 683 43.04 -4.48 80.54
C THR D 683 41.67 -4.88 81.10
N CYS D 684 40.94 -5.69 80.33
CA CYS D 684 39.60 -6.12 80.70
C CYS D 684 39.43 -7.61 80.46
N LYS D 685 38.40 -8.18 81.09
CA LYS D 685 38.01 -9.58 80.92
C LYS D 685 36.73 -9.62 80.10
N SER D 686 36.65 -10.54 79.15
CA SER D 686 35.67 -10.45 78.07
C SER D 686 34.49 -11.41 78.14
N TYR D 687 34.44 -12.34 79.09
CA TYR D 687 33.32 -13.29 79.19
C TYR D 687 33.13 -14.13 77.93
N LEU D 688 34.12 -14.19 77.03
CA LEU D 688 33.87 -14.81 75.73
C LEU D 688 33.74 -16.33 75.86
N ARG D 689 34.55 -16.95 76.72
CA ARG D 689 34.46 -18.38 76.91
C ARG D 689 33.08 -18.79 77.42
N GLU D 690 32.54 -18.01 78.36
CA GLU D 690 31.20 -18.31 78.87
C GLU D 690 30.15 -18.24 77.76
N LEU D 691 30.29 -17.30 76.83
CA LEU D 691 29.37 -17.23 75.70
C LEU D 691 29.52 -18.45 74.79
N LEU D 692 30.76 -18.78 74.42
CA LEU D 692 30.99 -19.88 73.49
C LEU D 692 30.56 -21.22 74.09
N LEU D 693 30.85 -21.44 75.36
CA LEU D 693 30.52 -22.72 75.98
C LEU D 693 29.01 -22.96 76.05
N ALA D 694 28.22 -21.89 76.17
CA ALA D 694 26.77 -22.02 76.26
C ALA D 694 26.10 -22.02 74.91
N THR D 695 26.87 -22.15 73.82
CA THR D 695 26.30 -22.13 72.48
C THR D 695 26.94 -23.20 71.58
N ASP D 696 27.68 -24.14 72.15
CA ASP D 696 28.24 -25.26 71.41
C ASP D 696 27.50 -26.56 71.66
N LEU D 697 26.22 -26.47 72.06
CA LEU D 697 25.44 -27.65 72.41
C LEU D 697 24.36 -27.92 71.38
N LYS D 700 21.92 -19.52 66.81
CA LYS D 700 22.92 -19.26 67.83
C LYS D 700 24.33 -19.36 67.27
N GLU D 701 24.44 -19.63 65.98
CA GLU D 701 25.73 -19.83 65.33
C GLU D 701 26.18 -18.55 64.65
N THR D 702 27.43 -18.15 64.92
CA THR D 702 28.04 -16.95 64.35
C THR D 702 27.12 -15.73 64.50
N LYS D 703 26.48 -15.64 65.65
CA LYS D 703 25.63 -14.52 66.04
C LYS D 703 26.45 -13.33 66.56
N LEU D 704 27.76 -13.36 66.38
CA LEU D 704 28.67 -12.45 67.05
C LEU D 704 28.80 -11.13 66.29
N ILE D 705 29.00 -10.06 67.06
CA ILE D 705 29.15 -8.71 66.51
C ILE D 705 30.61 -8.31 66.60
N VAL D 706 31.13 -7.75 65.52
CA VAL D 706 32.51 -7.27 65.46
C VAL D 706 32.53 -5.79 65.80
N PRO D 707 33.47 -5.32 66.61
CA PRO D 707 33.54 -3.88 66.94
C PRO D 707 33.69 -3.04 65.69
N PRO D 708 32.76 -2.10 65.46
CA PRO D 708 32.79 -1.33 64.21
C PRO D 708 34.04 -0.48 64.09
N SER D 709 34.53 -0.37 62.84
CA SER D 709 35.73 0.42 62.59
C SER D 709 35.45 1.92 62.67
N GLY D 710 34.37 2.37 62.05
CA GLY D 710 34.01 3.77 62.03
C GLY D 710 33.09 4.15 63.17
N PHE D 711 32.62 5.40 63.11
CA PHE D 711 31.71 5.93 64.11
C PHE D 711 30.27 5.72 63.62
N ILE D 712 29.54 4.83 64.30
CA ILE D 712 28.13 4.66 63.97
C ILE D 712 27.32 5.86 64.44
N SER D 713 27.82 6.60 65.42
CA SER D 713 27.13 7.76 65.97
C SER D 713 27.41 9.05 65.20
N ASN D 714 27.98 8.93 63.99
CA ASN D 714 28.24 10.11 63.16
C ASN D 714 26.97 10.89 62.91
N ILE D 715 26.95 12.15 63.34
CA ILE D 715 25.77 12.98 63.16
C ILE D 715 25.52 13.24 61.69
N VAL D 716 26.57 13.55 60.93
CA VAL D 716 26.43 13.80 59.51
C VAL D 716 26.09 12.49 58.80
N GLU D 717 24.94 12.46 58.14
CA GLU D 717 24.60 11.34 57.28
C GLU D 717 25.35 11.50 55.97
N ASN D 718 25.74 10.37 55.38
CA ASN D 718 26.52 10.35 54.14
C ASN D 718 27.91 10.92 54.34
N GLY D 719 28.32 11.14 55.60
CA GLY D 719 29.65 11.60 55.96
C GLY D 719 30.74 11.14 55.01
N SER D 720 30.88 9.82 54.86
CA SER D 720 31.61 9.29 53.73
C SER D 720 30.67 9.29 52.52
N ILE D 721 31.15 9.81 51.40
CA ILE D 721 30.30 10.18 50.27
C ILE D 721 30.27 9.04 49.28
N GLU D 722 30.29 7.81 49.79
CA GLU D 722 30.39 6.58 49.00
C GLU D 722 29.05 5.92 48.77
N GLU D 723 27.97 6.70 48.62
CA GLU D 723 26.64 6.17 48.38
C GLU D 723 26.24 6.44 46.93
N ASP D 724 24.99 6.10 46.60
CA ASP D 724 24.51 6.22 45.22
C ASP D 724 24.14 7.65 44.85
N ASN D 725 23.93 8.51 45.84
CA ASN D 725 23.58 9.90 45.59
C ASN D 725 23.72 10.65 46.90
N LEU D 726 23.89 11.96 46.81
CA LEU D 726 23.92 12.79 48.01
C LEU D 726 22.55 12.73 48.69
N GLU D 727 22.43 11.91 49.74
CA GLU D 727 21.12 11.79 50.35
C GLU D 727 20.74 13.08 51.08
N PRO D 728 21.40 13.48 52.20
CA PRO D 728 20.98 14.73 52.84
C PRO D 728 21.75 15.94 52.33
N TRP D 729 22.92 15.71 51.73
CA TRP D 729 23.64 16.79 51.06
C TRP D 729 22.77 17.32 49.93
N LYS D 730 22.49 18.63 49.95
CA LYS D 730 21.72 19.24 48.88
C LYS D 730 22.57 20.31 48.20
N ALA D 731 22.93 20.08 46.95
CA ALA D 731 23.52 21.12 46.13
C ALA D 731 22.44 21.73 45.26
N ASN D 732 22.56 23.03 45.00
CA ASN D 732 21.65 23.72 44.10
C ASN D 732 22.42 24.70 43.23
N ASN D 733 23.73 24.81 43.44
CA ASN D 733 24.57 25.66 42.62
C ASN D 733 24.83 24.92 41.31
N LYS D 734 24.67 25.62 40.18
CA LYS D 734 24.90 24.98 38.89
C LYS D 734 26.31 24.43 38.77
N ASN D 735 27.26 24.98 39.52
CA ASN D 735 28.65 24.55 39.50
C ASN D 735 29.07 23.87 40.81
N ALA D 736 28.18 23.07 41.38
CA ALA D 736 28.48 22.28 42.57
C ALA D 736 28.01 20.86 42.34
N TYR D 737 28.92 19.91 42.36
CA TYR D 737 28.59 18.52 42.07
C TYR D 737 29.56 17.61 42.83
N VAL D 738 29.55 16.33 42.49
CA VAL D 738 30.37 15.32 43.14
C VAL D 738 31.45 14.88 42.16
N ASP D 739 32.71 15.16 42.51
CA ASP D 739 33.83 14.51 41.86
C ASP D 739 33.82 13.04 42.24
N HIS D 740 33.64 12.17 41.25
CA HIS D 740 33.55 10.74 41.54
C HIS D 740 34.91 10.14 41.84
N THR D 741 35.90 10.41 40.99
CA THR D 741 37.24 9.87 41.19
C THR D 741 38.14 10.77 42.04
N GLY D 742 37.63 11.89 42.54
CA GLY D 742 38.51 12.85 43.18
C GLY D 742 38.50 12.89 44.69
N GLY D 743 38.14 11.78 45.32
CA GLY D 743 38.16 11.66 46.77
C GLY D 743 39.51 11.18 47.24
N VAL D 744 39.52 10.50 48.38
CA VAL D 744 40.74 9.95 48.95
C VAL D 744 40.94 8.55 48.38
N ASN D 745 42.09 8.33 47.75
CA ASN D 745 42.51 7.01 47.28
C ASN D 745 41.72 6.57 46.04
N GLY D 746 40.63 7.26 45.72
CA GLY D 746 39.85 6.89 44.55
C GLY D 746 38.37 7.18 44.65
N THR D 747 37.89 7.51 45.84
CA THR D 747 36.47 7.55 46.12
C THR D 747 35.86 8.90 45.73
N LYS D 748 34.59 9.10 46.07
CA LYS D 748 33.89 10.33 45.73
C LYS D 748 34.15 11.42 46.77
N ALA D 749 33.97 12.67 46.34
CA ALA D 749 34.13 13.81 47.23
C ALA D 749 33.30 14.97 46.70
N LEU D 750 32.90 15.86 47.60
CA LEU D 750 32.17 17.06 47.20
C LEU D 750 33.12 18.06 46.54
N TYR D 751 32.79 18.47 45.32
CA TYR D 751 33.54 19.49 44.62
C TYR D 751 32.80 20.80 44.72
N VAL D 752 33.55 21.90 44.86
CA VAL D 752 32.96 23.21 45.10
C VAL D 752 33.65 24.21 44.19
N HIS D 753 32.87 24.87 43.33
CA HIS D 753 33.40 25.86 42.40
C HIS D 753 33.27 27.25 43.00
N LYS D 754 33.41 28.28 42.16
CA LYS D 754 33.51 29.66 42.60
C LYS D 754 32.24 30.17 43.28
N ASP D 755 31.08 29.58 42.98
CA ASP D 755 29.82 30.11 43.49
C ASP D 755 29.44 29.58 44.86
N GLY D 756 30.13 28.56 45.37
CA GLY D 756 29.70 27.94 46.60
C GLY D 756 29.61 26.45 46.43
N GLY D 757 28.80 25.78 47.23
CA GLY D 757 28.83 24.33 47.23
C GLY D 757 27.65 23.65 47.88
N ILE D 758 27.93 22.46 48.41
CA ILE D 758 26.91 21.52 48.91
C ILE D 758 26.73 21.74 50.41
N SER D 759 25.49 21.57 50.88
CA SER D 759 25.15 21.70 52.28
C SER D 759 24.19 20.59 52.67
N GLN D 760 24.21 20.25 53.96
CA GLN D 760 23.35 19.22 54.52
C GLN D 760 22.66 19.77 55.76
N PHE D 761 21.38 19.47 55.91
CA PHE D 761 20.62 19.94 57.06
C PHE D 761 20.91 19.08 58.28
N ILE D 762 21.51 19.71 59.29
CA ILE D 762 21.67 19.14 60.63
C ILE D 762 20.73 19.97 61.50
N GLY D 763 20.69 19.73 62.80
CA GLY D 763 20.11 20.71 63.71
C GLY D 763 19.13 20.04 64.64
N ASP D 764 18.32 19.14 64.11
CA ASP D 764 17.45 18.36 64.98
C ASP D 764 18.25 17.32 65.72
N LYS D 765 19.42 16.95 65.19
CA LYS D 765 20.37 16.05 65.82
C LYS D 765 21.27 16.75 66.84
N LEU D 766 21.26 18.08 66.87
CA LEU D 766 22.11 18.84 67.77
C LEU D 766 21.39 19.20 69.07
N LYS D 767 22.19 19.46 70.10
CA LYS D 767 21.72 19.84 71.43
C LYS D 767 22.31 21.20 71.83
N PRO D 768 21.56 22.01 72.57
CA PRO D 768 22.04 23.35 72.90
C PRO D 768 23.12 23.33 73.96
N LYS D 769 24.13 24.17 73.77
CA LYS D 769 25.24 24.31 74.72
C LYS D 769 25.92 22.98 75.00
N THR D 770 26.11 22.18 73.95
CA THR D 770 26.78 20.90 74.06
C THR D 770 28.05 20.92 73.23
N GLU D 771 29.06 20.20 73.71
CA GLU D 771 30.37 20.17 73.06
C GLU D 771 30.36 19.11 71.97
N TYR D 772 30.99 19.42 70.84
CA TYR D 772 31.03 18.54 69.69
C TYR D 772 32.45 18.47 69.14
N VAL D 773 32.67 17.51 68.25
CA VAL D 773 33.94 17.34 67.56
C VAL D 773 33.66 17.33 66.06
N ILE D 774 34.30 18.23 65.34
CA ILE D 774 34.21 18.31 63.88
C ILE D 774 35.46 17.66 63.29
N GLN D 775 35.27 16.86 62.24
CA GLN D 775 36.40 16.23 61.56
C GLN D 775 36.05 16.05 60.09
N TYR D 776 36.99 16.42 59.23
CA TYR D 776 36.79 16.29 57.79
C TYR D 776 38.15 16.24 57.12
N THR D 777 38.24 15.46 56.04
CA THR D 777 39.43 15.38 55.21
C THR D 777 39.18 16.23 53.98
N VAL D 778 39.85 17.39 53.90
CA VAL D 778 39.55 18.39 52.89
C VAL D 778 40.85 18.76 52.17
N LYS D 779 40.69 19.37 51.00
CA LYS D 779 41.82 19.87 50.21
C LYS D 779 41.32 20.99 49.31
N GLY D 780 42.23 21.91 48.99
CA GLY D 780 41.88 23.06 48.19
C GLY D 780 41.77 24.33 49.00
N LYS D 781 40.73 25.13 48.74
CA LYS D 781 40.46 26.35 49.50
C LYS D 781 39.03 26.28 50.03
N PRO D 782 38.78 25.48 51.05
CA PRO D 782 37.42 25.28 51.53
C PRO D 782 36.96 26.35 52.50
N SER D 783 35.67 26.64 52.45
CA SER D 783 35.01 27.54 53.39
C SER D 783 33.91 26.72 54.07
N ILE D 784 34.26 26.05 55.16
CA ILE D 784 33.35 25.18 55.87
C ILE D 784 32.70 25.97 57.00
N HIS D 785 31.36 26.02 57.00
CA HIS D 785 30.61 26.75 58.00
C HIS D 785 29.56 25.83 58.62
N LEU D 786 29.37 25.99 59.92
CA LEU D 786 28.29 25.35 60.67
C LEU D 786 27.38 26.48 61.11
N LYS D 787 26.40 26.80 60.26
CA LYS D 787 25.61 28.03 60.37
C LYS D 787 24.15 27.70 60.68
N ASP D 788 23.52 28.61 61.43
CA ASP D 788 22.12 28.42 61.83
C ASP D 788 21.16 28.72 60.69
N GLU D 789 21.51 29.64 59.79
CA GLU D 789 20.71 29.95 58.61
C GLU D 789 19.32 30.43 58.96
N ASN D 790 19.02 30.53 60.25
CA ASN D 790 17.77 31.10 60.75
C ASN D 790 18.02 32.39 61.52
N THR D 791 18.92 32.36 62.49
CA THR D 791 19.40 33.56 63.18
C THR D 791 20.75 34.03 62.65
N GLY D 792 21.44 33.21 61.86
CA GLY D 792 22.75 33.55 61.35
C GLY D 792 23.90 33.19 62.27
N TYR D 793 23.63 32.53 63.40
CA TYR D 793 24.68 32.20 64.35
C TYR D 793 25.63 31.16 63.78
N ILE D 794 26.92 31.48 63.78
CA ILE D 794 27.96 30.55 63.33
C ILE D 794 28.45 29.78 64.55
N HIS D 795 28.26 28.46 64.54
CA HIS D 795 28.76 27.62 65.62
C HIS D 795 30.21 27.19 65.37
N TYR D 796 30.58 26.95 64.12
CA TYR D 796 31.94 26.57 63.77
C TYR D 796 32.25 27.07 62.36
N GLU D 797 33.47 27.58 62.17
CA GLU D 797 33.89 28.08 60.87
C GLU D 797 35.36 27.76 60.63
N ASP D 798 35.67 27.37 59.39
CA ASP D 798 37.05 27.17 58.93
C ASP D 798 37.16 27.95 57.62
N THR D 799 37.46 29.24 57.72
CA THR D 799 37.43 30.09 56.52
C THR D 799 38.72 30.01 55.70
N ASN D 800 39.81 30.55 56.23
CA ASN D 800 41.09 30.61 55.51
C ASN D 800 41.85 29.29 55.60
N ASN D 801 41.95 28.58 54.48
CA ASN D 801 42.81 27.41 54.38
C ASN D 801 43.28 27.23 52.95
N ASN D 802 44.56 26.87 52.79
CA ASN D 802 45.16 26.60 51.49
C ASN D 802 45.84 25.25 51.54
N LEU D 803 45.24 24.25 50.90
CA LEU D 803 45.76 22.89 50.92
C LEU D 803 45.89 22.38 49.49
N GLU D 804 47.05 21.77 49.19
CA GLU D 804 47.23 21.13 47.89
C GLU D 804 46.89 19.65 47.93
N ASP D 805 47.17 18.99 49.05
CA ASP D 805 46.82 17.60 49.26
C ASP D 805 45.75 17.48 50.33
N TYR D 806 45.08 16.33 50.35
CA TYR D 806 44.06 16.06 51.36
C TYR D 806 44.66 16.06 52.75
N GLN D 807 44.04 16.83 53.65
CA GLN D 807 44.43 16.87 55.05
C GLN D 807 43.19 16.75 55.91
N THR D 808 43.31 16.03 57.03
CA THR D 808 42.20 15.77 57.94
C THR D 808 42.22 16.80 59.06
N ILE D 809 41.43 17.86 58.90
CA ILE D 809 41.31 18.88 59.92
C ILE D 809 40.42 18.38 61.05
N ASN D 810 40.82 18.66 62.29
CA ASN D 810 40.14 18.13 63.47
C ASN D 810 40.05 19.23 64.51
N LYS D 811 38.84 19.71 64.79
CA LYS D 811 38.62 20.75 65.78
C LYS D 811 37.48 20.36 66.70
N ARG D 812 37.35 21.09 67.81
CA ARG D 812 36.36 20.82 68.84
C ARG D 812 35.69 22.14 69.23
N PHE D 813 34.36 22.13 69.31
CA PHE D 813 33.61 23.37 69.48
C PHE D 813 32.37 23.11 70.33
N THR D 814 31.66 24.20 70.65
CA THR D 814 30.40 24.15 71.37
C THR D 814 29.36 25.02 70.65
N THR D 815 28.09 24.60 70.72
CA THR D 815 27.00 25.34 70.11
C THR D 815 26.29 26.20 71.15
N GLY D 816 25.45 27.13 70.67
CA GLY D 816 24.60 27.85 71.61
C GLY D 816 23.18 28.16 71.18
N THR D 817 22.21 27.47 71.80
CA THR D 817 20.78 27.78 71.77
C THR D 817 20.14 27.97 70.39
N ASP D 818 20.90 27.88 69.31
CA ASP D 818 20.39 28.16 67.97
C ASP D 818 20.57 26.92 67.10
N LEU D 819 19.50 26.14 66.95
CA LEU D 819 19.60 24.84 66.29
C LEU D 819 18.53 24.54 65.25
N LYS D 820 17.43 25.30 65.21
CA LYS D 820 16.28 24.95 64.38
C LYS D 820 16.55 25.09 62.88
N GLY D 821 17.74 25.51 62.46
CA GLY D 821 18.05 25.64 61.05
C GLY D 821 19.50 25.36 60.71
N VAL D 822 20.23 24.67 61.59
CA VAL D 822 21.68 24.57 61.44
C VAL D 822 22.03 23.71 60.22
N TYR D 823 22.89 24.23 59.35
CA TYR D 823 23.39 23.49 58.20
C TYR D 823 24.91 23.35 58.30
N LEU D 824 25.43 22.28 57.69
CA LEU D 824 26.85 22.14 57.44
C LEU D 824 27.11 22.53 56.00
N ILE D 825 27.82 23.63 55.78
CA ILE D 825 27.97 24.23 54.47
C ILE D 825 29.44 24.13 54.06
N LEU D 826 29.68 23.59 52.87
CA LEU D 826 31.01 23.53 52.28
C LEU D 826 31.03 24.42 51.04
N LYS D 827 31.79 25.51 51.10
CA LYS D 827 31.97 26.37 49.95
C LYS D 827 33.45 26.70 49.74
N SER D 828 33.76 27.60 48.82
CA SER D 828 35.13 27.93 48.45
C SER D 828 35.50 29.33 48.89
N GLN D 829 36.79 29.60 48.82
CA GLN D 829 37.36 30.90 49.18
C GLN D 829 37.59 31.72 47.92
N ASN D 830 37.10 32.96 47.93
CA ASN D 830 37.31 33.94 46.87
C ASN D 830 37.17 33.34 45.47
N GLY D 831 36.17 32.48 45.28
CA GLY D 831 35.94 31.88 43.98
C GLY D 831 37.06 30.94 43.55
N ASP D 832 37.20 29.82 44.24
CA ASP D 832 38.22 28.84 43.91
C ASP D 832 37.60 27.45 44.01
N GLU D 833 38.44 26.42 44.06
CA GLU D 833 37.98 25.05 44.14
C GLU D 833 38.26 24.49 45.53
N ALA D 834 37.53 23.41 45.86
CA ALA D 834 37.70 22.73 47.13
C ALA D 834 37.06 21.36 47.04
N TRP D 835 37.72 20.37 47.64
CA TRP D 835 37.22 19.01 47.74
C TRP D 835 37.17 18.60 49.20
N GLY D 836 36.04 18.05 49.62
CA GLY D 836 35.95 17.57 50.99
C GLY D 836 35.33 16.19 51.09
N ASP D 837 35.96 15.32 51.88
CA ASP D 837 35.53 13.93 52.02
C ASP D 837 35.60 13.54 53.49
N ASN D 838 34.79 12.56 53.88
CA ASN D 838 34.72 12.03 55.24
C ASN D 838 34.42 13.14 56.27
N PHE D 839 33.18 13.63 56.20
CA PHE D 839 32.70 14.59 57.19
C PHE D 839 32.20 13.85 58.42
N ILE D 840 32.62 14.32 59.60
CA ILE D 840 32.34 13.63 60.86
C ILE D 840 31.92 14.65 61.91
N ILE D 841 30.77 14.43 62.53
CA ILE D 841 30.31 15.20 63.68
C ILE D 841 29.87 14.24 64.78
N LEU D 842 30.39 14.43 66.00
CA LEU D 842 30.12 13.57 67.15
C LEU D 842 29.83 14.40 68.39
N GLU D 843 28.88 13.93 69.18
CA GLU D 843 28.62 14.52 70.47
C GLU D 843 29.60 13.92 71.48
N ILE D 844 30.30 14.78 72.20
CA ILE D 844 31.39 14.37 73.07
C ILE D 844 31.00 14.69 74.51
N SER D 845 30.46 13.69 75.23
CA SER D 845 30.20 13.86 76.65
C SER D 845 31.49 14.36 77.29
N PRO D 846 31.54 15.62 77.69
CA PRO D 846 32.80 16.20 78.18
C PRO D 846 33.12 15.73 79.59
N SER D 847 34.42 15.66 79.87
CA SER D 847 34.86 15.51 81.26
C SER D 847 34.15 16.59 82.08
N GLU D 848 34.05 16.38 83.38
CA GLU D 848 33.11 17.14 84.19
C GLU D 848 33.84 17.69 85.41
N LYS D 849 33.30 18.78 85.95
CA LYS D 849 33.96 19.45 87.06
C LYS D 849 33.72 18.66 88.33
N LEU D 850 34.82 18.38 89.05
CA LEU D 850 34.76 17.62 90.29
C LEU D 850 34.25 18.54 91.40
N LEU D 851 33.11 18.20 91.98
CA LEU D 851 32.56 18.96 93.10
C LEU D 851 33.06 18.31 94.38
N SER D 852 34.16 18.84 94.92
CA SER D 852 34.72 18.39 96.18
C SER D 852 34.28 19.35 97.28
N PRO D 853 33.39 18.96 98.18
CA PRO D 853 32.90 19.89 99.20
C PRO D 853 33.91 20.08 100.32
N GLU D 854 33.65 21.10 101.13
CA GLU D 854 34.50 21.43 102.26
C GLU D 854 34.18 20.52 103.44
N LEU D 855 35.24 20.01 104.09
CA LEU D 855 35.08 19.06 105.18
C LEU D 855 35.33 19.65 106.56
N ILE D 856 35.94 20.83 106.65
CA ILE D 856 36.14 21.51 107.92
C ILE D 856 35.14 22.66 108.03
N ASN D 857 34.45 22.73 109.16
CA ASN D 857 33.52 23.81 109.45
C ASN D 857 34.04 24.59 110.65
N THR D 858 33.71 25.89 110.67
CA THR D 858 34.27 26.78 111.69
C THR D 858 33.80 26.40 113.10
N ASN D 859 32.55 25.97 113.23
CA ASN D 859 31.98 25.67 114.53
C ASN D 859 32.30 24.26 115.02
N ASN D 860 33.19 23.54 114.34
CA ASN D 860 33.50 22.16 114.68
C ASN D 860 34.91 21.98 115.24
N TRP D 861 35.59 23.07 115.60
CA TRP D 861 36.92 22.99 116.16
C TRP D 861 36.85 22.81 117.67
N THR D 862 37.79 22.03 118.21
CA THR D 862 37.92 21.84 119.65
C THR D 862 39.24 22.43 120.12
N SER D 863 39.22 23.03 121.30
CA SER D 863 40.35 23.82 121.80
C SER D 863 40.96 23.17 123.03
N THR D 864 42.28 23.33 123.15
CA THR D 864 43.02 23.02 124.37
C THR D 864 44.05 24.11 124.55
N GLY D 865 43.99 24.83 125.67
CA GLY D 865 44.78 26.02 125.85
C GLY D 865 44.09 27.25 125.28
N SER D 866 44.81 28.36 125.29
CA SER D 866 44.25 29.63 124.83
C SER D 866 44.35 29.71 123.31
N THR D 867 43.20 29.69 122.64
CA THR D 867 43.11 29.81 121.20
C THR D 867 41.92 30.71 120.86
N ASN D 868 41.85 31.14 119.61
CA ASN D 868 40.76 31.99 119.16
C ASN D 868 40.45 31.70 117.71
N ILE D 869 39.15 31.65 117.40
CA ILE D 869 38.66 31.37 116.04
C ILE D 869 37.77 32.53 115.63
N SER D 870 38.26 33.37 114.72
CA SER D 870 37.54 34.53 114.22
C SER D 870 37.41 34.39 112.71
N GLY D 871 36.35 33.74 112.26
CA GLY D 871 36.12 33.55 110.84
C GLY D 871 37.07 32.53 110.24
N ASN D 872 37.82 32.95 109.23
CA ASN D 872 38.80 32.08 108.59
C ASN D 872 40.15 32.06 109.30
N THR D 873 40.36 32.96 110.26
CA THR D 873 41.63 33.06 110.96
C THR D 873 41.56 32.25 112.27
N LEU D 874 42.46 31.28 112.40
CA LEU D 874 42.59 30.48 113.62
C LEU D 874 43.91 30.84 114.28
N THR D 875 43.83 31.28 115.53
CA THR D 875 44.98 31.86 116.24
C THR D 875 45.35 31.00 117.42
N LEU D 876 46.63 30.63 117.50
CA LEU D 876 47.21 29.97 118.67
C LEU D 876 48.05 31.00 119.41
N TYR D 877 47.55 31.44 120.58
CA TYR D 877 48.19 32.51 121.32
C TYR D 877 49.56 32.07 121.83
N GLN D 878 50.39 33.07 122.14
CA GLN D 878 51.79 32.84 122.50
C GLN D 878 51.96 32.01 123.77
N GLY D 879 51.55 32.53 124.92
CA GLY D 879 51.77 31.81 126.16
C GLY D 879 51.01 30.50 126.26
N GLY D 880 49.92 30.35 125.51
CA GLY D 880 49.07 29.19 125.64
C GLY D 880 49.48 28.07 124.68
N ARG D 881 49.63 26.87 125.23
CA ARG D 881 50.00 25.68 124.45
C ARG D 881 48.77 25.19 123.69
N GLY D 882 48.37 25.99 122.71
CA GLY D 882 47.11 25.74 122.02
C GLY D 882 47.23 24.68 120.94
N ILE D 883 46.20 23.82 120.88
CA ILE D 883 46.08 22.79 119.87
C ILE D 883 44.61 22.73 119.44
N LEU D 884 44.35 22.96 118.16
CA LEU D 884 43.01 22.91 117.62
C LEU D 884 42.81 21.60 116.85
N LYS D 885 41.62 21.01 116.98
CA LYS D 885 41.32 19.71 116.42
C LYS D 885 39.90 19.67 115.90
N GLN D 886 39.74 19.23 114.64
CA GLN D 886 38.43 19.01 114.05
C GLN D 886 38.39 17.64 113.40
N ASN D 887 37.32 16.89 113.65
CA ASN D 887 37.17 15.56 113.07
C ASN D 887 36.71 15.66 111.62
N LEU D 888 37.22 14.75 110.79
CA LEU D 888 36.96 14.75 109.36
C LEU D 888 36.20 13.50 108.95
N GLN D 889 35.15 13.68 108.15
CA GLN D 889 34.37 12.57 107.59
C GLN D 889 35.00 12.22 106.23
N LEU D 890 35.80 11.16 106.21
CA LEU D 890 36.54 10.73 105.04
C LEU D 890 35.97 9.44 104.48
N ASP D 891 36.33 9.15 103.23
CA ASP D 891 35.93 7.94 102.55
C ASP D 891 37.09 6.94 102.54
N SER D 892 36.77 5.70 102.12
CA SER D 892 37.71 4.59 102.22
C SER D 892 38.96 4.82 101.38
N PHE D 893 38.81 4.87 100.06
CA PHE D 893 39.94 5.03 99.15
C PHE D 893 39.71 6.30 98.34
N SER D 894 40.24 7.42 98.85
CA SER D 894 40.05 8.70 98.20
C SER D 894 41.26 9.58 98.46
N THR D 895 41.44 10.56 97.58
CA THR D 895 42.51 11.54 97.69
C THR D 895 41.93 12.87 98.12
N TYR D 896 42.61 13.55 99.04
CA TYR D 896 42.16 14.83 99.56
C TYR D 896 43.29 15.84 99.49
N ARG D 897 42.98 17.08 99.85
CA ARG D 897 43.94 18.18 99.74
C ARG D 897 43.71 19.15 100.89
N VAL D 898 44.74 19.33 101.72
CA VAL D 898 44.70 20.32 102.78
C VAL D 898 45.28 21.63 102.24
N TYR D 899 44.61 22.73 102.55
CA TYR D 899 45.01 24.05 102.07
C TYR D 899 44.93 25.04 103.21
N PHE D 900 45.96 25.87 103.34
CA PHE D 900 46.01 26.87 104.39
C PHE D 900 47.19 27.78 104.15
N SER D 901 47.16 28.94 104.80
CA SER D 901 48.31 29.81 104.99
C SER D 901 48.46 30.06 106.47
N VAL D 902 49.68 30.03 106.97
CA VAL D 902 49.91 30.12 108.41
C VAL D 902 51.11 31.03 108.68
N SER D 903 51.01 31.82 109.73
CA SER D 903 52.07 32.74 110.15
C SER D 903 52.66 32.24 111.46
N GLY D 904 53.95 31.90 111.43
CA GLY D 904 54.65 31.46 112.62
C GLY D 904 55.11 30.02 112.51
N ASP D 905 55.83 29.60 113.55
CA ASP D 905 56.33 28.22 113.67
C ASP D 905 55.17 27.33 114.09
N ALA D 906 54.52 26.72 113.10
CA ALA D 906 53.34 25.91 113.33
C ALA D 906 53.59 24.46 112.92
N ASN D 907 52.69 23.58 113.33
CA ASN D 907 52.78 22.16 113.02
C ASN D 907 51.38 21.65 112.72
N VAL D 908 51.16 21.22 111.47
CA VAL D 908 49.90 20.61 111.07
C VAL D 908 50.08 19.10 111.05
N ARG D 909 49.07 18.38 111.53
CA ARG D 909 49.09 16.92 111.51
C ARG D 909 47.66 16.39 111.49
N ILE D 910 47.37 15.52 110.53
CA ILE D 910 46.08 14.85 110.43
C ILE D 910 46.29 13.36 110.63
N ARG D 911 45.73 12.83 111.71
CA ARG D 911 46.06 11.48 112.16
C ARG D 911 44.86 10.84 112.83
N ASN D 912 44.93 9.53 112.97
CA ASN D 912 43.99 8.76 113.78
C ASN D 912 44.78 7.99 114.85
N SER D 913 44.06 7.19 115.64
CA SER D 913 44.69 6.41 116.70
C SER D 913 45.82 5.52 116.19
N ARG D 914 45.75 5.08 114.94
CA ARG D 914 46.73 4.14 114.40
C ARG D 914 47.51 4.69 113.21
N GLU D 915 46.86 5.33 112.26
CA GLU D 915 47.50 5.77 111.03
C GLU D 915 47.66 7.28 111.00
N VAL D 916 48.68 7.73 110.27
CA VAL D 916 48.93 9.15 110.04
C VAL D 916 48.90 9.37 108.54
N LEU D 917 48.12 10.36 108.10
CA LEU D 917 48.00 10.66 106.68
C LEU D 917 48.90 11.80 106.24
N PHE D 918 49.21 12.72 107.14
CA PHE D 918 50.01 13.87 106.79
C PHE D 918 50.49 14.55 108.07
N GLU D 919 51.76 14.94 108.08
CA GLU D 919 52.33 15.68 109.19
C GLU D 919 53.55 16.43 108.69
N LYS D 920 53.61 17.73 108.96
CA LYS D 920 54.74 18.53 108.55
C LYS D 920 54.78 19.77 109.44
N ARG D 921 55.98 20.15 109.85
CA ARG D 921 56.19 21.30 110.72
C ARG D 921 56.69 22.47 109.89
N TYR D 922 55.92 23.56 109.90
CA TYR D 922 56.24 24.75 109.12
C TYR D 922 56.89 25.79 110.03
N MET D 923 58.21 25.85 109.98
CA MET D 923 58.95 26.86 110.75
C MET D 923 59.09 28.17 110.00
N SER D 924 58.68 28.22 108.73
CA SER D 924 58.93 29.37 107.88
C SER D 924 57.63 29.86 107.23
N GLY D 925 56.56 29.96 107.99
CA GLY D 925 55.34 30.53 107.45
C GLY D 925 54.60 29.64 106.47
N ALA D 926 55.19 29.42 105.30
CA ALA D 926 54.56 28.57 104.30
C ALA D 926 53.21 29.09 103.84
N LYS D 927 53.23 30.13 102.99
CA LYS D 927 52.02 30.74 102.48
C LYS D 927 51.45 29.91 101.34
N ASP D 928 50.13 29.75 101.33
CA ASP D 928 49.40 29.03 100.28
C ASP D 928 49.90 27.60 100.15
N VAL D 929 49.79 26.87 101.26
CA VAL D 929 50.17 25.47 101.32
C VAL D 929 49.09 24.63 100.64
N SER D 930 49.51 23.71 99.77
CA SER D 930 48.61 22.78 99.09
C SER D 930 49.28 21.41 99.13
N GLU D 931 48.94 20.63 100.15
CA GLU D 931 49.51 19.30 100.36
C GLU D 931 48.43 18.24 100.22
N MET D 932 48.75 17.19 99.47
CA MET D 932 47.85 16.07 99.27
C MET D 932 48.12 14.98 100.31
N PHE D 933 47.05 14.32 100.74
CA PHE D 933 47.16 13.13 101.58
C PHE D 933 46.14 12.11 101.10
N THR D 934 46.41 10.84 101.39
CA THR D 934 45.61 9.74 100.86
C THR D 934 45.12 8.85 101.99
N THR D 935 43.98 8.22 101.76
CA THR D 935 43.33 7.33 102.71
C THR D 935 43.42 5.88 102.24
N LYS D 936 43.41 4.96 103.21
CA LYS D 936 43.39 3.53 102.97
C LYS D 936 42.09 2.97 103.57
N PHE D 937 41.95 1.64 103.51
CA PHE D 937 40.75 0.92 103.95
C PHE D 937 40.12 1.49 105.22
N GLU D 938 40.91 2.06 106.12
CA GLU D 938 40.38 2.67 107.34
C GLU D 938 40.13 4.15 107.12
N LYS D 939 38.92 4.61 107.47
CA LYS D 939 38.50 5.98 107.20
C LYS D 939 37.91 6.70 108.40
N ASP D 940 37.61 6.01 109.50
CA ASP D 940 36.90 6.60 110.62
C ASP D 940 37.87 7.18 111.64
N ASN D 941 37.37 8.17 112.39
CA ASN D 941 38.07 8.75 113.53
C ASN D 941 39.35 9.48 113.13
N PHE D 942 39.32 10.16 111.99
CA PHE D 942 40.43 11.01 111.56
C PHE D 942 40.18 12.45 111.97
N TYR D 943 41.26 13.17 112.29
CA TYR D 943 41.15 14.55 112.71
C TYR D 943 42.40 15.30 112.29
N ILE D 944 42.23 16.59 111.99
CA ILE D 944 43.34 17.50 111.75
C ILE D 944 43.70 18.19 113.05
N GLU D 945 45.00 18.41 113.27
CA GLU D 945 45.49 18.98 114.51
C GLU D 945 46.44 20.14 114.18
N LEU D 946 45.99 21.36 114.48
CA LEU D 946 46.83 22.55 114.32
C LEU D 946 47.52 22.85 115.65
N SER D 947 48.84 22.95 115.62
CA SER D 947 49.62 23.16 116.82
C SER D 947 50.82 24.04 116.52
N GLN D 948 51.52 24.42 117.58
CA GLN D 948 52.74 25.22 117.45
C GLN D 948 53.92 24.30 117.16
N GLY D 949 54.94 24.87 116.53
CA GLY D 949 56.12 24.08 116.22
C GLY D 949 56.89 23.67 117.46
N ASN D 950 57.01 24.59 118.41
CA ASN D 950 57.59 24.30 119.72
C ASN D 950 56.62 24.79 120.78
N ASN D 951 56.81 24.30 122.01
CA ASN D 951 56.02 24.79 123.14
C ASN D 951 56.92 25.28 124.28
N LEU D 952 58.18 25.58 123.97
CA LEU D 952 59.07 26.21 124.95
C LEU D 952 58.60 27.64 125.21
N TYR D 953 58.51 28.00 126.49
CA TYR D 953 57.94 29.28 126.94
C TYR D 953 56.46 29.38 126.59
N GLY D 954 55.82 28.25 126.30
CA GLY D 954 54.44 28.21 125.87
C GLY D 954 54.22 28.22 124.38
N GLY D 955 55.28 28.32 123.57
CA GLY D 955 55.14 28.32 122.14
C GLY D 955 55.04 29.72 121.57
N PRO D 956 55.27 29.86 120.27
CA PRO D 956 55.08 31.15 119.62
C PRO D 956 53.64 31.33 119.15
N ILE D 957 53.29 32.59 118.87
CA ILE D 957 51.96 32.88 118.35
C ILE D 957 51.86 32.39 116.90
N VAL D 958 50.72 31.81 116.57
CA VAL D 958 50.52 31.17 115.26
C VAL D 958 49.12 31.51 114.77
N HIS D 959 49.03 31.95 113.52
CA HIS D 959 47.75 32.29 112.88
C HIS D 959 47.59 31.42 111.64
N PHE D 960 46.51 30.65 111.59
CA PHE D 960 46.16 29.86 110.43
C PHE D 960 45.11 30.60 109.61
N TYR D 961 45.38 30.81 108.32
CA TYR D 961 44.51 31.56 107.43
C TYR D 961 43.93 30.65 106.36
N ASP D 962 42.61 30.66 106.23
CA ASP D 962 41.91 30.03 105.10
C ASP D 962 42.17 28.52 105.06
N VAL D 963 42.08 27.88 106.22
CA VAL D 963 42.25 26.44 106.30
C VAL D 963 41.12 25.76 105.54
N SER D 964 41.46 24.79 104.70
CA SER D 964 40.47 24.14 103.85
C SER D 964 40.95 22.74 103.50
N ILE D 965 40.02 21.78 103.56
CA ILE D 965 40.29 20.40 103.17
C ILE D 965 39.13 19.91 102.32
N LYS D 966 39.40 19.57 101.06
CA LYS D 966 38.38 19.04 100.17
C LYS D 966 38.79 17.68 99.62
C1 PEG E . -47.02 22.54 -0.42
O1 PEG E . -45.93 22.47 0.47
C2 PEG E . -47.80 21.23 -0.38
O2 PEG E . -48.27 21.01 0.92
C3 PEG E . -48.32 19.66 1.29
C4 PEG E . -49.77 19.22 1.45
O4 PEG E . -50.41 19.20 0.21
C1 PEG F . -79.25 2.51 -96.24
O1 PEG F . -79.60 2.44 -94.88
C2 PEG F . -79.19 3.97 -96.68
O2 PEG F . -79.56 4.07 -98.02
C3 PEG F . -80.90 3.74 -98.25
C4 PEG F . -81.08 3.35 -99.72
O4 PEG F . -82.30 2.67 -99.86
C1 PEG G . -40.95 0.82 -80.51
O1 PEG G . -41.87 0.64 -81.55
C2 PEG G . -41.58 1.67 -79.40
O2 PEG G . -40.63 1.91 -78.41
C3 PEG G . -40.13 3.21 -78.39
C4 PEG G . -40.79 4.01 -77.27
O4 PEG G . -40.30 5.31 -77.27
C1 PEG H . 69.13 -13.53 70.41
O1 PEG H . 67.85 -14.03 70.15
C2 PEG H . 69.05 -12.47 71.50
O2 PEG H . 69.61 -12.96 72.69
C3 PEG H . 69.38 -12.15 73.81
C4 PEG H . 70.13 -12.71 75.01
O4 PEG H . 69.66 -14.00 75.29
C1 PEG I . 19.54 -11.83 3.55
O1 PEG I . 20.12 -10.65 3.05
C2 PEG I . 20.08 -12.12 4.95
O2 PEG I . 19.59 -11.16 5.85
C3 PEG I . 20.45 -10.89 6.91
C4 PEG I . 20.23 -11.88 8.04
O4 PEG I . 21.06 -13.00 7.86
C1 PEG J . 49.12 -14.39 59.04
O1 PEG J . 50.40 -14.12 59.55
C2 PEG J . 48.23 -14.94 60.13
O2 PEG J . 48.42 -16.33 60.27
C3 PEG J . 48.52 -16.76 61.60
C4 PEG J . 49.82 -16.25 62.21
O4 PEG J . 50.11 -16.97 63.37
#